data_4CJ8
#
_entry.id   4CJ8
#
_cell.length_a   176.690
_cell.length_b   79.740
_cell.length_c   179.080
_cell.angle_alpha   90.00
_cell.angle_beta   95.23
_cell.angle_gamma   90.00
#
_symmetry.space_group_name_H-M   'P 1 21 1'
#
loop_
_entity.id
_entity.type
_entity.pdbx_description
1 polymer 'GLYCOSYLTRANSFERASE FAMILY 6'
2 non-polymer GLYCEROL
3 non-polymer "URIDINE-5'-DIPHOSPHATE"
4 non-polymer 2-acetamido-2-deoxy-alpha-D-galactopyranose
5 non-polymer 'PENTAETHYLENE GLYCOL'
6 non-polymer 'SULFATE ION'
7 non-polymer URIDINE-DIPHOSPHATE-N-ACETYLGALACTOSAMINE
8 non-polymer 2-acetamido-2-deoxy-beta-D-galactopyranose
9 water water
#
_entity_poly.entity_id   1
_entity_poly.type   'polypeptide(L)'
_entity_poly.pdbx_seq_one_letter_code
;SHMRIGILYICTGKYDIFWKDFYLSAERYFMQDQSFIIEYYVFTDSPKLYDEENNKHIHRIKQKNLGWPDNTLKRFHIFL
RIKEQLERETDYLFFFNANLLFTSPIGKEILPPSDSNGLLGTMHPGFYNKPNSEFTYERRDASTAYIPEGEGRYYYAGGL
SGGCTKAYLKLCTTICSWVDRDATNHIIPIWHDQSLINKYFLDNPPAITLSPAYLYPEGWLLPFEPIILIRDKNKPQYGG
HELLRRKN
;
_entity_poly.pdbx_strand_id   A,B,C,D,E,F,G,H,I,J,K,L,M,N,O,P
#
loop_
_chem_comp.id
_chem_comp.type
_chem_comp.name
_chem_comp.formula
1PE non-polymer 'PENTAETHYLENE GLYCOL' 'C10 H22 O6'
A2G D-saccharide, alpha linking 2-acetamido-2-deoxy-alpha-D-galactopyranose 'C8 H15 N O6'
GOL non-polymer GLYCEROL 'C3 H8 O3'
NGA D-saccharide, beta linking 2-acetamido-2-deoxy-beta-D-galactopyranose 'C8 H15 N O6'
SO4 non-polymer 'SULFATE ION' 'O4 S -2'
UD2 non-polymer URIDINE-DIPHOSPHATE-N-ACETYLGALACTOSAMINE 'C17 H27 N3 O17 P2'
UDP RNA linking URIDINE-5'-DIPHOSPHATE 'C9 H14 N2 O12 P2'
#
# COMPACT_ATOMS: atom_id res chain seq x y z
N SER A 1 54.66 -12.70 20.99
CA SER A 1 54.45 -12.40 19.58
C SER A 1 52.98 -12.58 19.19
N HIS A 2 52.67 -13.70 18.58
CA HIS A 2 51.30 -14.00 18.17
C HIS A 2 50.93 -15.46 18.51
N MET A 3 49.77 -15.63 19.10
CA MET A 3 49.34 -16.92 19.64
C MET A 3 49.32 -18.04 18.60
N ARG A 4 49.67 -19.24 19.04
CA ARG A 4 49.67 -20.41 18.16
C ARG A 4 48.49 -21.32 18.50
N ILE A 5 47.68 -21.63 17.49
CA ILE A 5 46.51 -22.48 17.69
C ILE A 5 46.69 -23.83 16.99
N GLY A 6 46.62 -24.90 17.77
CA GLY A 6 46.77 -26.24 17.23
C GLY A 6 45.44 -26.95 17.07
N ILE A 7 45.25 -27.58 15.92
CA ILE A 7 44.00 -28.29 15.64
C ILE A 7 44.23 -29.80 15.56
N LEU A 8 43.60 -30.54 16.46
CA LEU A 8 43.68 -32.00 16.44
C LEU A 8 42.65 -32.57 15.49
N TYR A 9 43.09 -33.43 14.58
CA TYR A 9 42.22 -33.97 13.55
C TYR A 9 42.54 -35.43 13.26
N ILE A 10 41.54 -36.30 13.42
CA ILE A 10 41.71 -37.72 13.15
C ILE A 10 40.77 -38.17 12.04
N CYS A 11 41.34 -38.65 10.94
CA CYS A 11 40.55 -39.08 9.80
C CYS A 11 41.11 -40.35 9.16
N THR A 12 41.09 -41.44 9.91
CA THR A 12 41.57 -42.72 9.41
C THR A 12 40.50 -43.39 8.55
N GLY A 13 40.94 -44.22 7.59
CA GLY A 13 40.03 -44.92 6.72
C GLY A 13 39.45 -44.05 5.62
N LYS A 14 38.12 -43.97 5.56
CA LYS A 14 37.45 -43.21 4.52
C LYS A 14 37.11 -41.80 4.96
N TYR A 15 37.43 -41.48 6.21
CA TYR A 15 37.11 -40.18 6.78
C TYR A 15 38.11 -39.10 6.34
N ASP A 16 39.10 -39.51 5.56
CA ASP A 16 40.11 -38.59 5.06
C ASP A 16 39.54 -37.65 3.99
N ILE A 17 38.42 -38.06 3.40
CA ILE A 17 37.76 -37.24 2.38
C ILE A 17 37.12 -36.01 3.02
N PHE A 18 36.88 -36.10 4.33
CA PHE A 18 36.27 -35.00 5.07
C PHE A 18 37.28 -33.89 5.36
N TRP A 19 38.55 -34.20 5.17
CA TRP A 19 39.64 -33.26 5.48
C TRP A 19 39.68 -32.07 4.53
N LYS A 20 39.35 -32.30 3.26
CA LYS A 20 39.46 -31.28 2.22
C LYS A 20 38.61 -30.04 2.52
N ASP A 21 37.30 -30.22 2.57
CA ASP A 21 36.39 -29.11 2.81
C ASP A 21 36.56 -28.52 4.21
N PHE A 22 37.00 -29.37 5.16
CA PHE A 22 37.25 -28.91 6.52
C PHE A 22 38.44 -27.96 6.57
N TYR A 23 39.46 -28.26 5.78
CA TYR A 23 40.67 -27.44 5.74
C TYR A 23 40.38 -26.08 5.10
N LEU A 24 39.60 -26.08 4.03
CA LEU A 24 39.26 -24.85 3.34
C LEU A 24 38.39 -23.95 4.21
N SER A 25 37.52 -24.56 5.00
CA SER A 25 36.63 -23.83 5.88
C SER A 25 37.38 -23.27 7.09
N ALA A 26 38.37 -24.03 7.54
CA ALA A 26 39.17 -23.62 8.69
C ALA A 26 40.11 -22.48 8.32
N GLU A 27 40.65 -22.53 7.10
CA GLU A 27 41.55 -21.49 6.62
C GLU A 27 40.79 -20.22 6.22
N ARG A 28 39.47 -20.32 6.17
CA ARG A 28 38.65 -19.20 5.72
C ARG A 28 37.90 -18.55 6.89
N TYR A 29 37.60 -19.35 7.90
CA TYR A 29 36.78 -18.86 9.02
C TYR A 29 37.51 -18.92 10.36
N PHE A 30 38.17 -20.04 10.63
CA PHE A 30 38.74 -20.29 11.96
C PHE A 30 40.03 -19.50 12.22
N MET A 31 39.95 -18.57 13.16
CA MET A 31 41.10 -17.78 13.63
C MET A 31 41.87 -17.13 12.49
N GLN A 32 41.28 -16.09 11.90
CA GLN A 32 41.92 -15.41 10.78
C GLN A 32 42.44 -14.02 11.19
N ASP A 33 42.73 -13.85 12.47
CA ASP A 33 43.37 -12.65 12.95
C ASP A 33 44.87 -12.76 12.69
N GLN A 34 45.54 -11.61 12.57
CA GLN A 34 46.98 -11.60 12.29
C GLN A 34 47.80 -11.94 13.54
N SER A 35 47.11 -12.27 14.62
CA SER A 35 47.76 -12.64 15.87
C SER A 35 47.65 -14.14 16.15
N PHE A 36 47.28 -14.89 15.12
CA PHE A 36 47.05 -16.32 15.28
C PHE A 36 47.76 -17.16 14.21
N ILE A 37 48.49 -18.17 14.65
CA ILE A 37 49.07 -19.16 13.74
C ILE A 37 48.35 -20.49 13.92
N ILE A 38 47.77 -20.99 12.84
CA ILE A 38 47.01 -22.24 12.90
C ILE A 38 47.88 -23.44 12.53
N GLU A 39 47.94 -24.42 13.42
CA GLU A 39 48.70 -25.64 13.16
C GLU A 39 47.78 -26.85 13.09
N TYR A 40 47.87 -27.59 11.99
CA TYR A 40 47.05 -28.78 11.80
C TYR A 40 47.82 -30.05 12.11
N TYR A 41 47.36 -30.79 13.11
CA TYR A 41 47.96 -32.07 13.47
C TYR A 41 47.01 -33.20 13.09
N VAL A 42 47.10 -33.64 11.84
CA VAL A 42 46.17 -34.63 11.31
C VAL A 42 46.67 -36.06 11.47
N PHE A 43 45.87 -36.91 12.08
CA PHE A 43 46.18 -38.32 12.22
C PHE A 43 45.39 -39.15 11.24
N THR A 44 46.09 -39.78 10.30
CA THR A 44 45.43 -40.57 9.26
C THR A 44 46.34 -41.64 8.68
N ASP A 45 45.77 -42.49 7.83
CA ASP A 45 46.53 -43.55 7.17
C ASP A 45 46.73 -43.22 5.70
N SER A 46 46.11 -42.12 5.25
CA SER A 46 46.25 -41.66 3.87
C SER A 46 47.67 -41.19 3.59
N PRO A 47 48.23 -41.60 2.44
CA PRO A 47 49.61 -41.27 2.07
C PRO A 47 49.82 -39.78 1.78
N LYS A 48 48.76 -39.10 1.36
CA LYS A 48 48.86 -37.68 1.04
C LYS A 48 47.60 -36.92 1.41
N LEU A 49 47.78 -35.70 1.94
CA LEU A 49 46.67 -34.85 2.32
C LEU A 49 46.53 -33.69 1.34
N TYR A 50 45.37 -33.04 1.35
CA TYR A 50 45.12 -31.93 0.43
C TYR A 50 45.86 -30.67 0.88
N ASP A 51 46.48 -29.99 -0.09
CA ASP A 51 47.24 -28.77 0.16
C ASP A 51 48.38 -28.99 1.16
N GLU A 52 48.81 -30.24 1.29
CA GLU A 52 49.89 -30.61 2.19
C GLU A 52 51.23 -30.18 1.62
N GLU A 53 51.35 -30.28 0.30
CA GLU A 53 52.58 -29.91 -0.40
C GLU A 53 52.73 -28.40 -0.52
N ASN A 54 51.68 -27.66 -0.17
CA ASN A 54 51.70 -26.20 -0.25
C ASN A 54 51.82 -25.54 1.11
N ASN A 55 51.13 -26.10 2.09
CA ASN A 55 51.14 -25.55 3.44
C ASN A 55 52.14 -26.27 4.33
N LYS A 56 52.81 -25.52 5.19
CA LYS A 56 53.82 -26.08 6.09
C LYS A 56 53.26 -26.32 7.47
N HIS A 57 52.06 -25.79 7.73
CA HIS A 57 51.42 -25.94 9.03
C HIS A 57 50.63 -27.24 9.11
N ILE A 58 50.47 -27.90 7.97
CA ILE A 58 49.79 -29.19 7.91
C ILE A 58 50.75 -30.31 8.28
N HIS A 59 50.50 -30.95 9.43
CA HIS A 59 51.37 -32.02 9.90
C HIS A 59 50.68 -33.38 9.79
N ARG A 60 50.99 -34.10 8.72
CA ARG A 60 50.45 -35.45 8.53
C ARG A 60 51.16 -36.44 9.44
N ILE A 61 50.41 -37.00 10.38
CA ILE A 61 50.97 -37.96 11.33
C ILE A 61 50.40 -39.34 11.10
N LYS A 62 51.28 -40.31 10.91
CA LYS A 62 50.88 -41.67 10.56
C LYS A 62 50.04 -42.33 11.65
N GLN A 63 48.87 -42.82 11.25
CA GLN A 63 47.96 -43.51 12.16
C GLN A 63 47.07 -44.48 11.40
N LYS A 64 47.31 -45.77 11.59
CA LYS A 64 46.52 -46.79 10.90
C LYS A 64 45.09 -46.81 11.40
N ASN A 65 44.19 -47.36 10.58
CA ASN A 65 42.80 -47.52 10.98
C ASN A 65 42.66 -48.59 12.04
N LEU A 66 42.33 -48.18 13.26
CA LEU A 66 42.23 -49.10 14.39
C LEU A 66 40.88 -49.78 14.48
N GLY A 67 40.01 -49.48 13.52
CA GLY A 67 38.66 -50.03 13.51
C GLY A 67 37.82 -49.58 14.68
N TRP A 68 36.92 -50.44 15.13
CA TRP A 68 36.05 -50.13 16.26
C TRP A 68 36.47 -50.92 17.49
N PRO A 69 36.47 -50.26 18.67
CA PRO A 69 36.19 -48.83 18.85
C PRO A 69 37.44 -48.00 19.09
N ASP A 70 38.61 -48.55 18.80
CA ASP A 70 39.87 -47.92 19.16
C ASP A 70 40.11 -46.59 18.43
N ASN A 71 39.37 -46.36 17.34
CA ASN A 71 39.45 -45.08 16.65
C ASN A 71 38.88 -43.95 17.51
N THR A 72 37.97 -44.31 18.40
CA THR A 72 37.31 -43.33 19.25
C THR A 72 37.70 -43.54 20.71
N LEU A 73 37.93 -44.80 21.09
CA LEU A 73 38.30 -45.14 22.46
C LEU A 73 39.71 -44.66 22.80
N LYS A 74 40.65 -44.90 21.89
CA LYS A 74 42.03 -44.49 22.10
C LYS A 74 42.30 -43.14 21.41
N ARG A 75 41.28 -42.29 21.38
CA ARG A 75 41.37 -40.99 20.75
C ARG A 75 42.46 -40.12 21.39
N PHE A 76 42.54 -40.18 22.72
CA PHE A 76 43.51 -39.37 23.45
C PHE A 76 44.86 -40.06 23.52
N HIS A 77 44.88 -41.37 23.27
CA HIS A 77 46.12 -42.13 23.22
C HIS A 77 46.94 -41.70 22.01
N ILE A 78 46.26 -41.34 20.94
CA ILE A 78 46.90 -40.89 19.71
C ILE A 78 47.47 -39.47 19.89
N PHE A 79 46.78 -38.66 20.67
CA PHE A 79 47.20 -37.28 20.91
C PHE A 79 48.48 -37.21 21.74
N LEU A 80 48.68 -38.20 22.61
CA LEU A 80 49.80 -38.19 23.54
C LEU A 80 51.09 -38.75 22.93
N ARG A 81 51.02 -39.19 21.68
CA ARG A 81 52.21 -39.69 21.00
C ARG A 81 53.07 -38.52 20.51
N ILE A 82 52.47 -37.34 20.44
CA ILE A 82 53.18 -36.13 20.03
C ILE A 82 53.12 -35.07 21.12
N LYS A 83 53.08 -35.52 22.37
CA LYS A 83 52.91 -34.63 23.52
C LYS A 83 53.99 -33.56 23.61
N GLU A 84 55.23 -33.95 23.32
CA GLU A 84 56.35 -33.01 23.37
C GLU A 84 56.27 -31.99 22.23
N GLN A 85 55.71 -32.43 21.10
CA GLN A 85 55.59 -31.58 19.93
C GLN A 85 54.52 -30.51 20.12
N LEU A 86 53.54 -30.81 20.97
CA LEU A 86 52.43 -29.89 21.21
C LEU A 86 52.78 -28.83 22.26
N GLU A 87 53.70 -29.16 23.15
CA GLU A 87 54.08 -28.26 24.23
C GLU A 87 54.99 -27.12 23.77
N ARG A 88 55.61 -27.29 22.60
CA ARG A 88 56.58 -26.32 22.12
C ARG A 88 56.13 -25.62 20.83
N GLU A 89 55.04 -26.08 20.25
CA GLU A 89 54.57 -25.54 18.98
C GLU A 89 53.17 -24.93 19.07
N THR A 90 52.45 -25.26 20.14
CA THR A 90 51.09 -24.78 20.29
C THR A 90 50.85 -24.10 21.63
N ASP A 91 49.89 -23.19 21.65
CA ASP A 91 49.48 -22.51 22.88
C ASP A 91 48.07 -22.96 23.25
N TYR A 92 47.25 -23.21 22.23
CA TYR A 92 45.90 -23.74 22.43
C TYR A 92 45.67 -24.96 21.55
N LEU A 93 44.91 -25.92 22.06
CA LEU A 93 44.57 -27.11 21.30
C LEU A 93 43.05 -27.24 21.16
N PHE A 94 42.61 -27.77 20.02
CA PHE A 94 41.19 -27.96 19.76
C PHE A 94 40.96 -29.22 18.93
N PHE A 95 40.00 -30.04 19.35
CA PHE A 95 39.66 -31.25 18.61
C PHE A 95 38.37 -31.08 17.84
N PHE A 96 38.38 -31.50 16.58
CA PHE A 96 37.19 -31.47 15.74
C PHE A 96 36.96 -32.82 15.08
N ASN A 97 35.69 -33.20 14.96
CA ASN A 97 35.33 -34.41 14.24
C ASN A 97 35.62 -34.23 12.75
N ALA A 98 35.77 -35.34 12.04
CA ALA A 98 36.12 -35.28 10.62
C ALA A 98 35.04 -34.59 9.79
N ASN A 99 33.79 -34.99 9.99
CA ASN A 99 32.68 -34.48 9.19
C ASN A 99 32.15 -33.13 9.65
N LEU A 100 33.00 -32.35 10.31
CA LEU A 100 32.64 -31.01 10.73
C LEU A 100 32.96 -30.01 9.62
N LEU A 101 32.33 -28.83 9.67
CA LEU A 101 32.52 -27.82 8.64
C LEU A 101 32.20 -26.42 9.16
N PHE A 102 33.09 -25.47 8.86
CA PHE A 102 32.89 -24.09 9.28
C PHE A 102 32.00 -23.34 8.29
N THR A 103 31.05 -22.58 8.82
CA THR A 103 30.15 -21.78 7.99
C THR A 103 30.21 -20.31 8.36
N SER A 104 30.61 -20.04 9.61
CA SER A 104 30.70 -18.68 10.12
C SER A 104 32.06 -18.42 10.74
N PRO A 105 32.58 -17.19 10.60
CA PRO A 105 33.89 -16.82 11.16
C PRO A 105 33.95 -17.04 12.67
N ILE A 106 34.99 -17.75 13.13
CA ILE A 106 35.18 -18.00 14.55
C ILE A 106 36.46 -17.32 15.05
N GLY A 107 36.31 -16.45 16.04
CA GLY A 107 37.43 -15.69 16.56
C GLY A 107 37.89 -16.10 17.94
N LYS A 108 38.42 -15.13 18.69
CA LYS A 108 39.00 -15.39 20.00
C LYS A 108 37.97 -15.47 21.11
N GLU A 109 36.69 -15.44 20.75
CA GLU A 109 35.61 -15.51 21.73
C GLU A 109 35.53 -16.90 22.37
N ILE A 110 36.10 -17.88 21.70
CA ILE A 110 36.10 -19.26 22.21
C ILE A 110 37.41 -19.58 22.91
N LEU A 111 38.27 -18.59 23.07
CA LEU A 111 39.57 -18.80 23.68
C LEU A 111 39.51 -18.60 25.20
N PRO A 112 39.76 -19.69 25.95
CA PRO A 112 39.73 -19.67 27.41
C PRO A 112 40.76 -18.69 28.00
N PRO A 113 40.32 -17.84 28.94
CA PRO A 113 41.21 -16.86 29.60
C PRO A 113 42.36 -17.53 30.34
N SER A 114 43.46 -16.80 30.52
CA SER A 114 44.63 -17.32 31.20
C SER A 114 44.40 -17.46 32.69
N ASP A 115 43.45 -16.69 33.21
CA ASP A 115 43.12 -16.72 34.63
C ASP A 115 41.99 -17.70 34.93
N SER A 116 42.11 -18.91 34.38
CA SER A 116 41.11 -19.95 34.60
C SER A 116 41.72 -21.33 34.42
N ASN A 117 40.88 -22.36 34.47
CA ASN A 117 41.35 -23.73 34.30
C ASN A 117 41.74 -24.01 32.86
N GLY A 118 41.26 -23.18 31.94
CA GLY A 118 41.65 -23.25 30.54
C GLY A 118 41.11 -24.47 29.80
N LEU A 119 39.82 -24.73 29.96
CA LEU A 119 39.18 -25.83 29.25
C LEU A 119 37.98 -25.33 28.43
N LEU A 120 37.57 -26.15 27.46
CA LEU A 120 36.44 -25.80 26.61
C LEU A 120 35.57 -27.03 26.33
N GLY A 121 34.26 -26.86 26.45
CA GLY A 121 33.32 -27.92 26.16
C GLY A 121 32.18 -27.43 25.29
N THR A 122 31.58 -28.35 24.53
CA THR A 122 30.46 -28.01 23.67
C THR A 122 29.24 -28.85 24.03
N MET A 123 28.09 -28.20 24.19
CA MET A 123 26.85 -28.88 24.54
C MET A 123 26.40 -29.81 23.43
N HIS A 124 25.88 -30.98 23.81
CA HIS A 124 25.40 -31.96 22.85
C HIS A 124 24.08 -31.47 22.22
N PRO A 125 23.99 -31.55 20.88
CA PRO A 125 22.83 -31.05 20.13
C PRO A 125 21.55 -31.84 20.40
N GLY A 126 21.68 -33.01 21.02
CA GLY A 126 20.54 -33.84 21.32
C GLY A 126 20.15 -33.81 22.78
N PHE A 127 20.91 -33.06 23.57
CA PHE A 127 20.64 -32.96 25.00
C PHE A 127 20.89 -31.55 25.52
N TYR A 128 20.18 -30.58 24.94
CA TYR A 128 20.34 -29.18 25.34
C TYR A 128 19.09 -28.68 26.07
N ASN A 129 17.93 -29.14 25.63
CA ASN A 129 16.66 -28.75 26.24
C ASN A 129 16.08 -29.88 27.08
N LYS A 130 16.91 -30.89 27.37
CA LYS A 130 16.46 -32.06 28.12
C LYS A 130 17.01 -32.05 29.54
N PRO A 131 16.22 -32.53 30.51
CA PRO A 131 16.61 -32.55 31.92
C PRO A 131 17.75 -33.51 32.23
N ASN A 132 18.22 -33.50 33.47
CA ASN A 132 19.33 -34.32 33.90
C ASN A 132 18.98 -35.80 33.93
N SER A 133 17.71 -36.10 34.14
CA SER A 133 17.23 -37.48 34.26
C SER A 133 17.28 -38.24 32.92
N GLU A 134 17.55 -37.52 31.84
CA GLU A 134 17.62 -38.14 30.53
C GLU A 134 19.04 -38.12 29.96
N PHE A 135 19.99 -37.61 30.74
CA PHE A 135 21.38 -37.60 30.34
C PHE A 135 21.93 -39.02 30.25
N THR A 136 22.83 -39.25 29.30
CA THR A 136 23.36 -40.59 29.08
C THR A 136 24.78 -40.72 29.61
N TYR A 137 24.94 -40.49 30.92
CA TYR A 137 26.22 -40.65 31.58
C TYR A 137 26.45 -42.13 31.89
N GLU A 138 27.70 -42.48 32.21
CA GLU A 138 28.01 -43.85 32.60
C GLU A 138 27.46 -44.09 34.01
N ARG A 139 26.31 -44.73 34.10
CA ARG A 139 25.61 -44.91 35.36
C ARG A 139 26.04 -46.19 36.09
N ARG A 140 27.27 -46.62 35.82
CA ARG A 140 27.84 -47.78 36.48
C ARG A 140 29.00 -47.38 37.38
N ASP A 141 28.88 -47.68 38.68
CA ASP A 141 29.88 -47.30 39.66
C ASP A 141 31.20 -48.03 39.45
N ALA A 142 31.16 -49.14 38.72
CA ALA A 142 32.35 -49.95 38.48
C ALA A 142 33.29 -49.27 37.47
N SER A 143 32.74 -48.35 36.68
CA SER A 143 33.53 -47.64 35.68
C SER A 143 34.14 -46.36 36.24
N THR A 144 35.16 -45.86 35.56
CA THR A 144 35.85 -44.65 36.01
C THR A 144 35.11 -43.38 35.60
N ALA A 145 34.23 -43.51 34.60
CA ALA A 145 33.46 -42.38 34.12
C ALA A 145 32.09 -42.34 34.79
N TYR A 146 32.02 -42.87 36.01
CA TYR A 146 30.76 -42.96 36.74
C TYR A 146 30.23 -41.60 37.21
N ILE A 147 28.97 -41.34 36.88
CA ILE A 147 28.29 -40.15 37.36
C ILE A 147 26.91 -40.54 37.90
N PRO A 148 26.70 -40.37 39.22
CA PRO A 148 25.43 -40.76 39.84
C PRO A 148 24.24 -39.96 39.33
N GLU A 149 23.05 -40.50 39.49
CA GLU A 149 21.83 -39.87 39.01
C GLU A 149 21.54 -38.56 39.74
N GLY A 150 21.22 -37.52 38.97
CA GLY A 150 20.88 -36.23 39.54
C GLY A 150 22.04 -35.25 39.50
N GLU A 151 23.25 -35.76 39.40
CA GLU A 151 24.44 -34.91 39.39
C GLU A 151 24.87 -34.59 37.98
N GLY A 152 25.44 -33.40 37.79
CA GLY A 152 25.88 -32.96 36.48
C GLY A 152 25.10 -31.75 36.00
N ARG A 153 25.75 -30.89 35.22
CA ARG A 153 25.11 -29.69 34.70
C ARG A 153 24.72 -29.85 33.24
N TYR A 154 25.71 -29.79 32.35
CA TYR A 154 25.49 -29.93 30.93
C TYR A 154 25.96 -31.29 30.44
N TYR A 155 25.35 -31.76 29.35
CA TYR A 155 25.81 -32.98 28.69
C TYR A 155 26.71 -32.62 27.53
N TYR A 156 28.02 -32.77 27.74
CA TYR A 156 28.99 -32.38 26.72
C TYR A 156 29.23 -33.50 25.71
N ALA A 157 29.55 -33.11 24.48
CA ALA A 157 29.86 -34.06 23.42
C ALA A 157 31.36 -34.11 23.18
N GLY A 158 31.82 -35.18 22.55
CA GLY A 158 33.24 -35.34 22.26
C GLY A 158 33.61 -34.83 20.88
N GLY A 159 32.62 -34.34 20.15
CA GLY A 159 32.84 -33.83 18.81
C GLY A 159 33.70 -32.59 18.76
N LEU A 160 33.65 -31.80 19.84
CA LEU A 160 34.43 -30.57 19.93
C LEU A 160 34.89 -30.33 21.37
N SER A 161 36.20 -30.31 21.57
CA SER A 161 36.78 -30.09 22.89
C SER A 161 38.19 -29.53 22.77
N GLY A 162 38.55 -28.63 23.68
CA GLY A 162 39.87 -28.01 23.64
C GLY A 162 40.22 -27.20 24.88
N GLY A 163 40.92 -26.10 24.65
CA GLY A 163 41.42 -25.25 25.72
C GLY A 163 42.90 -24.97 25.52
N CYS A 164 43.55 -24.44 26.55
CA CYS A 164 44.99 -24.20 26.48
C CYS A 164 45.75 -25.53 26.47
N THR A 165 46.97 -25.52 25.95
CA THR A 165 47.75 -26.74 25.75
C THR A 165 47.95 -27.54 27.02
N LYS A 166 48.35 -26.87 28.10
CA LYS A 166 48.66 -27.54 29.36
C LYS A 166 47.44 -28.24 29.96
N ALA A 167 46.29 -27.57 29.91
CA ALA A 167 45.08 -28.10 30.51
C ALA A 167 44.49 -29.26 29.71
N TYR A 168 44.56 -29.16 28.39
CA TYR A 168 43.97 -30.18 27.52
C TYR A 168 44.84 -31.44 27.49
N LEU A 169 46.15 -31.27 27.68
CA LEU A 169 47.06 -32.40 27.75
C LEU A 169 46.88 -33.14 29.07
N LYS A 170 46.50 -32.41 30.11
CA LYS A 170 46.15 -33.02 31.39
C LYS A 170 44.87 -33.81 31.24
N LEU A 171 43.97 -33.30 30.39
CA LEU A 171 42.71 -33.97 30.10
C LEU A 171 42.96 -35.29 29.36
N CYS A 172 43.87 -35.26 28.40
CA CYS A 172 44.21 -36.45 27.62
C CYS A 172 44.84 -37.54 28.49
N THR A 173 45.78 -37.14 29.33
CA THR A 173 46.48 -38.09 30.20
C THR A 173 45.56 -38.68 31.25
N THR A 174 44.61 -37.87 31.74
CA THR A 174 43.67 -38.32 32.76
C THR A 174 42.68 -39.34 32.21
N ILE A 175 42.15 -39.05 31.01
CA ILE A 175 41.19 -39.93 30.37
C ILE A 175 41.86 -41.24 29.94
N CYS A 176 43.10 -41.13 29.44
CA CYS A 176 43.87 -42.31 29.05
C CYS A 176 44.07 -43.24 30.23
N SER A 177 44.23 -42.68 31.43
CA SER A 177 44.35 -43.47 32.64
C SER A 177 43.01 -44.11 32.98
N TRP A 178 41.93 -43.40 32.71
CA TRP A 178 40.58 -43.89 32.98
C TRP A 178 40.19 -45.01 32.02
N VAL A 179 40.68 -44.93 30.79
CA VAL A 179 40.40 -45.95 29.79
C VAL A 179 41.19 -47.22 30.10
N ASP A 180 42.46 -47.05 30.44
CA ASP A 180 43.34 -48.18 30.77
C ASP A 180 42.90 -48.87 32.06
N ARG A 181 42.39 -48.09 33.01
CA ARG A 181 41.95 -48.63 34.28
C ARG A 181 40.70 -49.48 34.10
N ASP A 182 39.82 -49.05 33.19
CA ASP A 182 38.61 -49.79 32.88
C ASP A 182 38.94 -51.03 32.05
N ALA A 183 40.05 -50.98 31.34
CA ALA A 183 40.50 -52.11 30.53
C ALA A 183 40.90 -53.28 31.43
N THR A 184 41.56 -52.96 32.55
CA THR A 184 41.94 -53.97 33.52
C THR A 184 40.71 -54.51 34.24
N ASN A 185 39.68 -53.67 34.32
CA ASN A 185 38.42 -54.08 34.93
C ASN A 185 37.47 -54.69 33.90
N HIS A 186 37.95 -54.77 32.66
CA HIS A 186 37.18 -55.29 31.53
C HIS A 186 35.88 -54.52 31.34
N ILE A 187 35.97 -53.20 31.39
CA ILE A 187 34.80 -52.35 31.24
C ILE A 187 35.03 -51.31 30.15
N ILE A 188 34.02 -51.09 29.32
CA ILE A 188 34.06 -50.03 28.33
C ILE A 188 32.95 -49.02 28.58
N PRO A 189 33.33 -47.80 28.99
CA PRO A 189 32.37 -46.72 29.29
C PRO A 189 31.53 -46.35 28.07
N ILE A 190 30.23 -46.19 28.27
CA ILE A 190 29.32 -45.83 27.19
C ILE A 190 28.62 -44.50 27.46
N TRP A 191 28.69 -43.59 26.50
CA TRP A 191 29.39 -43.82 25.25
C TRP A 191 30.79 -43.21 25.31
N HIS A 192 31.79 -44.03 25.03
CA HIS A 192 33.20 -43.68 25.21
C HIS A 192 33.63 -42.39 24.52
N ASP A 193 32.89 -41.97 23.51
CA ASP A 193 33.19 -40.72 22.82
C ASP A 193 32.84 -39.50 23.66
N GLN A 194 31.94 -39.67 24.62
CA GLN A 194 31.46 -38.55 25.41
C GLN A 194 31.29 -38.88 26.90
N SER A 195 31.37 -40.17 27.23
CA SER A 195 31.20 -40.60 28.62
C SER A 195 32.35 -40.14 29.50
N LEU A 196 33.58 -40.32 28.99
CA LEU A 196 34.77 -39.93 29.74
C LEU A 196 34.86 -38.43 29.94
N ILE A 197 34.50 -37.68 28.90
CA ILE A 197 34.68 -36.23 28.91
C ILE A 197 33.66 -35.53 29.79
N ASN A 198 32.55 -36.20 30.10
CA ASN A 198 31.54 -35.64 30.95
C ASN A 198 31.92 -35.77 32.43
N LYS A 199 32.62 -36.85 32.76
CA LYS A 199 33.09 -37.07 34.12
C LYS A 199 34.22 -36.09 34.42
N TYR A 200 35.06 -35.84 33.44
CA TYR A 200 36.18 -34.91 33.59
C TYR A 200 35.67 -33.48 33.68
N PHE A 201 34.62 -33.17 32.93
CA PHE A 201 34.01 -31.84 32.95
C PHE A 201 33.11 -31.68 34.16
N LEU A 202 32.94 -32.76 34.93
CA LEU A 202 32.21 -32.70 36.19
C LEU A 202 33.19 -32.39 37.31
N ASP A 203 34.33 -33.07 37.28
CA ASP A 203 35.39 -32.81 38.24
C ASP A 203 36.08 -31.49 37.93
N ASN A 204 36.26 -31.22 36.64
CA ASN A 204 36.87 -29.98 36.19
C ASN A 204 36.01 -29.28 35.14
N PRO A 205 35.01 -28.52 35.59
CA PRO A 205 34.12 -27.76 34.70
C PRO A 205 34.88 -26.83 33.77
N PRO A 206 34.60 -26.90 32.46
CA PRO A 206 35.29 -26.09 31.45
C PRO A 206 35.06 -24.59 31.65
N ALA A 207 36.07 -23.80 31.33
CA ALA A 207 35.98 -22.34 31.46
C ALA A 207 34.94 -21.77 30.50
N ILE A 208 34.93 -22.30 29.28
CA ILE A 208 33.98 -21.85 28.26
C ILE A 208 33.13 -23.00 27.74
N THR A 209 31.82 -22.88 27.90
CA THR A 209 30.90 -23.88 27.38
C THR A 209 30.24 -23.39 26.11
N LEU A 210 30.52 -24.08 25.00
CA LEU A 210 29.96 -23.70 23.70
C LEU A 210 28.57 -24.28 23.49
N SER A 211 27.67 -23.47 22.94
CA SER A 211 26.33 -23.92 22.59
C SER A 211 26.42 -24.99 21.50
N PRO A 212 25.38 -25.83 21.37
CA PRO A 212 25.39 -26.88 20.34
C PRO A 212 25.32 -26.34 18.91
N ALA A 213 25.42 -25.03 18.75
CA ALA A 213 25.50 -24.42 17.43
C ALA A 213 26.85 -24.71 16.79
N TYR A 214 27.83 -25.06 17.63
CA TYR A 214 29.17 -25.42 17.16
C TYR A 214 29.24 -26.91 16.85
N LEU A 215 28.13 -27.60 17.05
CA LEU A 215 28.00 -29.01 16.69
C LEU A 215 26.62 -29.27 16.11
N TYR A 216 26.22 -28.43 15.15
CA TYR A 216 24.91 -28.53 14.52
C TYR A 216 24.90 -29.61 13.45
N PRO A 217 24.11 -30.68 13.68
CA PRO A 217 23.96 -31.75 12.68
C PRO A 217 23.18 -31.28 11.46
N GLU A 218 23.71 -31.55 10.27
CA GLU A 218 23.08 -31.11 9.04
C GLU A 218 21.73 -31.79 8.83
N GLY A 219 20.72 -31.00 8.50
CA GLY A 219 19.38 -31.52 8.26
C GLY A 219 18.44 -31.26 9.42
N TRP A 220 18.99 -31.04 10.60
CA TRP A 220 18.19 -30.82 11.80
C TRP A 220 17.65 -29.39 11.85
N LEU A 221 16.63 -29.18 12.67
CA LEU A 221 16.08 -27.85 12.88
C LEU A 221 16.20 -27.45 14.35
N LEU A 222 17.39 -26.98 14.72
CA LEU A 222 17.67 -26.60 16.10
C LEU A 222 17.52 -25.09 16.28
N PRO A 223 17.17 -24.65 17.51
CA PRO A 223 17.01 -23.23 17.83
C PRO A 223 18.35 -22.49 17.94
N PHE A 224 19.23 -22.68 16.96
CA PHE A 224 20.54 -22.05 16.98
C PHE A 224 20.98 -21.63 15.58
N GLU A 225 21.94 -20.71 15.52
CA GLU A 225 22.52 -20.30 14.25
C GLU A 225 23.75 -21.15 13.98
N PRO A 226 23.69 -21.98 12.93
CA PRO A 226 24.75 -22.94 12.60
C PRO A 226 26.09 -22.28 12.31
N ILE A 227 27.02 -22.40 13.25
CA ILE A 227 28.38 -21.89 13.07
C ILE A 227 29.29 -23.00 12.55
N ILE A 228 29.17 -24.17 13.16
CA ILE A 228 29.89 -25.35 12.68
C ILE A 228 28.90 -26.47 12.37
N LEU A 229 28.88 -26.89 11.11
CA LEU A 229 27.92 -27.90 10.66
C LEU A 229 28.50 -29.29 10.64
N ILE A 230 27.73 -30.26 11.15
CA ILE A 230 28.12 -31.67 11.09
C ILE A 230 27.61 -32.29 9.79
N ARG A 231 28.51 -32.47 8.84
CA ARG A 231 28.15 -32.99 7.52
C ARG A 231 27.62 -34.41 7.59
N ASP A 232 26.60 -34.68 6.78
CA ASP A 232 25.99 -36.01 6.72
C ASP A 232 26.90 -37.02 6.04
N LYS A 233 27.18 -38.12 6.72
CA LYS A 233 28.07 -39.14 6.18
C LYS A 233 27.39 -40.04 5.16
N ASN A 234 26.07 -39.93 5.05
CA ASN A 234 25.32 -40.75 4.10
C ASN A 234 24.92 -39.98 2.83
N LYS A 235 25.74 -39.01 2.44
CA LYS A 235 25.51 -38.29 1.19
C LYS A 235 26.30 -38.94 0.06
N PRO A 236 25.71 -38.99 -1.14
CA PRO A 236 26.29 -39.66 -2.31
C PRO A 236 27.67 -39.12 -2.68
N GLN A 237 27.92 -37.86 -2.35
CA GLN A 237 29.22 -37.24 -2.63
C GLN A 237 30.29 -37.77 -1.67
N TYR A 238 29.85 -38.24 -0.51
CA TYR A 238 30.77 -38.78 0.49
C TYR A 238 30.73 -40.31 0.50
N SER B 1 5.83 87.86 -45.18
CA SER B 1 4.79 88.10 -44.19
C SER B 1 3.46 87.50 -44.63
N HIS B 2 2.42 88.34 -44.65
CA HIS B 2 1.08 87.95 -45.08
C HIS B 2 0.51 86.83 -44.21
N MET B 3 -0.68 86.36 -44.60
CA MET B 3 -1.34 85.29 -43.86
C MET B 3 -1.47 84.04 -44.74
N ARG B 4 -1.02 82.91 -44.22
CA ARG B 4 -1.00 81.67 -44.98
C ARG B 4 -2.25 80.84 -44.73
N ILE B 5 -2.93 80.47 -45.82
CA ILE B 5 -4.14 79.66 -45.72
C ILE B 5 -3.97 78.33 -46.43
N GLY B 6 -4.29 77.25 -45.74
CA GLY B 6 -4.16 75.91 -46.31
C GLY B 6 -5.49 75.21 -46.46
N ILE B 7 -5.75 74.68 -47.65
CA ILE B 7 -6.99 73.96 -47.93
C ILE B 7 -6.76 72.46 -48.04
N LEU B 8 -7.36 71.71 -47.12
CA LEU B 8 -7.31 70.25 -47.16
C LEU B 8 -8.36 69.73 -48.13
N TYR B 9 -7.94 68.95 -49.11
CA TYR B 9 -8.84 68.48 -50.16
C TYR B 9 -8.55 67.03 -50.54
N ILE B 10 -9.57 66.18 -50.45
CA ILE B 10 -9.44 64.77 -50.81
C ILE B 10 -10.38 64.40 -51.94
N CYS B 11 -9.82 63.90 -53.04
CA CYS B 11 -10.63 63.50 -54.19
C CYS B 11 -10.07 62.25 -54.86
N THR B 12 -10.05 61.16 -54.10
CA THR B 12 -9.56 59.88 -54.61
C THR B 12 -10.64 59.13 -55.39
N GLY B 13 -10.25 58.54 -56.51
CA GLY B 13 -11.17 57.77 -57.32
C GLY B 13 -11.90 58.59 -58.37
N LYS B 14 -13.23 58.65 -58.25
CA LYS B 14 -14.04 59.35 -59.23
C LYS B 14 -14.43 60.76 -58.76
N TYR B 15 -13.90 61.16 -57.60
CA TYR B 15 -14.22 62.46 -57.04
C TYR B 15 -13.22 63.52 -57.48
N ASP B 16 -12.27 63.12 -58.32
CA ASP B 16 -11.24 64.03 -58.81
C ASP B 16 -11.79 65.04 -59.82
N ILE B 17 -12.96 64.73 -60.36
CA ILE B 17 -13.61 65.59 -61.35
C ILE B 17 -14.22 66.83 -60.70
N PHE B 18 -14.30 66.82 -59.37
CA PHE B 18 -14.88 67.92 -58.62
C PHE B 18 -13.87 69.03 -58.34
N TRP B 19 -12.60 68.74 -58.63
CA TRP B 19 -11.51 69.67 -58.31
C TRP B 19 -11.50 70.92 -59.20
N LYS B 20 -11.88 70.76 -60.46
CA LYS B 20 -11.81 71.84 -61.43
C LYS B 20 -12.63 73.06 -61.00
N ASP B 21 -13.94 72.89 -60.88
CA ASP B 21 -14.82 74.00 -60.53
C ASP B 21 -14.59 74.47 -59.10
N PHE B 22 -14.13 73.57 -58.24
CA PHE B 22 -13.80 73.93 -56.86
C PHE B 22 -12.61 74.87 -56.82
N TYR B 23 -11.60 74.57 -57.62
CA TYR B 23 -10.40 75.40 -57.69
C TYR B 23 -10.69 76.75 -58.33
N LEU B 24 -11.51 76.75 -59.38
CA LEU B 24 -11.86 77.98 -60.07
C LEU B 24 -12.72 78.89 -59.19
N SER B 25 -13.48 78.30 -58.29
CA SER B 25 -14.32 79.06 -57.38
C SER B 25 -13.54 79.58 -56.19
N ALA B 26 -12.55 78.80 -55.76
CA ALA B 26 -11.72 79.19 -54.62
C ALA B 26 -10.77 80.33 -54.98
N GLU B 27 -10.41 80.41 -56.26
CA GLU B 27 -9.52 81.46 -56.75
C GLU B 27 -10.28 82.73 -57.06
N ARG B 28 -11.61 82.69 -56.94
CA ARG B 28 -12.44 83.84 -57.28
C ARG B 28 -13.19 84.37 -56.06
N TYR B 29 -13.44 83.49 -55.09
CA TYR B 29 -14.22 83.85 -53.92
C TYR B 29 -13.45 83.69 -52.61
N PHE B 30 -12.80 82.54 -52.45
CA PHE B 30 -12.18 82.18 -51.18
C PHE B 30 -10.86 82.89 -50.93
N MET B 31 -10.86 83.81 -49.97
CA MET B 31 -9.66 84.51 -49.52
C MET B 31 -8.90 85.18 -50.66
N GLN B 32 -9.47 86.25 -51.20
CA GLN B 32 -8.83 86.96 -52.30
C GLN B 32 -8.36 88.34 -51.90
N ASP B 33 -8.07 88.52 -50.61
CA ASP B 33 -7.48 89.76 -50.13
C ASP B 33 -5.98 89.73 -50.39
N GLN B 34 -5.34 90.89 -50.38
CA GLN B 34 -3.91 90.99 -50.62
C GLN B 34 -3.09 90.56 -49.40
N SER B 35 -3.79 90.14 -48.35
CA SER B 35 -3.14 89.66 -47.13
C SER B 35 -3.28 88.16 -46.99
N PHE B 36 -3.63 87.48 -48.09
CA PHE B 36 -3.89 86.05 -48.06
C PHE B 36 -3.13 85.28 -49.13
N ILE B 37 -2.34 84.31 -48.68
CA ILE B 37 -1.71 83.35 -49.59
C ILE B 37 -2.42 82.00 -49.42
N ILE B 38 -3.01 81.51 -50.50
CA ILE B 38 -3.81 80.29 -50.43
C ILE B 38 -3.03 79.07 -50.92
N GLU B 39 -3.10 77.99 -50.15
CA GLU B 39 -2.39 76.77 -50.49
C GLU B 39 -3.35 75.59 -50.62
N TYR B 40 -3.23 74.85 -51.71
CA TYR B 40 -4.08 73.69 -51.95
C TYR B 40 -3.35 72.39 -51.66
N TYR B 41 -3.88 71.62 -50.71
CA TYR B 41 -3.32 70.31 -50.39
C TYR B 41 -4.27 69.21 -50.85
N VAL B 42 -4.10 68.78 -52.09
CA VAL B 42 -5.02 67.81 -52.70
C VAL B 42 -4.54 66.37 -52.54
N PHE B 43 -5.34 65.57 -51.85
CA PHE B 43 -5.04 64.15 -51.66
C PHE B 43 -5.82 63.30 -52.67
N THR B 44 -5.13 62.84 -53.70
CA THR B 44 -5.78 62.06 -54.75
C THR B 44 -4.84 61.01 -55.36
N ASP B 45 -5.39 60.21 -56.26
CA ASP B 45 -4.62 59.18 -56.96
C ASP B 45 -4.39 59.58 -58.42
N SER B 46 -4.97 60.70 -58.81
CA SER B 46 -4.82 61.22 -60.17
C SER B 46 -3.39 61.69 -60.42
N PRO B 47 -2.83 61.33 -61.59
CA PRO B 47 -1.45 61.67 -61.94
C PRO B 47 -1.22 63.17 -62.09
N LYS B 48 -2.28 63.92 -62.40
CA LYS B 48 -2.17 65.36 -62.55
C LYS B 48 -3.51 66.06 -62.28
N LEU B 49 -3.45 67.18 -61.57
CA LEU B 49 -4.64 67.96 -61.25
C LEU B 49 -4.84 69.09 -62.25
N TYR B 50 -6.00 69.74 -62.17
CA TYR B 50 -6.30 70.86 -63.04
C TYR B 50 -5.47 72.08 -62.65
N ASP B 51 -4.88 72.73 -63.65
CA ASP B 51 -4.07 73.93 -63.45
C ASP B 51 -2.89 73.69 -62.50
N GLU B 52 -2.43 72.44 -62.44
CA GLU B 52 -1.31 72.09 -61.58
C GLU B 52 0.01 72.53 -62.20
N GLU B 53 0.06 72.51 -63.53
CA GLU B 53 1.27 72.88 -64.27
C GLU B 53 1.44 74.39 -64.35
N ASN B 54 0.43 75.13 -63.92
CA ASN B 54 0.50 76.59 -63.94
C ASN B 54 0.60 77.18 -62.54
N ASN B 55 -0.08 76.54 -61.59
CA ASN B 55 -0.08 77.00 -60.20
C ASN B 55 0.88 76.21 -59.34
N LYS B 56 1.61 76.90 -58.47
CA LYS B 56 2.59 76.26 -57.61
C LYS B 56 2.04 75.98 -56.21
N HIS B 57 0.87 76.56 -55.92
CA HIS B 57 0.24 76.38 -54.62
C HIS B 57 -0.55 75.07 -54.57
N ILE B 58 -0.74 74.46 -55.73
CA ILE B 58 -1.43 73.17 -55.82
C ILE B 58 -0.47 72.03 -55.51
N HIS B 59 -0.65 71.39 -54.37
CA HIS B 59 0.25 70.32 -53.95
C HIS B 59 -0.38 68.94 -54.15
N ARG B 60 -0.02 68.29 -55.25
CA ARG B 60 -0.50 66.95 -55.54
C ARG B 60 0.14 65.93 -54.60
N ILE B 61 -0.68 65.27 -53.81
CA ILE B 61 -0.18 64.32 -52.80
C ILE B 61 -0.69 62.90 -53.07
N LYS B 62 0.24 61.95 -53.07
CA LYS B 62 -0.08 60.55 -53.34
C LYS B 62 -1.06 59.98 -52.32
N GLN B 63 -2.16 59.44 -52.82
CA GLN B 63 -3.19 58.86 -51.95
C GLN B 63 -4.12 57.94 -52.74
N LYS B 64 -4.08 56.65 -52.44
CA LYS B 64 -4.95 55.68 -53.09
C LYS B 64 -6.37 55.77 -52.54
N ASN B 65 -7.30 55.10 -53.20
CA ASN B 65 -8.69 55.05 -52.74
C ASN B 65 -8.89 53.94 -51.72
N LEU B 66 -9.33 54.32 -50.53
CA LEU B 66 -9.49 53.36 -49.44
C LEU B 66 -10.89 52.75 -49.40
N GLY B 67 -11.80 53.34 -50.17
CA GLY B 67 -13.17 52.87 -50.22
C GLY B 67 -13.93 53.18 -48.94
N TRP B 68 -15.02 52.45 -48.72
CA TRP B 68 -15.85 52.63 -47.54
C TRP B 68 -15.44 51.64 -46.45
N PRO B 69 -15.39 52.11 -45.18
CA PRO B 69 -15.64 53.49 -44.78
C PRO B 69 -14.36 54.28 -44.50
N ASP B 70 -13.21 53.75 -44.90
CA ASP B 70 -11.93 54.34 -44.54
C ASP B 70 -11.69 55.70 -45.19
N ASN B 71 -12.45 56.01 -46.24
CA ASN B 71 -12.32 57.29 -46.93
C ASN B 71 -12.83 58.45 -46.09
N THR B 72 -13.70 58.14 -45.12
CA THR B 72 -14.24 59.16 -44.24
C THR B 72 -13.84 58.89 -42.79
N LEU B 73 -13.46 57.64 -42.51
CA LEU B 73 -13.03 57.26 -41.17
C LEU B 73 -11.57 57.59 -40.93
N LYS B 74 -10.72 57.17 -41.87
CA LYS B 74 -9.28 57.43 -41.77
C LYS B 74 -8.90 58.74 -42.45
N ARG B 75 -9.84 59.69 -42.43
CA ARG B 75 -9.64 60.99 -43.08
C ARG B 75 -8.52 61.79 -42.42
N PHE B 76 -8.52 61.82 -41.09
CA PHE B 76 -7.55 62.61 -40.35
C PHE B 76 -6.18 61.94 -40.30
N HIS B 77 -6.15 60.64 -40.57
CA HIS B 77 -4.89 59.91 -40.61
C HIS B 77 -4.07 60.31 -41.82
N ILE B 78 -4.74 60.78 -42.86
CA ILE B 78 -4.09 61.24 -44.07
C ILE B 78 -3.45 62.61 -43.87
N PHE B 79 -4.09 63.43 -43.05
CA PHE B 79 -3.62 64.79 -42.81
C PHE B 79 -2.34 64.82 -41.98
N LEU B 80 -2.12 63.76 -41.19
CA LEU B 80 -0.95 63.68 -40.32
C LEU B 80 0.29 63.23 -41.09
N ARG B 81 0.10 62.75 -42.31
CA ARG B 81 1.21 62.31 -43.13
C ARG B 81 2.05 63.50 -43.61
N ILE B 82 1.44 64.69 -43.58
CA ILE B 82 2.14 65.91 -43.98
C ILE B 82 2.01 66.98 -42.91
N LYS B 83 1.83 66.56 -41.67
CA LYS B 83 1.67 67.49 -40.56
C LYS B 83 2.96 68.24 -40.23
N GLU B 84 4.05 67.83 -40.89
CA GLU B 84 5.34 68.46 -40.67
C GLU B 84 5.55 69.65 -41.62
N GLN B 85 4.82 69.66 -42.73
CA GLN B 85 4.91 70.76 -43.68
C GLN B 85 3.71 71.68 -43.58
N LEU B 86 2.74 71.31 -42.76
CA LEU B 86 1.48 72.06 -42.66
C LEU B 86 1.60 73.26 -41.72
N GLU B 87 2.37 73.10 -40.67
CA GLU B 87 2.52 74.17 -39.67
C GLU B 87 3.57 75.19 -40.09
N ARG B 88 4.37 74.84 -41.08
CA ARG B 88 5.44 75.72 -41.55
C ARG B 88 5.02 76.49 -42.78
N GLU B 89 4.01 75.99 -43.48
CA GLU B 89 3.55 76.63 -44.71
C GLU B 89 2.19 77.32 -44.54
N THR B 90 1.46 76.93 -43.50
CA THR B 90 0.12 77.47 -43.29
C THR B 90 -0.07 78.02 -41.87
N ASP B 91 -0.94 79.01 -41.74
CA ASP B 91 -1.30 79.55 -40.44
C ASP B 91 -2.72 79.14 -40.07
N TYR B 92 -3.54 78.88 -41.09
CA TYR B 92 -4.90 78.41 -40.90
C TYR B 92 -5.18 77.21 -41.78
N LEU B 93 -5.96 76.26 -41.27
CA LEU B 93 -6.33 75.07 -42.03
C LEU B 93 -7.83 75.02 -42.28
N PHE B 94 -8.21 74.51 -43.45
CA PHE B 94 -9.62 74.37 -43.81
C PHE B 94 -9.85 73.12 -44.65
N PHE B 95 -10.87 72.35 -44.29
CA PHE B 95 -11.22 71.15 -45.03
C PHE B 95 -12.56 71.31 -45.75
N PHE B 96 -12.56 71.03 -47.05
CA PHE B 96 -13.78 71.09 -47.84
C PHE B 96 -14.00 69.76 -48.55
N ASN B 97 -15.26 69.38 -48.71
CA ASN B 97 -15.62 68.19 -49.44
C ASN B 97 -15.31 68.38 -50.93
N ALA B 98 -15.35 67.29 -51.68
CA ALA B 98 -15.04 67.35 -53.11
C ALA B 98 -16.08 68.14 -53.90
N ASN B 99 -17.34 67.74 -53.77
CA ASN B 99 -18.42 68.34 -54.55
C ASN B 99 -18.93 69.66 -53.98
N LEU B 100 -18.05 70.41 -53.32
CA LEU B 100 -18.41 71.72 -52.80
C LEU B 100 -18.08 72.80 -53.83
N LEU B 101 -18.79 73.92 -53.77
CA LEU B 101 -18.60 75.01 -54.72
C LEU B 101 -18.89 76.37 -54.09
N PHE B 102 -18.00 77.33 -54.35
CA PHE B 102 -18.17 78.68 -53.83
C PHE B 102 -19.06 79.52 -54.74
N THR B 103 -20.00 80.24 -54.14
CA THR B 103 -20.92 81.09 -54.89
C THR B 103 -20.80 82.54 -54.45
N SER B 104 -20.32 82.74 -53.22
CA SER B 104 -20.17 84.08 -52.67
C SER B 104 -18.76 84.29 -52.12
N PRO B 105 -18.21 85.52 -52.30
CA PRO B 105 -16.89 85.87 -51.78
C PRO B 105 -16.77 85.66 -50.28
N ILE B 106 -15.77 84.88 -49.86
CA ILE B 106 -15.54 84.63 -48.44
C ILE B 106 -14.24 85.28 -47.99
N GLY B 107 -14.32 86.12 -46.96
CA GLY B 107 -13.17 86.86 -46.50
C GLY B 107 -12.66 86.44 -45.13
N LYS B 108 -12.26 87.42 -44.32
CA LYS B 108 -11.66 87.16 -43.02
C LYS B 108 -12.69 86.97 -41.92
N GLU B 109 -13.96 86.95 -42.29
CA GLU B 109 -15.03 86.81 -41.31
C GLU B 109 -15.10 85.39 -40.74
N ILE B 110 -14.49 84.44 -41.45
CA ILE B 110 -14.48 83.05 -41.01
C ILE B 110 -13.17 82.70 -40.34
N LEU B 111 -12.36 83.71 -40.02
CA LEU B 111 -11.10 83.49 -39.33
C LEU B 111 -11.26 83.60 -37.81
N PRO B 112 -10.99 82.50 -37.10
CA PRO B 112 -11.07 82.46 -35.64
C PRO B 112 -10.14 83.46 -34.97
N PRO B 113 -10.61 84.13 -33.91
CA PRO B 113 -9.83 85.12 -33.16
C PRO B 113 -8.52 84.57 -32.62
N SER B 114 -7.59 85.45 -32.28
CA SER B 114 -6.27 85.05 -31.81
C SER B 114 -6.29 84.60 -30.36
N ASP B 115 -7.29 85.05 -29.62
CA ASP B 115 -7.38 84.74 -28.19
C ASP B 115 -8.17 83.47 -27.90
N SER B 116 -9.13 83.16 -28.77
CA SER B 116 -9.99 82.01 -28.58
C SER B 116 -9.27 80.69 -28.87
N ASN B 117 -10.01 79.59 -28.82
CA ASN B 117 -9.44 78.27 -29.02
C ASN B 117 -9.02 78.02 -30.47
N GLY B 118 -9.55 78.83 -31.38
CA GLY B 118 -9.19 78.74 -32.79
C GLY B 118 -9.73 77.51 -33.49
N LEU B 119 -11.01 77.22 -33.29
CA LEU B 119 -11.66 76.11 -33.97
C LEU B 119 -12.86 76.58 -34.78
N LEU B 120 -13.20 75.83 -35.81
CA LEU B 120 -14.32 76.18 -36.69
C LEU B 120 -15.19 74.97 -36.98
N GLY B 121 -16.51 75.14 -36.81
CA GLY B 121 -17.45 74.09 -37.11
C GLY B 121 -18.61 74.60 -37.93
N THR B 122 -19.31 73.69 -38.61
CA THR B 122 -20.44 74.05 -39.45
C THR B 122 -21.68 73.24 -39.11
N MET B 123 -22.80 73.92 -38.92
CA MET B 123 -24.05 73.25 -38.59
C MET B 123 -24.53 72.40 -39.76
N HIS B 124 -25.02 71.20 -39.44
CA HIS B 124 -25.53 70.29 -40.45
C HIS B 124 -26.81 70.84 -41.08
N PRO B 125 -26.89 70.83 -42.42
CA PRO B 125 -28.03 71.39 -43.15
C PRO B 125 -29.34 70.66 -42.90
N GLY B 126 -29.27 69.45 -42.35
CA GLY B 126 -30.48 68.67 -42.09
C GLY B 126 -31.06 68.92 -40.71
N PHE B 127 -30.29 69.58 -39.85
CA PHE B 127 -30.71 69.83 -38.48
C PHE B 127 -30.63 71.31 -38.12
N TYR B 128 -31.53 72.12 -38.67
CA TYR B 128 -31.56 73.54 -38.36
C TYR B 128 -32.81 73.89 -37.54
N ASN B 129 -32.59 74.42 -36.35
CA ASN B 129 -33.65 74.67 -35.37
C ASN B 129 -34.42 73.41 -35.00
N LYS B 130 -33.75 72.26 -35.06
CA LYS B 130 -34.32 71.01 -34.57
C LYS B 130 -33.83 70.74 -33.16
N PRO B 131 -34.69 70.14 -32.30
CA PRO B 131 -34.32 69.90 -30.90
C PRO B 131 -33.15 68.94 -30.73
N ASN B 132 -32.61 68.88 -29.52
CA ASN B 132 -31.48 68.00 -29.22
C ASN B 132 -31.87 66.53 -29.30
N SER B 133 -33.17 66.26 -29.17
CA SER B 133 -33.69 64.90 -29.15
C SER B 133 -33.70 64.26 -30.54
N GLU B 134 -33.38 65.03 -31.56
CA GLU B 134 -33.37 64.51 -32.93
C GLU B 134 -31.96 64.44 -33.51
N PHE B 135 -30.96 64.74 -32.68
CA PHE B 135 -29.57 64.64 -33.11
C PHE B 135 -29.15 63.18 -33.25
N THR B 136 -28.40 62.88 -34.31
CA THR B 136 -27.95 61.51 -34.57
C THR B 136 -26.55 61.28 -34.02
N TYR B 137 -26.37 61.55 -32.73
CA TYR B 137 -25.08 61.35 -32.08
C TYR B 137 -24.79 59.88 -31.83
N GLU B 138 -23.55 59.59 -31.45
CA GLU B 138 -23.16 58.23 -31.07
C GLU B 138 -23.71 57.91 -29.69
N ARG B 139 -24.67 56.99 -29.63
CA ARG B 139 -25.36 56.68 -28.40
C ARG B 139 -24.86 55.41 -27.74
N ARG B 140 -23.63 55.01 -28.07
CA ARG B 140 -23.00 53.85 -27.46
C ARG B 140 -21.81 54.28 -26.62
N ASP B 141 -21.89 54.04 -25.31
CA ASP B 141 -20.86 54.49 -24.37
C ASP B 141 -19.52 53.79 -24.57
N ALA B 142 -19.54 52.65 -25.27
CA ALA B 142 -18.32 51.90 -25.54
C ALA B 142 -17.41 52.64 -26.51
N SER B 143 -18.01 53.40 -27.42
CA SER B 143 -17.26 54.17 -28.41
C SER B 143 -16.71 55.45 -27.80
N THR B 144 -15.67 56.00 -28.43
CA THR B 144 -15.01 57.21 -27.95
C THR B 144 -15.79 58.47 -28.36
N ALA B 145 -16.70 58.32 -29.31
CA ALA B 145 -17.49 59.44 -29.80
C ALA B 145 -18.84 59.52 -29.10
N TYR B 146 -18.95 58.85 -27.96
CA TYR B 146 -20.22 58.78 -27.24
C TYR B 146 -20.67 60.13 -26.69
N ILE B 147 -21.91 60.49 -27.01
CA ILE B 147 -22.52 61.69 -26.47
C ILE B 147 -23.90 61.36 -25.89
N PRO B 148 -24.04 61.47 -24.57
CA PRO B 148 -25.33 61.18 -23.91
C PRO B 148 -26.41 62.18 -24.29
N GLU B 149 -27.66 61.74 -24.24
CA GLU B 149 -28.79 62.59 -24.60
C GLU B 149 -28.92 63.78 -23.65
N GLY B 150 -29.32 64.92 -24.20
CA GLY B 150 -29.45 66.13 -23.42
C GLY B 150 -28.25 67.04 -23.55
N GLU B 151 -27.12 66.47 -23.94
CA GLU B 151 -25.89 67.24 -24.10
C GLU B 151 -25.68 67.67 -25.55
N GLY B 152 -24.87 68.69 -25.75
CA GLY B 152 -24.58 69.19 -27.08
C GLY B 152 -25.41 70.40 -27.44
N ARG B 153 -24.83 71.29 -28.24
CA ARG B 153 -25.53 72.50 -28.69
C ARG B 153 -26.02 72.33 -30.13
N TYR B 154 -25.09 72.35 -31.07
CA TYR B 154 -25.41 72.17 -32.48
C TYR B 154 -24.95 70.80 -32.98
N TYR B 155 -25.53 70.35 -34.09
CA TYR B 155 -25.06 69.13 -34.74
C TYR B 155 -24.11 69.50 -35.87
N TYR B 156 -22.81 69.43 -35.59
CA TYR B 156 -21.78 69.81 -36.55
C TYR B 156 -21.59 68.75 -37.62
N ALA B 157 -21.40 69.20 -38.86
CA ALA B 157 -21.15 68.29 -39.98
C ALA B 157 -19.66 68.19 -40.26
N GLY B 158 -19.24 67.08 -40.87
CA GLY B 158 -17.84 66.85 -41.16
C GLY B 158 -17.45 67.33 -42.54
N GLY B 159 -18.40 67.91 -43.28
CA GLY B 159 -18.15 68.39 -44.62
C GLY B 159 -17.26 69.61 -44.65
N LEU B 160 -17.28 70.39 -43.57
CA LEU B 160 -16.48 71.60 -43.48
C LEU B 160 -16.00 71.84 -42.05
N SER B 161 -14.68 71.83 -41.87
CA SER B 161 -14.09 72.09 -40.57
C SER B 161 -12.75 72.78 -40.73
N GLY B 162 -12.41 73.65 -39.77
CA GLY B 162 -11.18 74.41 -39.85
C GLY B 162 -10.73 75.06 -38.55
N GLY B 163 -10.03 76.18 -38.69
CA GLY B 163 -9.44 76.87 -37.56
C GLY B 163 -7.96 77.10 -37.80
N CYS B 164 -7.27 77.65 -36.81
CA CYS B 164 -5.83 77.85 -36.91
C CYS B 164 -5.11 76.51 -36.97
N THR B 165 -3.93 76.49 -37.59
CA THR B 165 -3.19 75.26 -37.83
C THR B 165 -2.85 74.52 -36.53
N LYS B 166 -2.46 75.27 -35.50
CA LYS B 166 -2.04 74.68 -34.24
C LYS B 166 -3.16 73.91 -33.55
N ALA B 167 -4.36 74.48 -33.54
CA ALA B 167 -5.49 73.86 -32.87
C ALA B 167 -6.15 72.79 -33.73
N TYR B 168 -6.07 72.95 -35.05
CA TYR B 168 -6.70 72.00 -35.96
C TYR B 168 -5.89 70.71 -36.06
N LEU B 169 -4.58 70.82 -35.93
CA LEU B 169 -3.71 69.64 -35.96
C LEU B 169 -3.89 68.79 -34.72
N LYS B 170 -4.17 69.43 -33.59
CA LYS B 170 -4.44 68.72 -32.35
C LYS B 170 -5.78 68.01 -32.44
N LEU B 171 -6.70 68.63 -33.18
CA LEU B 171 -8.01 68.03 -33.43
C LEU B 171 -7.88 66.74 -34.21
N CYS B 172 -7.03 66.76 -35.23
CA CYS B 172 -6.81 65.60 -36.08
C CYS B 172 -6.14 64.46 -35.32
N THR B 173 -5.14 64.80 -34.51
CA THR B 173 -4.41 63.80 -33.73
C THR B 173 -5.30 63.17 -32.66
N THR B 174 -6.23 63.95 -32.12
CA THR B 174 -7.14 63.47 -31.08
C THR B 174 -8.13 62.46 -31.64
N ILE B 175 -8.69 62.77 -32.80
CA ILE B 175 -9.66 61.89 -33.45
C ILE B 175 -9.00 60.60 -33.93
N CYS B 176 -7.78 60.73 -34.44
CA CYS B 176 -7.01 59.56 -34.90
C CYS B 176 -6.83 58.55 -33.78
N SER B 177 -6.63 59.05 -32.56
CA SER B 177 -6.50 58.18 -31.39
C SER B 177 -7.85 57.56 -31.06
N TRP B 178 -8.92 58.32 -31.29
CA TRP B 178 -10.27 57.85 -31.02
C TRP B 178 -10.69 56.76 -32.01
N VAL B 179 -10.18 56.84 -33.23
CA VAL B 179 -10.48 55.85 -34.26
C VAL B 179 -9.76 54.54 -33.97
N ASP B 180 -8.46 54.63 -33.66
CA ASP B 180 -7.65 53.45 -33.38
C ASP B 180 -8.07 52.79 -32.07
N ARG B 181 -8.57 53.58 -31.13
CA ARG B 181 -9.03 53.05 -29.85
C ARG B 181 -10.32 52.26 -30.05
N ASP B 182 -11.12 52.70 -31.01
CA ASP B 182 -12.36 52.01 -31.36
C ASP B 182 -12.08 50.77 -32.19
N ALA B 183 -11.01 50.82 -32.98
CA ALA B 183 -10.61 49.70 -33.82
C ALA B 183 -10.15 48.52 -32.96
N THR B 184 -9.50 48.83 -31.84
CA THR B 184 -9.03 47.80 -30.92
C THR B 184 -10.19 47.23 -30.11
N ASN B 185 -11.22 48.05 -29.90
CA ASN B 185 -12.39 47.63 -29.14
C ASN B 185 -13.45 46.98 -30.04
N HIS B 186 -13.08 46.77 -31.30
CA HIS B 186 -13.97 46.18 -32.30
C HIS B 186 -15.29 46.92 -32.42
N ILE B 187 -15.20 48.24 -32.51
CA ILE B 187 -16.39 49.08 -32.62
C ILE B 187 -16.17 50.22 -33.62
N ILE B 188 -17.20 50.50 -34.43
CA ILE B 188 -17.12 51.58 -35.39
C ILE B 188 -18.13 52.67 -35.05
N PRO B 189 -17.63 53.90 -34.80
CA PRO B 189 -18.49 55.04 -34.45
C PRO B 189 -19.41 55.43 -35.61
N ILE B 190 -20.63 55.84 -35.29
CA ILE B 190 -21.59 56.22 -36.31
C ILE B 190 -22.29 57.52 -35.91
N TRP B 191 -22.33 58.50 -36.82
CA TRP B 191 -21.71 58.40 -38.14
C TRP B 191 -20.26 58.87 -38.09
N HIS B 192 -19.34 57.95 -38.37
CA HIS B 192 -17.90 58.14 -38.21
C HIS B 192 -17.34 59.49 -38.65
N ASP B 193 -17.85 60.02 -39.75
CA ASP B 193 -17.32 61.26 -40.32
C ASP B 193 -17.77 62.50 -39.55
N GLN B 194 -18.95 62.42 -38.94
CA GLN B 194 -19.52 63.59 -38.28
C GLN B 194 -19.78 63.37 -36.79
N SER B 195 -19.83 62.12 -36.35
CA SER B 195 -20.04 61.83 -34.94
C SER B 195 -18.77 62.08 -34.14
N LEU B 196 -17.62 61.73 -34.71
CA LEU B 196 -16.33 61.92 -34.05
C LEU B 196 -16.02 63.41 -33.86
N ILE B 197 -16.43 64.24 -34.81
CA ILE B 197 -16.13 65.66 -34.75
C ILE B 197 -17.08 66.39 -33.81
N ASN B 198 -18.22 65.78 -33.53
CA ASN B 198 -19.18 66.34 -32.58
C ASN B 198 -18.76 66.08 -31.14
N LYS B 199 -18.09 64.95 -30.94
CA LYS B 199 -17.56 64.61 -29.62
C LYS B 199 -16.45 65.57 -29.24
N TYR B 200 -15.65 65.96 -30.23
CA TYR B 200 -14.56 66.90 -30.02
C TYR B 200 -15.10 68.32 -29.83
N PHE B 201 -16.16 68.64 -30.58
CA PHE B 201 -16.76 69.97 -30.51
C PHE B 201 -17.62 70.12 -29.25
N LEU B 202 -17.84 69.02 -28.54
CA LEU B 202 -18.54 69.06 -27.26
C LEU B 202 -17.52 69.35 -26.15
N ASP B 203 -16.37 68.69 -26.24
CA ASP B 203 -15.29 68.92 -25.29
C ASP B 203 -14.59 70.23 -25.59
N ASN B 204 -14.50 70.56 -26.87
CA ASN B 204 -13.87 71.80 -27.31
C ASN B 204 -14.74 72.56 -28.30
N PRO B 205 -15.70 73.35 -27.80
CA PRO B 205 -16.59 74.16 -28.64
C PRO B 205 -15.81 75.13 -29.52
N PRO B 206 -16.12 75.16 -30.83
CA PRO B 206 -15.42 76.01 -31.79
C PRO B 206 -15.59 77.50 -31.50
N ALA B 207 -14.60 78.29 -31.90
CA ALA B 207 -14.64 79.74 -31.70
C ALA B 207 -15.80 80.36 -32.47
N ILE B 208 -15.96 79.94 -33.73
CA ILE B 208 -17.05 80.40 -34.55
C ILE B 208 -17.76 79.22 -35.21
N THR B 209 -19.09 79.25 -35.20
CA THR B 209 -19.88 78.19 -35.81
C THR B 209 -20.58 78.69 -37.07
N LEU B 210 -20.23 78.11 -38.21
CA LEU B 210 -20.79 78.54 -39.48
C LEU B 210 -22.18 77.93 -39.70
N SER B 211 -23.08 78.76 -40.23
CA SER B 211 -24.42 78.31 -40.59
C SER B 211 -24.35 77.30 -41.72
N PRO B 212 -25.40 76.48 -41.88
CA PRO B 212 -25.43 75.48 -42.96
C PRO B 212 -25.43 76.09 -44.37
N ALA B 213 -25.31 77.41 -44.46
CA ALA B 213 -25.20 78.09 -45.75
C ALA B 213 -23.88 77.75 -46.42
N TYR B 214 -22.90 77.36 -45.62
CA TYR B 214 -21.58 76.98 -46.11
C TYR B 214 -21.54 75.48 -46.41
N LEU B 215 -22.67 74.82 -46.21
CA LEU B 215 -22.85 73.42 -46.58
C LEU B 215 -24.25 73.20 -47.13
N TYR B 216 -24.68 74.12 -48.00
CA TYR B 216 -26.01 74.07 -48.59
C TYR B 216 -26.06 73.06 -49.72
N PRO B 217 -26.89 72.01 -49.56
CA PRO B 217 -27.09 70.99 -50.60
C PRO B 217 -27.85 71.54 -51.81
N GLU B 218 -27.39 71.19 -53.01
CA GLU B 218 -28.03 71.66 -54.23
C GLU B 218 -29.41 71.04 -54.42
N GLY B 219 -30.42 71.89 -54.62
CA GLY B 219 -31.77 71.42 -54.84
C GLY B 219 -32.69 71.67 -53.65
N TRP B 220 -32.10 71.86 -52.48
CA TRP B 220 -32.87 72.08 -51.26
C TRP B 220 -33.41 73.50 -51.19
N LEU B 221 -34.34 73.72 -50.26
CA LEU B 221 -34.87 75.06 -50.00
C LEU B 221 -34.77 75.37 -48.51
N LEU B 222 -33.62 75.91 -48.12
CA LEU B 222 -33.30 76.16 -46.72
C LEU B 222 -33.43 77.65 -46.40
N PRO B 223 -33.74 77.97 -45.12
CA PRO B 223 -33.99 79.36 -44.71
C PRO B 223 -32.73 80.23 -44.67
N PHE B 224 -31.92 80.20 -45.72
CA PHE B 224 -30.76 81.06 -45.85
C PHE B 224 -30.19 81.03 -47.27
N GLU B 225 -29.42 82.06 -47.62
CA GLU B 225 -28.81 82.15 -48.94
C GLU B 225 -27.56 81.29 -49.03
N PRO B 226 -27.46 80.46 -50.07
CA PRO B 226 -26.33 79.54 -50.27
C PRO B 226 -25.01 80.25 -50.53
N ILE B 227 -24.05 80.06 -49.64
CA ILE B 227 -22.71 80.61 -49.83
C ILE B 227 -21.81 79.55 -50.45
N ILE B 228 -21.84 78.35 -49.89
CA ILE B 228 -21.11 77.22 -50.44
C ILE B 228 -22.09 76.10 -50.78
N LEU B 229 -22.10 75.69 -52.05
CA LEU B 229 -23.09 74.73 -52.53
C LEU B 229 -22.55 73.30 -52.57
N ILE B 230 -23.31 72.37 -52.01
CA ILE B 230 -22.99 70.95 -52.11
C ILE B 230 -23.60 70.38 -53.38
N ARG B 231 -22.77 70.24 -54.41
CA ARG B 231 -23.23 69.79 -55.72
C ARG B 231 -23.74 68.36 -55.70
N ASP B 232 -24.77 68.09 -56.50
CA ASP B 232 -25.36 66.76 -56.59
C ASP B 232 -24.40 65.80 -57.28
N LYS B 233 -24.12 64.68 -56.62
CA LYS B 233 -23.18 63.70 -57.12
C LYS B 233 -23.76 62.88 -58.26
N ASN B 234 -25.09 62.88 -58.39
CA ASN B 234 -25.76 62.07 -59.40
C ASN B 234 -26.24 62.89 -60.59
N LYS B 235 -25.41 63.83 -61.02
CA LYS B 235 -25.72 64.62 -62.22
C LYS B 235 -25.03 64.04 -63.44
N PRO B 236 -25.69 64.11 -64.61
CA PRO B 236 -25.17 63.53 -65.86
C PRO B 236 -23.79 64.05 -66.25
N GLN B 237 -23.49 65.29 -65.87
CA GLN B 237 -22.19 65.87 -66.15
C GLN B 237 -21.09 65.23 -65.31
N TYR B 238 -21.49 64.66 -64.17
CA TYR B 238 -20.55 64.02 -63.26
C TYR B 238 -20.66 62.50 -63.33
N SER C 1 0.24 -101.43 48.28
CA SER C 1 0.50 -100.00 48.16
C SER C 1 1.13 -99.45 49.43
N HIS C 2 2.01 -100.22 50.06
CA HIS C 2 2.63 -99.79 51.29
C HIS C 2 4.07 -100.28 51.41
N MET C 3 5.00 -99.34 51.34
CA MET C 3 6.42 -99.63 51.51
C MET C 3 6.91 -99.14 52.87
N ARG C 4 7.44 -100.07 53.65
CA ARG C 4 7.92 -99.75 55.00
C ARG C 4 9.43 -99.60 55.02
N ILE C 5 9.91 -98.43 55.43
CA ILE C 5 11.34 -98.16 55.50
C ILE C 5 11.82 -98.08 56.95
N GLY C 6 12.74 -98.97 57.30
CA GLY C 6 13.28 -99.00 58.65
C GLY C 6 14.67 -98.39 58.73
N ILE C 7 14.85 -97.45 59.65
CA ILE C 7 16.14 -96.79 59.83
C ILE C 7 16.76 -97.15 61.17
N LEU C 8 17.95 -97.74 61.12
CA LEU C 8 18.67 -98.13 62.34
C LEU C 8 19.46 -96.95 62.88
N TYR C 9 19.32 -96.69 64.18
CA TYR C 9 19.93 -95.52 64.79
C TYR C 9 20.43 -95.83 66.20
N ILE C 10 21.72 -95.58 66.45
CA ILE C 10 22.30 -95.81 67.77
C ILE C 10 22.86 -94.52 68.35
N CYS C 11 22.40 -94.16 69.54
CA CYS C 11 22.84 -92.94 70.20
C CYS C 11 22.97 -93.13 71.72
N THR C 12 23.90 -93.98 72.11
CA THR C 12 24.13 -94.26 73.53
C THR C 12 24.99 -93.18 74.18
N GLY C 13 24.64 -92.81 75.41
CA GLY C 13 25.41 -91.82 76.15
C GLY C 13 24.99 -90.40 75.84
N LYS C 14 25.95 -89.60 75.39
CA LYS C 14 25.70 -88.19 75.10
C LYS C 14 25.38 -87.94 73.63
N TYR C 15 25.24 -89.03 72.87
CA TYR C 15 24.95 -88.92 71.44
C TYR C 15 23.45 -88.80 71.18
N ASP C 16 22.67 -88.73 72.25
CA ASP C 16 21.22 -88.61 72.14
C ASP C 16 20.81 -87.19 71.74
N ILE C 17 21.73 -86.24 71.90
CA ILE C 17 21.48 -84.86 71.53
C ILE C 17 21.32 -84.73 70.02
N PHE C 18 21.99 -85.61 69.29
CA PHE C 18 21.96 -85.59 67.83
C PHE C 18 20.64 -86.08 67.26
N TRP C 19 19.82 -86.70 68.10
CA TRP C 19 18.57 -87.31 67.66
C TRP C 19 17.53 -86.30 67.18
N LYS C 20 17.45 -85.16 67.87
CA LYS C 20 16.42 -84.17 67.60
C LYS C 20 16.45 -83.65 66.16
N ASP C 21 17.56 -83.00 65.80
CA ASP C 21 17.67 -82.38 64.48
C ASP C 21 17.79 -83.42 63.36
N PHE C 22 18.26 -84.61 63.70
CA PHE C 22 18.36 -85.70 62.73
C PHE C 22 16.98 -86.24 62.38
N TYR C 23 16.11 -86.33 63.38
CA TYR C 23 14.76 -86.83 63.19
C TYR C 23 13.89 -85.81 62.46
N LEU C 24 14.08 -84.54 62.78
CA LEU C 24 13.33 -83.46 62.14
C LEU C 24 13.66 -83.36 60.66
N SER C 25 14.94 -83.55 60.32
CA SER C 25 15.38 -83.48 58.94
C SER C 25 14.95 -84.71 58.14
N ALA C 26 14.85 -85.84 58.82
CA ALA C 26 14.46 -87.09 58.18
C ALA C 26 12.97 -87.11 57.86
N GLU C 27 12.19 -86.32 58.60
CA GLU C 27 10.74 -86.29 58.42
C GLU C 27 10.31 -85.30 57.34
N ARG C 28 11.27 -84.60 56.75
CA ARG C 28 10.95 -83.62 55.71
C ARG C 28 11.84 -83.77 54.48
N TYR C 29 12.83 -84.65 54.56
CA TYR C 29 13.72 -84.89 53.43
C TYR C 29 13.78 -86.37 53.06
N PHE C 30 13.92 -87.22 54.07
CA PHE C 30 14.15 -88.65 53.84
C PHE C 30 12.86 -89.42 53.60
N MET C 31 12.72 -89.96 52.39
CA MET C 31 11.57 -90.77 52.00
C MET C 31 10.24 -90.07 52.29
N GLN C 32 9.95 -89.02 51.53
CA GLN C 32 8.75 -88.23 51.77
C GLN C 32 7.68 -88.43 50.70
N ASP C 33 7.73 -89.57 50.01
CA ASP C 33 6.66 -89.95 49.10
C ASP C 33 5.52 -90.55 49.92
N GLN C 34 4.30 -90.48 49.39
CA GLN C 34 3.13 -91.03 50.07
C GLN C 34 3.17 -92.57 50.05
N SER C 35 4.10 -93.12 49.29
CA SER C 35 4.23 -94.58 49.19
C SER C 35 5.23 -95.12 50.20
N PHE C 36 5.71 -94.25 51.09
CA PHE C 36 6.74 -94.64 52.05
C PHE C 36 6.30 -94.48 53.51
N ILE C 37 6.60 -95.50 54.32
CA ILE C 37 6.35 -95.45 55.75
C ILE C 37 7.67 -95.61 56.50
N ILE C 38 8.08 -94.56 57.20
CA ILE C 38 9.37 -94.56 57.88
C ILE C 38 9.25 -95.05 59.31
N GLU C 39 10.05 -96.07 59.65
CA GLU C 39 10.07 -96.64 61.00
C GLU C 39 11.43 -96.44 61.64
N TYR C 40 11.46 -95.73 62.77
CA TYR C 40 12.71 -95.42 63.45
C TYR C 40 13.05 -96.44 64.53
N TYR C 41 14.23 -97.05 64.43
CA TYR C 41 14.70 -97.99 65.43
C TYR C 41 15.89 -97.41 66.19
N VAL C 42 15.60 -96.75 67.30
CA VAL C 42 16.63 -96.05 68.07
C VAL C 42 17.16 -96.92 69.22
N PHE C 43 18.48 -97.11 69.25
CA PHE C 43 19.14 -97.85 70.32
C PHE C 43 19.85 -96.89 71.26
N THR C 44 19.23 -96.59 72.39
CA THR C 44 19.80 -95.66 73.35
C THR C 44 19.50 -96.04 74.79
N ASP C 45 20.12 -95.33 75.73
CA ASP C 45 19.90 -95.57 77.15
C ASP C 45 19.03 -94.49 77.78
N SER C 46 18.80 -93.42 77.03
CA SER C 46 17.97 -92.32 77.49
C SER C 46 16.51 -92.78 77.64
N PRO C 47 15.88 -92.42 78.77
CA PRO C 47 14.51 -92.85 79.07
C PRO C 47 13.47 -92.26 78.12
N LYS C 48 13.74 -91.10 77.56
CA LYS C 48 12.80 -90.45 76.66
C LYS C 48 13.48 -89.89 75.41
N LEU C 49 12.76 -89.94 74.30
CA LEU C 49 13.26 -89.40 73.04
C LEU C 49 12.42 -88.22 72.58
N TYR C 50 12.91 -87.50 71.58
CA TYR C 50 12.20 -86.36 71.03
C TYR C 50 11.05 -86.82 70.15
N ASP C 51 9.88 -86.21 70.35
CA ASP C 51 8.68 -86.50 69.56
C ASP C 51 8.29 -87.98 69.67
N GLU C 52 8.69 -88.62 70.76
CA GLU C 52 8.40 -90.03 70.98
C GLU C 52 6.98 -90.23 71.48
N GLU C 53 6.53 -89.32 72.35
CA GLU C 53 5.20 -89.38 72.91
C GLU C 53 4.15 -88.91 71.91
N ASN C 54 4.61 -88.50 70.73
CA ASN C 54 3.72 -88.03 69.67
C ASN C 54 3.68 -89.00 68.50
N ASN C 55 4.84 -89.54 68.15
CA ASN C 55 4.95 -90.44 67.02
C ASN C 55 5.02 -91.90 67.45
N LYS C 56 4.36 -92.77 66.69
CA LYS C 56 4.31 -94.20 67.02
C LYS C 56 5.31 -95.00 66.20
N HIS C 57 5.96 -94.35 65.25
CA HIS C 57 6.96 -95.00 64.41
C HIS C 57 8.33 -95.01 65.08
N ILE C 58 8.48 -94.18 66.10
CA ILE C 58 9.74 -94.12 66.85
C ILE C 58 9.81 -95.26 67.86
N HIS C 59 10.63 -96.26 67.55
CA HIS C 59 10.80 -97.41 68.44
C HIS C 59 12.09 -97.30 69.25
N ARG C 60 11.96 -97.03 70.54
CA ARG C 60 13.13 -96.92 71.40
C ARG C 60 13.51 -98.30 71.97
N ILE C 61 14.63 -98.82 71.51
CA ILE C 61 15.14 -100.10 72.01
C ILE C 61 16.19 -99.84 73.08
N LYS C 62 16.00 -100.46 74.25
CA LYS C 62 16.91 -100.27 75.37
C LYS C 62 18.31 -100.80 75.05
N GLN C 63 19.31 -99.97 75.31
CA GLN C 63 20.70 -100.36 75.05
C GLN C 63 21.65 -99.48 75.87
N LYS C 64 22.30 -100.09 76.86
CA LYS C 64 23.22 -99.37 77.73
C LYS C 64 24.49 -98.97 77.00
N ASN C 65 25.26 -98.08 77.62
CA ASN C 65 26.51 -97.61 77.03
C ASN C 65 27.63 -98.65 77.20
N LEU C 66 28.03 -99.26 76.10
CA LEU C 66 29.07 -100.28 76.13
C LEU C 66 30.47 -99.66 76.07
N GLY C 67 30.54 -98.37 75.77
CA GLY C 67 31.80 -97.68 75.66
C GLY C 67 32.58 -98.14 74.44
N TRP C 68 33.89 -97.90 74.45
CA TRP C 68 34.74 -98.29 73.33
C TRP C 68 35.44 -99.62 73.62
N PRO C 69 35.62 -100.46 72.60
CA PRO C 69 35.18 -100.24 71.22
C PRO C 69 33.87 -100.93 70.86
N ASP C 70 33.17 -101.46 71.87
CA ASP C 70 31.97 -102.26 71.62
C ASP C 70 30.80 -101.46 71.05
N ASN C 71 30.87 -100.13 71.13
CA ASN C 71 29.80 -99.30 70.59
C ASN C 71 29.79 -99.29 69.07
N THR C 72 30.95 -99.53 68.46
CA THR C 72 31.06 -99.54 67.01
C THR C 72 31.42 -100.93 66.50
N LEU C 73 32.12 -101.70 67.32
CA LEU C 73 32.53 -103.06 66.95
C LEU C 73 31.33 -104.01 66.95
N LYS C 74 30.62 -104.07 68.06
CA LYS C 74 29.45 -104.94 68.18
C LYS C 74 28.18 -104.20 67.78
N ARG C 75 28.29 -103.37 66.75
CA ARG C 75 27.15 -102.61 66.24
C ARG C 75 26.10 -103.53 65.62
N PHE C 76 26.56 -104.52 64.86
CA PHE C 76 25.66 -105.45 64.18
C PHE C 76 25.09 -106.49 65.14
N HIS C 77 25.70 -106.59 66.32
CA HIS C 77 25.21 -107.50 67.34
C HIS C 77 23.93 -106.96 67.96
N ILE C 78 23.82 -105.64 68.00
CA ILE C 78 22.65 -104.98 68.59
C ILE C 78 21.46 -105.04 67.65
N PHE C 79 21.73 -104.99 66.34
CA PHE C 79 20.69 -105.02 65.33
C PHE C 79 20.00 -106.38 65.25
N LEU C 80 20.71 -107.43 65.66
CA LEU C 80 20.19 -108.79 65.57
C LEU C 80 19.38 -109.20 66.80
N ARG C 81 19.26 -108.29 67.76
CA ARG C 81 18.49 -108.57 68.97
C ARG C 81 16.99 -108.42 68.70
N ILE C 82 16.66 -107.74 67.60
CA ILE C 82 15.28 -107.56 67.20
C ILE C 82 15.08 -107.91 65.73
N LYS C 83 15.82 -108.92 65.27
CA LYS C 83 15.78 -109.35 63.88
C LYS C 83 14.37 -109.77 63.47
N GLU C 84 13.64 -110.39 64.39
CA GLU C 84 12.29 -110.84 64.14
C GLU C 84 11.35 -109.64 63.97
N GLN C 85 11.63 -108.57 64.71
CA GLN C 85 10.82 -107.36 64.65
C GLN C 85 11.07 -106.58 63.37
N LEU C 86 12.23 -106.81 62.75
CA LEU C 86 12.61 -106.11 61.53
C LEU C 86 12.06 -106.77 60.28
N GLU C 87 11.89 -108.09 60.35
CA GLU C 87 11.43 -108.86 59.20
C GLU C 87 9.94 -108.67 58.93
N ARG C 88 9.20 -108.26 59.94
CA ARG C 88 7.75 -108.12 59.81
C ARG C 88 7.29 -106.67 59.75
N GLU C 89 8.22 -105.74 59.98
CA GLU C 89 7.88 -104.33 60.02
C GLU C 89 8.62 -103.51 58.97
N THR C 90 9.63 -104.09 58.35
CA THR C 90 10.45 -103.37 57.38
C THR C 90 10.60 -104.12 56.06
N ASP C 91 10.74 -103.35 54.98
CA ASP C 91 11.05 -103.90 53.67
C ASP C 91 12.46 -103.51 53.26
N TYR C 92 12.92 -102.39 53.82
CA TYR C 92 14.29 -101.91 53.61
C TYR C 92 14.91 -101.52 54.95
N LEU C 93 16.22 -101.66 55.04
CA LEU C 93 16.96 -101.27 56.24
C LEU C 93 18.08 -100.30 55.90
N PHE C 94 18.28 -99.31 56.76
CA PHE C 94 19.32 -98.31 56.56
C PHE C 94 19.93 -97.88 57.88
N PHE C 95 21.25 -97.86 57.95
CA PHE C 95 21.95 -97.40 59.15
C PHE C 95 22.54 -96.01 58.94
N PHE C 96 22.28 -95.11 59.88
CA PHE C 96 22.83 -93.76 59.83
C PHE C 96 23.56 -93.42 61.12
N ASN C 97 24.66 -92.68 61.00
CA ASN C 97 25.39 -92.22 62.16
C ASN C 97 24.58 -91.20 62.95
N ALA C 98 24.96 -90.99 64.20
CA ALA C 98 24.23 -90.07 65.07
C ALA C 98 24.36 -88.64 64.59
N ASN C 99 25.59 -88.22 64.31
CA ASN C 99 25.86 -86.84 63.90
C ASN C 99 25.57 -86.57 62.43
N LEU C 100 24.67 -87.34 61.84
CA LEU C 100 24.26 -87.11 60.46
C LEU C 100 23.11 -86.11 60.41
N LEU C 101 22.91 -85.52 59.24
CA LEU C 101 21.87 -84.50 59.05
C LEU C 101 21.48 -84.40 57.58
N PHE C 102 20.17 -84.36 57.32
CA PHE C 102 19.66 -84.25 55.97
C PHE C 102 19.55 -82.79 55.52
N THR C 103 20.04 -82.50 54.33
CA THR C 103 20.00 -81.14 53.79
C THR C 103 19.27 -81.11 52.46
N SER C 104 19.21 -82.25 51.78
CA SER C 104 18.55 -82.35 50.48
C SER C 104 17.52 -83.48 50.47
N PRO C 105 16.39 -83.27 49.79
CA PRO C 105 15.33 -84.27 49.66
C PRO C 105 15.82 -85.57 49.04
N ILE C 106 15.62 -86.68 49.75
CA ILE C 106 16.07 -87.98 49.27
C ILE C 106 14.87 -88.89 48.99
N GLY C 107 14.80 -89.41 47.76
CA GLY C 107 13.69 -90.25 47.35
C GLY C 107 14.06 -91.71 47.17
N LYS C 108 13.56 -92.31 46.10
CA LYS C 108 13.77 -93.72 45.84
C LYS C 108 15.03 -93.99 45.02
N GLU C 109 15.85 -92.96 44.83
CA GLU C 109 17.07 -93.10 44.05
C GLU C 109 18.14 -93.87 44.81
N ILE C 110 17.98 -93.98 46.13
CA ILE C 110 18.92 -94.70 46.96
C ILE C 110 18.42 -96.12 47.25
N LEU C 111 17.26 -96.46 46.73
CA LEU C 111 16.68 -97.78 46.92
C LEU C 111 17.25 -98.78 45.92
N PRO C 112 17.92 -99.82 46.43
CA PRO C 112 18.49 -100.89 45.61
C PRO C 112 17.40 -101.64 44.82
N PRO C 113 17.63 -101.87 43.52
CA PRO C 113 16.67 -102.55 42.64
C PRO C 113 16.27 -103.93 43.14
N SER C 114 15.06 -104.37 42.80
CA SER C 114 14.56 -105.67 43.24
C SER C 114 15.26 -106.81 42.50
N ASP C 115 15.90 -106.48 41.38
CA ASP C 115 16.60 -107.47 40.58
C ASP C 115 17.96 -107.80 41.18
N SER C 116 18.68 -106.77 41.60
CA SER C 116 20.03 -106.94 42.12
C SER C 116 20.03 -107.56 43.52
N ASN C 117 21.20 -107.66 44.12
CA ASN C 117 21.36 -108.29 45.43
C ASN C 117 20.77 -107.44 46.56
N GLY C 118 20.53 -106.16 46.27
CA GLY C 118 19.89 -105.28 47.23
C GLY C 118 20.81 -104.81 48.35
N LEU C 119 21.94 -104.21 47.99
CA LEU C 119 22.87 -103.67 48.97
C LEU C 119 23.18 -102.20 48.69
N LEU C 120 23.57 -101.48 49.74
CA LEU C 120 23.92 -100.07 49.62
C LEU C 120 25.22 -99.76 50.36
N GLY C 121 26.12 -99.06 49.67
CA GLY C 121 27.38 -98.66 50.27
C GLY C 121 27.72 -97.21 49.97
N THR C 122 28.39 -96.55 50.91
CA THR C 122 28.77 -95.16 50.74
C THR C 122 30.29 -94.99 50.81
N MET C 123 30.85 -94.31 49.81
CA MET C 123 32.28 -94.09 49.75
C MET C 123 32.75 -93.14 50.84
N HIS C 124 33.92 -93.44 51.43
CA HIS C 124 34.48 -92.60 52.47
C HIS C 124 34.99 -91.29 51.87
N PRO C 125 34.64 -90.16 52.48
CA PRO C 125 34.99 -88.83 51.97
C PRO C 125 36.49 -88.55 51.99
N GLY C 126 37.21 -89.25 52.86
CA GLY C 126 38.65 -89.09 52.96
C GLY C 126 39.42 -89.93 51.96
N PHE C 127 38.72 -90.81 51.26
CA PHE C 127 39.34 -91.69 50.27
C PHE C 127 38.54 -91.73 48.98
N TYR C 128 38.37 -90.56 48.35
CA TYR C 128 37.61 -90.46 47.11
C TYR C 128 38.54 -90.53 45.89
N ASN C 129 39.27 -89.45 45.66
CA ASN C 129 40.17 -89.36 44.50
C ASN C 129 41.53 -90.00 44.77
N LYS C 130 41.61 -90.83 45.80
CA LYS C 130 42.85 -91.49 46.16
C LYS C 130 42.93 -92.89 45.56
N PRO C 131 44.14 -93.29 45.11
CA PRO C 131 44.35 -94.60 44.49
C PRO C 131 44.20 -95.76 45.46
N ASN C 132 44.24 -96.99 44.94
CA ASN C 132 44.07 -98.18 45.74
C ASN C 132 45.25 -98.43 46.67
N SER C 133 46.42 -97.95 46.26
CA SER C 133 47.64 -98.16 47.03
C SER C 133 47.66 -97.36 48.33
N GLU C 134 46.70 -96.45 48.49
CA GLU C 134 46.62 -95.63 49.69
C GLU C 134 45.38 -95.96 50.51
N PHE C 135 44.63 -96.97 50.07
CA PHE C 135 43.48 -97.45 50.83
C PHE C 135 43.94 -98.21 52.06
N THR C 136 43.20 -98.08 53.16
CA THR C 136 43.60 -98.70 54.42
C THR C 136 42.70 -99.86 54.81
N TYR C 137 42.73 -100.92 54.01
CA TYR C 137 42.00 -102.14 54.33
C TYR C 137 42.75 -102.91 55.42
N GLU C 138 42.09 -103.93 55.97
CA GLU C 138 42.73 -104.78 56.97
C GLU C 138 43.77 -105.66 56.28
N ARG C 139 45.03 -105.27 56.37
CA ARG C 139 46.10 -105.92 55.64
C ARG C 139 46.71 -107.08 56.43
N ARG C 140 45.90 -107.66 57.31
CA ARG C 140 46.33 -108.80 58.11
C ARG C 140 45.56 -110.06 57.71
N ASP C 141 46.29 -111.04 57.19
CA ASP C 141 45.69 -112.27 56.67
C ASP C 141 45.06 -113.12 57.78
N ALA C 142 45.42 -112.82 59.03
CA ALA C 142 44.89 -113.56 60.17
C ALA C 142 43.47 -113.11 60.50
N SER C 143 43.10 -111.93 60.04
CA SER C 143 41.77 -111.39 60.28
C SER C 143 40.79 -111.80 59.19
N THR C 144 39.51 -111.86 59.54
CA THR C 144 38.46 -112.25 58.60
C THR C 144 38.13 -111.14 57.61
N ALA C 145 38.57 -109.92 57.93
CA ALA C 145 38.32 -108.78 57.06
C ALA C 145 39.54 -108.47 56.20
N TYR C 146 40.34 -109.49 55.94
CA TYR C 146 41.57 -109.32 55.19
C TYR C 146 41.35 -109.02 53.71
N ILE C 147 41.99 -107.95 53.24
CA ILE C 147 41.98 -107.62 51.81
C ILE C 147 43.41 -107.46 51.30
N PRO C 148 43.80 -108.29 50.34
CA PRO C 148 45.17 -108.28 49.80
C PRO C 148 45.51 -106.97 49.11
N GLU C 149 46.80 -106.68 48.98
CA GLU C 149 47.26 -105.44 48.37
C GLU C 149 46.92 -105.37 46.88
N GLY C 150 46.19 -104.33 46.50
CA GLY C 150 45.85 -104.11 45.11
C GLY C 150 44.38 -104.31 44.79
N GLU C 151 43.70 -105.11 45.61
CA GLU C 151 42.29 -105.42 45.36
C GLU C 151 41.37 -104.40 46.01
N GLY C 152 40.13 -104.37 45.54
CA GLY C 152 39.14 -103.43 46.05
C GLY C 152 38.87 -102.33 45.04
N ARG C 153 37.62 -101.86 45.00
CA ARG C 153 37.23 -100.80 44.08
C ARG C 153 37.16 -99.46 44.80
N TYR C 154 36.14 -99.32 45.66
CA TYR C 154 35.95 -98.09 46.42
C TYR C 154 36.18 -98.36 47.91
N TYR C 155 36.60 -97.33 48.64
CA TYR C 155 36.77 -97.44 50.08
C TYR C 155 35.49 -97.00 50.79
N TYR C 156 34.68 -97.97 51.21
CA TYR C 156 33.40 -97.66 51.83
C TYR C 156 33.54 -97.33 53.31
N ALA C 157 32.63 -96.51 53.81
CA ALA C 157 32.64 -96.11 55.21
C ALA C 157 31.48 -96.76 55.97
N GLY C 158 31.58 -96.77 57.29
CA GLY C 158 30.55 -97.36 58.13
C GLY C 158 29.51 -96.35 58.56
N GLY C 159 29.66 -95.11 58.11
CA GLY C 159 28.74 -94.05 58.46
C GLY C 159 27.35 -94.24 57.88
N LEU C 160 27.30 -94.77 56.65
CA LEU C 160 26.03 -95.00 55.97
C LEU C 160 26.06 -96.32 55.23
N SER C 161 25.16 -97.23 55.61
CA SER C 161 25.03 -98.52 54.93
C SER C 161 23.57 -98.98 54.98
N GLY C 162 23.15 -99.72 53.95
CA GLY C 162 21.78 -100.18 53.87
C GLY C 162 21.52 -101.23 52.82
N GLY C 163 20.29 -101.28 52.34
CA GLY C 163 19.87 -102.27 51.35
C GLY C 163 18.57 -102.93 51.74
N CYS C 164 18.21 -104.00 51.04
CA CYS C 164 17.01 -104.76 51.35
C CYS C 164 17.12 -105.39 52.74
N THR C 165 15.99 -105.51 53.43
CA THR C 165 15.97 -106.04 54.80
C THR C 165 16.58 -107.43 54.88
N LYS C 166 16.11 -108.33 54.02
CA LYS C 166 16.63 -109.69 53.98
C LYS C 166 18.11 -109.71 53.58
N ALA C 167 18.49 -108.77 52.71
CA ALA C 167 19.87 -108.68 52.25
C ALA C 167 20.76 -108.01 53.28
N TYR C 168 20.20 -107.07 54.04
CA TYR C 168 20.96 -106.35 55.06
C TYR C 168 21.10 -107.19 56.32
N LEU C 169 20.10 -108.01 56.61
CA LEU C 169 20.18 -108.93 57.73
C LEU C 169 21.15 -110.06 57.40
N LYS C 170 21.31 -110.34 56.12
CA LYS C 170 22.29 -111.31 55.66
C LYS C 170 23.68 -110.70 55.75
N LEU C 171 23.73 -109.38 55.67
CA LEU C 171 24.99 -108.64 55.73
C LEU C 171 25.55 -108.62 57.15
N CYS C 172 24.71 -108.23 58.11
CA CYS C 172 25.14 -108.06 59.49
C CYS C 172 25.48 -109.38 60.18
N THR C 173 24.74 -110.43 59.83
CA THR C 173 24.95 -111.75 60.43
C THR C 173 26.34 -112.29 60.12
N THR C 174 26.78 -112.14 58.88
CA THR C 174 28.09 -112.61 58.45
C THR C 174 29.20 -111.81 59.14
N ILE C 175 29.00 -110.49 59.24
CA ILE C 175 29.95 -109.63 59.91
C ILE C 175 29.97 -109.93 61.41
N CYS C 176 28.81 -110.25 61.96
CA CYS C 176 28.68 -110.58 63.37
C CYS C 176 29.50 -111.82 63.72
N SER C 177 29.62 -112.74 62.77
CA SER C 177 30.42 -113.94 62.95
C SER C 177 31.90 -113.62 62.75
N TRP C 178 32.18 -112.78 61.76
CA TRP C 178 33.56 -112.37 61.46
C TRP C 178 34.21 -111.67 62.65
N VAL C 179 33.41 -110.94 63.41
CA VAL C 179 33.90 -110.30 64.63
C VAL C 179 34.19 -111.33 65.71
N ASP C 180 33.29 -112.31 65.83
CA ASP C 180 33.42 -113.36 66.83
C ASP C 180 34.56 -114.31 66.51
N ARG C 181 34.84 -114.50 65.22
CA ARG C 181 35.94 -115.35 64.78
C ARG C 181 37.28 -114.74 65.19
N ASP C 182 37.39 -113.43 65.03
CA ASP C 182 38.61 -112.71 65.40
C ASP C 182 38.75 -112.61 66.91
N ALA C 183 37.63 -112.69 67.61
CA ALA C 183 37.63 -112.64 69.07
C ALA C 183 38.29 -113.91 69.64
N THR C 184 38.11 -115.02 68.95
CA THR C 184 38.71 -116.29 69.34
C THR C 184 40.20 -116.29 69.02
N ASN C 185 40.57 -115.58 67.96
CA ASN C 185 41.97 -115.47 67.56
C ASN C 185 42.65 -114.27 68.23
N HIS C 186 41.94 -113.64 69.15
CA HIS C 186 42.43 -112.47 69.87
C HIS C 186 42.85 -111.34 68.94
N ILE C 187 42.01 -111.04 67.96
CA ILE C 187 42.32 -110.01 66.98
C ILE C 187 41.19 -108.97 66.88
N ILE C 188 41.55 -107.71 66.87
CA ILE C 188 40.60 -106.63 66.62
C ILE C 188 40.91 -105.94 65.30
N PRO C 189 39.99 -106.08 64.32
CA PRO C 189 40.14 -105.47 63.00
C PRO C 189 40.17 -103.94 63.07
N ILE C 190 40.99 -103.32 62.22
CA ILE C 190 41.12 -101.87 62.20
C ILE C 190 40.98 -101.32 60.79
N TRP C 191 39.99 -100.44 60.59
CA TRP C 191 39.07 -100.05 61.65
C TRP C 191 37.76 -100.82 61.53
N HIS C 192 37.35 -101.45 62.63
CA HIS C 192 36.23 -102.39 62.65
C HIS C 192 34.93 -101.85 62.08
N ASP C 193 34.73 -100.54 62.14
CA ASP C 193 33.51 -99.93 61.64
C ASP C 193 33.46 -99.92 60.11
N GLN C 194 34.64 -99.83 59.49
CA GLN C 194 34.76 -99.77 58.04
C GLN C 194 35.54 -100.92 57.38
N SER C 195 36.38 -101.60 58.15
CA SER C 195 37.20 -102.68 57.61
C SER C 195 36.35 -103.91 57.27
N LEU C 196 35.33 -104.17 58.09
CA LEU C 196 34.46 -105.31 57.88
C LEU C 196 33.54 -105.09 56.69
N ILE C 197 33.01 -103.87 56.56
CA ILE C 197 32.05 -103.57 55.51
C ILE C 197 32.73 -103.48 54.14
N ASN C 198 34.05 -103.26 54.15
CA ASN C 198 34.81 -103.25 52.90
C ASN C 198 35.07 -104.67 52.41
N LYS C 199 35.31 -105.58 53.34
CA LYS C 199 35.54 -106.98 53.01
C LYS C 199 34.27 -107.62 52.47
N TYR C 200 33.14 -107.25 53.06
CA TYR C 200 31.85 -107.80 52.63
C TYR C 200 31.42 -107.20 51.30
N PHE C 201 31.74 -105.93 51.07
CA PHE C 201 31.41 -105.26 49.81
C PHE C 201 32.40 -105.65 48.73
N LEU C 202 33.46 -106.34 49.10
CA LEU C 202 34.41 -106.89 48.14
C LEU C 202 33.90 -108.25 47.66
N ASP C 203 33.42 -109.05 48.61
CA ASP C 203 32.83 -110.34 48.28
C ASP C 203 31.45 -110.14 47.67
N ASN C 204 30.72 -109.16 48.20
CA ASN C 204 29.39 -108.83 47.69
C ASN C 204 29.28 -107.36 47.32
N PRO C 205 29.67 -107.01 46.09
CA PRO C 205 29.61 -105.63 45.58
C PRO C 205 28.20 -105.05 45.69
N PRO C 206 28.08 -103.86 46.31
CA PRO C 206 26.78 -103.22 46.54
C PRO C 206 26.07 -102.86 45.24
N ALA C 207 24.75 -102.99 45.24
CA ALA C 207 23.94 -102.65 44.08
C ALA C 207 24.05 -101.15 43.76
N ILE C 208 23.98 -100.34 44.81
CA ILE C 208 24.11 -98.89 44.65
C ILE C 208 25.22 -98.35 45.53
N THR C 209 26.21 -97.73 44.90
CA THR C 209 27.31 -97.09 45.62
C THR C 209 27.09 -95.59 45.72
N LEU C 210 26.85 -95.11 46.95
CA LEU C 210 26.58 -93.70 47.16
C LEU C 210 27.86 -92.88 47.20
N SER C 211 27.81 -91.71 46.56
CA SER C 211 28.90 -90.74 46.62
C SER C 211 29.08 -90.26 48.07
N PRO C 212 30.30 -89.86 48.44
CA PRO C 212 30.55 -89.32 49.79
C PRO C 212 29.76 -88.05 50.09
N ALA C 213 28.93 -87.60 49.15
CA ALA C 213 28.03 -86.47 49.37
C ALA C 213 26.97 -86.83 50.39
N TYR C 214 26.67 -88.12 50.50
CA TYR C 214 25.72 -88.61 51.50
C TYR C 214 26.41 -88.87 52.82
N LEU C 215 27.68 -88.48 52.91
CA LEU C 215 28.45 -88.61 54.14
C LEU C 215 29.47 -87.47 54.20
N TYR C 216 29.00 -86.27 53.85
CA TYR C 216 29.84 -85.08 53.77
C TYR C 216 30.09 -84.50 55.16
N PRO C 217 31.36 -84.47 55.58
CA PRO C 217 31.75 -83.87 56.86
C PRO C 217 31.64 -82.35 56.86
N GLU C 218 31.05 -81.79 57.91
CA GLU C 218 30.87 -80.34 58.00
C GLU C 218 32.21 -79.62 58.14
N GLY C 219 32.42 -78.61 57.29
CA GLY C 219 33.64 -77.84 57.33
C GLY C 219 34.56 -78.14 56.16
N TRP C 220 34.45 -79.35 55.61
CA TRP C 220 35.28 -79.75 54.48
C TRP C 220 34.87 -79.04 53.20
N LEU C 221 35.75 -79.09 52.20
CA LEU C 221 35.43 -78.55 50.89
C LEU C 221 35.69 -79.61 49.83
N LEU C 222 34.70 -80.49 49.65
CA LEU C 222 34.84 -81.64 48.77
C LEU C 222 34.20 -81.40 47.40
N PRO C 223 34.69 -82.11 46.36
CA PRO C 223 34.19 -81.91 44.99
C PRO C 223 32.80 -82.47 44.72
N PHE C 224 31.84 -82.17 45.60
CA PHE C 224 30.44 -82.54 45.38
C PHE C 224 29.51 -81.81 46.33
N GLU C 225 28.23 -81.73 45.98
CA GLU C 225 27.23 -81.04 46.77
C GLU C 225 26.79 -81.88 47.97
N PRO C 226 26.84 -81.29 49.18
CA PRO C 226 26.46 -81.99 50.41
C PRO C 226 24.98 -82.35 50.47
N ILE C 227 24.68 -83.64 50.39
CA ILE C 227 23.30 -84.11 50.50
C ILE C 227 22.99 -84.47 51.95
N ILE C 228 23.89 -85.24 52.56
CA ILE C 228 23.79 -85.57 53.98
C ILE C 228 25.05 -85.09 54.70
N LEU C 229 24.87 -84.20 55.67
CA LEU C 229 25.99 -83.58 56.34
C LEU C 229 26.36 -84.28 57.64
N ILE C 230 27.67 -84.45 57.86
CA ILE C 230 28.17 -84.99 59.11
C ILE C 230 28.43 -83.85 60.09
N ARG C 231 27.51 -83.67 61.04
CA ARG C 231 27.62 -82.59 62.01
C ARG C 231 28.84 -82.76 62.92
N ASP C 232 29.58 -81.67 63.11
CA ASP C 232 30.75 -81.69 63.99
C ASP C 232 30.34 -81.88 65.43
N LYS C 233 30.95 -82.87 66.09
CA LYS C 233 30.57 -83.24 67.45
C LYS C 233 31.29 -82.41 68.51
N ASN C 234 32.11 -81.46 68.07
CA ASN C 234 32.83 -80.59 68.99
C ASN C 234 32.32 -79.15 68.94
N LYS C 235 31.02 -79.00 68.69
CA LYS C 235 30.39 -77.69 68.66
C LYS C 235 29.94 -77.28 70.07
N PRO C 236 29.94 -75.97 70.35
CA PRO C 236 29.54 -75.43 71.66
C PRO C 236 28.14 -75.89 72.07
N GLN C 237 27.27 -76.10 71.10
CA GLN C 237 25.91 -76.56 71.36
C GLN C 237 25.88 -78.06 71.63
N TYR C 238 26.89 -78.77 71.12
CA TYR C 238 26.97 -80.22 71.29
C TYR C 238 27.99 -80.58 72.37
N HIS D 2 -46.72 3.19 -10.99
CA HIS D 2 -46.18 4.21 -10.11
C HIS D 2 -44.82 3.81 -9.56
N MET D 3 -43.76 4.29 -10.22
CA MET D 3 -42.39 4.02 -9.80
C MET D 3 -42.08 4.61 -8.44
N ARG D 4 -41.35 3.84 -7.64
CA ARG D 4 -40.97 4.28 -6.30
C ARG D 4 -39.45 4.32 -6.14
N ILE D 5 -38.94 5.48 -5.76
CA ILE D 5 -37.51 5.68 -5.60
C ILE D 5 -37.13 6.00 -4.15
N GLY D 6 -36.25 5.20 -3.58
CA GLY D 6 -35.83 5.39 -2.20
C GLY D 6 -34.49 6.10 -2.10
N ILE D 7 -34.36 6.96 -1.09
CA ILE D 7 -33.11 7.69 -0.86
C ILE D 7 -32.46 7.29 0.46
N LEU D 8 -31.31 6.64 0.38
CA LEU D 8 -30.56 6.27 1.58
C LEU D 8 -29.78 7.46 2.10
N TYR D 9 -30.02 7.83 3.35
CA TYR D 9 -29.42 9.02 3.93
C TYR D 9 -28.95 8.79 5.36
N ILE D 10 -27.68 9.05 5.62
CA ILE D 10 -27.12 8.87 6.95
C ILE D 10 -26.58 10.19 7.50
N CYS D 11 -27.06 10.59 8.67
CA CYS D 11 -26.62 11.83 9.30
C CYS D 11 -26.58 11.69 10.82
N THR D 12 -25.60 10.94 11.31
CA THR D 12 -25.44 10.72 12.74
C THR D 12 -24.65 11.84 13.40
N GLY D 13 -25.05 12.23 14.60
CA GLY D 13 -24.36 13.25 15.35
C GLY D 13 -24.72 14.66 14.94
N LYS D 14 -23.74 15.41 14.46
CA LYS D 14 -23.94 16.81 14.10
C LYS D 14 -24.20 16.98 12.61
N TYR D 15 -24.38 15.86 11.91
CA TYR D 15 -24.62 15.87 10.48
C TYR D 15 -26.11 16.03 10.16
N ASP D 16 -26.92 16.16 11.20
CA ASP D 16 -28.37 16.31 11.04
C ASP D 16 -28.73 17.69 10.52
N ILE D 17 -27.79 18.63 10.61
CA ILE D 17 -28.01 19.98 10.13
C ILE D 17 -28.00 20.06 8.61
N PHE D 18 -27.43 19.03 7.97
CA PHE D 18 -27.35 18.97 6.53
C PHE D 18 -28.65 18.44 5.92
N TRP D 19 -29.53 17.92 6.78
CA TRP D 19 -30.75 17.26 6.33
C TRP D 19 -31.81 18.23 5.80
N LYS D 20 -31.89 19.41 6.41
CA LYS D 20 -32.93 20.39 6.06
C LYS D 20 -32.85 20.85 4.61
N ASP D 21 -31.72 21.47 4.26
CA ASP D 21 -31.55 22.02 2.92
C ASP D 21 -31.45 20.92 1.86
N PHE D 22 -30.99 19.74 2.27
CA PHE D 22 -30.91 18.60 1.36
C PHE D 22 -32.30 18.10 0.98
N TYR D 23 -33.18 18.04 1.97
CA TYR D 23 -34.54 17.55 1.76
C TYR D 23 -35.36 18.54 0.94
N LEU D 24 -35.22 19.82 1.25
CA LEU D 24 -35.98 20.87 0.55
C LEU D 24 -35.57 20.99 -0.91
N SER D 25 -34.29 20.76 -1.18
CA SER D 25 -33.78 20.83 -2.54
C SER D 25 -34.22 19.62 -3.35
N ALA D 26 -34.31 18.47 -2.68
CA ALA D 26 -34.73 17.24 -3.32
C ALA D 26 -36.22 17.26 -3.64
N GLU D 27 -36.99 18.02 -2.87
CA GLU D 27 -38.42 18.13 -3.07
C GLU D 27 -38.77 19.12 -4.18
N ARG D 28 -37.75 19.79 -4.73
CA ARG D 28 -37.98 20.77 -5.78
C ARG D 28 -37.28 20.36 -7.08
N TYR D 29 -36.19 19.61 -6.96
CA TYR D 29 -35.40 19.24 -8.12
C TYR D 29 -35.40 17.73 -8.38
N PHE D 30 -35.17 16.95 -7.33
CA PHE D 30 -34.98 15.50 -7.48
C PHE D 30 -36.30 14.76 -7.68
N MET D 31 -36.49 14.23 -8.89
CA MET D 31 -37.65 13.40 -9.22
C MET D 31 -38.99 14.09 -8.92
N GLN D 32 -39.34 15.08 -9.73
CA GLN D 32 -40.60 15.79 -9.52
C GLN D 32 -41.60 15.49 -10.63
N ASP D 33 -41.47 14.32 -11.22
CA ASP D 33 -42.42 13.85 -12.23
C ASP D 33 -43.61 13.20 -11.54
N GLN D 34 -44.73 13.08 -12.26
CA GLN D 34 -45.93 12.47 -11.71
C GLN D 34 -45.76 10.97 -11.51
N SER D 35 -44.74 10.39 -12.13
CA SER D 35 -44.51 8.96 -12.06
C SER D 35 -43.45 8.59 -11.03
N PHE D 36 -43.13 9.53 -10.16
CA PHE D 36 -42.06 9.32 -9.17
C PHE D 36 -42.54 9.61 -7.75
N ILE D 37 -42.43 8.60 -6.89
CA ILE D 37 -42.73 8.75 -5.47
C ILE D 37 -41.46 8.52 -4.66
N ILE D 38 -40.97 9.57 -4.01
CA ILE D 38 -39.70 9.49 -3.30
C ILE D 38 -39.87 9.00 -1.87
N GLU D 39 -39.06 8.01 -1.49
CA GLU D 39 -39.05 7.51 -0.12
C GLU D 39 -37.74 7.87 0.57
N TYR D 40 -37.85 8.57 1.69
CA TYR D 40 -36.68 9.00 2.45
C TYR D 40 -36.37 8.08 3.61
N TYR D 41 -35.20 7.44 3.56
CA TYR D 41 -34.76 6.58 4.66
C TYR D 41 -33.57 7.19 5.37
N VAL D 42 -33.85 7.93 6.44
CA VAL D 42 -32.81 8.67 7.15
C VAL D 42 -32.32 7.93 8.39
N PHE D 43 -31.03 7.59 8.38
CA PHE D 43 -30.40 6.91 9.51
C PHE D 43 -29.70 7.91 10.41
N THR D 44 -30.34 8.24 11.54
CA THR D 44 -29.78 9.23 12.45
C THR D 44 -30.09 8.92 13.90
N ASP D 45 -29.50 9.69 14.81
CA ASP D 45 -29.72 9.53 16.24
C ASP D 45 -30.62 10.62 16.79
N SER D 46 -30.89 11.63 15.95
CA SER D 46 -31.76 12.74 16.34
C SER D 46 -33.19 12.26 16.56
N PRO D 47 -33.81 12.70 17.66
CA PRO D 47 -35.17 12.29 18.02
C PRO D 47 -36.22 12.75 17.02
N LYS D 48 -35.99 13.90 16.39
CA LYS D 48 -36.93 14.42 15.40
C LYS D 48 -36.20 15.04 14.20
N LEU D 49 -36.67 14.72 13.00
CA LEU D 49 -36.11 15.27 11.77
C LEU D 49 -36.91 16.46 11.28
N TYR D 50 -36.37 17.16 10.29
CA TYR D 50 -37.06 18.27 9.67
C TYR D 50 -38.20 17.75 8.79
N ASP D 51 -39.38 18.32 8.96
CA ASP D 51 -40.57 17.99 8.16
C ASP D 51 -40.99 16.53 8.32
N GLU D 52 -40.55 15.90 9.39
CA GLU D 52 -40.95 14.52 9.70
C GLU D 52 -42.39 14.51 10.20
N GLU D 53 -42.77 15.58 10.90
CA GLU D 53 -44.09 15.69 11.49
C GLU D 53 -45.18 15.95 10.44
N ASN D 54 -44.76 16.28 9.22
CA ASN D 54 -45.69 16.63 8.16
C ASN D 54 -45.69 15.62 7.02
N ASN D 55 -44.50 15.13 6.67
CA ASN D 55 -44.36 14.21 5.55
C ASN D 55 -44.40 12.75 6.00
N LYS D 56 -45.02 11.91 5.18
CA LYS D 56 -45.16 10.49 5.50
C LYS D 56 -44.08 9.66 4.81
N HIS D 57 -43.49 10.24 3.76
CA HIS D 57 -42.47 9.56 2.98
C HIS D 57 -41.11 9.59 3.67
N ILE D 58 -41.00 10.41 4.71
CA ILE D 58 -39.78 10.50 5.50
C ILE D 58 -39.78 9.39 6.55
N HIS D 59 -38.98 8.35 6.31
CA HIS D 59 -38.92 7.22 7.22
C HIS D 59 -37.69 7.32 8.12
N ARG D 60 -37.88 7.86 9.32
CA ARG D 60 -36.81 7.99 10.29
C ARG D 60 -36.49 6.64 10.95
N ILE D 61 -35.33 6.08 10.60
CA ILE D 61 -34.87 4.83 11.18
C ILE D 61 -33.73 5.10 12.16
N LYS D 62 -33.88 4.60 13.39
CA LYS D 62 -32.93 4.87 14.46
C LYS D 62 -31.53 4.31 14.16
N GLN D 63 -30.52 5.13 14.39
CA GLN D 63 -29.13 4.72 14.19
C GLN D 63 -28.18 5.53 15.07
N LYS D 64 -27.47 4.84 15.96
CA LYS D 64 -26.55 5.50 16.88
C LYS D 64 -25.27 5.92 16.16
N ASN D 65 -24.46 6.72 16.83
CA ASN D 65 -23.20 7.18 16.26
C ASN D 65 -22.07 6.18 16.54
N LEU D 66 -21.49 5.63 15.49
CA LEU D 66 -20.45 4.62 15.63
C LEU D 66 -19.06 5.26 15.63
N GLY D 67 -18.99 6.52 15.26
CA GLY D 67 -17.72 7.23 15.21
C GLY D 67 -16.85 6.77 14.06
N TRP D 68 -15.57 7.14 14.10
CA TRP D 68 -14.63 6.76 13.05
C TRP D 68 -13.95 5.43 13.38
N PRO D 69 -13.81 4.56 12.37
CA PRO D 69 -14.29 4.75 11.01
C PRO D 69 -15.59 4.00 10.72
N ASP D 70 -16.25 3.52 11.77
CA ASP D 70 -17.43 2.67 11.59
C ASP D 70 -18.65 3.43 11.07
N ASN D 71 -18.60 4.75 11.09
CA ASN D 71 -19.67 5.56 10.52
C ASN D 71 -19.68 5.48 9.01
N THR D 72 -18.53 5.15 8.44
CA THR D 72 -18.39 5.06 6.99
C THR D 72 -18.13 3.62 6.56
N LEU D 73 -17.49 2.86 7.45
CA LEU D 73 -17.17 1.46 7.16
C LEU D 73 -18.40 0.57 7.26
N LYS D 74 -19.16 0.74 8.34
CA LYS D 74 -20.36 -0.06 8.57
C LYS D 74 -21.59 0.56 7.91
N ARG D 75 -21.37 1.32 6.84
CA ARG D 75 -22.45 1.98 6.13
C ARG D 75 -23.47 0.99 5.58
N PHE D 76 -22.98 -0.05 4.92
CA PHE D 76 -23.85 -1.05 4.31
C PHE D 76 -24.47 -1.96 5.37
N HIS D 77 -23.84 -2.03 6.53
CA HIS D 77 -24.37 -2.79 7.65
C HIS D 77 -25.63 -2.13 8.19
N ILE D 78 -25.68 -0.80 8.07
CA ILE D 78 -26.83 -0.03 8.51
C ILE D 78 -27.99 -0.19 7.53
N PHE D 79 -27.66 -0.26 6.25
CA PHE D 79 -28.67 -0.39 5.20
C PHE D 79 -29.40 -1.72 5.26
N LEU D 80 -28.68 -2.78 5.62
CA LEU D 80 -29.22 -4.14 5.61
C LEU D 80 -30.01 -4.48 6.87
N ARG D 81 -30.18 -3.51 7.76
CA ARG D 81 -30.94 -3.74 8.97
C ARG D 81 -32.43 -3.52 8.71
N ILE D 82 -32.74 -2.88 7.59
CA ILE D 82 -34.12 -2.68 7.17
C ILE D 82 -34.32 -3.18 5.74
N LYS D 83 -33.65 -4.27 5.42
CA LYS D 83 -33.65 -4.83 4.06
C LYS D 83 -35.05 -5.20 3.58
N GLU D 84 -35.83 -5.81 4.46
CA GLU D 84 -37.18 -6.25 4.10
C GLU D 84 -38.08 -5.06 3.81
N GLN D 85 -37.82 -3.94 4.47
CA GLN D 85 -38.58 -2.72 4.26
C GLN D 85 -38.23 -2.07 2.92
N LEU D 86 -37.01 -2.30 2.46
CA LEU D 86 -36.54 -1.70 1.22
C LEU D 86 -36.93 -2.51 -0.02
N GLU D 87 -37.10 -3.82 0.17
CA GLU D 87 -37.44 -4.71 -0.94
C GLU D 87 -38.87 -4.51 -1.45
N ARG D 88 -39.75 -4.04 -0.57
CA ARG D 88 -41.17 -3.94 -0.90
C ARG D 88 -41.63 -2.50 -1.09
N GLU D 89 -40.80 -1.54 -0.69
CA GLU D 89 -41.20 -0.15 -0.74
C GLU D 89 -40.38 0.68 -1.72
N THR D 90 -39.43 0.03 -2.39
CA THR D 90 -38.56 0.73 -3.33
C THR D 90 -38.35 -0.04 -4.62
N ASP D 91 -38.19 0.68 -5.72
CA ASP D 91 -37.83 0.09 -7.01
C ASP D 91 -36.41 0.52 -7.36
N TYR D 92 -36.03 1.72 -6.90
CA TYR D 92 -34.67 2.21 -7.04
C TYR D 92 -34.14 2.73 -5.70
N LEU D 93 -32.84 2.56 -5.48
CA LEU D 93 -32.21 3.06 -4.27
C LEU D 93 -30.98 3.89 -4.60
N PHE D 94 -30.80 4.98 -3.87
CA PHE D 94 -29.66 5.88 -4.07
C PHE D 94 -29.15 6.43 -2.74
N PHE D 95 -27.84 6.38 -2.56
CA PHE D 95 -27.22 6.94 -1.37
C PHE D 95 -26.58 8.29 -1.66
N PHE D 96 -27.05 9.32 -0.97
CA PHE D 96 -26.47 10.66 -1.11
C PHE D 96 -25.72 11.04 0.17
N ASN D 97 -24.62 11.76 -0.01
CA ASN D 97 -23.87 12.27 1.13
C ASN D 97 -24.69 13.32 1.86
N ALA D 98 -24.37 13.54 3.14
CA ALA D 98 -25.11 14.48 3.96
C ALA D 98 -24.99 15.90 3.45
N ASN D 99 -23.75 16.32 3.19
CA ASN D 99 -23.50 17.68 2.73
C ASN D 99 -23.73 17.88 1.24
N LEU D 100 -24.55 17.02 0.65
CA LEU D 100 -24.92 17.18 -0.75
C LEU D 100 -26.09 18.16 -0.88
N LEU D 101 -26.22 18.74 -2.07
CA LEU D 101 -27.27 19.73 -2.31
C LEU D 101 -27.63 19.78 -3.79
N PHE D 102 -28.93 19.81 -4.08
CA PHE D 102 -29.41 19.86 -5.46
C PHE D 102 -29.57 21.30 -5.93
N THR D 103 -29.08 21.58 -7.14
CA THR D 103 -29.17 22.91 -7.72
C THR D 103 -29.84 22.86 -9.09
N SER D 104 -29.83 21.68 -9.70
CA SER D 104 -30.42 21.49 -11.03
C SER D 104 -31.38 20.31 -11.03
N PRO D 105 -32.49 20.43 -11.78
CA PRO D 105 -33.50 19.37 -11.88
C PRO D 105 -32.92 18.06 -12.39
N ILE D 106 -33.24 16.96 -11.70
CA ILE D 106 -32.77 15.63 -12.09
C ILE D 106 -33.95 14.71 -12.37
N GLY D 107 -34.01 14.19 -13.59
CA GLY D 107 -35.11 13.34 -14.00
C GLY D 107 -34.76 11.87 -14.12
N LYS D 108 -35.25 11.24 -15.18
CA LYS D 108 -35.10 9.80 -15.37
C LYS D 108 -33.76 9.44 -16.01
N GLU D 109 -32.93 10.45 -16.27
CA GLU D 109 -31.68 10.24 -16.99
C GLU D 109 -30.63 9.52 -16.14
N ILE D 110 -30.86 9.44 -14.83
CA ILE D 110 -29.91 8.79 -13.94
C ILE D 110 -30.38 7.38 -13.56
N LEU D 111 -31.46 6.93 -14.20
CA LEU D 111 -32.01 5.61 -13.94
C LEU D 111 -31.37 4.55 -14.81
N PRO D 112 -30.70 3.57 -14.18
CA PRO D 112 -30.09 2.45 -14.90
C PRO D 112 -31.13 1.61 -15.64
N PRO D 113 -30.93 1.38 -16.95
CA PRO D 113 -31.85 0.61 -17.78
C PRO D 113 -32.14 -0.78 -17.21
N SER D 114 -33.32 -1.30 -17.52
CA SER D 114 -33.76 -2.59 -16.97
C SER D 114 -33.07 -3.77 -17.67
N ASP D 115 -32.46 -3.50 -18.82
CA ASP D 115 -31.75 -4.55 -19.56
C ASP D 115 -30.27 -4.56 -19.23
N SER D 116 -29.91 -3.91 -18.13
CA SER D 116 -28.52 -3.85 -17.70
C SER D 116 -28.34 -4.48 -16.32
N ASN D 117 -27.16 -4.30 -15.75
CA ASN D 117 -26.87 -4.83 -14.42
C ASN D 117 -27.52 -3.99 -13.32
N GLY D 118 -27.95 -2.79 -13.69
CA GLY D 118 -28.67 -1.92 -12.78
C GLY D 118 -27.83 -1.32 -11.66
N LEU D 119 -26.68 -0.78 -12.02
CA LEU D 119 -25.80 -0.13 -11.05
C LEU D 119 -25.45 1.29 -11.49
N LEU D 120 -25.13 2.13 -10.52
CA LEU D 120 -24.76 3.51 -10.78
C LEU D 120 -23.53 3.91 -9.97
N GLY D 121 -22.52 4.44 -10.66
CA GLY D 121 -21.31 4.91 -10.02
C GLY D 121 -21.03 6.36 -10.36
N THR D 122 -20.29 7.05 -9.50
CA THR D 122 -19.97 8.45 -9.72
C THR D 122 -18.45 8.69 -9.71
N MET D 123 -17.95 9.33 -10.76
CA MET D 123 -16.53 9.63 -10.87
C MET D 123 -16.09 10.59 -9.78
N HIS D 124 -14.97 10.30 -9.15
CA HIS D 124 -14.45 11.13 -8.08
C HIS D 124 -13.99 12.49 -8.64
N PRO D 125 -14.42 13.57 -8.00
CA PRO D 125 -14.15 14.95 -8.46
C PRO D 125 -12.66 15.32 -8.40
N GLY D 126 -11.87 14.55 -7.66
CA GLY D 126 -10.45 14.80 -7.55
C GLY D 126 -9.63 14.03 -8.57
N PHE D 127 -10.22 12.96 -9.10
CA PHE D 127 -9.53 12.11 -10.06
C PHE D 127 -10.31 12.01 -11.37
N TYR D 128 -10.64 13.15 -11.95
CA TYR D 128 -11.42 13.18 -13.19
C TYR D 128 -10.53 13.41 -14.39
N ASN D 129 -9.23 13.60 -14.14
CA ASN D 129 -8.28 13.87 -15.21
C ASN D 129 -6.91 13.22 -14.95
N LYS D 130 -6.86 12.34 -13.96
CA LYS D 130 -5.61 11.66 -13.61
C LYS D 130 -5.63 10.22 -14.09
N PRO D 131 -4.50 9.75 -14.67
CA PRO D 131 -4.37 8.37 -15.15
C PRO D 131 -4.38 7.34 -14.02
N ASN D 132 -4.28 6.06 -14.38
CA ASN D 132 -4.38 4.96 -13.43
C ASN D 132 -3.20 4.88 -12.47
N SER D 133 -2.09 5.51 -12.84
CA SER D 133 -0.85 5.37 -12.08
C SER D 133 -0.92 6.01 -10.69
N GLU D 134 -1.90 6.87 -10.46
CA GLU D 134 -2.02 7.54 -9.17
C GLU D 134 -3.36 7.26 -8.48
N PHE D 135 -4.06 6.22 -8.93
CA PHE D 135 -5.29 5.80 -8.29
C PHE D 135 -4.99 5.14 -6.94
N THR D 136 -5.71 5.58 -5.90
CA THR D 136 -5.48 5.08 -4.56
C THR D 136 -6.28 3.81 -4.29
N TYR D 137 -6.04 2.78 -5.09
CA TYR D 137 -6.69 1.50 -4.90
C TYR D 137 -6.01 0.71 -3.77
N GLU D 138 -6.74 -0.23 -3.18
CA GLU D 138 -6.17 -1.07 -2.13
C GLU D 138 -5.24 -2.11 -2.77
N ARG D 139 -3.94 -1.86 -2.67
CA ARG D 139 -2.95 -2.72 -3.31
C ARG D 139 -2.46 -3.79 -2.35
N ARG D 140 -3.37 -4.33 -1.54
CA ARG D 140 -3.04 -5.37 -0.58
C ARG D 140 -3.84 -6.63 -0.87
N ASP D 141 -3.15 -7.70 -1.24
CA ASP D 141 -3.78 -8.96 -1.62
C ASP D 141 -4.53 -9.60 -0.45
N ALA D 142 -4.13 -9.26 0.77
CA ALA D 142 -4.78 -9.77 1.97
C ALA D 142 -6.19 -9.20 2.11
N SER D 143 -6.40 -8.01 1.58
CA SER D 143 -7.70 -7.35 1.64
C SER D 143 -8.63 -7.86 0.55
N THR D 144 -9.94 -7.84 0.84
CA THR D 144 -10.94 -8.29 -0.11
C THR D 144 -11.19 -7.26 -1.20
N ALA D 145 -10.70 -6.04 -0.98
CA ALA D 145 -10.84 -4.97 -1.95
C ALA D 145 -9.58 -4.83 -2.79
N TYR D 146 -8.87 -5.94 -2.97
CA TYR D 146 -7.60 -5.91 -3.70
C TYR D 146 -7.80 -5.78 -5.21
N ILE D 147 -7.20 -4.74 -5.78
CA ILE D 147 -7.19 -4.56 -7.22
C ILE D 147 -5.79 -4.13 -7.66
N PRO D 148 -5.15 -4.94 -8.50
CA PRO D 148 -3.75 -4.75 -8.89
C PRO D 148 -3.52 -3.52 -9.77
N GLU D 149 -2.25 -3.20 -10.02
CA GLU D 149 -1.88 -2.07 -10.84
C GLU D 149 -2.22 -2.30 -12.30
N GLY D 150 -2.83 -1.29 -12.93
CA GLY D 150 -3.17 -1.37 -14.34
C GLY D 150 -4.64 -1.61 -14.57
N GLU D 151 -5.30 -2.22 -13.60
CA GLU D 151 -6.73 -2.52 -13.72
C GLU D 151 -7.58 -1.36 -13.24
N GLY D 152 -8.84 -1.33 -13.68
CA GLY D 152 -9.76 -0.28 -13.32
C GLY D 152 -9.90 0.77 -14.40
N ARG D 153 -11.12 1.26 -14.60
CA ARG D 153 -11.38 2.29 -15.59
C ARG D 153 -11.46 3.67 -14.96
N TYR D 154 -12.54 3.92 -14.22
CA TYR D 154 -12.73 5.20 -13.54
C TYR D 154 -12.55 5.03 -12.03
N TYR D 155 -12.17 6.11 -11.36
CA TYR D 155 -12.07 6.10 -9.91
C TYR D 155 -13.38 6.60 -9.31
N TYR D 156 -14.15 5.68 -8.75
CA TYR D 156 -15.48 6.00 -8.23
C TYR D 156 -15.44 6.38 -6.75
N ALA D 157 -16.28 7.34 -6.37
CA ALA D 157 -16.37 7.79 -4.99
C ALA D 157 -17.55 7.14 -4.28
N GLY D 158 -17.48 7.09 -2.95
CA GLY D 158 -18.54 6.50 -2.15
C GLY D 158 -19.58 7.53 -1.78
N GLY D 159 -19.42 8.75 -2.27
CA GLY D 159 -20.34 9.83 -1.97
C GLY D 159 -21.68 9.68 -2.66
N LEU D 160 -21.68 9.01 -3.80
CA LEU D 160 -22.90 8.81 -4.58
C LEU D 160 -22.90 7.48 -5.31
N SER D 161 -23.86 6.63 -4.99
CA SER D 161 -23.99 5.32 -5.62
C SER D 161 -25.43 4.83 -5.53
N GLY D 162 -25.86 4.08 -6.54
CA GLY D 162 -27.23 3.58 -6.57
C GLY D 162 -27.51 2.55 -7.65
N GLY D 163 -28.76 2.51 -8.08
CA GLY D 163 -29.20 1.55 -9.08
C GLY D 163 -30.53 0.92 -8.67
N CYS D 164 -30.85 -0.22 -9.28
CA CYS D 164 -32.06 -0.95 -8.93
C CYS D 164 -31.96 -1.49 -7.51
N THR D 165 -33.12 -1.71 -6.88
CA THR D 165 -33.17 -2.17 -5.50
C THR D 165 -32.49 -3.53 -5.32
N LYS D 166 -32.83 -4.48 -6.20
CA LYS D 166 -32.25 -5.82 -6.13
C LYS D 166 -30.76 -5.79 -6.40
N ALA D 167 -30.34 -4.96 -7.35
CA ALA D 167 -28.95 -4.90 -7.75
C ALA D 167 -28.07 -4.18 -6.72
N TYR D 168 -28.65 -3.18 -6.06
CA TYR D 168 -27.90 -2.40 -5.08
C TYR D 168 -27.81 -3.12 -3.74
N LEU D 169 -28.80 -3.97 -3.46
CA LEU D 169 -28.80 -4.76 -2.24
C LEU D 169 -27.73 -5.86 -2.31
N LYS D 170 -27.49 -6.36 -3.52
CA LYS D 170 -26.43 -7.32 -3.75
C LYS D 170 -25.08 -6.66 -3.51
N LEU D 171 -25.00 -5.37 -3.84
CA LEU D 171 -23.80 -4.58 -3.60
C LEU D 171 -23.55 -4.41 -2.12
N CYS D 172 -24.61 -4.11 -1.37
CA CYS D 172 -24.52 -3.93 0.08
C CYS D 172 -24.17 -5.24 0.77
N THR D 173 -24.79 -6.33 0.33
CA THR D 173 -24.56 -7.65 0.92
C THR D 173 -23.14 -8.14 0.64
N THR D 174 -22.64 -7.84 -0.55
CA THR D 174 -21.31 -8.29 -0.96
C THR D 174 -20.21 -7.57 -0.17
N ILE D 175 -20.31 -6.25 -0.09
CA ILE D 175 -19.30 -5.45 0.61
C ILE D 175 -19.32 -5.73 2.11
N CYS D 176 -20.50 -5.97 2.66
CA CYS D 176 -20.63 -6.35 4.07
C CYS D 176 -19.82 -7.61 4.37
N SER D 177 -19.86 -8.57 3.46
CA SER D 177 -19.07 -9.78 3.59
C SER D 177 -17.58 -9.45 3.47
N TRP D 178 -17.26 -8.51 2.60
CA TRP D 178 -15.88 -8.07 2.39
C TRP D 178 -15.33 -7.37 3.63
N VAL D 179 -16.19 -6.68 4.36
CA VAL D 179 -15.79 -6.01 5.59
C VAL D 179 -15.63 -7.02 6.73
N ASP D 180 -16.58 -7.94 6.82
CA ASP D 180 -16.59 -8.96 7.87
C ASP D 180 -15.41 -9.92 7.73
N ARG D 181 -15.03 -10.22 6.50
CA ARG D 181 -13.85 -11.05 6.25
C ARG D 181 -12.59 -10.34 6.72
N ASP D 182 -12.57 -9.02 6.57
CA ASP D 182 -11.43 -8.22 6.98
C ASP D 182 -11.40 -8.02 8.49
N ALA D 183 -12.56 -8.21 9.12
CA ALA D 183 -12.66 -8.10 10.57
C ALA D 183 -11.97 -9.26 11.27
N THR D 184 -12.12 -10.45 10.70
CA THR D 184 -11.50 -11.65 11.26
C THR D 184 -10.07 -11.82 10.77
N ASN D 185 -9.74 -11.11 9.69
CA ASN D 185 -8.38 -11.13 9.16
C ASN D 185 -7.52 -10.03 9.79
N HIS D 186 -8.15 -9.26 10.68
CA HIS D 186 -7.47 -8.20 11.44
C HIS D 186 -6.81 -7.15 10.55
N ILE D 187 -7.46 -6.85 9.43
CA ILE D 187 -6.98 -5.82 8.52
C ILE D 187 -8.14 -4.93 8.07
N ILE D 188 -7.85 -3.67 7.76
CA ILE D 188 -8.89 -2.75 7.32
C ILE D 188 -8.52 -2.08 5.99
N PRO D 189 -9.41 -2.19 5.00
CA PRO D 189 -9.19 -1.64 3.66
C PRO D 189 -9.17 -0.11 3.65
N ILE D 190 -8.29 0.46 2.84
CA ILE D 190 -8.20 1.91 2.69
C ILE D 190 -8.07 2.27 1.21
N TRP D 191 -8.84 3.26 0.76
CA TRP D 191 -9.78 3.99 1.60
C TRP D 191 -11.14 3.28 1.64
N HIS D 192 -11.57 2.92 2.83
CA HIS D 192 -12.72 2.04 3.04
C HIS D 192 -13.99 2.43 2.32
N ASP D 193 -14.20 3.73 2.08
CA ASP D 193 -15.43 4.18 1.45
C ASP D 193 -15.38 4.06 -0.07
N GLN D 194 -14.19 4.20 -0.62
CA GLN D 194 -13.99 4.18 -2.08
C GLN D 194 -13.20 2.98 -2.63
N SER D 195 -12.40 2.35 -1.78
CA SER D 195 -11.63 1.17 -2.19
C SER D 195 -12.54 -0.05 -2.33
N LEU D 196 -13.53 -0.14 -1.44
CA LEU D 196 -14.46 -1.26 -1.44
C LEU D 196 -15.47 -1.15 -2.59
N ILE D 197 -15.84 0.08 -2.94
CA ILE D 197 -16.85 0.30 -3.97
C ILE D 197 -16.22 0.24 -5.37
N ASN D 198 -14.91 0.48 -5.45
CA ASN D 198 -14.20 0.39 -6.72
C ASN D 198 -13.93 -1.07 -7.09
N LYS D 199 -13.83 -1.91 -6.07
CA LYS D 199 -13.60 -3.34 -6.28
C LYS D 199 -14.85 -4.01 -6.84
N TYR D 200 -16.01 -3.58 -6.34
CA TYR D 200 -17.28 -4.12 -6.81
C TYR D 200 -17.62 -3.58 -8.20
N PHE D 201 -17.20 -2.34 -8.46
CA PHE D 201 -17.41 -1.73 -9.76
C PHE D 201 -16.33 -2.16 -10.75
N LEU D 202 -15.38 -2.95 -10.27
CA LEU D 202 -14.36 -3.54 -11.13
C LEU D 202 -14.87 -4.87 -11.68
N ASP D 203 -15.38 -5.71 -10.79
CA ASP D 203 -15.96 -6.99 -11.18
C ASP D 203 -17.30 -6.76 -11.86
N ASN D 204 -18.07 -5.80 -11.33
CA ASN D 204 -19.37 -5.46 -11.90
C ASN D 204 -19.48 -3.97 -12.21
N PRO D 205 -18.97 -3.55 -13.38
CA PRO D 205 -19.02 -2.16 -13.82
C PRO D 205 -20.45 -1.61 -13.85
N PRO D 206 -20.65 -0.39 -13.35
CA PRO D 206 -21.98 0.22 -13.27
C PRO D 206 -22.60 0.45 -14.64
N ALA D 207 -23.92 0.27 -14.74
CA ALA D 207 -24.64 0.45 -15.99
C ALA D 207 -24.54 1.90 -16.46
N ILE D 208 -24.66 2.82 -15.51
CA ILE D 208 -24.55 4.25 -15.83
C ILE D 208 -23.52 4.92 -14.91
N THR D 209 -22.54 5.57 -15.54
CA THR D 209 -21.50 6.27 -14.79
C THR D 209 -21.76 7.76 -14.73
N LEU D 210 -21.91 8.28 -13.52
CA LEU D 210 -22.20 9.69 -13.33
C LEU D 210 -20.95 10.55 -13.36
N SER D 211 -21.01 11.66 -14.08
CA SER D 211 -19.95 12.65 -14.11
C SER D 211 -19.74 13.24 -12.71
N PRO D 212 -18.51 13.70 -12.41
CA PRO D 212 -18.23 14.33 -11.12
C PRO D 212 -19.00 15.65 -10.92
N ALA D 213 -19.82 16.02 -11.90
CA ALA D 213 -20.70 17.18 -11.78
C ALA D 213 -21.78 16.93 -10.73
N TYR D 214 -22.08 15.65 -10.49
CA TYR D 214 -23.06 15.27 -9.49
C TYR D 214 -22.39 15.08 -8.12
N LEU D 215 -21.10 15.39 -8.07
CA LEU D 215 -20.36 15.46 -6.82
C LEU D 215 -19.41 16.65 -6.86
N TYR D 216 -19.93 17.79 -7.33
CA TYR D 216 -19.15 19.00 -7.47
C TYR D 216 -18.92 19.66 -6.10
N PRO D 217 -17.65 19.75 -5.68
CA PRO D 217 -17.31 20.40 -4.41
C PRO D 217 -17.49 21.91 -4.46
N GLU D 218 -18.07 22.48 -3.40
CA GLU D 218 -18.33 23.91 -3.34
C GLU D 218 -17.05 24.73 -3.31
N GLY D 219 -16.90 25.62 -4.30
CA GLY D 219 -15.75 26.51 -4.35
C GLY D 219 -14.76 26.16 -5.44
N TRP D 220 -14.88 24.95 -5.99
CA TRP D 220 -13.95 24.49 -7.02
C TRP D 220 -14.35 25.03 -8.39
N LEU D 221 -13.43 24.93 -9.33
CA LEU D 221 -13.68 25.32 -10.72
C LEU D 221 -13.37 24.16 -11.66
N LEU D 222 -14.34 23.26 -11.82
CA LEU D 222 -14.18 22.06 -12.63
C LEU D 222 -14.86 22.20 -13.99
N PRO D 223 -14.32 21.52 -15.00
CA PRO D 223 -14.92 21.53 -16.35
C PRO D 223 -16.27 20.80 -16.41
N PHE D 224 -17.14 21.04 -15.44
CA PHE D 224 -18.46 20.43 -15.41
C PHE D 224 -19.46 21.41 -14.80
N GLU D 225 -20.74 21.23 -15.12
CA GLU D 225 -21.78 22.10 -14.60
C GLU D 225 -22.31 21.58 -13.27
N PRO D 226 -22.26 22.43 -12.23
CA PRO D 226 -22.71 22.10 -10.87
C PRO D 226 -24.17 21.69 -10.81
N ILE D 227 -24.44 20.38 -10.84
CA ILE D 227 -25.79 19.86 -10.72
C ILE D 227 -26.08 19.48 -9.28
N ILE D 228 -25.17 18.70 -8.69
CA ILE D 228 -25.24 18.39 -7.27
C ILE D 228 -23.98 18.93 -6.58
N LEU D 229 -24.18 19.82 -5.61
CA LEU D 229 -23.06 20.49 -4.96
C LEU D 229 -22.67 19.84 -3.64
N ILE D 230 -21.37 19.63 -3.46
CA ILE D 230 -20.84 19.16 -2.19
C ILE D 230 -20.55 20.36 -1.29
N ARG D 231 -21.46 20.62 -0.36
CA ARG D 231 -21.35 21.77 0.53
C ARG D 231 -20.13 21.66 1.45
N ASP D 232 -19.45 22.78 1.63
CA ASP D 232 -18.27 22.82 2.50
C ASP D 232 -18.59 22.54 3.96
N LYS D 233 -17.93 21.53 4.52
CA LYS D 233 -18.17 21.14 5.91
C LYS D 233 -17.71 22.21 6.90
N ASN D 234 -16.70 22.98 6.50
CA ASN D 234 -16.14 24.01 7.35
C ASN D 234 -16.72 25.41 7.17
N LYS D 235 -18.02 25.49 6.92
CA LYS D 235 -18.71 26.78 6.83
C LYS D 235 -19.25 27.19 8.20
N PRO D 236 -19.27 28.50 8.48
CA PRO D 236 -19.70 29.08 9.76
C PRO D 236 -21.03 28.53 10.28
N GLN D 237 -22.01 28.35 9.38
CA GLN D 237 -23.30 27.82 9.79
C GLN D 237 -23.24 26.33 10.05
N TYR D 238 -22.27 25.66 9.43
CA TYR D 238 -22.11 24.22 9.58
C TYR D 238 -21.08 23.88 10.64
N HIS E 2 22.83 -45.46 -21.10
CA HIS E 2 22.75 -44.01 -21.28
C HIS E 2 21.32 -43.51 -21.11
N MET E 3 21.12 -42.65 -20.12
CA MET E 3 19.79 -42.10 -19.86
C MET E 3 19.77 -40.60 -20.17
N ARG E 4 18.77 -40.18 -20.93
CA ARG E 4 18.67 -38.81 -21.38
C ARG E 4 17.97 -37.92 -20.36
N ILE E 5 18.60 -36.82 -19.99
CA ILE E 5 18.01 -35.85 -19.07
C ILE E 5 17.94 -34.47 -19.69
N GLY E 6 16.74 -33.93 -19.80
CA GLY E 6 16.54 -32.62 -20.40
C GLY E 6 16.34 -31.53 -19.36
N ILE E 7 17.08 -30.43 -19.52
CA ILE E 7 16.97 -29.30 -18.61
C ILE E 7 16.15 -28.17 -19.22
N LEU E 8 14.99 -27.91 -18.62
CA LEU E 8 14.13 -26.82 -19.05
C LEU E 8 14.64 -25.49 -18.51
N TYR E 9 14.94 -24.55 -19.41
CA TYR E 9 15.53 -23.29 -19.01
C TYR E 9 14.94 -22.12 -19.79
N ILE E 10 14.41 -21.14 -19.06
CA ILE E 10 13.86 -19.94 -19.67
C ILE E 10 14.73 -18.74 -19.30
N CYS E 11 14.94 -17.83 -20.26
CA CYS E 11 15.69 -16.62 -20.00
C CYS E 11 15.43 -15.55 -21.06
N THR E 12 14.17 -15.16 -21.19
CA THR E 12 13.77 -14.14 -22.16
C THR E 12 14.03 -12.73 -21.64
N GLY E 13 14.56 -11.88 -22.50
CA GLY E 13 14.84 -10.50 -22.14
C GLY E 13 16.23 -10.30 -21.57
N LYS E 14 16.30 -9.81 -20.34
CA LYS E 14 17.58 -9.54 -19.69
C LYS E 14 18.04 -10.70 -18.82
N TYR E 15 17.27 -11.78 -18.81
CA TYR E 15 17.60 -12.95 -18.01
C TYR E 15 18.59 -13.86 -18.72
N ASP E 16 18.99 -13.49 -19.93
CA ASP E 16 19.92 -14.30 -20.71
C ASP E 16 21.34 -14.27 -20.14
N ILE E 17 21.59 -13.29 -19.27
CA ILE E 17 22.91 -13.15 -18.66
C ILE E 17 23.14 -14.23 -17.60
N PHE E 18 22.06 -14.82 -17.14
CA PHE E 18 22.13 -15.85 -16.10
C PHE E 18 22.51 -17.22 -16.69
N TRP E 19 22.38 -17.35 -18.01
CA TRP E 19 22.68 -18.60 -18.68
C TRP E 19 24.18 -18.93 -18.68
N LYS E 20 25.00 -17.88 -18.71
CA LYS E 20 26.45 -18.01 -18.74
C LYS E 20 27.00 -18.85 -17.58
N ASP E 21 26.75 -18.38 -16.37
CA ASP E 21 27.28 -19.04 -15.17
C ASP E 21 26.52 -20.34 -14.85
N PHE E 22 25.25 -20.40 -15.25
CA PHE E 22 24.44 -21.58 -15.01
C PHE E 22 24.92 -22.78 -15.83
N TYR E 23 25.25 -22.52 -17.09
CA TYR E 23 25.71 -23.56 -18.01
C TYR E 23 27.04 -24.16 -17.57
N LEU E 24 27.95 -23.29 -17.13
CA LEU E 24 29.27 -23.73 -16.69
C LEU E 24 29.20 -24.59 -15.43
N SER E 25 28.29 -24.25 -14.53
CA SER E 25 28.13 -24.99 -13.28
C SER E 25 27.45 -26.34 -13.53
N ALA E 26 26.49 -26.35 -14.43
CA ALA E 26 25.76 -27.57 -14.75
C ALA E 26 26.66 -28.59 -15.46
N GLU E 27 27.65 -28.07 -16.19
CA GLU E 27 28.59 -28.93 -16.90
C GLU E 27 29.66 -29.50 -15.98
N ARG E 28 29.70 -29.01 -14.74
CA ARG E 28 30.72 -29.46 -13.78
C ARG E 28 30.13 -30.34 -12.69
N TYR E 29 28.90 -30.02 -12.25
CA TYR E 29 28.31 -30.70 -11.11
C TYR E 29 27.11 -31.57 -11.48
N PHE E 30 26.21 -31.03 -12.30
CA PHE E 30 24.96 -31.73 -12.60
C PHE E 30 25.16 -32.90 -13.56
N MET E 31 24.88 -34.11 -13.07
CA MET E 31 24.91 -35.32 -13.88
C MET E 31 26.18 -35.48 -14.71
N GLN E 32 27.28 -35.79 -14.05
CA GLN E 32 28.55 -35.99 -14.75
C GLN E 32 28.95 -37.46 -14.76
N ASP E 33 27.97 -38.34 -14.64
CA ASP E 33 28.20 -39.77 -14.78
C ASP E 33 28.33 -40.09 -16.27
N GLN E 34 29.13 -41.11 -16.58
CA GLN E 34 29.38 -41.45 -17.98
C GLN E 34 28.21 -42.19 -18.62
N SER E 35 27.11 -42.30 -17.89
CA SER E 35 25.91 -42.95 -18.39
C SER E 35 24.76 -41.96 -18.55
N PHE E 36 25.10 -40.67 -18.66
CA PHE E 36 24.08 -39.63 -18.76
C PHE E 36 24.46 -38.53 -19.75
N ILE E 37 23.59 -38.31 -20.73
CA ILE E 37 23.75 -37.22 -21.68
C ILE E 37 22.71 -36.14 -21.42
N ILE E 38 23.19 -34.91 -21.23
CA ILE E 38 22.31 -33.81 -20.85
C ILE E 38 21.93 -32.94 -22.06
N GLU E 39 20.63 -32.67 -22.18
CA GLU E 39 20.13 -31.79 -23.24
C GLU E 39 19.60 -30.48 -22.64
N TYR E 40 20.17 -29.37 -23.08
CA TYR E 40 19.76 -28.05 -22.58
C TYR E 40 18.73 -27.43 -23.51
N TYR E 41 17.52 -27.21 -22.97
CA TYR E 41 16.45 -26.59 -23.74
C TYR E 41 16.23 -25.16 -23.26
N VAL E 42 16.82 -24.20 -23.97
CA VAL E 42 16.79 -22.81 -23.57
C VAL E 42 15.75 -22.01 -24.36
N PHE E 43 14.88 -21.31 -23.64
CA PHE E 43 13.87 -20.46 -24.26
C PHE E 43 14.21 -18.98 -24.02
N THR E 44 14.66 -18.30 -25.06
CA THR E 44 15.10 -16.91 -24.92
C THR E 44 14.86 -16.09 -26.17
N ASP E 45 15.18 -14.79 -26.08
CA ASP E 45 15.07 -13.87 -27.21
C ASP E 45 16.43 -13.66 -27.85
N SER E 46 17.49 -13.90 -27.08
CA SER E 46 18.85 -13.69 -27.55
C SER E 46 19.20 -14.58 -28.74
N PRO E 47 19.71 -13.97 -29.83
CA PRO E 47 20.12 -14.69 -31.03
C PRO E 47 21.29 -15.63 -30.77
N LYS E 48 22.06 -15.35 -29.71
CA LYS E 48 23.23 -16.15 -29.38
C LYS E 48 23.28 -16.53 -27.92
N LEU E 49 23.56 -17.80 -27.65
CA LEU E 49 23.78 -18.28 -26.29
C LEU E 49 25.27 -18.57 -26.08
N TYR E 50 25.67 -18.77 -24.83
CA TYR E 50 27.06 -19.05 -24.53
C TYR E 50 27.43 -20.48 -24.89
N ASP E 51 28.56 -20.63 -25.58
CA ASP E 51 29.08 -21.93 -25.97
C ASP E 51 28.08 -22.71 -26.83
N GLU E 52 27.23 -21.98 -27.54
CA GLU E 52 26.22 -22.60 -28.39
C GLU E 52 26.83 -23.16 -29.67
N GLU E 53 27.81 -22.44 -30.21
CA GLU E 53 28.45 -22.85 -31.45
C GLU E 53 29.39 -24.04 -31.22
N ASN E 54 29.77 -24.25 -29.97
CA ASN E 54 30.67 -25.34 -29.62
C ASN E 54 29.92 -26.58 -29.12
N ASN E 55 28.84 -26.34 -28.39
CA ASN E 55 28.05 -27.43 -27.84
C ASN E 55 26.83 -27.74 -28.71
N LYS E 56 26.58 -29.02 -28.94
CA LYS E 56 25.49 -29.44 -29.82
C LYS E 56 24.23 -29.76 -29.03
N HIS E 57 24.34 -29.85 -27.71
CA HIS E 57 23.20 -30.20 -26.87
C HIS E 57 22.40 -28.98 -26.45
N ILE E 58 22.91 -27.79 -26.76
CA ILE E 58 22.21 -26.56 -26.44
C ILE E 58 21.14 -26.27 -27.48
N HIS E 59 19.88 -26.38 -27.09
CA HIS E 59 18.76 -26.15 -28.00
C HIS E 59 18.10 -24.81 -27.75
N ARG E 60 18.47 -23.80 -28.55
CA ARG E 60 17.86 -22.48 -28.44
C ARG E 60 16.50 -22.46 -29.11
N ILE E 61 15.45 -22.33 -28.31
CA ILE E 61 14.09 -22.29 -28.83
C ILE E 61 13.57 -20.87 -28.90
N LYS E 62 13.25 -20.41 -30.11
CA LYS E 62 12.76 -19.06 -30.33
C LYS E 62 11.42 -18.82 -29.64
N GLN E 63 11.45 -18.05 -28.56
CA GLN E 63 10.24 -17.77 -27.78
C GLN E 63 10.28 -16.33 -27.26
N LYS E 64 9.50 -15.46 -27.87
CA LYS E 64 9.54 -14.03 -27.57
C LYS E 64 9.16 -13.69 -26.13
N ASN E 65 9.49 -12.48 -25.70
CA ASN E 65 9.21 -12.02 -24.35
C ASN E 65 7.72 -11.82 -24.11
N LEU E 66 7.20 -12.45 -23.05
CA LEU E 66 5.79 -12.34 -22.72
C LEU E 66 5.53 -11.26 -21.68
N GLY E 67 6.60 -10.65 -21.17
CA GLY E 67 6.48 -9.64 -20.14
C GLY E 67 6.11 -10.26 -18.80
N TRP E 68 5.77 -9.42 -17.84
CA TRP E 68 5.39 -9.90 -16.51
C TRP E 68 3.88 -9.80 -16.30
N PRO E 69 3.28 -10.83 -15.68
CA PRO E 69 3.94 -12.05 -15.20
C PRO E 69 3.82 -13.23 -16.15
N ASP E 70 3.53 -12.96 -17.42
CA ASP E 70 3.30 -14.03 -18.40
C ASP E 70 4.57 -14.80 -18.73
N ASN E 71 5.73 -14.22 -18.42
CA ASN E 71 7.00 -14.89 -18.65
C ASN E 71 7.20 -16.08 -17.72
N THR E 72 6.53 -16.05 -16.59
CA THR E 72 6.65 -17.13 -15.60
C THR E 72 5.31 -17.87 -15.45
N LEU E 73 4.21 -17.18 -15.71
CA LEU E 73 2.88 -17.78 -15.59
C LEU E 73 2.60 -18.76 -16.73
N LYS E 74 2.95 -18.36 -17.94
CA LYS E 74 2.76 -19.22 -19.11
C LYS E 74 3.98 -20.11 -19.33
N ARG E 75 4.62 -20.49 -18.23
CA ARG E 75 5.83 -21.30 -18.25
C ARG E 75 5.62 -22.65 -18.92
N PHE E 76 4.55 -23.34 -18.54
CA PHE E 76 4.26 -24.67 -19.04
C PHE E 76 3.72 -24.63 -20.47
N HIS E 77 3.19 -23.48 -20.88
CA HIS E 77 2.74 -23.29 -22.25
C HIS E 77 3.94 -23.24 -23.19
N ILE E 78 5.06 -22.74 -22.67
CA ILE E 78 6.29 -22.66 -23.43
C ILE E 78 6.92 -24.03 -23.60
N PHE E 79 6.87 -24.83 -22.54
CA PHE E 79 7.42 -26.18 -22.55
C PHE E 79 6.62 -27.11 -23.47
N LEU E 80 5.31 -26.88 -23.53
CA LEU E 80 4.40 -27.82 -24.17
C LEU E 80 4.28 -27.61 -25.68
N ARG E 81 4.78 -26.49 -26.18
CA ARG E 81 4.69 -26.21 -27.61
C ARG E 81 5.81 -26.89 -28.39
N ILE E 82 6.65 -27.63 -27.66
CA ILE E 82 7.65 -28.50 -28.27
C ILE E 82 7.57 -29.88 -27.61
N LYS E 83 6.37 -30.23 -27.17
CA LYS E 83 6.11 -31.46 -26.43
C LYS E 83 6.58 -32.72 -27.16
N GLU E 84 6.31 -32.77 -28.46
CA GLU E 84 6.65 -33.95 -29.26
C GLU E 84 8.16 -34.12 -29.41
N GLN E 85 8.89 -33.02 -29.28
CA GLN E 85 10.34 -33.06 -29.36
C GLN E 85 10.95 -33.54 -28.04
N LEU E 86 10.18 -33.36 -26.95
CA LEU E 86 10.65 -33.78 -25.63
C LEU E 86 10.30 -35.23 -25.34
N GLU E 87 9.31 -35.77 -26.04
CA GLU E 87 8.87 -37.14 -25.82
C GLU E 87 9.86 -38.15 -26.39
N ARG E 88 10.65 -37.72 -27.36
CA ARG E 88 11.55 -38.63 -28.07
C ARG E 88 13.02 -38.31 -27.86
N GLU E 89 13.30 -37.30 -27.04
CA GLU E 89 14.67 -36.86 -26.84
C GLU E 89 15.05 -36.85 -25.36
N THR E 90 14.05 -36.94 -24.49
CA THR E 90 14.29 -36.91 -23.05
C THR E 90 13.62 -38.07 -22.32
N ASP E 91 14.24 -38.50 -21.22
CA ASP E 91 13.67 -39.50 -20.34
C ASP E 91 13.28 -38.86 -19.03
N TYR E 92 13.99 -37.80 -18.66
CA TYR E 92 13.71 -37.04 -17.45
C TYR E 92 13.70 -35.54 -17.75
N LEU E 93 12.76 -34.82 -17.14
CA LEU E 93 12.69 -33.38 -17.31
C LEU E 93 12.90 -32.66 -15.97
N PHE E 94 13.64 -31.57 -16.01
CA PHE E 94 13.89 -30.76 -14.81
C PHE E 94 13.95 -29.28 -15.17
N PHE E 95 13.27 -28.47 -14.37
CA PHE E 95 13.29 -27.02 -14.59
C PHE E 95 14.09 -26.30 -13.51
N PHE E 96 14.98 -25.42 -13.94
CA PHE E 96 15.75 -24.57 -13.04
C PHE E 96 15.51 -23.11 -13.37
N ASN E 97 15.51 -22.27 -12.34
CA ASN E 97 15.41 -20.83 -12.54
C ASN E 97 16.69 -20.29 -13.15
N ALA E 98 16.62 -19.11 -13.75
CA ALA E 98 17.80 -18.51 -14.38
C ALA E 98 18.88 -18.20 -13.36
N ASN E 99 18.47 -17.65 -12.22
CA ASN E 99 19.41 -17.25 -11.17
C ASN E 99 19.89 -18.41 -10.30
N LEU E 100 19.61 -19.63 -10.72
CA LEU E 100 20.09 -20.80 -9.98
C LEU E 100 21.52 -21.11 -10.35
N LEU E 101 22.23 -21.78 -9.44
CA LEU E 101 23.65 -22.07 -9.63
C LEU E 101 24.06 -23.33 -8.88
N PHE E 102 24.85 -24.18 -9.54
CA PHE E 102 25.31 -25.42 -8.93
C PHE E 102 26.63 -25.23 -8.18
N THR E 103 26.72 -25.80 -6.99
CA THR E 103 27.93 -25.69 -6.18
C THR E 103 28.42 -27.05 -5.69
N SER E 104 27.54 -28.04 -5.77
CA SER E 104 27.87 -29.39 -5.31
C SER E 104 27.44 -30.44 -6.34
N PRO E 105 28.25 -31.49 -6.53
CA PRO E 105 27.97 -32.58 -7.46
C PRO E 105 26.63 -33.26 -7.20
N ILE E 106 25.79 -33.34 -8.24
CA ILE E 106 24.50 -33.99 -8.12
C ILE E 106 24.48 -35.31 -8.88
N GLY E 107 24.13 -36.38 -8.17
CA GLY E 107 24.13 -37.71 -8.75
C GLY E 107 22.80 -38.11 -9.34
N LYS E 108 22.70 -39.36 -9.79
CA LYS E 108 21.49 -39.88 -10.40
C LYS E 108 20.51 -40.40 -9.35
N GLU E 109 20.86 -40.24 -8.08
CA GLU E 109 20.03 -40.76 -7.00
C GLU E 109 18.84 -39.85 -6.69
N ILE E 110 18.77 -38.72 -7.39
CA ILE E 110 17.66 -37.80 -7.19
C ILE E 110 16.53 -38.08 -8.18
N LEU E 111 16.74 -39.09 -9.03
CA LEU E 111 15.76 -39.46 -10.05
C LEU E 111 14.67 -40.36 -9.46
N PRO E 112 13.41 -39.94 -9.61
CA PRO E 112 12.24 -40.69 -9.10
C PRO E 112 12.16 -42.11 -9.67
N PRO E 113 11.95 -43.10 -8.79
CA PRO E 113 11.84 -44.51 -9.18
C PRO E 113 10.71 -44.77 -10.19
N SER E 114 10.85 -45.84 -10.97
CA SER E 114 9.88 -46.15 -12.01
C SER E 114 8.56 -46.65 -11.45
N ASP E 115 8.60 -47.20 -10.24
CA ASP E 115 7.39 -47.72 -9.59
C ASP E 115 6.67 -46.62 -8.82
N SER E 116 7.04 -45.37 -9.05
CA SER E 116 6.40 -44.23 -8.41
C SER E 116 5.70 -43.35 -9.44
N ASN E 117 5.12 -42.25 -8.97
CA ASN E 117 4.41 -41.33 -9.86
C ASN E 117 5.34 -40.56 -10.78
N GLY E 118 6.62 -40.54 -10.44
CA GLY E 118 7.62 -39.89 -11.27
C GLY E 118 7.58 -38.38 -11.24
N LEU E 119 7.29 -37.82 -10.06
CA LEU E 119 7.28 -36.37 -9.89
C LEU E 119 8.33 -35.93 -8.88
N LEU E 120 8.76 -34.68 -8.99
CA LEU E 120 9.78 -34.14 -8.11
C LEU E 120 9.49 -32.69 -7.74
N GLY E 121 9.59 -32.37 -6.46
CA GLY E 121 9.37 -31.02 -5.97
C GLY E 121 10.45 -30.59 -4.99
N THR E 122 10.62 -29.28 -4.85
CA THR E 122 11.63 -28.75 -3.93
C THR E 122 10.99 -27.82 -2.91
N MET E 123 11.29 -28.05 -1.64
CA MET E 123 10.75 -27.25 -0.54
C MET E 123 11.27 -25.82 -0.59
N HIS E 124 10.37 -24.86 -0.40
CA HIS E 124 10.73 -23.44 -0.41
C HIS E 124 11.56 -23.10 0.82
N PRO E 125 12.67 -22.37 0.62
CA PRO E 125 13.61 -22.02 1.69
C PRO E 125 12.96 -21.19 2.80
N GLY E 126 11.93 -20.42 2.46
CA GLY E 126 11.29 -19.54 3.42
C GLY E 126 10.15 -20.19 4.17
N PHE E 127 9.74 -21.38 3.73
CA PHE E 127 8.61 -22.06 4.34
C PHE E 127 8.88 -23.56 4.51
N TYR E 128 10.08 -23.90 4.97
CA TYR E 128 10.43 -25.30 5.20
C TYR E 128 10.44 -25.59 6.70
N ASN E 129 10.17 -24.57 7.49
CA ASN E 129 10.12 -24.69 8.94
C ASN E 129 8.81 -24.15 9.53
N LYS E 130 7.89 -23.79 8.64
CA LYS E 130 6.61 -23.21 9.07
C LYS E 130 5.46 -24.17 8.82
N PRO E 131 4.42 -24.12 9.68
CA PRO E 131 3.25 -24.99 9.54
C PRO E 131 2.35 -24.59 8.38
N ASN E 132 1.17 -25.21 8.30
CA ASN E 132 0.22 -24.95 7.24
C ASN E 132 -0.32 -23.52 7.29
N SER E 133 -0.33 -22.93 8.48
CA SER E 133 -0.91 -21.60 8.68
C SER E 133 -0.06 -20.49 8.08
N GLU E 134 1.13 -20.84 7.60
CA GLU E 134 2.03 -19.85 7.02
C GLU E 134 2.28 -20.08 5.54
N PHE E 135 1.71 -21.14 4.99
CA PHE E 135 1.84 -21.43 3.56
C PHE E 135 0.99 -20.46 2.75
N THR E 136 1.61 -19.85 1.74
CA THR E 136 0.94 -18.84 0.94
C THR E 136 0.22 -19.46 -0.26
N TYR E 137 -0.76 -20.31 0.01
CA TYR E 137 -1.57 -20.90 -1.05
C TYR E 137 -2.59 -19.89 -1.55
N GLU E 138 -3.11 -20.12 -2.75
CA GLU E 138 -4.13 -19.25 -3.31
C GLU E 138 -5.45 -19.38 -2.56
N ARG E 139 -5.63 -18.55 -1.55
CA ARG E 139 -6.80 -18.66 -0.67
C ARG E 139 -8.03 -17.98 -1.27
N ARG E 140 -8.22 -18.16 -2.57
CA ARG E 140 -9.36 -17.57 -3.27
C ARG E 140 -10.11 -18.62 -4.07
N ASP E 141 -11.39 -18.76 -3.79
CA ASP E 141 -12.23 -19.78 -4.42
C ASP E 141 -12.42 -19.54 -5.91
N ALA E 142 -12.18 -18.32 -6.36
CA ALA E 142 -12.34 -17.96 -7.76
C ALA E 142 -11.25 -18.58 -8.61
N SER E 143 -10.06 -18.72 -8.04
CA SER E 143 -8.91 -19.28 -8.77
C SER E 143 -8.98 -20.81 -8.81
N THR E 144 -8.25 -21.39 -9.76
CA THR E 144 -8.24 -22.85 -9.92
C THR E 144 -7.20 -23.50 -9.01
N ALA E 145 -6.38 -22.68 -8.37
CA ALA E 145 -5.33 -23.18 -7.49
C ALA E 145 -5.69 -22.97 -6.03
N TYR E 146 -6.99 -23.05 -5.72
CA TYR E 146 -7.45 -22.83 -4.36
C TYR E 146 -7.25 -24.05 -3.47
N ILE E 147 -6.66 -23.82 -2.30
CA ILE E 147 -6.49 -24.87 -1.31
C ILE E 147 -6.93 -24.36 0.07
N PRO E 148 -7.95 -24.99 0.65
CA PRO E 148 -8.44 -24.61 1.98
C PRO E 148 -7.42 -24.91 3.07
N GLU E 149 -7.46 -24.14 4.15
CA GLU E 149 -6.53 -24.31 5.26
C GLU E 149 -6.74 -25.63 5.99
N GLY E 150 -5.67 -26.17 6.56
CA GLY E 150 -5.73 -27.43 7.28
C GLY E 150 -5.08 -28.56 6.51
N GLU E 151 -5.23 -28.56 5.19
CA GLU E 151 -4.67 -29.61 4.35
C GLU E 151 -3.48 -29.09 3.56
N GLY E 152 -2.55 -29.99 3.23
CA GLY E 152 -1.35 -29.63 2.52
C GLY E 152 -0.11 -30.08 3.27
N ARG E 153 0.84 -30.66 2.55
CA ARG E 153 2.06 -31.17 3.16
C ARG E 153 3.16 -30.11 3.20
N TYR E 154 3.93 -30.02 2.11
CA TYR E 154 5.00 -29.04 2.02
C TYR E 154 4.61 -27.88 1.12
N TYR E 155 5.29 -26.74 1.27
CA TYR E 155 5.12 -25.61 0.37
C TYR E 155 6.22 -25.64 -0.68
N TYR E 156 5.94 -26.34 -1.79
CA TYR E 156 6.94 -26.52 -2.84
C TYR E 156 7.25 -25.20 -3.55
N ALA E 157 8.52 -25.04 -3.91
CA ALA E 157 8.98 -23.85 -4.63
C ALA E 157 8.92 -24.07 -6.13
N GLY E 158 8.71 -23.00 -6.88
CA GLY E 158 8.66 -23.09 -8.33
C GLY E 158 10.03 -22.99 -8.96
N GLY E 159 11.05 -22.81 -8.12
CA GLY E 159 12.41 -22.69 -8.60
C GLY E 159 12.97 -23.99 -9.16
N LEU E 160 12.47 -25.10 -8.64
CA LEU E 160 12.93 -26.41 -9.08
C LEU E 160 11.81 -27.44 -9.03
N SER E 161 11.57 -28.10 -10.15
CA SER E 161 10.56 -29.14 -10.25
C SER E 161 10.83 -30.03 -11.46
N GLY E 162 10.46 -31.30 -11.37
CA GLY E 162 10.69 -32.21 -12.47
C GLY E 162 10.18 -33.62 -12.27
N GLY E 163 10.93 -34.58 -12.81
CA GLY E 163 10.53 -35.97 -12.81
C GLY E 163 10.75 -36.58 -14.18
N CYS E 164 10.21 -37.76 -14.42
CA CYS E 164 10.33 -38.39 -15.73
C CYS E 164 9.52 -37.60 -16.76
N THR E 165 9.91 -37.73 -18.03
CA THR E 165 9.31 -36.95 -19.11
C THR E 165 7.81 -37.17 -19.23
N LYS E 166 7.38 -38.43 -19.18
CA LYS E 166 5.98 -38.77 -19.36
C LYS E 166 5.08 -38.14 -18.29
N ALA E 167 5.49 -38.27 -17.03
CA ALA E 167 4.67 -37.77 -15.93
C ALA E 167 4.73 -36.25 -15.79
N TYR E 168 5.85 -35.65 -16.20
CA TYR E 168 6.02 -34.21 -16.09
C TYR E 168 5.26 -33.49 -17.21
N LEU E 169 5.06 -34.18 -18.33
CA LEU E 169 4.30 -33.61 -19.43
C LEU E 169 2.81 -33.65 -19.13
N LYS E 170 2.39 -34.66 -18.37
CA LYS E 170 1.01 -34.74 -17.89
C LYS E 170 0.75 -33.60 -16.91
N LEU E 171 1.80 -33.19 -16.21
CA LEU E 171 1.73 -32.06 -15.28
C LEU E 171 1.54 -30.76 -16.05
N CYS E 172 2.29 -30.59 -17.13
CA CYS E 172 2.24 -29.37 -17.93
C CYS E 172 0.87 -29.17 -18.59
N THR E 173 0.32 -30.25 -19.14
CA THR E 173 -0.96 -30.18 -19.83
C THR E 173 -2.10 -29.78 -18.89
N THR E 174 -2.07 -30.31 -17.67
CA THR E 174 -3.12 -30.04 -16.70
C THR E 174 -3.07 -28.61 -16.17
N ILE E 175 -1.86 -28.12 -15.89
CA ILE E 175 -1.67 -26.77 -15.40
C ILE E 175 -2.01 -25.75 -16.48
N CYS E 176 -1.66 -26.06 -17.72
CA CYS E 176 -1.97 -25.20 -18.86
C CYS E 176 -3.48 -24.98 -18.98
N SER E 177 -4.24 -26.02 -18.68
CA SER E 177 -5.70 -25.92 -18.67
C SER E 177 -6.17 -25.10 -17.47
N TRP E 178 -5.46 -25.22 -16.36
CA TRP E 178 -5.79 -24.51 -15.13
C TRP E 178 -5.56 -23.01 -15.26
N VAL E 179 -4.55 -22.64 -16.04
CA VAL E 179 -4.26 -21.22 -16.30
C VAL E 179 -5.34 -20.62 -17.18
N ASP E 180 -5.67 -21.33 -18.26
CA ASP E 180 -6.71 -20.89 -19.19
C ASP E 180 -8.08 -20.85 -18.52
N ARG E 181 -8.33 -21.80 -17.63
CA ARG E 181 -9.59 -21.88 -16.90
C ARG E 181 -9.70 -20.72 -15.92
N ASP E 182 -8.56 -20.29 -15.39
CA ASP E 182 -8.52 -19.19 -14.45
C ASP E 182 -8.39 -17.86 -15.18
N ALA E 183 -8.04 -17.93 -16.46
CA ALA E 183 -7.93 -16.74 -17.29
C ALA E 183 -9.31 -16.25 -17.71
N THR E 184 -10.28 -17.15 -17.71
CA THR E 184 -11.64 -16.81 -18.09
C THR E 184 -12.34 -15.98 -17.02
N ASN E 185 -11.89 -16.15 -15.77
CA ASN E 185 -12.49 -15.45 -14.64
C ASN E 185 -11.82 -14.11 -14.37
N HIS E 186 -10.93 -13.71 -15.28
CA HIS E 186 -10.22 -12.43 -15.21
C HIS E 186 -9.46 -12.26 -13.89
N ILE E 187 -8.71 -13.29 -13.52
CA ILE E 187 -7.95 -13.27 -12.27
C ILE E 187 -6.62 -14.01 -12.42
N ILE E 188 -5.54 -13.34 -12.03
CA ILE E 188 -4.21 -13.95 -12.05
C ILE E 188 -3.78 -14.32 -10.63
N PRO E 189 -3.53 -15.62 -10.41
CA PRO E 189 -3.22 -16.15 -9.07
C PRO E 189 -1.81 -15.79 -8.60
N ILE E 190 -1.64 -15.68 -7.28
CA ILE E 190 -0.34 -15.43 -6.68
C ILE E 190 -0.10 -16.38 -5.51
N TRP E 191 1.04 -17.05 -5.49
CA TRP E 191 2.07 -16.90 -6.53
C TRP E 191 1.76 -17.76 -7.75
N HIS E 192 2.01 -17.20 -8.92
CA HIS E 192 1.60 -17.78 -10.20
C HIS E 192 1.99 -19.25 -10.37
N ASP E 193 3.28 -19.54 -10.24
CA ASP E 193 3.78 -20.89 -10.49
C ASP E 193 3.77 -21.76 -9.24
N GLN E 194 4.02 -21.13 -8.10
CA GLN E 194 4.03 -21.80 -6.79
C GLN E 194 2.67 -22.34 -6.32
N SER E 195 1.62 -21.55 -6.51
CA SER E 195 0.27 -21.93 -6.06
C SER E 195 -0.32 -22.99 -6.98
N LEU E 196 -0.02 -22.89 -8.28
CA LEU E 196 -0.53 -23.84 -9.26
C LEU E 196 0.15 -25.20 -9.14
N ILE E 197 1.43 -25.20 -8.80
CA ILE E 197 2.19 -26.45 -8.72
C ILE E 197 2.04 -27.10 -7.35
N ASN E 198 1.63 -26.32 -6.36
CA ASN E 198 1.34 -26.86 -5.04
C ASN E 198 0.01 -27.60 -5.05
N LYS E 199 -0.88 -27.16 -5.93
CA LYS E 199 -2.18 -27.80 -6.08
C LYS E 199 -2.02 -29.16 -6.76
N TYR E 200 -1.13 -29.23 -7.74
CA TYR E 200 -0.87 -30.47 -8.45
C TYR E 200 -0.05 -31.44 -7.60
N PHE E 201 0.83 -30.89 -6.77
CA PHE E 201 1.62 -31.70 -5.86
C PHE E 201 0.79 -32.12 -4.65
N LEU E 202 -0.41 -31.56 -4.54
CA LEU E 202 -1.34 -31.96 -3.49
C LEU E 202 -2.16 -33.16 -3.93
N ASP E 203 -2.65 -33.10 -5.17
CA ASP E 203 -3.40 -34.21 -5.75
C ASP E 203 -2.45 -35.36 -6.07
N ASN E 204 -1.23 -35.02 -6.48
CA ASN E 204 -0.20 -36.01 -6.78
C ASN E 204 1.12 -35.66 -6.11
N PRO E 205 1.31 -36.09 -4.86
CA PRO E 205 2.55 -35.86 -4.12
C PRO E 205 3.77 -36.43 -4.86
N PRO E 206 4.81 -35.60 -5.04
CA PRO E 206 6.02 -36.01 -5.78
C PRO E 206 6.72 -37.19 -5.14
N ALA E 207 7.32 -38.05 -5.97
CA ALA E 207 8.04 -39.21 -5.48
C ALA E 207 9.23 -38.81 -4.62
N ILE E 208 9.88 -37.72 -5.02
CA ILE E 208 11.03 -37.21 -4.28
C ILE E 208 10.89 -35.72 -3.96
N THR E 209 10.89 -35.39 -2.67
CA THR E 209 10.82 -34.01 -2.23
C THR E 209 12.20 -33.53 -1.79
N LEU E 210 12.75 -32.57 -2.53
CA LEU E 210 14.10 -32.09 -2.28
C LEU E 210 14.18 -31.10 -1.12
N SER E 211 15.21 -31.24 -0.31
CA SER E 211 15.46 -30.33 0.79
C SER E 211 15.89 -28.96 0.26
N PRO E 212 15.77 -27.91 1.10
CA PRO E 212 16.21 -26.56 0.72
C PRO E 212 17.68 -26.46 0.33
N ALA E 213 18.44 -27.54 0.53
CA ALA E 213 19.84 -27.58 0.13
C ALA E 213 19.97 -27.52 -1.39
N TYR E 214 18.92 -27.97 -2.08
CA TYR E 214 18.89 -27.93 -3.54
C TYR E 214 18.27 -26.62 -4.03
N LEU E 215 18.07 -25.69 -3.11
CA LEU E 215 17.55 -24.37 -3.43
C LEU E 215 18.04 -23.36 -2.41
N TYR E 216 19.32 -23.48 -2.05
CA TYR E 216 19.92 -22.65 -1.00
C TYR E 216 20.12 -21.21 -1.46
N PRO E 217 19.40 -20.27 -0.81
CA PRO E 217 19.59 -18.85 -1.13
C PRO E 217 20.88 -18.30 -0.54
N GLU E 218 21.70 -17.66 -1.36
CA GLU E 218 22.99 -17.14 -0.90
C GLU E 218 22.80 -16.02 0.11
N GLY E 219 23.69 -15.98 1.10
CA GLY E 219 23.61 -14.99 2.17
C GLY E 219 22.93 -15.54 3.41
N TRP E 220 22.13 -16.58 3.24
CA TRP E 220 21.42 -17.19 4.37
C TRP E 220 22.26 -18.25 5.08
N LEU E 221 21.86 -18.58 6.30
CA LEU E 221 22.54 -19.62 7.08
C LEU E 221 21.56 -20.73 7.47
N LEU E 222 21.38 -21.68 6.55
CA LEU E 222 20.51 -22.82 6.79
C LEU E 222 21.33 -24.02 7.27
N PRO E 223 20.70 -24.92 8.05
CA PRO E 223 21.37 -26.14 8.52
C PRO E 223 21.58 -27.16 7.40
N PHE E 224 22.03 -26.70 6.24
CA PHE E 224 22.29 -27.58 5.10
C PHE E 224 23.55 -27.14 4.38
N GLU E 225 24.23 -28.09 3.73
CA GLU E 225 25.37 -27.78 2.89
C GLU E 225 24.87 -27.44 1.49
N PRO E 226 25.06 -26.19 1.05
CA PRO E 226 24.51 -25.66 -0.21
C PRO E 226 24.90 -26.48 -1.44
N ILE E 227 23.91 -27.05 -2.10
CA ILE E 227 24.13 -27.83 -3.32
C ILE E 227 23.80 -26.99 -4.54
N ILE E 228 22.64 -26.33 -4.50
CA ILE E 228 22.24 -25.41 -5.56
C ILE E 228 21.96 -24.03 -5.00
N LEU E 229 22.72 -23.03 -5.45
CA LEU E 229 22.59 -21.68 -4.94
C LEU E 229 21.57 -20.85 -5.70
N ILE E 230 20.85 -19.99 -4.96
CA ILE E 230 19.99 -19.00 -5.57
C ILE E 230 20.72 -17.66 -5.61
N ARG E 231 21.25 -17.31 -6.78
CA ARG E 231 21.96 -16.05 -6.94
C ARG E 231 21.03 -14.87 -6.71
N ASP E 232 21.41 -14.00 -5.78
CA ASP E 232 20.60 -12.84 -5.41
C ASP E 232 20.44 -11.89 -6.60
N LYS E 233 19.18 -11.64 -6.98
CA LYS E 233 18.87 -10.79 -8.13
C LYS E 233 18.74 -9.32 -7.71
N ASN E 234 19.14 -9.04 -6.48
CA ASN E 234 19.18 -7.66 -6.00
C ASN E 234 20.62 -7.22 -5.77
N LYS E 235 21.54 -7.88 -6.47
CA LYS E 235 22.96 -7.57 -6.38
C LYS E 235 23.33 -6.42 -7.32
N PRO E 236 24.45 -5.73 -7.04
CA PRO E 236 24.95 -4.65 -7.90
C PRO E 236 25.14 -5.07 -9.36
N GLN E 237 25.44 -6.35 -9.58
CA GLN E 237 25.61 -6.87 -10.93
C GLN E 237 24.26 -6.95 -11.65
N TYR E 238 23.27 -7.52 -10.96
CA TYR E 238 21.94 -7.70 -11.52
C TYR E 238 20.93 -6.81 -10.77
N GLY E 239 20.59 -5.68 -11.38
CA GLY E 239 19.77 -4.67 -10.72
C GLY E 239 18.28 -4.97 -10.67
N GLY E 240 17.92 -6.25 -10.65
CA GLY E 240 16.53 -6.66 -10.58
C GLY E 240 15.87 -6.23 -9.28
N HIS E 241 14.56 -6.36 -9.20
CA HIS E 241 13.75 -6.91 -10.29
C HIS E 241 13.29 -5.83 -11.27
N GLU E 242 13.12 -4.61 -10.78
CA GLU E 242 12.55 -3.53 -11.58
C GLU E 242 13.36 -3.24 -12.85
N LEU E 243 14.67 -3.46 -12.78
CA LEU E 243 15.53 -3.23 -13.92
C LEU E 243 15.59 -4.47 -14.83
N LEU E 244 15.49 -5.64 -14.21
CA LEU E 244 15.55 -6.90 -14.96
C LEU E 244 14.21 -7.21 -15.62
N ARG E 245 13.13 -6.88 -14.94
CA ARG E 245 11.79 -7.05 -15.49
C ARG E 245 11.37 -5.80 -16.25
N ARG E 246 12.33 -5.14 -16.88
CA ARG E 246 12.07 -3.92 -17.62
C ARG E 246 12.37 -4.09 -19.12
N LYS E 247 11.40 -3.72 -19.95
CA LYS E 247 11.55 -3.75 -21.39
C LYS E 247 11.94 -5.14 -21.92
N HIS F 2 -29.19 59.74 -86.93
CA HIS F 2 -29.62 59.02 -85.73
C HIS F 2 -30.79 59.73 -85.07
N MET F 3 -30.47 60.56 -84.07
CA MET F 3 -31.48 61.29 -83.33
C MET F 3 -31.45 62.77 -83.67
N ARG F 4 -32.48 63.24 -84.38
CA ARG F 4 -32.56 64.63 -84.81
C ARG F 4 -33.30 65.49 -83.77
N ILE F 5 -32.68 66.59 -83.38
CA ILE F 5 -33.28 67.49 -82.40
C ILE F 5 -33.46 68.89 -82.98
N GLY F 6 -34.69 69.37 -82.98
CA GLY F 6 -34.99 70.69 -83.53
C GLY F 6 -35.10 71.77 -82.47
N ILE F 7 -34.47 72.90 -82.71
CA ILE F 7 -34.51 74.02 -81.78
C ILE F 7 -35.37 75.15 -82.33
N LEU F 8 -36.55 75.35 -81.72
CA LEU F 8 -37.44 76.43 -82.09
C LEU F 8 -36.95 77.75 -81.48
N TYR F 9 -36.61 78.71 -82.32
CA TYR F 9 -36.05 79.97 -81.86
C TYR F 9 -36.69 81.16 -82.58
N ILE F 10 -37.15 82.13 -81.79
CA ILE F 10 -37.79 83.32 -82.35
C ILE F 10 -37.05 84.59 -81.92
N CYS F 11 -36.65 85.40 -82.91
CA CYS F 11 -35.98 86.65 -82.63
C CYS F 11 -36.35 87.69 -83.69
N THR F 12 -37.65 88.01 -83.77
CA THR F 12 -38.16 88.93 -84.76
C THR F 12 -37.83 90.38 -84.39
N GLY F 13 -37.41 91.15 -85.39
CA GLY F 13 -37.11 92.56 -85.19
C GLY F 13 -35.69 92.80 -84.72
N LYS F 14 -35.55 93.38 -83.53
CA LYS F 14 -34.25 93.72 -82.98
C LYS F 14 -33.82 92.73 -81.90
N TYR F 15 -34.57 91.64 -81.79
CA TYR F 15 -34.23 90.56 -80.86
C TYR F 15 -33.22 89.60 -81.50
N ASP F 16 -32.84 89.90 -82.73
CA ASP F 16 -31.89 89.06 -83.47
C ASP F 16 -30.49 89.07 -82.87
N ILE F 17 -30.22 90.07 -82.04
CA ILE F 17 -28.92 90.19 -81.38
C ILE F 17 -28.73 89.07 -80.37
N PHE F 18 -29.84 88.54 -79.85
CA PHE F 18 -29.81 87.46 -78.87
C PHE F 18 -29.42 86.13 -79.51
N TRP F 19 -29.53 86.05 -80.84
CA TRP F 19 -29.20 84.83 -81.57
C TRP F 19 -27.70 84.55 -81.56
N LYS F 20 -26.90 85.61 -81.47
CA LYS F 20 -25.44 85.51 -81.49
C LYS F 20 -24.89 84.57 -80.42
N ASP F 21 -25.08 84.95 -79.16
CA ASP F 21 -24.54 84.19 -78.04
C ASP F 21 -25.26 82.86 -77.85
N PHE F 22 -26.52 82.80 -78.29
CA PHE F 22 -27.31 81.59 -78.15
C PHE F 22 -26.77 80.47 -79.02
N TYR F 23 -26.44 80.80 -80.26
CA TYR F 23 -25.94 79.81 -81.21
C TYR F 23 -24.57 79.27 -80.79
N LEU F 24 -23.72 80.16 -80.28
CA LEU F 24 -22.38 79.77 -79.85
C LEU F 24 -22.42 78.87 -78.62
N SER F 25 -23.38 79.13 -77.73
CA SER F 25 -23.52 78.36 -76.51
C SER F 25 -24.15 76.99 -76.79
N ALA F 26 -25.08 76.95 -77.74
CA ALA F 26 -25.77 75.72 -78.08
C ALA F 26 -24.85 74.76 -78.83
N GLU F 27 -23.84 75.30 -79.49
CA GLU F 27 -22.89 74.49 -80.25
C GLU F 27 -21.80 73.91 -79.35
N ARG F 28 -21.67 74.46 -78.15
CA ARG F 28 -20.63 74.03 -77.23
C ARG F 28 -21.17 73.16 -76.10
N TYR F 29 -22.42 73.38 -75.73
CA TYR F 29 -23.01 72.68 -74.60
C TYR F 29 -24.19 71.79 -74.99
N PHE F 30 -25.09 72.33 -75.80
CA PHE F 30 -26.35 71.65 -76.11
C PHE F 30 -26.18 70.49 -77.10
N MET F 31 -26.35 69.27 -76.58
CA MET F 31 -26.36 68.06 -77.39
C MET F 31 -25.09 67.89 -78.25
N GLN F 32 -23.99 67.54 -77.60
CA GLN F 32 -22.74 67.31 -78.29
C GLN F 32 -22.15 65.95 -77.93
N ASP F 33 -22.70 64.90 -78.53
CA ASP F 33 -22.26 63.54 -78.20
C ASP F 33 -22.33 62.61 -79.42
N GLN F 34 -22.06 63.15 -80.60
CA GLN F 34 -21.92 62.36 -81.83
C GLN F 34 -23.13 61.50 -82.17
N SER F 35 -24.25 61.72 -81.50
CA SER F 35 -25.47 60.98 -81.75
C SER F 35 -26.66 61.91 -81.89
N PHE F 36 -26.41 63.19 -81.65
CA PHE F 36 -27.45 64.21 -81.74
C PHE F 36 -27.10 65.26 -82.80
N ILE F 37 -27.94 65.36 -83.83
CA ILE F 37 -27.79 66.39 -84.84
C ILE F 37 -28.84 67.47 -84.63
N ILE F 38 -28.39 68.64 -84.17
CA ILE F 38 -29.30 69.73 -83.83
C ILE F 38 -29.60 70.63 -85.04
N GLU F 39 -30.88 70.95 -85.21
CA GLU F 39 -31.32 71.83 -86.29
C GLU F 39 -31.93 73.11 -85.72
N TYR F 40 -31.44 74.25 -86.19
CA TYR F 40 -31.92 75.54 -85.71
C TYR F 40 -33.02 76.09 -86.61
N TYR F 41 -34.19 76.35 -86.03
CA TYR F 41 -35.30 76.93 -86.76
C TYR F 41 -35.58 78.35 -86.29
N VAL F 42 -34.89 79.31 -86.90
CA VAL F 42 -34.96 80.69 -86.47
C VAL F 42 -36.01 81.49 -87.24
N PHE F 43 -36.88 82.18 -86.52
CA PHE F 43 -37.90 83.02 -87.14
C PHE F 43 -37.57 84.49 -86.92
N THR F 44 -37.08 85.15 -87.96
CA THR F 44 -36.68 86.56 -87.87
C THR F 44 -36.92 87.30 -89.18
N ASP F 45 -36.65 88.60 -89.16
CA ASP F 45 -36.81 89.43 -90.34
C ASP F 45 -35.46 89.87 -90.89
N SER F 46 -34.40 89.62 -90.12
CA SER F 46 -33.05 89.97 -90.52
C SER F 46 -32.62 89.22 -91.78
N PRO F 47 -32.03 89.93 -92.74
CA PRO F 47 -31.61 89.35 -94.02
C PRO F 47 -30.47 88.35 -93.87
N LYS F 48 -29.77 88.39 -92.75
CA LYS F 48 -28.66 87.47 -92.51
C LYS F 48 -28.49 87.16 -91.03
N LEU F 49 -28.24 85.88 -90.73
CA LEU F 49 -27.95 85.45 -89.37
C LEU F 49 -26.47 85.13 -89.22
N TYR F 50 -26.05 84.82 -87.99
CA TYR F 50 -24.66 84.47 -87.73
C TYR F 50 -24.36 83.05 -88.19
N ASP F 51 -23.27 82.90 -88.95
CA ASP F 51 -22.83 81.61 -89.48
C ASP F 51 -23.91 80.93 -90.32
N GLU F 52 -24.77 81.73 -90.96
CA GLU F 52 -25.81 81.21 -91.82
C GLU F 52 -25.20 80.66 -93.11
N GLU F 53 -24.16 81.33 -93.59
CA GLU F 53 -23.49 80.92 -94.82
C GLU F 53 -22.42 79.87 -94.52
N ASN F 54 -22.10 79.69 -93.25
CA ASN F 54 -21.10 78.72 -92.84
C ASN F 54 -21.70 77.41 -92.36
N ASN F 55 -22.83 77.51 -91.65
CA ASN F 55 -23.49 76.33 -91.10
C ASN F 55 -24.73 75.95 -91.90
N LYS F 56 -24.94 74.65 -92.07
CA LYS F 56 -26.05 74.15 -92.89
C LYS F 56 -27.28 73.87 -92.03
N HIS F 57 -27.06 73.64 -90.75
CA HIS F 57 -28.14 73.29 -89.82
C HIS F 57 -28.94 74.52 -89.39
N ILE F 58 -28.44 75.70 -89.71
CA ILE F 58 -29.16 76.93 -89.39
C ILE F 58 -30.20 77.24 -90.47
N HIS F 59 -31.47 77.20 -90.08
CA HIS F 59 -32.56 77.44 -91.02
C HIS F 59 -33.28 78.74 -90.73
N ARG F 60 -32.89 79.80 -91.43
CA ARG F 60 -33.54 81.10 -91.28
C ARG F 60 -34.92 81.08 -91.92
N ILE F 61 -35.93 81.49 -91.16
CA ILE F 61 -37.31 81.46 -91.63
C ILE F 61 -37.95 82.84 -91.51
N LYS F 62 -38.51 83.32 -92.62
CA LYS F 62 -39.10 84.65 -92.68
C LYS F 62 -40.29 84.81 -91.75
N GLN F 63 -40.24 85.85 -90.92
CA GLN F 63 -41.31 86.14 -89.98
C GLN F 63 -41.24 87.60 -89.53
N LYS F 64 -42.14 88.42 -90.02
CA LYS F 64 -42.14 89.84 -89.71
C LYS F 64 -42.73 90.10 -88.32
N ASN F 65 -42.52 91.32 -87.82
CA ASN F 65 -42.98 91.69 -86.48
C ASN F 65 -44.50 91.73 -86.34
N LEU F 66 -45.00 91.11 -85.28
CA LEU F 66 -46.42 91.13 -84.98
C LEU F 66 -46.71 92.16 -83.88
N GLY F 67 -45.65 92.60 -83.21
CA GLY F 67 -45.80 93.53 -82.11
C GLY F 67 -46.27 92.85 -80.83
N TRP F 68 -46.14 93.52 -79.71
CA TRP F 68 -46.54 92.96 -78.42
C TRP F 68 -48.05 93.11 -78.23
N PRO F 69 -48.71 92.06 -77.72
CA PRO F 69 -48.10 90.78 -77.35
C PRO F 69 -48.19 89.74 -78.45
N ASP F 70 -48.66 90.13 -79.63
CA ASP F 70 -48.85 89.18 -80.73
C ASP F 70 -47.52 88.60 -81.20
N ASN F 71 -46.42 89.29 -80.92
CA ASN F 71 -45.10 88.83 -81.31
C ASN F 71 -44.67 87.60 -80.52
N THR F 72 -45.33 87.38 -79.39
CA THR F 72 -45.02 86.23 -78.54
C THR F 72 -46.25 85.36 -78.32
N LEU F 73 -47.43 85.94 -78.46
CA LEU F 73 -48.68 85.21 -78.28
C LEU F 73 -48.90 84.21 -79.41
N LYS F 74 -48.64 84.65 -80.64
CA LYS F 74 -48.79 83.78 -81.81
C LYS F 74 -47.53 82.95 -82.04
N ARG F 75 -46.85 82.62 -80.95
CA ARG F 75 -45.62 81.83 -80.99
C ARG F 75 -45.82 80.48 -81.66
N PHE F 76 -46.96 79.85 -81.36
CA PHE F 76 -47.25 78.51 -81.86
C PHE F 76 -47.81 78.55 -83.28
N HIS F 77 -48.41 79.67 -83.65
CA HIS F 77 -48.89 79.87 -85.01
C HIS F 77 -47.71 79.92 -85.99
N ILE F 78 -46.62 80.53 -85.53
CA ILE F 78 -45.40 80.63 -86.32
C ILE F 78 -44.75 79.25 -86.48
N PHE F 79 -44.84 78.44 -85.43
CA PHE F 79 -44.28 77.10 -85.44
C PHE F 79 -45.02 76.19 -86.43
N LEU F 80 -46.31 76.44 -86.60
CA LEU F 80 -47.14 75.58 -87.44
C LEU F 80 -47.18 76.05 -88.90
N ARG F 81 -46.37 77.05 -89.23
CA ARG F 81 -46.28 77.51 -90.60
C ARG F 81 -45.41 76.56 -91.42
N ILE F 82 -44.70 75.68 -90.73
CA ILE F 82 -43.83 74.71 -91.38
C ILE F 82 -43.93 73.34 -90.70
N LYS F 83 -45.11 73.02 -90.16
CA LYS F 83 -45.30 71.82 -89.34
C LYS F 83 -44.95 70.53 -90.09
N GLU F 84 -45.04 70.56 -91.41
CA GLU F 84 -44.68 69.40 -92.22
C GLU F 84 -43.17 69.24 -92.31
N GLN F 85 -42.44 70.32 -92.05
CA GLN F 85 -40.99 70.31 -92.14
C GLN F 85 -40.37 69.76 -90.85
N LEU F 86 -41.06 69.95 -89.73
CA LEU F 86 -40.59 69.42 -88.45
C LEU F 86 -40.80 67.91 -88.36
N GLU F 87 -41.84 67.43 -89.03
CA GLU F 87 -42.22 66.02 -88.94
C GLU F 87 -41.26 65.09 -89.67
N ARG F 88 -40.46 65.64 -90.58
CA ARG F 88 -39.56 64.83 -91.40
C ARG F 88 -38.09 65.22 -91.23
N GLU F 89 -37.83 66.17 -90.34
CA GLU F 89 -36.46 66.66 -90.15
C GLU F 89 -36.07 66.59 -88.67
N THR F 90 -37.05 66.42 -87.80
CA THR F 90 -36.79 66.38 -86.36
C THR F 90 -37.43 65.17 -85.68
N ASP F 91 -36.83 64.75 -84.57
CA ASP F 91 -37.41 63.71 -83.73
C ASP F 91 -37.87 64.31 -82.41
N TYR F 92 -37.19 65.38 -82.00
CA TYR F 92 -37.57 66.13 -80.81
C TYR F 92 -37.65 67.62 -81.11
N LEU F 93 -38.56 68.30 -80.44
CA LEU F 93 -38.74 69.73 -80.62
C LEU F 93 -38.54 70.48 -79.31
N PHE F 94 -37.72 71.52 -79.35
CA PHE F 94 -37.41 72.31 -78.16
C PHE F 94 -37.44 73.81 -78.45
N PHE F 95 -38.19 74.55 -77.65
CA PHE F 95 -38.21 76.00 -77.77
C PHE F 95 -37.36 76.64 -76.67
N PHE F 96 -36.57 77.64 -77.05
CA PHE F 96 -35.76 78.39 -76.10
C PHE F 96 -35.97 79.87 -76.29
N ASN F 97 -36.02 80.61 -75.18
CA ASN F 97 -36.16 82.06 -75.23
C ASN F 97 -34.99 82.68 -75.96
N ALA F 98 -35.16 83.93 -76.39
CA ALA F 98 -34.12 84.62 -77.13
C ALA F 98 -32.88 84.88 -76.27
N ASN F 99 -33.09 85.41 -75.07
CA ASN F 99 -32.00 85.83 -74.21
C ASN F 99 -31.46 84.72 -73.31
N LEU F 100 -31.65 83.47 -73.72
CA LEU F 100 -31.15 82.34 -72.95
C LEU F 100 -29.71 82.00 -73.34
N LEU F 101 -28.96 81.50 -72.37
CA LEU F 101 -27.54 81.20 -72.58
C LEU F 101 -27.13 79.93 -71.84
N PHE F 102 -26.43 79.04 -72.53
CA PHE F 102 -25.97 77.78 -71.94
C PHE F 102 -24.64 77.96 -71.20
N THR F 103 -24.54 77.35 -70.03
CA THR F 103 -23.33 77.43 -69.23
C THR F 103 -22.81 76.05 -68.83
N SER F 104 -23.70 75.07 -68.86
CA SER F 104 -23.35 73.70 -68.48
C SER F 104 -23.78 72.70 -69.54
N PRO F 105 -22.96 71.65 -69.77
CA PRO F 105 -23.25 70.61 -70.77
C PRO F 105 -24.60 69.93 -70.54
N ILE F 106 -25.41 69.84 -71.59
CA ILE F 106 -26.71 69.20 -71.52
C ILE F 106 -26.74 67.95 -72.39
N GLY F 107 -27.11 66.82 -71.81
CA GLY F 107 -27.12 65.55 -72.52
C GLY F 107 -28.51 65.02 -72.81
N LYS F 108 -28.65 63.70 -72.72
CA LYS F 108 -29.89 63.02 -73.05
C LYS F 108 -30.88 62.97 -71.88
N GLU F 109 -30.55 63.66 -70.79
CA GLU F 109 -31.36 63.59 -69.58
C GLU F 109 -32.68 64.35 -69.70
N ILE F 110 -32.75 65.27 -70.66
CA ILE F 110 -33.95 66.10 -70.82
C ILE F 110 -34.88 65.54 -71.90
N LEU F 111 -34.56 64.35 -72.40
CA LEU F 111 -35.38 63.71 -73.43
C LEU F 111 -36.49 62.87 -72.80
N PRO F 112 -37.75 63.26 -73.06
CA PRO F 112 -38.91 62.52 -72.55
C PRO F 112 -38.96 61.09 -73.07
N PRO F 113 -39.14 60.10 -72.18
CA PRO F 113 -39.19 58.68 -72.54
C PRO F 113 -40.28 58.36 -73.55
N SER F 114 -40.08 57.30 -74.33
CA SER F 114 -41.06 56.87 -75.32
C SER F 114 -42.27 56.23 -74.65
N ASP F 115 -42.10 55.84 -73.39
CA ASP F 115 -43.18 55.24 -72.62
C ASP F 115 -44.05 56.32 -71.98
N SER F 116 -43.64 57.58 -72.15
CA SER F 116 -44.37 58.70 -71.57
C SER F 116 -45.15 59.45 -72.64
N ASN F 117 -45.77 60.56 -72.24
CA ASN F 117 -46.55 61.38 -73.15
C ASN F 117 -45.67 62.23 -74.06
N GLY F 118 -44.41 62.37 -73.69
CA GLY F 118 -43.46 63.10 -74.50
C GLY F 118 -43.55 64.60 -74.37
N LEU F 119 -43.62 65.10 -73.14
CA LEU F 119 -43.69 66.52 -72.89
C LEU F 119 -42.61 66.98 -71.91
N LEU F 120 -42.35 68.29 -71.89
CA LEU F 120 -41.33 68.85 -71.02
C LEU F 120 -41.77 70.20 -70.47
N GLY F 121 -41.71 70.33 -69.15
CA GLY F 121 -42.09 71.57 -68.47
C GLY F 121 -41.03 72.06 -67.52
N THR F 122 -40.99 73.37 -67.30
CA THR F 122 -39.97 73.97 -66.43
C THR F 122 -40.59 74.87 -65.37
N MET F 123 -40.24 74.63 -64.11
CA MET F 123 -40.71 75.48 -63.03
C MET F 123 -40.14 76.88 -63.14
N HIS F 124 -41.01 77.89 -63.07
CA HIS F 124 -40.58 79.28 -63.16
C HIS F 124 -39.74 79.66 -61.95
N PRO F 125 -38.57 80.28 -62.21
CA PRO F 125 -37.61 80.64 -61.15
C PRO F 125 -38.18 81.61 -60.11
N GLY F 126 -39.26 82.30 -60.47
CA GLY F 126 -39.88 83.24 -59.55
C GLY F 126 -41.00 82.60 -58.75
N PHE F 127 -41.41 81.40 -59.16
CA PHE F 127 -42.51 80.71 -58.50
C PHE F 127 -42.20 79.23 -58.28
N TYR F 128 -40.99 78.93 -57.83
CA TYR F 128 -40.60 77.55 -57.55
C TYR F 128 -40.58 77.32 -56.05
N ASN F 129 -40.53 78.40 -55.28
CA ASN F 129 -40.56 78.33 -53.82
C ASN F 129 -41.88 78.85 -53.27
N LYS F 130 -42.84 79.08 -54.16
CA LYS F 130 -44.14 79.61 -53.77
C LYS F 130 -45.24 78.57 -54.00
N PRO F 131 -46.25 78.57 -53.12
CA PRO F 131 -47.36 77.60 -53.20
C PRO F 131 -48.30 77.86 -54.38
N ASN F 132 -49.36 77.07 -54.47
CA ASN F 132 -50.32 77.17 -55.56
C ASN F 132 -51.13 78.47 -55.50
N SER F 133 -51.26 79.04 -54.31
CA SER F 133 -52.06 80.24 -54.11
C SER F 133 -51.38 81.50 -54.65
N GLU F 134 -50.13 81.37 -55.06
CA GLU F 134 -49.35 82.52 -55.53
C GLU F 134 -49.15 82.47 -57.04
N PHE F 135 -49.61 81.38 -57.66
CA PHE F 135 -49.46 81.21 -59.11
C PHE F 135 -50.31 82.24 -59.87
N THR F 136 -49.71 82.84 -60.90
CA THR F 136 -50.40 83.85 -61.69
C THR F 136 -51.07 83.24 -62.91
N TYR F 137 -52.03 82.34 -62.66
CA TYR F 137 -52.77 81.71 -63.74
C TYR F 137 -53.86 82.63 -64.27
N GLU F 138 -54.37 82.32 -65.45
CA GLU F 138 -55.47 83.08 -66.04
C GLU F 138 -56.75 82.80 -65.26
N ARG F 139 -57.00 83.61 -64.23
CA ARG F 139 -58.10 83.37 -63.31
C ARG F 139 -59.45 83.71 -63.93
N ARG F 140 -59.43 84.45 -65.04
CA ARG F 140 -60.64 84.82 -65.74
C ARG F 140 -61.33 83.60 -66.35
N ASP F 141 -62.60 83.43 -66.01
CA ASP F 141 -63.37 82.27 -66.45
C ASP F 141 -63.74 82.33 -67.92
N ALA F 142 -63.63 83.52 -68.52
CA ALA F 142 -64.00 83.71 -69.91
C ALA F 142 -62.97 83.11 -70.86
N SER F 143 -61.72 83.08 -70.43
CA SER F 143 -60.63 82.59 -71.27
C SER F 143 -60.53 81.07 -71.25
N THR F 144 -59.92 80.50 -72.27
CA THR F 144 -59.74 79.06 -72.37
C THR F 144 -58.58 78.58 -71.50
N ALA F 145 -57.78 79.53 -71.02
CA ALA F 145 -56.65 79.21 -70.14
C ALA F 145 -57.05 79.34 -68.68
N TYR F 146 -58.35 79.19 -68.41
CA TYR F 146 -58.88 79.35 -67.07
C TYR F 146 -58.42 78.24 -66.13
N ILE F 147 -57.83 78.63 -65.00
CA ILE F 147 -57.42 77.68 -63.97
C ILE F 147 -57.92 78.15 -62.61
N PRO F 148 -58.76 77.34 -61.95
CA PRO F 148 -59.31 77.68 -60.63
C PRO F 148 -58.23 77.85 -59.56
N GLU F 149 -58.62 78.35 -58.40
CA GLU F 149 -57.67 78.73 -57.35
C GLU F 149 -57.04 77.53 -56.63
N GLY F 150 -57.76 76.42 -56.58
CA GLY F 150 -57.34 75.29 -55.78
C GLY F 150 -56.27 74.39 -56.39
N GLU F 151 -56.60 73.78 -57.52
CA GLU F 151 -55.73 72.77 -58.13
C GLU F 151 -54.60 73.38 -58.94
N GLY F 152 -53.75 72.52 -59.49
CA GLY F 152 -52.59 72.95 -60.23
C GLY F 152 -51.31 72.51 -59.55
N ARG F 153 -50.42 71.88 -60.30
CA ARG F 153 -49.17 71.36 -59.74
C ARG F 153 -48.11 72.45 -59.63
N TYR F 154 -47.37 72.66 -60.72
CA TYR F 154 -46.30 73.65 -60.75
C TYR F 154 -46.67 74.83 -61.64
N TYR F 155 -45.95 75.94 -61.48
CA TYR F 155 -46.13 77.10 -62.34
C TYR F 155 -45.08 77.11 -63.43
N TYR F 156 -45.40 76.50 -64.57
CA TYR F 156 -44.44 76.34 -65.65
C TYR F 156 -44.17 77.64 -66.38
N ALA F 157 -42.92 77.81 -66.82
CA ALA F 157 -42.50 78.99 -67.55
C ALA F 157 -42.56 78.75 -69.06
N GLY F 158 -42.79 79.81 -69.82
CA GLY F 158 -42.87 79.71 -71.27
C GLY F 158 -41.55 80.00 -71.94
N GLY F 159 -40.53 80.28 -71.14
CA GLY F 159 -39.21 80.59 -71.66
C GLY F 159 -38.60 79.41 -72.39
N LEU F 160 -38.91 78.20 -71.93
CA LEU F 160 -38.40 76.98 -72.56
C LEU F 160 -39.38 75.83 -72.35
N SER F 161 -39.58 75.05 -73.41
CA SER F 161 -40.50 73.92 -73.38
C SER F 161 -40.27 73.02 -74.58
N GLY F 162 -40.72 71.77 -74.50
CA GLY F 162 -40.55 70.84 -75.60
C GLY F 162 -41.07 69.43 -75.39
N GLY F 163 -40.36 68.48 -75.97
CA GLY F 163 -40.77 67.08 -75.97
C GLY F 163 -40.53 66.48 -77.34
N CYS F 164 -41.12 65.32 -77.60
CA CYS F 164 -40.99 64.70 -78.91
C CYS F 164 -41.84 65.44 -79.93
N THR F 165 -41.47 65.33 -81.21
CA THR F 165 -42.11 66.11 -82.28
C THR F 165 -43.60 65.86 -82.37
N LYS F 166 -44.01 64.59 -82.34
CA LYS F 166 -45.41 64.23 -82.49
C LYS F 166 -46.30 64.82 -81.40
N ALA F 167 -45.81 64.78 -80.16
CA ALA F 167 -46.60 65.25 -79.02
C ALA F 167 -46.53 66.77 -78.85
N TYR F 168 -45.42 67.37 -79.27
CA TYR F 168 -45.24 68.81 -79.10
C TYR F 168 -45.98 69.59 -80.18
N LEU F 169 -46.13 68.99 -81.36
CA LEU F 169 -46.92 69.60 -82.42
C LEU F 169 -48.40 69.50 -82.06
N LYS F 170 -48.75 68.51 -81.24
CA LYS F 170 -50.10 68.37 -80.73
C LYS F 170 -50.39 69.50 -79.75
N LEU F 171 -49.35 69.95 -79.06
CA LEU F 171 -49.45 71.08 -78.14
C LEU F 171 -49.72 72.37 -78.91
N CYS F 172 -48.99 72.56 -80.00
CA CYS F 172 -49.10 73.78 -80.79
C CYS F 172 -50.46 73.92 -81.45
N THR F 173 -50.93 72.84 -82.09
CA THR F 173 -52.20 72.88 -82.82
C THR F 173 -53.39 73.00 -81.89
N THR F 174 -53.21 72.63 -80.62
CA THR F 174 -54.29 72.71 -79.65
C THR F 174 -54.42 74.12 -79.08
N ILE F 175 -53.29 74.71 -78.72
CA ILE F 175 -53.27 76.04 -78.13
C ILE F 175 -53.58 77.10 -79.18
N CYS F 176 -53.20 76.85 -80.42
CA CYS F 176 -53.52 77.75 -81.53
C CYS F 176 -55.02 77.92 -81.69
N SER F 177 -55.76 76.88 -81.35
CA SER F 177 -57.22 76.93 -81.40
C SER F 177 -57.76 77.66 -80.17
N TRP F 178 -57.00 77.61 -79.08
CA TRP F 178 -57.38 78.28 -77.84
C TRP F 178 -57.21 79.79 -77.96
N VAL F 179 -56.22 80.22 -78.74
CA VAL F 179 -55.95 81.64 -78.95
C VAL F 179 -57.04 82.26 -79.83
N ASP F 180 -57.41 81.56 -80.90
CA ASP F 180 -58.41 82.03 -81.84
C ASP F 180 -59.78 82.18 -81.18
N ARG F 181 -60.06 81.31 -80.21
CA ARG F 181 -61.33 81.36 -79.49
C ARG F 181 -61.35 82.54 -78.52
N ASP F 182 -60.19 82.84 -77.95
CA ASP F 182 -60.05 83.97 -77.05
C ASP F 182 -59.99 85.29 -77.82
N ALA F 183 -59.56 85.21 -79.07
CA ALA F 183 -59.48 86.38 -79.94
C ALA F 183 -60.87 86.90 -80.27
N THR F 184 -61.84 86.00 -80.35
CA THR F 184 -63.22 86.36 -80.64
C THR F 184 -63.88 87.01 -79.43
N ASN F 185 -63.41 86.65 -78.24
CA ASN F 185 -63.95 87.18 -77.01
C ASN F 185 -63.30 88.51 -76.62
N HIS F 186 -62.45 89.01 -77.51
CA HIS F 186 -61.73 90.27 -77.31
C HIS F 186 -60.92 90.26 -76.01
N ILE F 187 -60.29 89.13 -75.71
CA ILE F 187 -59.49 89.01 -74.50
C ILE F 187 -58.10 88.45 -74.78
N ILE F 188 -57.10 89.04 -74.15
CA ILE F 188 -55.74 88.54 -74.24
C ILE F 188 -55.30 88.03 -72.86
N PRO F 189 -54.96 86.74 -72.78
CA PRO F 189 -54.62 86.10 -71.51
C PRO F 189 -53.30 86.63 -70.91
N ILE F 190 -53.22 86.64 -69.58
CA ILE F 190 -51.99 87.00 -68.88
C ILE F 190 -51.66 85.96 -67.82
N TRP F 191 -50.49 85.33 -67.93
CA TRP F 191 -49.54 85.63 -69.01
C TRP F 191 -49.73 84.68 -70.17
N HIS F 192 -50.08 85.24 -71.32
CA HIS F 192 -50.50 84.50 -72.51
C HIS F 192 -49.73 83.21 -72.81
N ASP F 193 -48.42 83.33 -72.98
CA ASP F 193 -47.60 82.16 -73.32
C ASP F 193 -47.48 81.18 -72.16
N GLN F 194 -47.32 81.74 -70.95
CA GLN F 194 -47.31 80.97 -69.70
C GLN F 194 -48.65 80.36 -69.26
N SER F 195 -49.73 81.13 -69.38
CA SER F 195 -51.05 80.70 -68.93
C SER F 195 -51.63 79.62 -69.84
N LEU F 196 -51.46 79.79 -71.15
CA LEU F 196 -51.97 78.82 -72.12
C LEU F 196 -51.22 77.50 -72.04
N ILE F 197 -49.94 77.56 -71.73
CA ILE F 197 -49.12 76.34 -71.66
C ILE F 197 -49.26 75.68 -70.29
N ASN F 198 -49.72 76.45 -69.30
CA ASN F 198 -49.98 75.90 -67.98
C ASN F 198 -51.27 75.09 -67.97
N LYS F 199 -52.25 75.56 -68.74
CA LYS F 199 -53.52 74.86 -68.88
C LYS F 199 -53.33 73.55 -69.62
N TYR F 200 -52.42 73.55 -70.58
CA TYR F 200 -52.11 72.35 -71.35
C TYR F 200 -51.30 71.38 -70.50
N PHE F 201 -50.41 71.91 -69.68
CA PHE F 201 -49.61 71.09 -68.78
C PHE F 201 -50.41 70.67 -67.54
N LEU F 202 -51.62 71.21 -67.42
CA LEU F 202 -52.54 70.80 -66.37
C LEU F 202 -53.33 69.58 -66.84
N ASP F 203 -53.85 69.67 -68.06
CA ASP F 203 -54.57 68.56 -68.66
C ASP F 203 -53.61 67.44 -69.03
N ASN F 204 -52.43 67.82 -69.53
CA ASN F 204 -51.40 66.87 -69.88
C ASN F 204 -50.07 67.21 -69.21
N PRO F 205 -49.86 66.71 -67.98
CA PRO F 205 -48.64 66.94 -67.21
C PRO F 205 -47.38 66.50 -67.96
N PRO F 206 -46.36 67.37 -67.99
CA PRO F 206 -45.10 67.09 -68.68
C PRO F 206 -44.42 65.81 -68.18
N ALA F 207 -43.83 65.05 -69.10
CA ALA F 207 -43.13 63.83 -68.75
C ALA F 207 -41.93 64.14 -67.87
N ILE F 208 -41.22 65.21 -68.21
CA ILE F 208 -40.05 65.63 -67.44
C ILE F 208 -40.17 67.08 -67.00
N THR F 209 -40.23 67.30 -65.69
CA THR F 209 -40.25 68.64 -65.13
C THR F 209 -38.89 68.97 -64.53
N LEU F 210 -38.14 69.84 -65.21
CA LEU F 210 -36.79 70.16 -64.78
C LEU F 210 -36.74 71.43 -63.93
N SER F 211 -35.81 71.44 -62.98
CA SER F 211 -35.65 72.55 -62.03
C SER F 211 -35.31 73.86 -62.74
N PRO F 212 -35.52 75.01 -62.06
CA PRO F 212 -35.18 76.31 -62.65
C PRO F 212 -33.67 76.53 -62.82
N ALA F 213 -32.88 75.48 -62.65
CA ALA F 213 -31.45 75.55 -62.94
C ALA F 213 -31.24 75.70 -64.45
N TYR F 214 -32.22 75.26 -65.22
CA TYR F 214 -32.21 75.41 -66.67
C TYR F 214 -32.86 76.73 -67.07
N LEU F 215 -33.15 77.56 -66.07
CA LEU F 215 -33.67 78.91 -66.30
C LEU F 215 -33.13 79.86 -65.23
N TYR F 216 -31.83 79.74 -64.94
CA TYR F 216 -31.18 80.54 -63.91
C TYR F 216 -31.09 82.00 -64.32
N PRO F 217 -31.76 82.89 -63.55
CA PRO F 217 -31.72 84.32 -63.81
C PRO F 217 -30.36 84.92 -63.49
N GLU F 218 -29.85 85.78 -64.37
CA GLU F 218 -28.54 86.38 -64.19
C GLU F 218 -28.50 87.33 -62.99
N GLY F 219 -27.56 87.08 -62.08
CA GLY F 219 -27.38 87.93 -60.92
C GLY F 219 -28.02 87.39 -59.67
N TRP F 220 -28.89 86.39 -59.82
CA TRP F 220 -29.60 85.82 -58.68
C TRP F 220 -28.74 84.79 -57.94
N LEU F 221 -29.22 84.35 -56.79
CA LEU F 221 -28.51 83.36 -55.98
C LEU F 221 -29.44 82.22 -55.58
N LEU F 222 -29.60 81.26 -56.48
CA LEU F 222 -30.47 80.11 -56.23
C LEU F 222 -29.66 78.90 -55.75
N PRO F 223 -30.30 78.01 -54.98
CA PRO F 223 -29.66 76.77 -54.53
C PRO F 223 -29.45 75.75 -55.66
N PHE F 224 -29.12 76.24 -56.85
CA PHE F 224 -28.85 75.37 -57.98
C PHE F 224 -27.59 75.81 -58.72
N GLU F 225 -26.96 74.89 -59.43
CA GLU F 225 -25.83 75.23 -60.28
C GLU F 225 -26.34 75.59 -61.66
N PRO F 226 -26.12 76.85 -62.08
CA PRO F 226 -26.67 77.40 -63.32
C PRO F 226 -26.26 76.62 -64.57
N ILE F 227 -27.23 75.96 -65.19
CA ILE F 227 -27.00 75.22 -66.42
C ILE F 227 -27.34 76.09 -67.63
N ILE F 228 -28.52 76.68 -67.61
CA ILE F 228 -28.93 77.64 -68.64
C ILE F 228 -29.19 79.00 -67.99
N LEU F 229 -28.52 80.02 -68.49
CA LEU F 229 -28.62 81.35 -67.90
C LEU F 229 -29.61 82.25 -68.64
N ILE F 230 -30.39 83.01 -67.87
CA ILE F 230 -31.32 83.98 -68.44
C ILE F 230 -30.69 85.37 -68.42
N ARG F 231 -30.28 85.85 -69.59
CA ARG F 231 -29.65 87.16 -69.70
C ARG F 231 -30.65 88.27 -69.37
N ASP F 232 -30.20 89.24 -68.59
CA ASP F 232 -31.06 90.32 -68.12
C ASP F 232 -31.41 91.29 -69.24
N LYS F 233 -32.68 91.67 -69.29
CA LYS F 233 -33.17 92.61 -70.29
C LYS F 233 -32.88 94.06 -69.88
N ASN F 234 -32.37 94.24 -68.67
CA ASN F 234 -32.08 95.58 -68.17
C ASN F 234 -30.58 95.87 -68.12
N LYS F 235 -29.83 95.19 -68.97
CA LYS F 235 -28.40 95.43 -69.09
C LYS F 235 -28.12 96.54 -70.08
N PRO F 236 -26.99 97.26 -69.91
CA PRO F 236 -26.59 98.35 -70.80
C PRO F 236 -26.53 97.96 -72.27
N GLN F 237 -26.25 96.69 -72.54
CA GLN F 237 -26.20 96.19 -73.92
C GLN F 237 -27.58 96.12 -74.54
N TYR F 238 -28.52 95.49 -73.82
CA TYR F 238 -29.88 95.35 -74.31
C TYR F 238 -30.84 96.19 -73.48
N GLY F 239 -31.36 97.25 -74.08
CA GLY F 239 -32.18 98.20 -73.37
C GLY F 239 -33.66 97.86 -73.27
N GLY F 240 -33.96 96.57 -73.16
CA GLY F 240 -35.34 96.11 -73.03
C GLY F 240 -36.02 96.68 -71.80
N HIS F 241 -37.36 96.62 -71.77
CA HIS F 241 -38.13 95.98 -72.85
C HIS F 241 -38.60 96.97 -73.91
N GLU F 242 -39.10 98.12 -73.47
CA GLU F 242 -39.78 99.06 -74.35
C GLU F 242 -38.90 99.56 -75.49
N LEU F 243 -37.60 99.65 -75.24
CA LEU F 243 -36.66 100.05 -76.29
C LEU F 243 -36.41 98.90 -77.25
N LEU F 244 -36.57 97.67 -76.77
CA LEU F 244 -36.39 96.49 -77.60
C LEU F 244 -37.70 96.05 -78.24
N ARG F 245 -38.80 96.58 -77.74
CA ARG F 245 -40.12 96.24 -78.25
C ARG F 245 -40.74 97.38 -79.05
N ARG F 246 -39.89 98.31 -79.51
CA ARG F 246 -40.36 99.42 -80.33
C ARG F 246 -39.77 99.35 -81.74
N LYS F 247 -40.53 99.87 -82.70
CA LYS F 247 -40.12 99.89 -84.10
C LYS F 247 -39.82 98.49 -84.62
N HIS G 2 27.78 -58.63 85.74
CA HIS G 2 28.24 -59.62 84.77
C HIS G 2 28.72 -58.97 83.47
N MET G 3 28.47 -59.63 82.35
CA MET G 3 28.94 -59.17 81.06
C MET G 3 27.80 -58.65 80.20
N ARG G 4 27.94 -57.43 79.70
CA ARG G 4 26.91 -56.80 78.88
C ARG G 4 27.37 -56.66 77.44
N ILE G 5 26.51 -57.07 76.50
CA ILE G 5 26.85 -57.09 75.09
C ILE G 5 25.98 -56.11 74.30
N GLY G 6 26.61 -55.33 73.44
CA GLY G 6 25.89 -54.36 72.62
C GLY G 6 25.80 -54.76 71.17
N ILE G 7 24.62 -54.60 70.58
CA ILE G 7 24.41 -54.95 69.18
C ILE G 7 24.17 -53.72 68.31
N LEU G 8 25.04 -53.52 67.33
CA LEU G 8 24.89 -52.40 66.39
C LEU G 8 24.01 -52.82 65.22
N TYR G 9 22.90 -52.10 65.04
CA TYR G 9 21.92 -52.47 64.00
C TYR G 9 21.35 -51.24 63.32
N ILE G 10 21.49 -51.19 62.00
CA ILE G 10 20.97 -50.07 61.21
C ILE G 10 19.82 -50.51 60.31
N CYS G 11 18.74 -49.76 60.33
CA CYS G 11 17.58 -50.06 59.49
C CYS G 11 16.80 -48.80 59.12
N THR G 12 17.45 -47.93 58.35
CA THR G 12 16.84 -46.69 57.91
C THR G 12 16.03 -46.88 56.63
N GLY G 13 14.87 -46.25 56.56
CA GLY G 13 14.03 -46.33 55.38
C GLY G 13 13.12 -47.55 55.37
N LYS G 14 13.35 -48.43 54.42
CA LYS G 14 12.52 -49.63 54.25
C LYS G 14 13.18 -50.87 54.87
N TYR G 15 14.32 -50.66 55.51
CA TYR G 15 15.06 -51.76 56.13
C TYR G 15 14.57 -52.03 57.54
N ASP G 16 13.63 -51.21 58.00
CA ASP G 16 13.10 -51.33 59.36
C ASP G 16 12.21 -52.57 59.51
N ILE G 17 11.78 -53.14 58.39
CA ILE G 17 10.96 -54.34 58.41
C ILE G 17 11.80 -55.57 58.78
N PHE G 18 13.12 -55.43 58.70
CA PHE G 18 14.03 -56.52 59.00
C PHE G 18 14.30 -56.62 60.50
N TRP G 19 13.88 -55.60 61.24
CA TRP G 19 14.16 -55.52 62.67
C TRP G 19 13.32 -56.50 63.49
N LYS G 20 12.07 -56.73 63.05
CA LYS G 20 11.14 -57.55 63.81
C LYS G 20 11.64 -58.99 63.97
N ASP G 21 11.84 -59.67 62.85
CA ASP G 21 12.28 -61.07 62.88
C ASP G 21 13.69 -61.22 63.45
N PHE G 22 14.50 -60.19 63.27
CA PHE G 22 15.87 -60.19 63.82
C PHE G 22 15.86 -60.14 65.33
N TYR G 23 15.02 -59.25 65.89
CA TYR G 23 14.91 -59.09 67.33
C TYR G 23 14.39 -60.34 68.01
N LEU G 24 13.41 -60.99 67.37
CA LEU G 24 12.82 -62.20 67.91
C LEU G 24 13.82 -63.35 67.94
N SER G 25 14.66 -63.41 66.91
CA SER G 25 15.68 -64.45 66.80
C SER G 25 16.82 -64.20 67.78
N ALA G 26 17.15 -62.93 67.97
CA ALA G 26 18.23 -62.53 68.87
C ALA G 26 17.83 -62.77 70.33
N GLU G 27 16.54 -62.71 70.60
CA GLU G 27 16.02 -62.93 71.95
C GLU G 27 15.82 -64.40 72.25
N ARG G 28 16.14 -65.25 71.29
CA ARG G 28 15.95 -66.69 71.45
C ARG G 28 17.26 -67.46 71.35
N TYR G 29 18.19 -66.93 70.56
CA TYR G 29 19.46 -67.62 70.32
C TYR G 29 20.67 -66.84 70.85
N PHE G 30 20.73 -65.55 70.54
CA PHE G 30 21.90 -64.75 70.85
C PHE G 30 22.05 -64.43 72.33
N MET G 31 23.01 -65.10 72.98
CA MET G 31 23.35 -64.84 74.38
C MET G 31 22.16 -64.92 75.32
N GLN G 32 21.60 -66.11 75.47
CA GLN G 32 20.46 -66.31 76.37
C GLN G 32 20.91 -66.89 77.69
N ASP G 33 22.15 -66.61 78.08
CA ASP G 33 22.67 -67.04 79.37
C ASP G 33 22.39 -65.97 80.42
N GLN G 34 22.27 -66.38 81.68
CA GLN G 34 21.91 -65.47 82.76
C GLN G 34 23.05 -64.54 83.14
N SER G 35 24.19 -64.68 82.47
CA SER G 35 25.34 -63.80 82.72
C SER G 35 25.50 -62.81 81.59
N PHE G 36 24.52 -62.75 80.70
CA PHE G 36 24.58 -61.87 79.54
C PHE G 36 23.41 -60.90 79.49
N ILE G 37 23.72 -59.60 79.45
CA ILE G 37 22.70 -58.59 79.19
C ILE G 37 22.87 -58.04 77.78
N ILE G 38 21.81 -58.16 76.98
CA ILE G 38 21.85 -57.72 75.59
C ILE G 38 21.24 -56.32 75.44
N GLU G 39 22.03 -55.40 74.89
CA GLU G 39 21.57 -54.04 74.63
C GLU G 39 21.48 -53.77 73.13
N TYR G 40 20.29 -53.43 72.67
CA TYR G 40 20.07 -53.16 71.26
C TYR G 40 20.23 -51.68 70.94
N TYR G 41 21.20 -51.37 70.08
CA TYR G 41 21.41 -50.00 69.62
C TYR G 41 20.97 -49.85 68.18
N VAL G 42 19.70 -49.56 67.98
CA VAL G 42 19.13 -49.48 66.64
C VAL G 42 19.23 -48.08 66.04
N PHE G 43 19.85 -47.99 64.87
CA PHE G 43 20.00 -46.73 64.17
C PHE G 43 18.97 -46.62 63.04
N THR G 44 17.93 -45.84 63.25
CA THR G 44 16.86 -45.71 62.27
C THR G 44 16.15 -44.35 62.36
N ASP G 45 15.26 -44.11 61.40
CA ASP G 45 14.48 -42.87 61.38
C ASP G 45 13.01 -43.14 61.75
N SER G 46 12.67 -44.42 61.82
CA SER G 46 11.30 -44.83 62.15
C SER G 46 10.91 -44.39 63.55
N PRO G 47 9.71 -43.83 63.69
CA PRO G 47 9.22 -43.34 64.98
C PRO G 47 8.83 -44.47 65.93
N LYS G 48 8.66 -45.68 65.40
CA LYS G 48 8.23 -46.81 66.20
C LYS G 48 8.99 -48.09 65.83
N LEU G 49 9.43 -48.82 66.85
CA LEU G 49 10.09 -50.11 66.64
C LEU G 49 9.35 -51.22 67.37
N TYR G 50 9.70 -52.46 67.09
CA TYR G 50 9.06 -53.61 67.71
C TYR G 50 9.50 -53.75 69.16
N ASP G 51 8.51 -53.84 70.06
CA ASP G 51 8.75 -54.02 71.49
C ASP G 51 9.64 -52.93 72.09
N GLU G 52 9.59 -51.73 71.52
CA GLU G 52 10.38 -50.62 72.01
C GLU G 52 9.85 -50.15 73.37
N GLU G 53 8.53 -50.13 73.50
CA GLU G 53 7.89 -49.68 74.74
C GLU G 53 7.85 -50.78 75.78
N ASN G 54 8.03 -52.03 75.33
CA ASN G 54 7.99 -53.17 76.22
C ASN G 54 9.37 -53.52 76.79
N ASN G 55 10.39 -53.42 75.94
CA ASN G 55 11.75 -53.74 76.35
C ASN G 55 12.56 -52.48 76.66
N LYS G 56 13.27 -52.50 77.78
CA LYS G 56 14.04 -51.33 78.22
C LYS G 56 15.47 -51.34 77.69
N HIS G 57 15.89 -52.48 77.15
CA HIS G 57 17.25 -52.61 76.62
C HIS G 57 17.32 -52.13 75.17
N ILE G 58 16.16 -51.99 74.54
CA ILE G 58 16.10 -51.49 73.17
C ILE G 58 16.31 -49.98 73.14
N HIS G 59 17.40 -49.55 72.51
CA HIS G 59 17.72 -48.12 72.43
C HIS G 59 17.55 -47.59 71.01
N ARG G 60 16.38 -47.05 70.72
CA ARG G 60 16.12 -46.45 69.41
C ARG G 60 16.73 -45.06 69.32
N ILE G 61 17.84 -44.95 68.61
CA ILE G 61 18.46 -43.65 68.41
C ILE G 61 18.05 -43.11 67.04
N LYS G 62 18.16 -41.80 66.88
CA LYS G 62 17.65 -41.14 65.67
C LYS G 62 18.73 -40.92 64.63
N GLN G 63 18.51 -41.49 63.45
CA GLN G 63 19.44 -41.36 62.32
C GLN G 63 18.67 -41.35 61.01
N LYS G 64 18.69 -40.21 60.32
CA LYS G 64 17.92 -40.06 59.09
C LYS G 64 18.50 -40.88 57.94
N ASN G 65 17.81 -40.85 56.80
CA ASN G 65 18.23 -41.59 55.62
C ASN G 65 19.30 -40.84 54.85
N LEU G 66 20.48 -41.44 54.74
CA LEU G 66 21.59 -40.83 54.01
C LEU G 66 21.60 -41.24 52.55
N GLY G 67 20.83 -42.28 52.23
CA GLY G 67 20.82 -42.83 50.88
C GLY G 67 22.07 -43.64 50.63
N TRP G 68 22.12 -44.31 49.47
CA TRP G 68 23.28 -45.12 49.12
C TRP G 68 24.30 -44.30 48.34
N PRO G 69 25.60 -44.58 48.55
CA PRO G 69 26.12 -45.59 49.48
C PRO G 69 26.38 -45.06 50.88
N ASP G 70 25.99 -43.82 51.16
CA ASP G 70 26.28 -43.19 52.45
C ASP G 70 25.58 -43.87 53.62
N ASN G 71 24.50 -44.59 53.33
CA ASN G 71 23.76 -45.28 54.37
C ASN G 71 24.54 -46.46 54.93
N THR G 72 25.48 -46.98 54.15
CA THR G 72 26.29 -48.10 54.60
C THR G 72 27.75 -47.70 54.76
N LEU G 73 28.20 -46.71 53.98
CA LEU G 73 29.58 -46.27 54.03
C LEU G 73 29.91 -45.52 55.33
N LYS G 74 29.05 -44.59 55.70
CA LYS G 74 29.25 -43.81 56.92
C LYS G 74 28.65 -44.50 58.14
N ARG G 75 28.68 -45.83 58.14
CA ARG G 75 28.12 -46.61 59.24
C ARG G 75 28.88 -46.37 60.54
N PHE G 76 30.18 -46.15 60.42
CA PHE G 76 31.03 -45.94 61.58
C PHE G 76 30.89 -44.53 62.13
N HIS G 77 30.43 -43.62 61.27
CA HIS G 77 30.09 -42.27 61.71
C HIS G 77 28.88 -42.31 62.63
N ILE G 78 27.93 -43.16 62.28
CA ILE G 78 26.71 -43.32 63.06
C ILE G 78 27.00 -44.05 64.36
N PHE G 79 28.04 -44.89 64.35
CA PHE G 79 28.44 -45.63 65.54
C PHE G 79 29.13 -44.73 66.56
N LEU G 80 29.80 -43.70 66.08
CA LEU G 80 30.64 -42.85 66.93
C LEU G 80 29.92 -41.58 67.41
N ARG G 81 28.70 -41.37 66.93
CA ARG G 81 27.94 -40.20 67.35
C ARG G 81 27.27 -40.43 68.70
N ILE G 82 27.33 -41.68 69.17
CA ILE G 82 26.83 -42.02 70.49
C ILE G 82 27.83 -42.93 71.21
N LYS G 83 29.10 -42.82 70.84
CA LYS G 83 30.16 -43.67 71.39
C LYS G 83 30.34 -43.44 72.90
N GLU G 84 29.92 -42.28 73.37
CA GLU G 84 30.02 -41.95 74.80
C GLU G 84 29.09 -42.85 75.62
N GLN G 85 28.02 -43.32 74.97
CA GLN G 85 27.05 -44.18 75.62
C GLN G 85 27.43 -45.65 75.46
N LEU G 86 28.19 -45.95 74.41
CA LEU G 86 28.59 -47.31 74.11
C LEU G 86 29.76 -47.80 74.97
N GLU G 87 30.66 -46.87 75.32
CA GLU G 87 31.86 -47.23 76.06
C GLU G 87 31.61 -47.40 77.55
N ARG G 88 30.43 -47.02 78.01
CA ARG G 88 30.10 -47.11 79.43
C ARG G 88 28.95 -48.09 79.69
N GLU G 89 28.33 -48.57 78.63
CA GLU G 89 27.20 -49.49 78.76
C GLU G 89 27.49 -50.86 78.15
N THR G 90 28.60 -50.97 77.43
CA THR G 90 28.94 -52.22 76.77
C THR G 90 30.39 -52.63 77.01
N ASP G 91 30.64 -53.94 76.95
CA ASP G 91 32.01 -54.46 77.02
C ASP G 91 32.41 -55.01 75.65
N TYR G 92 31.43 -55.54 74.93
CA TYR G 92 31.64 -56.06 73.57
C TYR G 92 30.64 -55.43 72.60
N LEU G 93 31.09 -55.19 71.38
CA LEU G 93 30.21 -54.65 70.34
C LEU G 93 30.10 -55.61 69.18
N PHE G 94 28.91 -55.69 68.59
CA PHE G 94 28.66 -56.57 67.45
C PHE G 94 27.78 -55.89 66.41
N PHE G 95 28.20 -55.93 65.16
CA PHE G 95 27.41 -55.39 64.07
C PHE G 95 26.76 -56.50 63.25
N PHE G 96 25.45 -56.39 63.03
CA PHE G 96 24.73 -57.35 62.22
C PHE G 96 24.02 -56.63 61.07
N ASN G 97 23.99 -57.28 59.91
CA ASN G 97 23.28 -56.75 58.76
C ASN G 97 21.78 -56.73 59.03
N ALA G 98 21.04 -55.99 58.20
CA ALA G 98 19.61 -55.87 58.39
C ALA G 98 18.90 -57.21 58.22
N ASN G 99 19.16 -57.87 57.09
CA ASN G 99 18.50 -59.13 56.76
C ASN G 99 19.13 -60.35 57.41
N LEU G 100 19.80 -60.16 58.54
CA LEU G 100 20.38 -61.29 59.27
C LEU G 100 19.32 -61.94 60.15
N LEU G 101 19.48 -63.24 60.38
CA LEU G 101 18.52 -64.01 61.16
C LEU G 101 19.20 -65.16 61.89
N PHE G 102 18.91 -65.31 63.18
CA PHE G 102 19.51 -66.36 63.98
C PHE G 102 18.71 -67.66 63.90
N THR G 103 19.43 -68.78 63.77
CA THR G 103 18.79 -70.08 63.66
C THR G 103 19.35 -71.07 64.68
N SER G 104 20.55 -70.80 65.16
CA SER G 104 21.20 -71.68 66.14
C SER G 104 21.80 -70.84 67.28
N PRO G 105 21.74 -71.37 68.51
CA PRO G 105 22.22 -70.66 69.71
C PRO G 105 23.70 -70.27 69.64
N ILE G 106 24.00 -69.02 69.98
CA ILE G 106 25.38 -68.55 70.04
C ILE G 106 25.80 -68.31 71.48
N GLY G 107 26.92 -68.92 71.88
CA GLY G 107 27.45 -68.75 73.22
C GLY G 107 28.62 -67.81 73.28
N LYS G 108 29.53 -68.07 74.22
CA LYS G 108 30.69 -67.21 74.44
C LYS G 108 31.86 -67.53 73.51
N GLU G 109 31.60 -68.36 72.50
CA GLU G 109 32.65 -68.79 71.59
C GLU G 109 33.04 -67.67 70.61
N ILE G 110 32.17 -66.68 70.47
CA ILE G 110 32.43 -65.58 69.54
C ILE G 110 33.03 -64.36 70.26
N LEU G 111 33.25 -64.50 71.56
CA LEU G 111 33.84 -63.42 72.35
C LEU G 111 35.36 -63.48 72.32
N PRO G 112 36.00 -62.47 71.72
CA PRO G 112 37.46 -62.39 71.65
C PRO G 112 38.10 -62.34 73.03
N PRO G 113 39.15 -63.16 73.25
CA PRO G 113 39.87 -63.21 74.53
C PRO G 113 40.42 -61.85 74.95
N SER G 114 40.54 -61.64 76.26
CA SER G 114 41.02 -60.36 76.79
C SER G 114 42.50 -60.15 76.50
N ASP G 115 43.22 -61.24 76.25
CA ASP G 115 44.65 -61.16 75.98
C ASP G 115 44.93 -61.07 74.49
N SER G 116 43.88 -60.85 73.70
CA SER G 116 44.03 -60.69 72.26
C SER G 116 43.73 -59.25 71.83
N ASN G 117 43.71 -59.02 70.53
CA ASN G 117 43.44 -57.68 70.01
C ASN G 117 41.97 -57.28 70.16
N GLY G 118 41.12 -58.27 70.39
CA GLY G 118 39.71 -58.04 70.62
C GLY G 118 38.95 -57.63 69.38
N LEU G 119 39.14 -58.38 68.30
CA LEU G 119 38.45 -58.09 67.05
C LEU G 119 37.75 -59.33 66.50
N LEU G 120 36.69 -59.12 65.73
CA LEU G 120 35.93 -60.21 65.14
C LEU G 120 35.67 -59.98 63.67
N GLY G 121 35.90 -61.01 62.87
CA GLY G 121 35.67 -60.95 61.44
C GLY G 121 34.99 -62.22 60.95
N THR G 122 34.33 -62.13 59.80
CA THR G 122 33.65 -63.29 59.23
C THR G 122 33.94 -63.41 57.74
N MET G 123 34.36 -64.60 57.33
CA MET G 123 34.67 -64.86 55.93
C MET G 123 33.43 -64.74 55.05
N HIS G 124 33.58 -64.06 53.93
CA HIS G 124 32.48 -63.89 52.98
C HIS G 124 32.11 -65.24 52.37
N PRO G 125 30.81 -65.57 52.39
CA PRO G 125 30.31 -66.87 51.92
C PRO G 125 30.59 -67.13 50.44
N GLY G 126 30.86 -66.08 49.69
CA GLY G 126 31.14 -66.22 48.27
C GLY G 126 32.62 -66.15 47.96
N PHE G 127 33.43 -65.86 48.97
CA PHE G 127 34.87 -65.73 48.79
C PHE G 127 35.65 -66.45 49.89
N TYR G 128 35.20 -67.64 50.25
CA TYR G 128 35.88 -68.44 51.27
C TYR G 128 36.51 -69.67 50.67
N ASN G 129 36.09 -70.00 49.44
CA ASN G 129 36.65 -71.11 48.70
C ASN G 129 37.50 -70.63 47.51
N LYS G 130 37.75 -69.33 47.47
CA LYS G 130 38.54 -68.74 46.41
C LYS G 130 39.89 -68.25 46.93
N PRO G 131 40.93 -68.33 46.08
CA PRO G 131 42.28 -67.89 46.47
C PRO G 131 42.40 -66.37 46.59
N ASN G 132 43.61 -65.89 46.81
CA ASN G 132 43.86 -64.47 46.98
C ASN G 132 43.63 -63.68 45.69
N SER G 133 43.77 -64.37 44.56
CA SER G 133 43.69 -63.71 43.25
C SER G 133 42.26 -63.41 42.83
N GLU G 134 41.30 -63.82 43.66
CA GLU G 134 39.88 -63.62 43.34
C GLU G 134 39.19 -62.67 44.31
N PHE G 135 39.94 -62.16 45.28
CA PHE G 135 39.40 -61.22 46.25
C PHE G 135 39.16 -59.86 45.62
N THR G 136 38.04 -59.24 45.97
CA THR G 136 37.66 -57.95 45.39
C THR G 136 38.08 -56.79 46.30
N TYR G 137 39.38 -56.71 46.58
CA TYR G 137 39.91 -55.60 47.35
C TYR G 137 39.97 -54.33 46.50
N GLU G 138 40.08 -53.19 47.16
CA GLU G 138 40.19 -51.92 46.45
C GLU G 138 41.56 -51.81 45.80
N ARG G 139 41.62 -52.11 44.50
CA ARG G 139 42.90 -52.21 43.80
C ARG G 139 43.39 -50.85 43.30
N ARG G 140 42.97 -49.80 44.00
CA ARG G 140 43.38 -48.44 43.67
C ARG G 140 44.31 -47.89 44.74
N ASP G 141 45.54 -47.58 44.34
CA ASP G 141 46.56 -47.11 45.26
C ASP G 141 46.25 -45.71 45.79
N ALA G 142 45.31 -45.03 45.15
CA ALA G 142 44.93 -43.68 45.56
C ALA G 142 44.01 -43.70 46.79
N SER G 143 43.28 -44.80 46.96
CA SER G 143 42.35 -44.92 48.08
C SER G 143 43.04 -45.44 49.33
N THR G 144 42.43 -45.22 50.48
CA THR G 144 42.99 -45.66 51.75
C THR G 144 42.69 -47.12 52.02
N ALA G 145 41.75 -47.68 51.25
CA ALA G 145 41.39 -49.09 51.38
C ALA G 145 42.22 -49.94 50.42
N TYR G 146 43.34 -49.39 49.96
CA TYR G 146 44.19 -50.09 49.00
C TYR G 146 44.88 -51.31 49.60
N ILE G 147 44.70 -52.45 48.95
CA ILE G 147 45.38 -53.68 49.36
C ILE G 147 46.18 -54.24 48.19
N PRO G 148 47.51 -54.30 48.34
CA PRO G 148 48.44 -54.76 47.29
C PRO G 148 48.11 -56.17 46.79
N GLU G 149 48.54 -56.47 45.56
CA GLU G 149 48.34 -57.80 44.99
C GLU G 149 49.13 -58.86 45.72
N GLY G 150 48.53 -60.02 45.92
CA GLY G 150 49.19 -61.13 46.59
C GLY G 150 49.02 -61.10 48.09
N GLU G 151 48.82 -59.89 48.63
CA GLU G 151 48.67 -59.72 50.08
C GLU G 151 47.24 -60.00 50.51
N GLY G 152 47.09 -60.38 51.77
CA GLY G 152 45.78 -60.70 52.30
C GLY G 152 45.60 -62.20 52.44
N ARG G 153 44.75 -62.61 53.37
CA ARG G 153 44.49 -64.03 53.62
C ARG G 153 43.02 -64.38 53.41
N TYR G 154 42.17 -63.83 54.26
CA TYR G 154 40.73 -64.06 54.17
C TYR G 154 40.00 -62.80 53.69
N TYR G 155 38.93 -63.00 52.93
CA TYR G 155 38.09 -61.89 52.49
C TYR G 155 36.94 -61.70 53.46
N TYR G 156 37.10 -60.81 54.42
CA TYR G 156 36.09 -60.55 55.44
C TYR G 156 34.92 -59.75 54.87
N ALA G 157 33.71 -60.12 55.28
CA ALA G 157 32.52 -59.40 54.87
C ALA G 157 32.12 -58.37 55.92
N GLY G 158 31.47 -57.30 55.48
CA GLY G 158 31.05 -56.25 56.39
C GLY G 158 29.77 -56.60 57.12
N GLY G 159 29.13 -57.68 56.70
CA GLY G 159 27.86 -58.10 57.28
C GLY G 159 27.98 -58.52 58.73
N LEU G 160 29.17 -58.92 59.15
CA LEU G 160 29.40 -59.34 60.52
C LEU G 160 30.81 -58.97 61.00
N SER G 161 30.86 -58.07 61.97
CA SER G 161 32.14 -57.65 62.56
C SER G 161 31.90 -57.16 63.99
N GLY G 162 32.90 -57.36 64.85
CA GLY G 162 32.76 -56.97 66.25
C GLY G 162 34.04 -57.05 67.06
N GLY G 163 33.87 -57.33 68.35
CA GLY G 163 34.98 -57.35 69.29
C GLY G 163 34.65 -56.56 70.54
N CYS G 164 35.63 -56.41 71.43
CA CYS G 164 35.43 -55.63 72.64
C CYS G 164 35.21 -54.16 72.30
N THR G 165 34.55 -53.43 73.20
CA THR G 165 34.16 -52.05 72.95
C THR G 165 35.35 -51.15 72.65
N LYS G 166 36.42 -51.29 73.42
CA LYS G 166 37.60 -50.45 73.26
C LYS G 166 38.24 -50.61 71.88
N ALA G 167 38.49 -51.85 71.49
CA ALA G 167 39.15 -52.14 70.21
C ALA G 167 38.25 -51.83 69.03
N TYR G 168 36.95 -52.01 69.19
CA TYR G 168 36.01 -51.79 68.09
C TYR G 168 35.72 -50.30 67.92
N LEU G 169 35.80 -49.54 69.01
CA LEU G 169 35.63 -48.09 68.94
C LEU G 169 36.86 -47.47 68.29
N LYS G 170 38.01 -48.11 68.45
CA LYS G 170 39.22 -47.70 67.77
C LYS G 170 39.14 -48.12 66.30
N LEU G 171 38.43 -49.21 66.04
CA LEU G 171 38.19 -49.68 64.69
C LEU G 171 37.33 -48.67 63.94
N CYS G 172 36.24 -48.24 64.58
CA CYS G 172 35.34 -47.26 64.00
C CYS G 172 36.05 -45.93 63.78
N THR G 173 36.85 -45.51 64.76
CA THR G 173 37.55 -44.23 64.69
C THR G 173 38.58 -44.21 63.56
N THR G 174 39.34 -45.28 63.45
CA THR G 174 40.39 -45.38 62.43
C THR G 174 39.79 -45.42 61.02
N ILE G 175 38.73 -46.20 60.85
CA ILE G 175 38.06 -46.31 59.55
C ILE G 175 37.34 -45.02 59.20
N CYS G 176 36.78 -44.35 60.21
CA CYS G 176 36.08 -43.08 60.00
C CYS G 176 37.02 -42.02 59.43
N SER G 177 38.31 -42.17 59.68
CA SER G 177 39.31 -41.25 59.15
C SER G 177 39.72 -41.65 57.74
N TRP G 178 39.55 -42.94 57.42
CA TRP G 178 39.93 -43.46 56.12
C TRP G 178 38.93 -43.07 55.03
N VAL G 179 37.66 -42.97 55.40
CA VAL G 179 36.63 -42.57 54.47
C VAL G 179 36.67 -41.05 54.24
N ASP G 180 36.93 -40.32 55.32
CA ASP G 180 37.03 -38.86 55.25
C ASP G 180 38.24 -38.42 54.44
N ARG G 181 39.29 -39.22 54.48
CA ARG G 181 40.51 -38.93 53.72
C ARG G 181 40.25 -39.17 52.24
N ASP G 182 39.36 -40.11 51.94
CA ASP G 182 38.97 -40.40 50.57
C ASP G 182 38.04 -39.30 50.03
N ALA G 183 37.30 -38.66 50.93
CA ALA G 183 36.39 -37.60 50.56
C ALA G 183 37.14 -36.39 49.99
N THR G 184 38.33 -36.16 50.52
CA THR G 184 39.18 -35.08 50.04
C THR G 184 39.80 -35.43 48.70
N ASN G 185 39.95 -36.73 48.44
CA ASN G 185 40.52 -37.21 47.18
C ASN G 185 39.45 -37.57 46.16
N HIS G 186 38.20 -37.29 46.51
CA HIS G 186 37.04 -37.56 45.64
C HIS G 186 36.98 -39.03 45.23
N ILE G 187 37.11 -39.92 46.21
CA ILE G 187 37.10 -41.36 45.93
C ILE G 187 36.12 -42.10 46.84
N ILE G 188 35.26 -42.92 46.24
CA ILE G 188 34.37 -43.80 46.99
C ILE G 188 34.72 -45.24 46.69
N PRO G 189 35.34 -45.93 47.67
CA PRO G 189 35.83 -47.30 47.48
C PRO G 189 34.70 -48.32 47.35
N ILE G 190 34.95 -49.37 46.57
CA ILE G 190 33.99 -50.46 46.42
C ILE G 190 34.68 -51.80 46.66
N TRP G 191 34.14 -52.60 47.57
CA TRP G 191 32.93 -52.24 48.31
C TRP G 191 33.23 -51.37 49.52
N HIS G 192 32.32 -50.43 49.77
CA HIS G 192 32.52 -49.36 50.75
C HIS G 192 32.85 -49.83 52.16
N ASP G 193 32.30 -50.98 52.55
CA ASP G 193 32.49 -51.46 53.91
C ASP G 193 33.41 -52.66 53.96
N GLN G 194 33.26 -53.56 52.97
CA GLN G 194 34.10 -54.75 52.82
C GLN G 194 35.57 -54.53 52.43
N SER G 195 35.82 -53.64 51.48
CA SER G 195 37.18 -53.30 51.05
C SER G 195 37.86 -52.38 52.06
N LEU G 196 37.06 -51.64 52.82
CA LEU G 196 37.58 -50.66 53.75
C LEU G 196 37.93 -51.30 55.10
N ILE G 197 37.15 -52.31 55.49
CA ILE G 197 37.40 -53.00 56.76
C ILE G 197 38.46 -54.09 56.59
N ASN G 198 38.66 -54.53 55.35
CA ASN G 198 39.67 -55.54 55.07
C ASN G 198 41.07 -54.95 55.20
N LYS G 199 41.20 -53.65 54.90
CA LYS G 199 42.46 -52.96 55.07
C LYS G 199 42.80 -52.84 56.55
N TYR G 200 41.78 -52.60 57.37
CA TYR G 200 41.95 -52.56 58.81
C TYR G 200 42.24 -53.95 59.35
N PHE G 201 41.59 -54.95 58.77
CA PHE G 201 41.79 -56.33 59.17
C PHE G 201 43.09 -56.88 58.56
N LEU G 202 43.67 -56.14 57.63
CA LEU G 202 44.96 -56.49 57.07
C LEU G 202 46.07 -56.07 58.02
N ASP G 203 46.01 -54.83 58.48
CA ASP G 203 46.96 -54.31 59.45
C ASP G 203 46.68 -54.90 60.83
N ASN G 204 45.40 -55.10 61.13
CA ASN G 204 45.00 -55.68 62.40
C ASN G 204 44.13 -56.93 62.22
N PRO G 205 44.77 -58.08 62.03
CA PRO G 205 44.06 -59.37 61.89
C PRO G 205 43.19 -59.67 63.10
N PRO G 206 41.91 -59.99 62.87
CA PRO G 206 40.97 -60.27 63.96
C PRO G 206 41.38 -61.50 64.77
N ALA G 207 41.15 -61.45 66.08
CA ALA G 207 41.50 -62.55 66.97
C ALA G 207 40.71 -63.81 66.62
N ILE G 208 39.46 -63.63 66.21
CA ILE G 208 38.61 -64.75 65.85
C ILE G 208 37.94 -64.53 64.50
N THR G 209 38.10 -65.52 63.61
CA THR G 209 37.49 -65.45 62.29
C THR G 209 36.37 -66.49 62.18
N LEU G 210 35.16 -66.01 61.94
CA LEU G 210 33.98 -66.88 61.90
C LEU G 210 33.80 -67.52 60.53
N SER G 211 33.36 -68.77 60.53
CA SER G 211 33.06 -69.50 59.30
C SER G 211 31.83 -68.87 58.62
N PRO G 212 31.65 -69.12 57.32
CA PRO G 212 30.49 -68.58 56.61
C PRO G 212 29.16 -69.15 57.08
N ALA G 213 29.18 -70.00 58.11
CA ALA G 213 27.95 -70.49 58.72
C ALA G 213 27.23 -69.35 59.42
N TYR G 214 28.00 -68.40 59.91
CA TYR G 214 27.45 -67.22 60.58
C TYR G 214 27.03 -66.17 59.57
N LEU G 215 27.22 -66.48 58.29
CA LEU G 215 26.73 -65.65 57.20
C LEU G 215 26.16 -66.54 56.11
N TYR G 216 25.39 -67.53 56.53
CA TYR G 216 24.82 -68.53 55.62
C TYR G 216 23.72 -67.92 54.76
N PRO G 217 23.96 -67.86 53.44
CA PRO G 217 22.97 -67.30 52.51
C PRO G 217 21.76 -68.20 52.36
N GLU G 218 20.57 -67.62 52.40
CA GLU G 218 19.33 -68.39 52.31
C GLU G 218 19.18 -69.07 50.94
N GLY G 219 19.15 -70.39 50.95
CA GLY G 219 18.96 -71.16 49.74
C GLY G 219 20.22 -71.83 49.24
N TRP G 220 21.36 -71.43 49.79
CA TRP G 220 22.65 -71.98 49.36
C TRP G 220 22.92 -73.34 49.99
N LEU G 221 23.91 -74.06 49.45
CA LEU G 221 24.30 -75.35 49.98
C LEU G 221 25.77 -75.34 50.39
N LEU G 222 26.04 -74.82 51.59
CA LEU G 222 27.40 -74.77 52.11
C LEU G 222 27.66 -75.93 53.06
N PRO G 223 28.91 -76.39 53.13
CA PRO G 223 29.31 -77.47 54.03
C PRO G 223 29.28 -77.07 55.51
N PHE G 224 28.27 -76.32 55.91
CA PHE G 224 28.12 -75.89 57.30
C PHE G 224 26.67 -75.95 57.73
N GLU G 225 26.44 -76.06 59.03
CA GLU G 225 25.09 -76.00 59.56
C GLU G 225 24.75 -74.55 59.89
N PRO G 226 23.74 -74.00 59.22
CA PRO G 226 23.37 -72.58 59.31
C PRO G 226 23.04 -72.14 60.73
N ILE G 227 23.84 -71.20 61.26
CA ILE G 227 23.63 -70.67 62.60
C ILE G 227 23.09 -69.24 62.53
N ILE G 228 23.56 -68.48 61.55
CA ILE G 228 23.04 -67.14 61.29
C ILE G 228 22.70 -67.02 59.80
N LEU G 229 21.41 -66.85 59.52
CA LEU G 229 20.92 -66.88 58.15
C LEU G 229 20.88 -65.47 57.52
N ILE G 230 21.29 -65.39 56.26
CA ILE G 230 21.18 -64.14 55.50
C ILE G 230 19.92 -64.17 54.65
N ARG G 231 18.90 -63.42 55.07
CA ARG G 231 17.63 -63.37 54.35
C ARG G 231 17.79 -62.73 52.98
N ASP G 232 17.27 -63.40 51.96
CA ASP G 232 17.38 -62.92 50.58
C ASP G 232 16.52 -61.68 50.34
N LYS G 233 17.11 -60.67 49.72
CA LYS G 233 16.41 -59.42 49.47
C LYS G 233 15.68 -59.42 48.14
N ASN G 234 15.67 -60.57 47.48
CA ASN G 234 14.99 -60.72 46.19
C ASN G 234 13.70 -61.50 46.33
N LYS G 235 13.15 -61.52 47.55
CA LYS G 235 11.88 -62.18 47.82
C LYS G 235 10.74 -61.18 47.67
N PRO G 236 9.54 -61.67 47.28
CA PRO G 236 8.36 -60.82 47.08
C PRO G 236 8.03 -59.96 48.29
N GLN G 237 8.26 -60.48 49.49
CA GLN G 237 8.00 -59.74 50.72
C GLN G 237 9.08 -58.67 50.96
N TYR G 238 10.30 -58.99 50.57
CA TYR G 238 11.42 -58.05 50.70
C TYR G 238 11.83 -57.52 49.34
N GLY G 239 10.85 -57.29 48.48
CA GLY G 239 11.09 -56.90 47.09
C GLY G 239 12.04 -55.73 46.91
N GLY G 240 13.31 -56.04 46.70
CA GLY G 240 14.32 -55.03 46.45
C GLY G 240 15.32 -55.45 45.39
N HIS G 241 16.59 -55.13 45.61
CA HIS G 241 17.00 -54.42 46.83
C HIS G 241 17.10 -52.91 46.59
N GLU G 242 17.09 -52.51 45.34
CA GLU G 242 17.14 -51.08 45.00
C GLU G 242 15.78 -50.44 45.26
N LEU G 243 14.76 -51.27 45.36
CA LEU G 243 13.43 -50.81 45.73
C LEU G 243 13.43 -50.42 47.21
N LEU G 244 14.21 -51.18 48.00
CA LEU G 244 14.38 -50.89 49.42
C LEU G 244 15.24 -49.64 49.62
N ARG G 245 16.09 -49.36 48.64
CA ARG G 245 16.97 -48.20 48.70
C ARG G 245 16.32 -46.98 48.04
N ARG G 246 15.00 -47.04 47.87
CA ARG G 246 14.27 -45.94 47.26
C ARG G 246 13.40 -45.23 48.30
N LYS G 247 13.46 -43.90 48.27
CA LYS G 247 12.69 -43.01 49.15
C LYS G 247 12.54 -43.54 50.58
N SER H 1 -22.79 45.25 23.49
CA SER H 1 -23.04 45.60 22.10
C SER H 1 -21.78 46.18 21.49
N HIS H 2 -20.70 45.41 21.57
CA HIS H 2 -19.42 45.82 21.01
C HIS H 2 -18.96 44.83 19.94
N MET H 3 -18.79 45.29 18.70
CA MET H 3 -18.99 46.68 18.34
C MET H 3 -20.21 46.88 17.44
N ARG H 4 -20.18 47.92 16.62
CA ARG H 4 -21.29 48.24 15.73
C ARG H 4 -20.84 48.19 14.27
N ILE H 5 -21.75 47.80 13.38
CA ILE H 5 -21.43 47.71 11.95
C ILE H 5 -22.41 48.52 11.10
N GLY H 6 -21.87 49.48 10.37
CA GLY H 6 -22.67 50.39 9.56
C GLY H 6 -22.81 49.92 8.12
N ILE H 7 -24.02 50.07 7.57
CA ILE H 7 -24.28 49.71 6.19
C ILE H 7 -24.56 50.95 5.33
N LEU H 8 -23.66 51.22 4.38
CA LEU H 8 -23.87 52.30 3.44
C LEU H 8 -24.79 51.85 2.32
N TYR H 9 -25.91 52.54 2.16
CA TYR H 9 -26.92 52.15 1.18
C TYR H 9 -27.46 53.35 0.42
N ILE H 10 -27.36 53.29 -0.91
CA ILE H 10 -27.84 54.38 -1.75
C ILE H 10 -29.01 53.91 -2.64
N CYS H 11 -30.12 54.63 -2.55
CA CYS H 11 -31.31 54.28 -3.34
C CYS H 11 -32.10 55.53 -3.74
N THR H 12 -31.46 56.39 -4.51
CA THR H 12 -32.08 57.62 -4.97
C THR H 12 -32.98 57.37 -6.18
N GLY H 13 -34.10 58.08 -6.25
CA GLY H 13 -35.02 57.93 -7.37
C GLY H 13 -35.95 56.75 -7.21
N LYS H 14 -35.91 55.84 -8.18
CA LYS H 14 -36.80 54.67 -8.17
C LYS H 14 -36.09 53.44 -7.60
N TYR H 15 -34.86 53.63 -7.12
CA TYR H 15 -34.11 52.54 -6.51
C TYR H 15 -34.50 52.33 -5.05
N ASP H 16 -35.41 53.18 -4.56
CA ASP H 16 -35.86 53.11 -3.18
C ASP H 16 -36.70 51.86 -2.90
N ILE H 17 -37.25 51.27 -3.95
CA ILE H 17 -38.05 50.06 -3.83
C ILE H 17 -37.18 48.87 -3.39
N PHE H 18 -35.89 48.95 -3.71
CA PHE H 18 -34.95 47.89 -3.38
C PHE H 18 -34.63 47.85 -1.89
N TRP H 19 -34.93 48.94 -1.19
CA TRP H 19 -34.68 49.06 0.24
C TRP H 19 -35.63 48.17 1.05
N LYS H 20 -36.83 47.96 0.51
CA LYS H 20 -37.87 47.20 1.20
C LYS H 20 -37.43 45.79 1.59
N ASP H 21 -37.19 44.94 0.60
CA ASP H 21 -36.85 43.55 0.84
C ASP H 21 -35.41 43.38 1.33
N PHE H 22 -34.58 44.39 1.08
CA PHE H 22 -33.20 44.37 1.55
C PHE H 22 -33.15 44.56 3.07
N TYR H 23 -34.04 45.41 3.58
CA TYR H 23 -34.09 45.70 5.00
C TYR H 23 -34.51 44.47 5.81
N LEU H 24 -35.53 43.77 5.34
CA LEU H 24 -36.04 42.59 6.02
C LEU H 24 -35.03 41.45 6.04
N SER H 25 -34.22 41.37 4.98
CA SER H 25 -33.22 40.30 4.88
C SER H 25 -31.99 40.61 5.71
N ALA H 26 -31.61 41.88 5.76
CA ALA H 26 -30.45 42.31 6.54
C ALA H 26 -30.71 42.20 8.04
N GLU H 27 -31.98 42.28 8.41
CA GLU H 27 -32.36 42.18 9.82
C GLU H 27 -32.49 40.73 10.28
N ARG H 28 -32.34 39.79 9.34
CA ARG H 28 -32.49 38.38 9.66
C ARG H 28 -31.19 37.61 9.48
N TYR H 29 -30.35 38.05 8.56
CA TYR H 29 -29.13 37.32 8.23
C TYR H 29 -27.87 38.09 8.64
N PHE H 30 -27.77 39.34 8.21
CA PHE H 30 -26.55 40.13 8.41
C PHE H 30 -26.33 40.50 9.87
N MET H 31 -25.34 39.86 10.49
CA MET H 31 -24.93 40.19 11.85
C MET H 31 -26.09 40.09 12.85
N GLN H 32 -26.44 38.86 13.22
CA GLN H 32 -27.55 38.65 14.15
C GLN H 32 -27.06 38.14 15.51
N ASP H 33 -25.77 38.32 15.77
CA ASP H 33 -25.22 38.00 17.08
C ASP H 33 -25.57 39.13 18.04
N GLN H 34 -25.55 38.83 19.34
CA GLN H 34 -25.82 39.84 20.36
C GLN H 34 -24.61 40.75 20.58
N SER H 35 -23.56 40.52 19.80
CA SER H 35 -22.37 41.35 19.86
C SER H 35 -22.34 42.32 18.68
N PHE H 36 -23.45 42.37 17.95
CA PHE H 36 -23.54 43.19 16.74
C PHE H 36 -24.78 44.07 16.73
N ILE H 37 -24.57 45.38 16.59
CA ILE H 37 -25.65 46.32 16.36
C ILE H 37 -25.44 47.02 15.02
N ILE H 38 -26.39 46.86 14.11
CA ILE H 38 -26.23 47.36 12.75
C ILE H 38 -26.85 48.74 12.55
N GLU H 39 -26.11 49.63 11.92
CA GLU H 39 -26.61 50.98 11.62
C GLU H 39 -26.80 51.16 10.12
N TYR H 40 -27.97 51.65 9.74
CA TYR H 40 -28.30 51.85 8.34
C TYR H 40 -28.16 53.32 7.92
N TYR H 41 -27.29 53.56 6.95
CA TYR H 41 -27.09 54.91 6.43
C TYR H 41 -27.63 55.03 5.02
N VAL H 42 -28.92 55.30 4.91
CA VAL H 42 -29.59 55.37 3.61
C VAL H 42 -29.50 56.77 2.99
N PHE H 43 -28.99 56.83 1.77
CA PHE H 43 -28.89 58.09 1.04
C PHE H 43 -29.90 58.13 -0.10
N THR H 44 -31.00 58.85 0.10
CA THR H 44 -32.07 58.92 -0.89
C THR H 44 -32.80 60.26 -0.85
N ASP H 45 -33.74 60.43 -1.77
CA ASP H 45 -34.54 61.65 -1.85
C ASP H 45 -36.00 61.37 -1.51
N SER H 46 -36.33 60.10 -1.32
CA SER H 46 -37.69 59.68 -1.02
C SER H 46 -38.13 60.19 0.35
N PRO H 47 -39.34 60.75 0.42
CA PRO H 47 -39.90 61.32 1.65
C PRO H 47 -40.12 60.29 2.76
N LYS H 48 -40.31 59.02 2.37
CA LYS H 48 -40.61 57.99 3.35
C LYS H 48 -39.84 56.69 3.10
N LEU H 49 -39.33 56.10 4.18
CA LEU H 49 -38.65 54.82 4.12
C LEU H 49 -39.43 53.77 4.89
N TYR H 50 -39.09 52.50 4.70
CA TYR H 50 -39.77 51.41 5.39
C TYR H 50 -39.23 51.25 6.81
N ASP H 51 -40.16 51.16 7.77
CA ASP H 51 -39.83 51.02 9.19
C ASP H 51 -38.91 52.14 9.69
N GLU H 52 -39.01 53.31 9.07
CA GLU H 52 -38.21 54.46 9.46
C GLU H 52 -38.70 55.02 10.80
N GLU H 53 -40.00 54.93 11.03
CA GLU H 53 -40.62 55.45 12.24
C GLU H 53 -40.58 54.43 13.37
N ASN H 54 -40.33 53.18 13.02
CA ASN H 54 -40.29 52.10 13.99
C ASN H 54 -38.89 51.87 14.54
N ASN H 55 -37.91 51.78 13.64
CA ASN H 55 -36.52 51.54 14.03
C ASN H 55 -35.74 52.85 14.16
N LYS H 56 -34.90 52.93 15.19
CA LYS H 56 -34.14 54.16 15.46
C LYS H 56 -32.73 54.10 14.88
N HIS H 57 -32.32 52.93 14.39
CA HIS H 57 -31.00 52.76 13.80
C HIS H 57 -31.01 53.11 12.32
N ILE H 58 -32.20 53.28 11.76
CA ILE H 58 -32.34 53.67 10.36
C ILE H 58 -32.18 55.17 10.19
N HIS H 59 -31.03 55.58 9.65
CA HIS H 59 -30.73 57.00 9.47
C HIS H 59 -30.89 57.41 8.01
N ARG H 60 -32.04 57.98 7.68
CA ARG H 60 -32.29 58.44 6.32
C ARG H 60 -31.57 59.74 6.04
N ILE H 61 -30.53 59.68 5.21
CA ILE H 61 -29.79 60.87 4.83
C ILE H 61 -30.31 61.41 3.49
N LYS H 62 -30.81 62.63 3.52
CA LYS H 62 -31.39 63.25 2.32
C LYS H 62 -30.35 63.45 1.22
N GLN H 63 -30.65 62.92 0.04
CA GLN H 63 -29.76 63.04 -1.10
C GLN H 63 -30.54 63.03 -2.41
N LYS H 64 -30.59 64.17 -3.09
CA LYS H 64 -31.35 64.30 -4.33
C LYS H 64 -30.68 63.53 -5.46
N ASN H 65 -31.44 63.28 -6.53
CA ASN H 65 -30.97 62.49 -7.66
C ASN H 65 -29.88 63.20 -8.46
N LEU H 66 -28.77 62.51 -8.69
CA LEU H 66 -27.67 63.06 -9.49
C LEU H 66 -27.77 62.59 -10.93
N GLY H 67 -28.57 61.56 -11.16
CA GLY H 67 -28.73 61.02 -12.51
C GLY H 67 -27.56 60.18 -12.95
N TRP H 68 -27.72 59.47 -14.05
CA TRP H 68 -26.67 58.61 -14.59
C TRP H 68 -25.64 59.45 -15.35
N PRO H 69 -24.34 59.14 -15.16
CA PRO H 69 -23.84 58.10 -14.26
C PRO H 69 -23.34 58.65 -12.92
N ASP H 70 -23.57 59.94 -12.66
CA ASP H 70 -23.06 60.57 -11.45
C ASP H 70 -23.75 60.06 -10.19
N ASN H 71 -24.90 59.41 -10.36
CA ASN H 71 -25.63 58.88 -9.22
C ASN H 71 -24.88 57.74 -8.55
N THR H 72 -24.06 57.05 -9.33
CA THR H 72 -23.26 55.95 -8.79
C THR H 72 -21.77 56.32 -8.78
N LEU H 73 -21.36 57.18 -9.71
CA LEU H 73 -19.96 57.57 -9.83
C LEU H 73 -19.48 58.37 -8.62
N LYS H 74 -20.29 59.33 -8.19
CA LYS H 74 -19.95 60.16 -7.04
C LYS H 74 -20.50 59.57 -5.74
N ARG H 75 -20.49 58.23 -5.64
CA ARG H 75 -21.00 57.55 -4.47
C ARG H 75 -20.16 57.86 -3.23
N PHE H 76 -18.86 58.05 -3.42
CA PHE H 76 -17.95 58.28 -2.31
C PHE H 76 -18.03 59.72 -1.82
N HIS H 77 -18.49 60.62 -2.68
CA HIS H 77 -18.74 61.99 -2.30
C HIS H 77 -19.95 62.05 -1.36
N ILE H 78 -20.87 61.11 -1.56
CA ILE H 78 -22.06 61.01 -0.73
C ILE H 78 -21.71 60.38 0.62
N PHE H 79 -20.73 59.48 0.61
CA PHE H 79 -20.27 58.84 1.83
C PHE H 79 -19.58 59.83 2.77
N LEU H 80 -18.88 60.80 2.18
CA LEU H 80 -18.12 61.77 2.97
C LEU H 80 -18.97 62.94 3.43
N ARG H 81 -20.27 62.88 3.15
CA ARG H 81 -21.19 63.92 3.58
C ARG H 81 -21.37 63.90 5.10
N ILE H 82 -21.20 62.72 5.69
CA ILE H 82 -21.31 62.55 7.13
C ILE H 82 -20.11 61.79 7.67
N LYS H 83 -18.92 62.20 7.23
CA LYS H 83 -17.67 61.54 7.58
C LYS H 83 -17.43 61.52 9.09
N GLU H 84 -17.78 62.62 9.75
CA GLU H 84 -17.60 62.74 11.19
C GLU H 84 -18.63 61.89 11.96
N GLN H 85 -19.75 61.62 11.30
CA GLN H 85 -20.81 60.81 11.91
C GLN H 85 -20.45 59.33 11.80
N LEU H 86 -19.66 58.99 10.79
CA LEU H 86 -19.23 57.60 10.57
C LEU H 86 -18.05 57.25 11.48
N GLU H 87 -17.26 58.25 11.84
CA GLU H 87 -16.11 58.04 12.71
C GLU H 87 -16.53 58.00 14.18
N ARG H 88 -17.75 58.48 14.45
CA ARG H 88 -18.24 58.58 15.82
C ARG H 88 -19.21 57.44 16.15
N GLU H 89 -19.90 56.94 15.14
CA GLU H 89 -20.95 55.95 15.36
C GLU H 89 -20.62 54.59 14.76
N THR H 90 -19.50 54.52 14.02
CA THR H 90 -19.15 53.29 13.31
C THR H 90 -17.65 53.05 13.31
N ASP H 91 -17.26 51.78 13.23
CA ASP H 91 -15.85 51.40 13.11
C ASP H 91 -15.68 50.37 11.99
N TYR H 92 -16.79 49.89 11.45
CA TYR H 92 -16.78 48.95 10.33
C TYR H 92 -17.86 49.30 9.30
N LEU H 93 -17.43 49.67 8.10
CA LEU H 93 -18.36 50.05 7.03
C LEU H 93 -18.55 48.95 5.99
N PHE H 94 -19.74 48.90 5.40
CA PHE H 94 -20.06 47.96 4.32
C PHE H 94 -21.08 48.56 3.37
N PHE H 95 -20.73 48.62 2.09
CA PHE H 95 -21.65 49.12 1.07
C PHE H 95 -22.28 47.97 0.30
N PHE H 96 -23.61 47.99 0.21
CA PHE H 96 -24.35 46.99 -0.55
C PHE H 96 -25.08 47.64 -1.71
N ASN H 97 -25.07 46.97 -2.86
CA ASN H 97 -25.80 47.44 -4.02
C ASN H 97 -27.30 47.44 -3.71
N ALA H 98 -28.06 48.18 -4.50
CA ALA H 98 -29.50 48.30 -4.27
C ALA H 98 -30.21 46.96 -4.43
N ASN H 99 -29.99 46.29 -5.56
CA ASN H 99 -30.68 45.04 -5.86
C ASN H 99 -30.02 43.82 -5.21
N LEU H 100 -29.50 44.00 -4.00
CA LEU H 100 -28.91 42.89 -3.26
C LEU H 100 -29.89 42.29 -2.26
N LEU H 101 -29.64 41.05 -1.85
CA LEU H 101 -30.53 40.34 -0.95
C LEU H 101 -29.80 39.26 -0.17
N PHE H 102 -30.11 39.15 1.12
CA PHE H 102 -29.48 38.15 1.98
C PHE H 102 -30.27 36.85 2.00
N THR H 103 -29.58 35.72 1.99
CA THR H 103 -30.21 34.41 2.01
C THR H 103 -29.58 33.50 3.06
N SER H 104 -28.39 33.86 3.53
CA SER H 104 -27.67 33.07 4.50
C SER H 104 -27.00 33.94 5.56
N PRO H 105 -27.01 33.48 6.82
CA PRO H 105 -26.43 34.20 7.96
C PRO H 105 -24.97 34.58 7.76
N ILE H 106 -24.64 35.84 8.06
CA ILE H 106 -23.28 36.33 7.93
C ILE H 106 -22.75 36.80 9.28
N GLY H 107 -21.55 36.32 9.64
CA GLY H 107 -20.95 36.68 10.91
C GLY H 107 -19.62 37.39 10.79
N LYS H 108 -18.73 37.10 11.74
CA LYS H 108 -17.42 37.72 11.82
C LYS H 108 -16.56 37.50 10.57
N GLU H 109 -16.78 36.38 9.89
CA GLU H 109 -15.94 35.93 8.79
C GLU H 109 -15.70 36.97 7.67
N ILE H 110 -16.45 38.07 7.68
CA ILE H 110 -16.24 39.12 6.69
C ILE H 110 -15.58 40.36 7.30
N LEU H 111 -15.25 40.28 8.58
CA LEU H 111 -14.60 41.39 9.26
C LEU H 111 -13.08 41.25 9.22
N PRO H 112 -12.40 42.23 8.58
CA PRO H 112 -10.94 42.25 8.46
C PRO H 112 -10.23 42.30 9.81
N PRO H 113 -9.10 41.59 9.93
CA PRO H 113 -8.31 41.57 11.16
C PRO H 113 -7.72 42.94 11.50
N SER H 114 -7.25 43.09 12.75
CA SER H 114 -6.77 44.38 13.23
C SER H 114 -5.38 44.73 12.67
N ASP H 115 -4.59 43.71 12.38
CA ASP H 115 -3.24 43.92 11.87
C ASP H 115 -3.24 44.30 10.39
N SER H 116 -4.25 43.83 9.67
CA SER H 116 -4.37 44.11 8.24
C SER H 116 -4.75 45.57 8.00
N ASN H 117 -4.86 45.94 6.72
CA ASN H 117 -5.23 47.30 6.35
C ASN H 117 -6.67 47.61 6.71
N GLY H 118 -7.49 46.57 6.83
CA GLY H 118 -8.90 46.73 7.17
C GLY H 118 -9.72 47.08 5.94
N LEU H 119 -9.52 46.34 4.87
CA LEU H 119 -10.20 46.59 3.61
C LEU H 119 -10.89 45.33 3.10
N LEU H 120 -12.01 45.50 2.38
CA LEU H 120 -12.75 44.36 1.88
C LEU H 120 -13.19 44.55 0.43
N GLY H 121 -13.02 43.50 -0.37
CA GLY H 121 -13.44 43.50 -1.76
C GLY H 121 -14.17 42.22 -2.11
N THR H 122 -14.90 42.24 -3.21
CA THR H 122 -15.66 41.07 -3.66
C THR H 122 -15.42 40.79 -5.14
N MET H 123 -15.08 39.55 -5.46
CA MET H 123 -14.81 39.14 -6.83
C MET H 123 -16.06 39.26 -7.70
N HIS H 124 -15.91 39.83 -8.89
CA HIS H 124 -17.02 39.99 -9.82
C HIS H 124 -17.41 38.63 -10.39
N PRO H 125 -18.70 38.26 -10.25
CA PRO H 125 -19.24 36.97 -10.67
C PRO H 125 -19.01 36.65 -12.14
N GLY H 126 -18.89 37.68 -12.97
CA GLY H 126 -18.70 37.50 -14.40
C GLY H 126 -17.25 37.30 -14.78
N PHE H 127 -16.33 37.62 -13.86
CA PHE H 127 -14.91 37.55 -14.15
C PHE H 127 -14.12 36.96 -12.99
N TYR H 128 -14.63 35.89 -12.40
CA TYR H 128 -13.95 35.22 -11.30
C TYR H 128 -13.27 33.94 -11.79
N ASN H 129 -13.49 33.62 -13.05
CA ASN H 129 -12.88 32.46 -13.68
C ASN H 129 -12.17 32.82 -14.98
N LYS H 130 -11.98 34.11 -15.20
CA LYS H 130 -11.35 34.60 -16.43
C LYS H 130 -9.99 35.24 -16.12
N PRO H 131 -9.04 35.13 -17.07
CA PRO H 131 -7.71 35.70 -16.89
C PRO H 131 -7.70 37.23 -16.92
N ASN H 132 -6.53 37.82 -16.78
CA ASN H 132 -6.40 39.28 -16.73
C ASN H 132 -6.72 39.92 -18.08
N SER H 133 -6.64 39.15 -19.15
CA SER H 133 -6.87 39.65 -20.49
C SER H 133 -8.35 39.91 -20.77
N GLU H 134 -9.21 39.33 -19.94
CA GLU H 134 -10.65 39.48 -20.12
C GLU H 134 -11.25 40.50 -19.17
N PHE H 135 -10.45 40.96 -18.20
CA PHE H 135 -10.89 41.96 -17.25
C PHE H 135 -11.14 43.30 -17.95
N THR H 136 -12.23 43.96 -17.58
CA THR H 136 -12.61 45.22 -18.22
C THR H 136 -12.16 46.43 -17.41
N TYR H 137 -10.85 46.64 -17.33
CA TYR H 137 -10.30 47.80 -16.65
C TYR H 137 -10.34 49.03 -17.56
N GLU H 138 -10.07 50.19 -16.99
CA GLU H 138 -9.99 51.42 -17.76
C GLU H 138 -8.68 51.44 -18.54
N ARG H 139 -8.76 51.11 -19.83
CA ARG H 139 -7.57 50.93 -20.65
C ARG H 139 -7.12 52.26 -21.28
N ARG H 140 -7.42 53.35 -20.59
CA ARG H 140 -7.05 54.69 -21.06
C ARG H 140 -6.08 55.35 -20.10
N ASP H 141 -4.88 55.65 -20.58
CA ASP H 141 -3.83 56.24 -19.77
C ASP H 141 -4.19 57.65 -19.31
N ALA H 142 -5.15 58.26 -19.99
CA ALA H 142 -5.59 59.62 -19.65
C ALA H 142 -6.27 59.66 -18.28
N SER H 143 -6.91 58.56 -17.91
CA SER H 143 -7.58 58.46 -16.62
C SER H 143 -6.61 58.09 -15.52
N THR H 144 -6.95 58.46 -14.28
CA THR H 144 -6.08 58.19 -13.13
C THR H 144 -6.25 56.76 -12.64
N ALA H 145 -7.29 56.09 -13.11
CA ALA H 145 -7.56 54.71 -12.73
C ALA H 145 -7.09 53.75 -13.81
N TYR H 146 -5.98 54.11 -14.46
CA TYR H 146 -5.46 53.31 -15.57
C TYR H 146 -4.49 52.25 -15.10
N ILE H 147 -4.70 51.03 -15.60
CA ILE H 147 -3.72 49.96 -15.42
C ILE H 147 -3.46 49.32 -16.78
N PRO H 148 -2.18 49.05 -17.08
CA PRO H 148 -1.81 48.43 -18.36
C PRO H 148 -2.31 47.00 -18.44
N GLU H 149 -2.41 46.47 -19.66
CA GLU H 149 -2.89 45.11 -19.86
C GLU H 149 -1.87 44.09 -19.41
N GLY H 150 -2.34 43.07 -18.70
CA GLY H 150 -1.47 42.04 -18.16
C GLY H 150 -1.33 42.15 -16.66
N GLU H 151 -1.62 43.33 -16.12
CA GLU H 151 -1.51 43.57 -14.69
C GLU H 151 -2.86 43.39 -13.98
N GLY H 152 -2.81 43.14 -12.69
CA GLY H 152 -4.02 42.95 -11.90
C GLY H 152 -4.23 41.49 -11.51
N ARG H 153 -4.78 41.29 -10.31
CA ARG H 153 -5.04 39.95 -9.82
C ARG H 153 -6.52 39.60 -9.99
N TYR H 154 -7.36 40.20 -9.16
CA TYR H 154 -8.82 39.98 -9.23
C TYR H 154 -9.54 41.15 -9.85
N TYR H 155 -10.72 40.90 -10.40
CA TYR H 155 -11.60 41.96 -10.88
C TYR H 155 -12.67 42.23 -9.83
N TYR H 156 -12.38 43.11 -8.89
CA TYR H 156 -13.30 43.43 -7.81
C TYR H 156 -14.52 44.19 -8.31
N ALA H 157 -15.67 43.91 -7.72
CA ALA H 157 -16.91 44.57 -8.10
C ALA H 157 -17.27 45.67 -7.11
N GLY H 158 -18.04 46.65 -7.58
CA GLY H 158 -18.45 47.77 -6.75
C GLY H 158 -19.72 47.49 -5.98
N GLY H 159 -20.36 46.36 -6.28
CA GLY H 159 -21.59 45.98 -5.64
C GLY H 159 -21.43 45.68 -4.16
N LEU H 160 -20.22 45.30 -3.78
CA LEU H 160 -19.92 45.00 -2.38
C LEU H 160 -18.50 45.41 -2.01
N SER H 161 -18.38 46.32 -1.05
CA SER H 161 -17.08 46.79 -0.58
C SER H 161 -17.18 47.38 0.82
N GLY H 162 -16.10 47.29 1.58
CA GLY H 162 -16.11 47.81 2.93
C GLY H 162 -14.80 47.62 3.69
N GLY H 163 -14.92 47.42 5.00
CA GLY H 163 -13.77 47.29 5.87
C GLY H 163 -13.89 48.22 7.06
N CYS H 164 -12.76 48.53 7.69
CA CYS H 164 -12.76 49.47 8.81
C CYS H 164 -13.06 50.88 8.32
N THR H 165 -13.71 51.68 9.18
CA THR H 165 -14.08 53.04 8.83
C THR H 165 -12.90 53.88 8.37
N LYS H 166 -11.85 53.90 9.18
CA LYS H 166 -10.66 54.69 8.89
C LYS H 166 -10.04 54.29 7.55
N ALA H 167 -10.04 52.98 7.27
CA ALA H 167 -9.50 52.49 6.02
C ALA H 167 -10.43 52.74 4.85
N TYR H 168 -11.73 52.75 5.12
CA TYR H 168 -12.73 52.89 4.06
C TYR H 168 -13.05 54.35 3.78
N LEU H 169 -12.98 55.19 4.81
CA LEU H 169 -13.18 56.62 4.64
C LEU H 169 -11.97 57.25 3.98
N LYS H 170 -10.80 56.67 4.24
CA LYS H 170 -9.59 57.11 3.54
C LYS H 170 -9.63 56.58 2.11
N LEU H 171 -10.36 55.49 1.91
CA LEU H 171 -10.61 54.96 0.58
C LEU H 171 -11.54 55.91 -0.18
N CYS H 172 -12.54 56.43 0.53
CA CYS H 172 -13.50 57.37 -0.06
C CYS H 172 -12.84 58.67 -0.45
N THR H 173 -12.02 59.22 0.45
CA THR H 173 -11.33 60.48 0.19
C THR H 173 -10.35 60.37 -0.97
N THR H 174 -9.69 59.22 -1.07
CA THR H 174 -8.69 59.01 -2.12
C THR H 174 -9.34 58.92 -3.49
N ILE H 175 -10.45 58.19 -3.58
CA ILE H 175 -11.17 58.03 -4.84
C ILE H 175 -11.84 59.34 -5.25
N CYS H 176 -12.29 60.11 -4.26
CA CYS H 176 -12.91 61.41 -4.53
C CYS H 176 -11.94 62.35 -5.25
N SER H 177 -10.66 62.27 -4.88
CA SER H 177 -9.63 63.04 -5.55
C SER H 177 -9.39 62.49 -6.95
N TRP H 178 -9.62 61.19 -7.12
CA TRP H 178 -9.43 60.53 -8.41
C TRP H 178 -10.59 60.81 -9.34
N VAL H 179 -11.69 61.30 -8.79
CA VAL H 179 -12.85 61.69 -9.60
C VAL H 179 -12.75 63.15 -10.01
N ASP H 180 -12.37 64.00 -9.06
CA ASP H 180 -12.27 65.43 -9.30
C ASP H 180 -11.18 65.78 -10.30
N ARG H 181 -10.10 64.99 -10.31
CA ARG H 181 -9.02 65.22 -11.25
C ARG H 181 -9.46 64.84 -12.66
N ASP H 182 -10.35 63.87 -12.75
CA ASP H 182 -10.91 63.44 -14.03
C ASP H 182 -11.82 64.51 -14.62
N ALA H 183 -12.28 65.41 -13.77
CA ALA H 183 -13.12 66.53 -14.22
C ALA H 183 -12.24 67.65 -14.77
N THR H 184 -10.97 67.67 -14.36
CA THR H 184 -10.05 68.71 -14.80
C THR H 184 -9.55 68.45 -16.21
N ASN H 185 -9.34 67.18 -16.55
CA ASN H 185 -8.91 66.80 -17.89
C ASN H 185 -10.09 66.35 -18.75
N HIS H 186 -11.30 66.52 -18.20
CA HIS H 186 -12.55 66.34 -18.95
C HIS H 186 -12.75 64.94 -19.51
N ILE H 187 -12.60 63.91 -18.69
CA ILE H 187 -12.87 62.55 -19.12
C ILE H 187 -13.60 61.76 -18.03
N ILE H 188 -14.47 60.83 -18.45
CA ILE H 188 -15.15 59.95 -17.53
C ILE H 188 -14.84 58.49 -17.85
N PRO H 189 -14.22 57.78 -16.89
CA PRO H 189 -13.77 56.40 -17.09
C PRO H 189 -14.90 55.38 -17.06
N ILE H 190 -14.70 54.25 -17.73
CA ILE H 190 -15.66 53.16 -17.73
C ILE H 190 -14.98 51.85 -17.33
N TRP H 191 -15.54 51.16 -16.33
CA TRP H 191 -16.76 51.59 -15.66
C TRP H 191 -16.47 52.63 -14.57
N HIS H 192 -17.52 53.04 -13.87
CA HIS H 192 -17.44 54.17 -12.95
C HIS H 192 -16.86 53.82 -11.59
N ASP H 193 -17.47 52.83 -10.93
CA ASP H 193 -17.10 52.50 -9.56
C ASP H 193 -16.08 51.36 -9.50
N GLN H 194 -16.23 50.40 -10.41
CA GLN H 194 -15.33 49.25 -10.51
C GLN H 194 -13.89 49.55 -10.94
N SER H 195 -13.72 50.43 -11.93
CA SER H 195 -12.42 50.76 -12.47
C SER H 195 -11.58 51.57 -11.49
N LEU H 196 -12.25 52.33 -10.63
CA LEU H 196 -11.57 53.19 -9.66
C LEU H 196 -11.28 52.44 -8.36
N ILE H 197 -12.19 51.55 -7.96
CA ILE H 197 -12.02 50.79 -6.74
C ILE H 197 -11.01 49.66 -6.94
N ASN H 198 -10.78 49.29 -8.19
CA ASN H 198 -9.79 48.28 -8.53
C ASN H 198 -8.39 48.84 -8.46
N LYS H 199 -8.24 50.09 -8.88
CA LYS H 199 -6.94 50.77 -8.81
C LYS H 199 -6.53 50.95 -7.37
N TYR H 200 -7.52 51.18 -6.50
CA TYR H 200 -7.26 51.32 -5.07
C TYR H 200 -6.97 49.96 -4.46
N PHE H 201 -7.64 48.94 -4.96
CA PHE H 201 -7.40 47.56 -4.50
C PHE H 201 -6.12 47.01 -5.12
N LEU H 202 -5.56 47.73 -6.08
CA LEU H 202 -4.27 47.38 -6.66
C LEU H 202 -3.16 47.98 -5.82
N ASP H 203 -3.34 49.24 -5.44
CA ASP H 203 -2.38 49.92 -4.57
C ASP H 203 -2.53 49.45 -3.14
N ASN H 204 -3.77 49.16 -2.74
CA ASN H 204 -4.06 48.67 -1.40
C ASN H 204 -4.97 47.45 -1.45
N PRO H 205 -4.38 46.26 -1.63
CA PRO H 205 -5.12 44.98 -1.66
C PRO H 205 -5.96 44.78 -0.40
N PRO H 206 -7.23 44.40 -0.58
CA PRO H 206 -8.17 44.23 0.55
C PRO H 206 -7.75 43.11 1.48
N ALA H 207 -8.05 43.27 2.77
CA ALA H 207 -7.72 42.27 3.77
C ALA H 207 -8.47 40.98 3.51
N ILE H 208 -9.76 41.09 3.23
CA ILE H 208 -10.59 39.93 2.94
C ILE H 208 -11.29 40.07 1.59
N THR H 209 -10.89 39.21 0.64
CA THR H 209 -11.52 39.18 -0.67
C THR H 209 -12.62 38.13 -0.71
N LEU H 210 -13.86 38.58 -0.82
CA LEU H 210 -15.01 37.68 -0.80
C LEU H 210 -15.20 36.98 -2.13
N SER H 211 -15.55 35.70 -2.06
CA SER H 211 -15.88 34.91 -3.24
C SER H 211 -17.17 35.44 -3.87
N PRO H 212 -17.42 35.12 -5.15
CA PRO H 212 -18.65 35.56 -5.81
C PRO H 212 -19.92 34.97 -5.19
N ALA H 213 -19.77 34.12 -4.19
CA ALA H 213 -20.91 33.62 -3.42
C ALA H 213 -21.56 34.77 -2.66
N TYR H 214 -20.75 35.71 -2.21
CA TYR H 214 -21.23 36.90 -1.52
C TYR H 214 -21.80 37.91 -2.52
N LEU H 215 -21.87 37.51 -3.79
CA LEU H 215 -22.39 38.37 -4.83
C LEU H 215 -23.09 37.53 -5.90
N TYR H 216 -23.76 36.47 -5.45
CA TYR H 216 -24.42 35.53 -6.33
C TYR H 216 -25.57 36.17 -7.09
N PRO H 217 -25.46 36.23 -8.44
CA PRO H 217 -26.51 36.80 -9.28
C PRO H 217 -27.71 35.86 -9.41
N GLU H 218 -28.91 36.43 -9.44
CA GLU H 218 -30.14 35.64 -9.50
C GLU H 218 -30.32 34.96 -10.85
N GLY H 219 -30.55 33.65 -10.82
CA GLY H 219 -30.82 32.90 -12.03
C GLY H 219 -29.64 32.11 -12.54
N TRP H 220 -28.44 32.47 -12.09
CA TRP H 220 -27.23 31.81 -12.57
C TRP H 220 -26.97 30.50 -11.81
N LEU H 221 -26.12 29.67 -12.38
CA LEU H 221 -25.75 28.40 -11.76
C LEU H 221 -24.24 28.32 -11.54
N LEU H 222 -23.80 28.85 -10.40
CA LEU H 222 -22.38 28.84 -10.05
C LEU H 222 -22.10 27.79 -8.99
N PRO H 223 -20.85 27.29 -8.93
CA PRO H 223 -20.48 26.30 -7.91
C PRO H 223 -20.39 26.89 -6.50
N PHE H 224 -21.42 27.62 -6.09
CA PHE H 224 -21.48 28.21 -4.77
C PHE H 224 -22.90 28.14 -4.22
N GLU H 225 -23.02 28.10 -2.90
CA GLU H 225 -24.31 28.19 -2.25
C GLU H 225 -24.66 29.66 -2.05
N PRO H 226 -25.74 30.13 -2.69
CA PRO H 226 -26.13 31.55 -2.68
C PRO H 226 -26.35 32.10 -1.28
N ILE H 227 -25.40 32.88 -0.78
CA ILE H 227 -25.51 33.48 0.55
C ILE H 227 -25.94 34.95 0.45
N ILE H 228 -25.57 35.59 -0.66
CA ILE H 228 -26.01 36.94 -0.96
C ILE H 228 -26.49 37.00 -2.40
N LEU H 229 -27.79 37.24 -2.58
CA LEU H 229 -28.38 37.19 -3.91
C LEU H 229 -28.48 38.57 -4.56
N ILE H 230 -28.07 38.67 -5.81
CA ILE H 230 -28.26 39.89 -6.60
C ILE H 230 -29.57 39.80 -7.37
N ARG H 231 -30.58 40.50 -6.88
CA ARG H 231 -31.89 40.52 -7.52
C ARG H 231 -31.80 41.11 -8.93
N ASP H 232 -32.35 40.39 -9.90
CA ASP H 232 -32.29 40.81 -11.29
C ASP H 232 -33.11 42.08 -11.53
N LYS H 233 -32.46 43.09 -12.09
CA LYS H 233 -33.10 44.37 -12.34
C LYS H 233 -33.86 44.37 -13.67
N ASN H 234 -33.75 43.29 -14.41
CA ASN H 234 -34.46 43.15 -15.67
C ASN H 234 -35.70 42.28 -15.52
N LYS H 235 -36.20 42.20 -14.29
CA LYS H 235 -37.42 41.45 -13.99
C LYS H 235 -38.65 42.29 -14.34
N PRO H 236 -39.80 41.62 -14.58
CA PRO H 236 -41.04 42.34 -14.88
C PRO H 236 -41.47 43.30 -13.76
N GLN H 237 -41.05 43.00 -12.53
CA GLN H 237 -41.31 43.87 -11.40
C GLN H 237 -40.57 45.20 -11.56
N TYR H 238 -39.26 45.12 -11.79
CA TYR H 238 -38.44 46.31 -11.96
C TYR H 238 -38.09 46.52 -13.43
N GLY H 239 -38.74 47.48 -14.07
CA GLY H 239 -38.58 47.72 -15.49
C GLY H 239 -37.24 48.32 -15.90
N GLY H 240 -36.20 48.08 -15.12
CA GLY H 240 -34.89 48.61 -15.40
C GLY H 240 -34.31 48.09 -16.70
N HIS H 241 -33.21 48.71 -17.14
CA HIS H 241 -32.60 49.81 -16.40
C HIS H 241 -33.15 51.16 -16.84
N GLU H 242 -33.66 51.23 -18.07
CA GLU H 242 -34.08 52.49 -18.66
C GLU H 242 -35.21 53.17 -17.87
N LEU H 243 -36.10 52.35 -17.30
CA LEU H 243 -37.21 52.87 -16.51
C LEU H 243 -36.75 53.21 -15.10
N LEU H 244 -35.80 52.43 -14.58
CA LEU H 244 -35.27 52.65 -13.25
C LEU H 244 -34.35 53.88 -13.21
N ARG H 245 -33.64 54.10 -14.31
CA ARG H 245 -32.76 55.26 -14.43
C ARG H 245 -33.47 56.40 -15.16
N ARG H 246 -34.78 56.46 -14.99
CA ARG H 246 -35.59 57.52 -15.60
C ARG H 246 -36.09 58.50 -14.53
N LYS H 247 -35.48 59.67 -14.49
CA LYS H 247 -35.85 60.72 -13.53
C LYS H 247 -35.78 60.21 -12.09
N MET I 3 36.55 -89.76 12.41
CA MET I 3 36.10 -88.39 12.58
C MET I 3 37.27 -87.43 12.78
N ARG I 4 37.19 -86.27 12.12
CA ARG I 4 38.24 -85.27 12.21
C ARG I 4 37.85 -84.14 13.15
N ILE I 5 38.67 -83.92 14.19
CA ILE I 5 38.39 -82.91 15.19
C ILE I 5 39.36 -81.73 15.08
N GLY I 6 38.82 -80.52 15.06
CA GLY I 6 39.63 -79.33 14.97
C GLY I 6 39.60 -78.49 16.24
N ILE I 7 40.75 -77.96 16.61
CA ILE I 7 40.86 -77.13 17.82
C ILE I 7 41.18 -75.68 17.49
N LEU I 8 40.24 -74.80 17.80
CA LEU I 8 40.45 -73.36 17.61
C LEU I 8 41.19 -72.78 18.81
N TYR I 9 42.36 -72.20 18.55
CA TYR I 9 43.23 -71.74 19.64
C TYR I 9 43.85 -70.38 19.32
N ILE I 10 43.66 -69.42 20.23
CA ILE I 10 44.21 -68.08 20.06
C ILE I 10 45.20 -67.75 21.17
N CYS I 11 46.41 -67.33 20.80
CA CYS I 11 47.43 -66.99 21.77
C CYS I 11 48.34 -65.87 21.24
N THR I 12 47.77 -64.69 21.05
CA THR I 12 48.52 -63.55 20.54
C THR I 12 49.15 -62.74 21.67
N GLY I 13 50.40 -62.33 21.46
CA GLY I 13 51.10 -61.51 22.43
C GLY I 13 51.83 -62.32 23.49
N LYS I 14 51.47 -62.09 24.75
CA LYS I 14 52.10 -62.76 25.87
C LYS I 14 51.46 -64.11 26.17
N TYR I 15 50.36 -64.41 25.47
CA TYR I 15 49.60 -65.63 25.72
C TYR I 15 50.15 -66.82 24.94
N ASP I 16 51.24 -66.59 24.19
CA ASP I 16 51.85 -67.65 23.41
C ASP I 16 52.54 -68.70 24.28
N ILE I 17 52.88 -68.30 25.50
CA ILE I 17 53.53 -69.20 26.45
C ILE I 17 52.59 -70.31 26.90
N PHE I 18 51.29 -70.04 26.82
CA PHE I 18 50.28 -70.98 27.28
C PHE I 18 50.05 -72.14 26.30
N TRP I 19 50.70 -72.08 25.15
CA TRP I 19 50.50 -73.09 24.11
C TRP I 19 51.23 -74.39 24.42
N LYS I 20 52.40 -74.29 25.04
CA LYS I 20 53.26 -75.45 25.27
C LYS I 20 52.58 -76.53 26.12
N ASP I 21 52.24 -76.19 27.36
CA ASP I 21 51.65 -77.15 28.28
C ASP I 21 50.24 -77.57 27.85
N PHE I 22 49.56 -76.69 27.15
CA PHE I 22 48.22 -76.99 26.63
C PHE I 22 48.29 -78.06 25.57
N TYR I 23 49.29 -77.96 24.69
CA TYR I 23 49.48 -78.92 23.61
C TYR I 23 49.91 -80.28 24.15
N LEU I 24 50.79 -80.27 25.15
CA LEU I 24 51.29 -81.50 25.74
C LEU I 24 50.19 -82.26 26.48
N SER I 25 49.30 -81.53 27.13
CA SER I 25 48.20 -82.14 27.87
C SER I 25 47.14 -82.70 26.92
N ALA I 26 46.95 -82.02 25.80
CA ALA I 26 45.96 -82.44 24.81
C ALA I 26 46.38 -83.73 24.11
N GLU I 27 47.68 -83.85 23.85
CA GLU I 27 48.23 -85.04 23.19
C GLU I 27 48.10 -86.30 24.05
N ARG I 28 47.85 -86.11 25.34
CA ARG I 28 47.79 -87.24 26.27
C ARG I 28 46.36 -87.60 26.62
N TYR I 29 45.48 -86.61 26.69
CA TYR I 29 44.12 -86.84 27.17
C TYR I 29 43.04 -86.63 26.10
N PHE I 30 43.23 -85.62 25.25
CA PHE I 30 42.19 -85.22 24.31
C PHE I 30 42.68 -85.13 22.86
N MET I 31 42.54 -86.22 22.11
CA MET I 31 42.07 -87.49 22.63
C MET I 31 43.15 -88.55 22.42
N GLN I 32 43.10 -89.62 23.21
CA GLN I 32 44.18 -90.61 23.20
C GLN I 32 43.88 -91.81 22.30
N ASP I 33 42.66 -92.31 22.36
CA ASP I 33 42.29 -93.53 21.67
C ASP I 33 42.19 -93.33 20.16
N GLN I 34 41.86 -94.41 19.44
CA GLN I 34 41.86 -94.39 17.99
C GLN I 34 40.66 -93.66 17.39
N SER I 35 40.53 -93.76 16.07
CA SER I 35 39.41 -93.21 15.32
C SER I 35 39.28 -91.69 15.42
N PHE I 36 40.33 -91.03 15.91
CA PHE I 36 40.30 -89.58 16.09
C PHE I 36 41.61 -88.92 15.69
N ILE I 37 41.53 -87.96 14.77
CA ILE I 37 42.68 -87.18 14.35
C ILE I 37 42.54 -85.73 14.80
N ILE I 38 43.53 -85.24 15.53
CA ILE I 38 43.49 -83.90 16.08
C ILE I 38 44.17 -82.88 15.17
N GLU I 39 43.49 -81.78 14.89
CA GLU I 39 44.07 -80.69 14.09
C GLU I 39 44.08 -79.39 14.89
N TYR I 40 45.27 -78.83 15.07
CA TYR I 40 45.43 -77.61 15.85
C TYR I 40 45.48 -76.37 14.96
N TYR I 41 44.52 -75.47 15.16
CA TYR I 41 44.48 -74.21 14.42
C TYR I 41 44.88 -73.06 15.33
N VAL I 42 46.18 -72.77 15.37
CA VAL I 42 46.69 -71.73 16.26
C VAL I 42 46.75 -70.36 15.59
N PHE I 43 46.09 -69.38 16.20
CA PHE I 43 46.09 -68.02 15.69
C PHE I 43 46.97 -67.13 16.56
N THR I 44 48.20 -66.90 16.13
CA THR I 44 49.16 -66.13 16.92
C THR I 44 50.12 -65.31 16.06
N ASP I 45 50.90 -64.46 16.71
CA ASP I 45 51.91 -63.65 16.04
C ASP I 45 53.31 -64.11 16.46
N SER I 46 53.35 -65.16 17.28
CA SER I 46 54.61 -65.72 17.75
C SER I 46 55.41 -66.31 16.59
N PRO I 47 56.73 -66.05 16.56
CA PRO I 47 57.61 -66.50 15.48
C PRO I 47 57.67 -68.03 15.35
N LYS I 48 57.66 -68.73 16.48
CA LYS I 48 57.77 -70.18 16.47
C LYS I 48 56.93 -70.82 17.58
N LEU I 49 56.24 -71.90 17.25
CA LEU I 49 55.44 -72.63 18.22
C LEU I 49 56.15 -73.90 18.67
N TYR I 50 55.61 -74.55 19.70
CA TYR I 50 56.20 -75.78 20.21
C TYR I 50 55.81 -76.97 19.36
N ASP I 51 56.79 -77.83 19.07
CA ASP I 51 56.58 -79.04 18.27
C ASP I 51 55.99 -78.71 16.90
N GLU I 52 56.27 -77.50 16.41
CA GLU I 52 55.76 -77.05 15.13
C GLU I 52 56.62 -77.63 14.00
N GLU I 53 57.88 -77.91 14.32
CA GLU I 53 58.83 -78.44 13.35
C GLU I 53 58.74 -79.96 13.28
N ASN I 54 58.04 -80.55 14.25
CA ASN I 54 57.91 -82.00 14.33
C ASN I 54 56.53 -82.49 13.90
N ASN I 55 55.50 -81.73 14.28
CA ASN I 55 54.13 -82.12 13.97
C ASN I 55 53.59 -81.39 12.74
N LYS I 56 52.70 -82.07 12.01
CA LYS I 56 52.13 -81.49 10.79
C LYS I 56 50.68 -81.08 11.03
N HIS I 57 50.08 -81.61 12.09
CA HIS I 57 48.69 -81.31 12.42
C HIS I 57 48.55 -79.91 13.01
N ILE I 58 49.67 -79.32 13.41
CA ILE I 58 49.66 -77.96 13.96
C ILE I 58 49.65 -76.92 12.84
N HIS I 59 48.52 -76.23 12.69
CA HIS I 59 48.38 -75.22 11.65
C HIS I 59 48.45 -73.82 12.26
N ARG I 60 49.58 -73.14 12.03
CA ARG I 60 49.78 -71.80 12.56
C ARG I 60 49.26 -70.74 11.60
N ILE I 61 48.27 -69.97 12.07
CA ILE I 61 47.72 -68.88 11.27
C ILE I 61 48.21 -67.54 11.82
N LYS I 62 48.74 -66.70 10.93
CA LYS I 62 49.25 -65.39 11.31
C LYS I 62 48.14 -64.52 11.88
N GLN I 63 48.33 -64.04 13.11
CA GLN I 63 47.34 -63.21 13.77
C GLN I 63 48.01 -62.12 14.61
N LYS I 64 47.96 -60.89 14.12
CA LYS I 64 48.51 -59.76 14.85
C LYS I 64 47.71 -59.48 16.12
N ASN I 65 48.31 -58.72 17.04
CA ASN I 65 47.64 -58.37 18.28
C ASN I 65 46.68 -57.20 18.08
N LEU I 66 45.39 -57.47 18.25
CA LEU I 66 44.37 -56.45 18.07
C LEU I 66 44.18 -55.60 19.33
N GLY I 67 44.88 -55.97 20.39
CA GLY I 67 44.71 -55.32 21.68
C GLY I 67 43.36 -55.65 22.29
N TRP I 68 43.01 -54.97 23.37
CA TRP I 68 41.72 -55.15 24.01
C TRP I 68 40.75 -54.06 23.55
N PRO I 69 39.47 -54.41 23.33
CA PRO I 69 38.87 -55.74 23.52
C PRO I 69 38.79 -56.57 22.25
N ASP I 70 39.43 -56.10 21.17
CA ASP I 70 39.28 -56.75 19.87
C ASP I 70 39.88 -58.16 19.83
N ASN I 71 40.67 -58.51 20.84
CA ASN I 71 41.21 -59.86 20.94
C ASN I 71 40.15 -60.87 21.35
N THR I 72 39.15 -60.39 22.09
CA THR I 72 38.07 -61.25 22.56
C THR I 72 36.74 -60.89 21.88
N LEU I 73 36.64 -59.65 21.42
CA LEU I 73 35.43 -59.19 20.74
C LEU I 73 35.39 -59.70 19.31
N LYS I 74 36.50 -59.57 18.60
CA LYS I 74 36.61 -60.03 17.23
C LYS I 74 37.10 -61.47 17.17
N ARG I 75 36.84 -62.23 18.23
CA ARG I 75 37.29 -63.61 18.34
C ARG I 75 36.74 -64.49 17.22
N PHE I 76 35.46 -64.30 16.91
CA PHE I 76 34.78 -65.12 15.91
C PHE I 76 35.06 -64.63 14.49
N HIS I 77 35.47 -63.37 14.38
CA HIS I 77 35.87 -62.81 13.09
C HIS I 77 37.16 -63.47 12.62
N ILE I 78 38.01 -63.83 13.58
CA ILE I 78 39.27 -64.51 13.29
C ILE I 78 39.03 -65.91 12.75
N PHE I 79 38.02 -66.58 13.30
CA PHE I 79 37.72 -67.96 12.94
C PHE I 79 37.11 -68.08 11.53
N LEU I 80 36.49 -67.01 11.06
CA LEU I 80 35.75 -67.04 9.81
C LEU I 80 36.55 -66.58 8.59
N ARG I 81 37.79 -66.17 8.83
CA ARG I 81 38.66 -65.75 7.72
C ARG I 81 39.28 -66.96 7.03
N ILE I 82 39.12 -68.13 7.65
CA ILE I 82 39.58 -69.38 7.06
C ILE I 82 38.52 -70.46 7.18
N LYS I 83 37.25 -70.05 7.15
CA LYS I 83 36.15 -70.97 7.38
C LYS I 83 36.03 -72.07 6.34
N GLU I 84 36.53 -71.81 5.13
CA GLU I 84 36.49 -72.81 4.07
C GLU I 84 37.43 -73.96 4.36
N GLN I 85 38.54 -73.66 5.04
CA GLN I 85 39.53 -74.67 5.40
C GLN I 85 39.00 -75.59 6.51
N LEU I 86 38.09 -75.05 7.32
CA LEU I 86 37.53 -75.80 8.43
C LEU I 86 36.40 -76.74 7.97
N GLU I 87 35.74 -76.36 6.88
CA GLU I 87 34.63 -77.14 6.35
C GLU I 87 35.09 -78.44 5.68
N ARG I 88 36.37 -78.49 5.32
CA ARG I 88 36.90 -79.64 4.59
C ARG I 88 37.93 -80.43 5.39
N GLU I 89 38.32 -79.91 6.54
CA GLU I 89 39.33 -80.57 7.36
C GLU I 89 38.81 -80.95 8.74
N THR I 90 37.63 -80.44 9.10
CA THR I 90 37.06 -80.71 10.41
C THR I 90 35.61 -81.15 10.35
N ASP I 91 35.21 -82.02 11.28
CA ASP I 91 33.81 -82.42 11.42
C ASP I 91 33.23 -81.78 12.68
N TYR I 92 34.08 -81.62 13.69
CA TYR I 92 33.70 -80.94 14.92
C TYR I 92 34.68 -79.81 15.22
N LEU I 93 34.16 -78.70 15.75
CA LEU I 93 35.00 -77.57 16.12
C LEU I 93 34.94 -77.33 17.62
N PHE I 94 36.08 -76.95 18.19
CA PHE I 94 36.16 -76.69 19.63
C PHE I 94 37.13 -75.55 19.93
N PHE I 95 36.69 -74.62 20.78
CA PHE I 95 37.54 -73.51 21.18
C PHE I 95 37.96 -73.65 22.64
N PHE I 96 39.25 -73.41 22.89
CA PHE I 96 39.79 -73.46 24.24
C PHE I 96 40.58 -72.19 24.55
N ASN I 97 40.48 -71.73 25.80
CA ASN I 97 41.26 -70.59 26.25
C ASN I 97 42.75 -70.94 26.27
N ALA I 98 43.60 -69.93 26.32
CA ALA I 98 45.04 -70.15 26.34
C ALA I 98 45.48 -70.86 27.60
N ASN I 99 45.03 -70.38 28.76
CA ASN I 99 45.44 -70.92 30.04
C ASN I 99 44.70 -72.19 30.46
N LEU I 100 44.07 -72.86 29.50
CA LEU I 100 43.39 -74.12 29.79
C LEU I 100 44.37 -75.28 29.86
N LEU I 101 43.98 -76.33 30.57
CA LEU I 101 44.85 -77.48 30.78
C LEU I 101 44.02 -78.74 31.04
N PHE I 102 44.44 -79.84 30.43
CA PHE I 102 43.76 -81.12 30.61
C PHE I 102 44.37 -81.92 31.75
N THR I 103 43.52 -82.51 32.58
CA THR I 103 43.97 -83.28 33.74
C THR I 103 43.41 -84.70 33.72
N SER I 104 42.29 -84.88 33.02
CA SER I 104 41.63 -86.19 32.96
C SER I 104 41.26 -86.54 31.52
N PRO I 105 41.34 -87.82 31.17
CA PRO I 105 41.00 -88.31 29.82
C PRO I 105 39.52 -88.06 29.48
N ILE I 106 39.27 -87.44 28.33
CA ILE I 106 37.91 -87.19 27.88
C ILE I 106 37.66 -87.87 26.53
N GLY I 107 36.50 -88.51 26.42
CA GLY I 107 36.18 -89.29 25.22
C GLY I 107 35.12 -88.68 24.34
N LYS I 108 34.19 -89.51 23.89
CA LYS I 108 33.18 -89.10 22.92
C LYS I 108 31.98 -88.45 23.61
N GLU I 109 31.99 -88.42 24.94
CA GLU I 109 30.88 -87.86 25.71
C GLU I 109 30.72 -86.36 25.48
N ILE I 110 31.73 -85.73 24.90
CA ILE I 110 31.69 -84.30 24.62
C ILE I 110 31.34 -84.02 23.15
N LEU I 111 30.98 -85.07 22.43
CA LEU I 111 30.59 -84.92 21.03
C LEU I 111 29.08 -84.94 20.87
N PRO I 112 28.51 -83.81 20.43
CA PRO I 112 27.07 -83.66 20.20
C PRO I 112 26.57 -84.64 19.13
N PRO I 113 25.43 -85.30 19.40
CA PRO I 113 24.82 -86.27 18.47
C PRO I 113 24.49 -85.64 17.12
N SER I 114 24.48 -86.45 16.07
CA SER I 114 24.19 -85.97 14.72
C SER I 114 22.72 -85.56 14.58
N ASP I 115 21.86 -86.15 15.40
CA ASP I 115 20.43 -85.84 15.35
C ASP I 115 20.07 -84.71 16.30
N SER I 116 20.95 -83.73 16.39
CA SER I 116 20.71 -82.56 17.24
C SER I 116 21.24 -81.28 16.59
N ASN I 117 21.19 -80.18 17.31
CA ASN I 117 21.67 -78.90 16.80
C ASN I 117 23.19 -78.88 16.68
N GLY I 118 23.85 -79.78 17.40
CA GLY I 118 25.30 -79.90 17.33
C GLY I 118 26.04 -78.75 17.96
N LEU I 119 25.62 -78.36 19.15
CA LEU I 119 26.27 -77.27 19.88
C LEU I 119 26.79 -77.75 21.23
N LEU I 120 27.75 -77.01 21.77
CA LEU I 120 28.33 -77.35 23.06
C LEU I 120 28.61 -76.09 23.88
N GLY I 121 28.20 -76.11 25.16
CA GLY I 121 28.42 -74.99 26.04
C GLY I 121 28.97 -75.43 27.39
N THR I 122 29.62 -74.50 28.09
CA THR I 122 30.20 -74.80 29.39
C THR I 122 29.71 -73.80 30.43
N MET I 123 29.20 -74.31 31.55
CA MET I 123 28.72 -73.47 32.63
C MET I 123 29.86 -72.69 33.28
N HIS I 124 29.62 -71.41 33.56
CA HIS I 124 30.63 -70.57 34.20
C HIS I 124 30.82 -71.00 35.65
N PRO I 125 32.08 -71.17 36.08
CA PRO I 125 32.41 -71.67 37.41
C PRO I 125 32.10 -70.68 38.55
N GLY I 126 31.55 -69.51 38.22
CA GLY I 126 31.27 -68.52 39.23
C GLY I 126 29.81 -68.48 39.65
N PHE I 127 28.96 -69.11 38.87
CA PHE I 127 27.51 -69.08 39.12
C PHE I 127 26.91 -70.48 39.01
N TYR I 128 27.30 -71.37 39.91
CA TYR I 128 26.82 -72.75 39.87
C TYR I 128 25.60 -72.96 40.75
N ASN I 129 25.42 -72.09 41.74
CA ASN I 129 24.26 -72.16 42.62
C ASN I 129 23.44 -70.87 42.60
N LYS I 130 23.73 -70.01 41.63
CA LYS I 130 23.09 -68.70 41.53
C LYS I 130 21.86 -68.75 40.63
N PRO I 131 20.79 -68.04 41.04
CA PRO I 131 19.53 -67.98 40.28
C PRO I 131 19.64 -67.13 39.02
N ASN I 132 18.52 -67.01 38.30
CA ASN I 132 18.48 -66.24 37.06
C ASN I 132 18.65 -64.74 37.29
N SER I 133 18.32 -64.30 38.50
CA SER I 133 18.41 -62.88 38.85
C SER I 133 19.84 -62.48 39.17
N GLU I 134 20.76 -63.43 39.13
CA GLU I 134 22.15 -63.17 39.45
C GLU I 134 23.04 -63.29 38.21
N PHE I 135 22.45 -63.72 37.10
CA PHE I 135 23.18 -63.82 35.84
C PHE I 135 23.45 -62.44 35.26
N THR I 136 24.64 -62.25 34.69
CA THR I 136 25.01 -60.96 34.13
C THR I 136 24.87 -60.95 32.61
N TYR I 137 23.64 -61.06 32.14
CA TYR I 137 23.35 -60.99 30.72
C TYR I 137 23.36 -59.54 30.25
N GLU I 138 23.38 -59.34 28.94
CA GLU I 138 23.30 -57.99 28.37
C GLU I 138 21.87 -57.49 28.52
N ARG I 139 21.65 -56.64 29.52
CA ARG I 139 20.30 -56.21 29.88
C ARG I 139 19.91 -54.93 29.15
N ARG I 140 20.39 -54.79 27.92
CA ARG I 140 20.08 -53.61 27.11
C ARG I 140 19.36 -54.02 25.83
N ASP I 141 18.15 -53.48 25.66
CA ASP I 141 17.29 -53.84 24.54
C ASP I 141 17.90 -53.47 23.19
N ALA I 142 18.73 -52.44 23.18
CA ALA I 142 19.33 -51.94 21.94
C ALA I 142 20.36 -52.90 21.39
N SER I 143 20.98 -53.67 22.28
CA SER I 143 22.00 -54.64 21.87
C SER I 143 21.36 -55.93 21.38
N THR I 144 22.07 -56.63 20.49
CA THR I 144 21.57 -57.88 19.91
C THR I 144 21.73 -59.04 20.88
N ALA I 145 22.58 -58.86 21.89
CA ALA I 145 22.81 -59.89 22.90
C ALA I 145 21.85 -59.71 24.07
N TYR I 146 20.73 -59.03 23.82
CA TYR I 146 19.77 -58.71 24.87
C TYR I 146 19.05 -59.94 25.41
N ILE I 147 19.13 -60.12 26.73
CA ILE I 147 18.38 -61.17 27.40
C ILE I 147 17.62 -60.57 28.58
N PRO I 148 16.29 -60.55 28.49
CA PRO I 148 15.45 -59.97 29.56
C PRO I 148 15.52 -60.76 30.86
N GLU I 149 15.11 -60.14 31.95
CA GLU I 149 15.10 -60.77 33.26
C GLU I 149 14.12 -61.95 33.31
N GLY I 150 14.50 -63.00 34.02
CA GLY I 150 13.66 -64.17 34.18
C GLY I 150 13.93 -65.23 33.14
N GLU I 151 14.48 -64.82 32.00
CA GLU I 151 14.76 -65.74 30.91
C GLU I 151 16.19 -66.25 30.96
N GLY I 152 16.40 -67.47 30.48
CA GLY I 152 17.72 -68.07 30.46
C GLY I 152 17.84 -69.21 31.47
N ARG I 153 18.50 -70.28 31.05
CA ARG I 153 18.72 -71.43 31.91
C ARG I 153 20.04 -71.29 32.68
N TYR I 154 21.14 -71.58 31.99
CA TYR I 154 22.47 -71.48 32.58
C TYR I 154 23.20 -70.25 32.05
N TYR I 155 24.27 -69.87 32.74
CA TYR I 155 25.14 -68.80 32.25
C TYR I 155 26.42 -69.41 31.69
N TYR I 156 26.44 -69.61 30.38
CA TYR I 156 27.58 -70.22 29.70
C TYR I 156 28.75 -69.25 29.60
N ALA I 157 29.96 -69.80 29.69
CA ALA I 157 31.17 -68.99 29.58
C ALA I 157 31.79 -69.11 28.20
N GLY I 158 32.62 -68.13 27.83
CA GLY I 158 33.24 -68.10 26.53
C GLY I 158 34.60 -68.80 26.50
N GLY I 159 35.02 -69.32 27.64
CA GLY I 159 36.29 -70.00 27.75
C GLY I 159 36.34 -71.29 26.95
N LEU I 160 35.18 -71.91 26.78
CA LEU I 160 35.09 -73.17 26.04
C LEU I 160 33.74 -73.29 25.35
N SER I 161 33.76 -73.42 24.03
CA SER I 161 32.54 -73.59 23.25
C SER I 161 32.84 -74.40 21.99
N GLY I 162 31.94 -75.30 21.63
CA GLY I 162 32.16 -76.16 20.49
C GLY I 162 30.92 -76.77 19.88
N GLY I 163 31.12 -77.90 19.18
CA GLY I 163 30.05 -78.56 18.46
C GLY I 163 30.52 -78.99 17.09
N CYS I 164 29.60 -79.42 16.24
CA CYS I 164 29.95 -79.80 14.88
C CYS I 164 30.34 -78.57 14.06
N THR I 165 31.02 -78.79 12.95
CA THR I 165 31.58 -77.70 12.15
C THR I 165 30.53 -76.71 11.66
N LYS I 166 29.46 -77.23 11.05
CA LYS I 166 28.42 -76.39 10.46
C LYS I 166 27.73 -75.51 11.50
N ALA I 167 27.42 -76.10 12.65
CA ALA I 167 26.70 -75.38 13.69
C ALA I 167 27.55 -74.31 14.35
N TYR I 168 28.84 -74.61 14.54
CA TYR I 168 29.74 -73.68 15.20
C TYR I 168 30.14 -72.53 14.27
N LEU I 169 30.22 -72.83 12.97
CA LEU I 169 30.48 -71.79 11.98
C LEU I 169 29.23 -70.93 11.81
N LYS I 170 28.06 -71.54 11.98
CA LYS I 170 26.81 -70.82 11.96
C LYS I 170 26.71 -69.97 13.23
N LEU I 171 27.32 -70.46 14.30
CA LEU I 171 27.38 -69.74 15.56
C LEU I 171 28.25 -68.49 15.42
N CYS I 172 29.40 -68.66 14.79
CA CYS I 172 30.33 -67.56 14.59
C CYS I 172 29.75 -66.48 13.66
N THR I 173 29.19 -66.92 12.54
CA THR I 173 28.64 -66.00 11.54
C THR I 173 27.48 -65.19 12.10
N THR I 174 26.66 -65.83 12.92
CA THR I 174 25.51 -65.16 13.52
C THR I 174 25.94 -64.09 14.52
N ILE I 175 26.95 -64.41 15.33
CA ILE I 175 27.45 -63.49 16.35
C ILE I 175 28.30 -62.39 15.71
N CYS I 176 29.05 -62.74 14.68
CA CYS I 176 29.82 -61.75 13.93
C CYS I 176 28.91 -60.68 13.35
N SER I 177 27.72 -61.10 12.92
CA SER I 177 26.71 -60.17 12.45
C SER I 177 26.18 -59.34 13.61
N TRP I 178 26.11 -59.96 14.79
CA TRP I 178 25.61 -59.30 15.99
C TRP I 178 26.59 -58.26 16.51
N VAL I 179 27.89 -58.52 16.32
CA VAL I 179 28.93 -57.59 16.76
C VAL I 179 28.96 -56.35 15.88
N ASP I 180 29.01 -56.58 14.57
CA ASP I 180 29.06 -55.49 13.61
C ASP I 180 27.80 -54.63 13.65
N ARG I 181 26.67 -55.27 13.91
CA ARG I 181 25.39 -54.56 13.98
C ARG I 181 25.35 -53.62 15.17
N ASP I 182 25.82 -54.10 16.31
CA ASP I 182 25.88 -53.29 17.53
C ASP I 182 26.94 -52.20 17.39
N ALA I 183 27.97 -52.47 16.60
CA ALA I 183 29.04 -51.51 16.37
C ALA I 183 28.51 -50.30 15.60
N THR I 184 27.54 -50.53 14.73
CA THR I 184 26.91 -49.46 13.97
C THR I 184 26.08 -48.56 14.90
N ASN I 185 25.54 -49.16 15.95
CA ASN I 185 24.78 -48.43 16.95
C ASN I 185 25.68 -47.97 18.11
N HIS I 186 26.98 -48.10 17.90
CA HIS I 186 27.99 -47.73 18.90
C HIS I 186 27.79 -48.48 20.21
N ILE I 187 27.54 -49.78 20.12
CA ILE I 187 27.27 -50.60 21.30
C ILE I 187 28.20 -51.81 21.38
N ILE I 188 28.80 -52.00 22.54
CA ILE I 188 29.60 -53.20 22.81
C ILE I 188 29.03 -53.96 24.00
N PRO I 189 28.53 -55.18 23.75
CA PRO I 189 27.88 -56.00 24.78
C PRO I 189 28.82 -56.38 25.92
N ILE I 190 28.28 -56.52 27.12
CA ILE I 190 29.06 -56.93 28.27
C ILE I 190 28.41 -58.11 28.99
N TRP I 191 29.18 -59.18 29.16
CA TRP I 191 30.55 -59.27 28.69
C TRP I 191 30.59 -59.86 27.28
N HIS I 192 31.25 -59.15 26.38
CA HIS I 192 31.28 -59.50 24.95
C HIS I 192 31.63 -60.96 24.67
N ASP I 193 32.52 -61.52 25.47
CA ASP I 193 32.94 -62.91 25.28
C ASP I 193 31.92 -63.88 25.88
N GLN I 194 31.09 -63.39 26.79
CA GLN I 194 30.14 -64.24 27.50
C GLN I 194 28.69 -63.92 27.16
N SER I 195 28.37 -62.64 27.02
CA SER I 195 26.99 -62.21 26.79
C SER I 195 26.48 -62.62 25.40
N LEU I 196 27.36 -62.57 24.41
CA LEU I 196 26.99 -62.89 23.04
C LEU I 196 26.69 -64.37 22.85
N ILE I 197 27.49 -65.22 23.51
CA ILE I 197 27.34 -66.67 23.36
C ILE I 197 26.08 -67.16 24.07
N ASN I 198 25.74 -66.53 25.20
CA ASN I 198 24.54 -66.90 25.94
C ASN I 198 23.25 -66.54 25.20
N LYS I 199 23.30 -65.45 24.43
CA LYS I 199 22.15 -65.05 23.62
C LYS I 199 21.91 -66.08 22.51
N TYR I 200 23.00 -66.61 21.96
CA TYR I 200 22.91 -67.62 20.92
C TYR I 200 22.50 -68.96 21.52
N PHE I 201 22.88 -69.19 22.78
CA PHE I 201 22.50 -70.40 23.49
C PHE I 201 21.09 -70.27 24.06
N LEU I 202 20.53 -69.07 23.98
CA LEU I 202 19.15 -68.85 24.39
C LEU I 202 18.22 -69.18 23.23
N ASP I 203 18.57 -68.68 22.04
CA ASP I 203 17.80 -68.98 20.84
C ASP I 203 18.07 -70.41 20.40
N ASN I 204 19.29 -70.88 20.64
CA ASN I 204 19.66 -72.25 20.30
C ASN I 204 20.38 -72.95 21.45
N PRO I 205 19.59 -73.55 22.37
CA PRO I 205 20.15 -74.30 23.50
C PRO I 205 21.09 -75.41 23.05
N PRO I 206 22.30 -75.47 23.63
CA PRO I 206 23.33 -76.44 23.24
C PRO I 206 22.88 -77.88 23.48
N ALA I 207 23.34 -78.79 22.62
CA ALA I 207 23.00 -80.20 22.74
C ALA I 207 23.54 -80.79 24.04
N ILE I 208 24.79 -80.46 24.36
CA ILE I 208 25.44 -80.94 25.57
C ILE I 208 25.96 -79.79 26.41
N THR I 209 25.48 -79.71 27.65
CA THR I 209 25.95 -78.68 28.58
C THR I 209 26.96 -79.26 29.55
N LEU I 210 28.19 -78.75 29.49
CA LEU I 210 29.26 -79.24 30.35
C LEU I 210 29.28 -78.53 31.69
N SER I 211 29.52 -79.28 32.75
CA SER I 211 29.63 -78.75 34.09
C SER I 211 30.85 -77.82 34.18
N PRO I 212 30.85 -76.90 35.16
CA PRO I 212 32.01 -76.00 35.34
C PRO I 212 33.29 -76.71 35.77
N ALA I 213 33.27 -78.04 35.80
CA ALA I 213 34.46 -78.83 36.07
C ALA I 213 35.39 -78.79 34.86
N TYR I 214 34.83 -78.48 33.70
CA TYR I 214 35.60 -78.36 32.47
C TYR I 214 36.11 -76.93 32.30
N LEU I 215 35.81 -76.09 33.28
CA LEU I 215 36.33 -74.72 33.32
C LEU I 215 36.75 -74.39 34.74
N TYR I 216 37.38 -75.35 35.40
CA TYR I 216 37.78 -75.21 36.80
C TYR I 216 38.98 -74.27 36.94
N PRO I 217 38.78 -73.14 37.65
CA PRO I 217 39.86 -72.18 37.91
C PRO I 217 40.87 -72.74 38.90
N GLU I 218 42.15 -72.60 38.61
CA GLU I 218 43.21 -73.11 39.49
C GLU I 218 43.21 -72.36 40.82
N GLY I 219 43.14 -73.13 41.92
CA GLY I 219 43.16 -72.55 43.24
C GLY I 219 41.80 -72.59 43.93
N TRP I 220 40.75 -72.76 43.13
CA TRP I 220 39.39 -72.77 43.65
C TRP I 220 39.06 -74.11 44.32
N LEU I 221 38.07 -74.09 45.21
CA LEU I 221 37.57 -75.31 45.83
C LEU I 221 36.08 -75.47 45.57
N LEU I 222 35.74 -75.82 44.34
CA LEU I 222 34.34 -75.97 43.93
C LEU I 222 33.87 -77.41 44.13
N PRO I 223 32.54 -77.61 44.20
CA PRO I 223 32.00 -78.97 44.31
C PRO I 223 32.13 -79.78 43.02
N PHE I 224 33.29 -79.72 42.39
CA PHE I 224 33.56 -80.47 41.17
C PHE I 224 35.01 -80.92 41.14
N GLU I 225 35.28 -82.05 40.50
CA GLU I 225 36.66 -82.50 40.31
C GLU I 225 37.20 -81.94 39.00
N PRO I 226 38.34 -81.24 39.06
CA PRO I 226 38.92 -80.54 37.91
C PRO I 226 39.32 -81.46 36.76
N ILE I 227 38.46 -81.55 35.75
CA ILE I 227 38.78 -82.30 34.55
C ILE I 227 39.62 -81.43 33.61
N ILE I 228 39.15 -80.20 33.41
CA ILE I 228 39.91 -79.20 32.65
C ILE I 228 40.18 -78.00 33.54
N LEU I 229 41.46 -77.71 33.76
CA LEU I 229 41.86 -76.68 34.72
C LEU I 229 42.23 -75.36 34.04
N ILE I 230 41.74 -74.27 34.59
CA ILE I 230 42.11 -72.93 34.12
C ILE I 230 43.34 -72.44 34.88
N ARG I 231 44.49 -72.47 34.21
CA ARG I 231 45.74 -72.08 34.84
C ARG I 231 45.77 -70.59 35.17
N ASP I 232 46.33 -70.25 36.33
CA ASP I 232 46.42 -68.87 36.78
C ASP I 232 47.36 -68.07 35.89
N LYS I 233 46.86 -66.96 35.35
CA LYS I 233 47.63 -66.12 34.45
C LYS I 233 48.80 -65.45 35.16
N ASN I 234 48.62 -65.14 36.44
CA ASN I 234 49.63 -64.40 37.20
C ASN I 234 50.55 -65.31 38.01
N LYS I 235 50.92 -66.45 37.43
CA LYS I 235 51.90 -67.33 38.05
C LYS I 235 53.31 -66.88 37.71
N PRO I 236 54.23 -66.98 38.68
CA PRO I 236 55.64 -66.61 38.48
C PRO I 236 56.28 -67.39 37.34
N GLN I 237 55.77 -68.60 37.08
CA GLN I 237 56.26 -69.42 35.98
C GLN I 237 55.86 -68.80 34.64
N TYR I 238 54.71 -68.14 34.63
CA TYR I 238 54.19 -67.52 33.42
C TYR I 238 54.52 -66.03 33.39
N MET J 3 -15.07 10.61 -48.01
CA MET J 3 -15.65 11.93 -47.90
C MET J 3 -14.57 13.02 -47.95
N ARG J 4 -14.85 14.06 -48.73
CA ARG J 4 -13.89 15.16 -48.91
C ARG J 4 -14.27 16.36 -48.05
N ILE J 5 -13.36 16.76 -47.16
CA ILE J 5 -13.60 17.87 -46.24
C ILE J 5 -12.68 19.04 -46.54
N GLY J 6 -13.26 20.24 -46.64
CA GLY J 6 -12.50 21.44 -46.90
C GLY J 6 -12.43 22.36 -45.70
N ILE J 7 -11.26 22.95 -45.47
CA ILE J 7 -11.07 23.85 -44.34
C ILE J 7 -10.79 25.28 -44.81
N LEU J 8 -11.60 26.23 -44.33
CA LEU J 8 -11.44 27.63 -44.68
C LEU J 8 -10.58 28.34 -43.64
N TYR J 9 -9.51 28.98 -44.09
CA TYR J 9 -8.57 29.63 -43.19
C TYR J 9 -8.11 30.97 -43.77
N ILE J 10 -8.25 32.03 -42.98
CA ILE J 10 -7.75 33.35 -43.37
C ILE J 10 -6.69 33.82 -42.37
N CYS J 11 -5.46 33.98 -42.84
CA CYS J 11 -4.36 34.41 -41.99
C CYS J 11 -3.49 35.46 -42.68
N THR J 12 -4.10 36.59 -43.02
CA THR J 12 -3.39 37.68 -43.68
C THR J 12 -2.71 38.61 -42.69
N GLY J 13 -1.50 39.05 -43.02
CA GLY J 13 -0.78 39.98 -42.19
C GLY J 13 0.08 39.32 -41.13
N LYS J 14 -0.24 39.57 -39.87
CA LYS J 14 0.53 39.04 -38.76
C LYS J 14 -0.04 37.72 -38.24
N TYR J 15 -1.17 37.31 -38.79
CA TYR J 15 -1.86 36.11 -38.33
C TYR J 15 -1.36 34.85 -39.02
N ASP J 16 -0.28 34.98 -39.79
CA ASP J 16 0.29 33.85 -40.50
C ASP J 16 1.06 32.93 -39.56
N ILE J 17 1.40 33.45 -38.38
CA ILE J 17 2.14 32.69 -37.39
C ILE J 17 1.28 31.58 -36.77
N PHE J 18 -0.02 31.77 -36.81
CA PHE J 18 -0.95 30.85 -36.17
C PHE J 18 -1.19 29.58 -36.99
N TRP J 19 -0.68 29.56 -38.22
CA TRP J 19 -0.94 28.45 -39.13
C TRP J 19 -0.12 27.19 -38.80
N LYS J 20 1.15 27.38 -38.48
CA LYS J 20 2.06 26.26 -38.29
C LYS J 20 1.67 25.34 -37.13
N ASP J 21 1.27 25.92 -36.01
CA ASP J 21 0.90 25.15 -34.83
C ASP J 21 -0.51 24.56 -34.97
N PHE J 22 -1.30 25.16 -35.86
CA PHE J 22 -2.66 24.69 -36.09
C PHE J 22 -2.68 23.50 -37.05
N TYR J 23 -1.87 23.59 -38.11
CA TYR J 23 -1.83 22.54 -39.13
C TYR J 23 -1.39 21.20 -38.56
N LEU J 24 -0.46 21.24 -37.61
CA LEU J 24 0.02 20.03 -36.96
C LEU J 24 -1.07 19.40 -36.11
N SER J 25 -1.93 20.23 -35.53
CA SER J 25 -3.02 19.76 -34.68
C SER J 25 -4.18 19.24 -35.52
N ALA J 26 -4.43 19.88 -36.65
CA ALA J 26 -5.51 19.49 -37.54
C ALA J 26 -5.22 18.15 -38.21
N GLU J 27 -3.93 17.86 -38.39
CA GLU J 27 -3.50 16.60 -38.99
C GLU J 27 -3.31 15.55 -37.91
N ARG J 28 -3.57 15.93 -36.67
CA ARG J 28 -3.38 15.04 -35.52
C ARG J 28 -4.70 14.64 -34.88
N TYR J 29 -5.67 15.54 -34.91
CA TYR J 29 -6.94 15.31 -34.22
C TYR J 29 -8.16 15.41 -35.14
N PHE J 30 -8.15 16.38 -36.04
CA PHE J 30 -9.32 16.67 -36.87
C PHE J 30 -9.50 15.68 -38.02
N MET J 31 -10.53 14.85 -37.93
CA MET J 31 -10.90 13.90 -38.98
C MET J 31 -9.73 13.02 -39.42
N GLN J 32 -9.33 12.11 -38.56
CA GLN J 32 -8.20 11.23 -38.85
C GLN J 32 -8.65 9.83 -39.25
N ASP J 33 -9.89 9.74 -39.74
CA ASP J 33 -10.41 8.46 -40.22
C ASP J 33 -10.10 8.33 -41.71
N GLN J 34 -10.00 7.09 -42.19
CA GLN J 34 -9.60 6.83 -43.57
C GLN J 34 -10.69 7.18 -44.58
N SER J 35 -11.86 7.55 -44.07
CA SER J 35 -12.98 7.93 -44.92
C SER J 35 -13.05 9.45 -45.09
N PHE J 36 -12.04 10.15 -44.59
CA PHE J 36 -12.00 11.61 -44.67
C PHE J 36 -10.79 12.12 -45.43
N ILE J 37 -11.04 13.04 -46.36
CA ILE J 37 -9.98 13.70 -47.11
C ILE J 37 -9.97 15.19 -46.81
N ILE J 38 -8.94 15.65 -46.10
CA ILE J 38 -8.88 17.04 -45.65
C ILE J 38 -8.23 17.95 -46.68
N GLU J 39 -8.94 19.00 -47.06
CA GLU J 39 -8.42 20.00 -47.99
C GLU J 39 -8.30 21.36 -47.30
N TYR J 40 -7.13 21.97 -47.39
CA TYR J 40 -6.89 23.26 -46.73
C TYR J 40 -6.98 24.42 -47.71
N TYR J 41 -7.88 25.36 -47.42
CA TYR J 41 -8.04 26.55 -48.24
C TYR J 41 -7.61 27.78 -47.46
N VAL J 42 -6.35 28.15 -47.59
CA VAL J 42 -5.78 29.26 -46.82
C VAL J 42 -5.70 30.54 -47.64
N PHE J 43 -6.25 31.62 -47.10
CA PHE J 43 -6.22 32.93 -47.75
C PHE J 43 -5.23 33.84 -47.04
N THR J 44 -4.10 34.12 -47.69
CA THR J 44 -3.07 34.96 -47.08
C THR J 44 -2.23 35.67 -48.14
N ASP J 45 -1.39 36.60 -47.69
CA ASP J 45 -0.49 37.32 -48.57
C ASP J 45 0.94 36.78 -48.43
N SER J 46 1.13 35.87 -47.48
CA SER J 46 2.43 35.27 -47.22
C SER J 46 2.84 34.36 -48.37
N PRO J 47 4.06 34.56 -48.91
CA PRO J 47 4.58 33.81 -50.05
C PRO J 47 4.72 32.31 -49.77
N LYS J 48 5.11 31.95 -48.55
CA LYS J 48 5.36 30.56 -48.21
C LYS J 48 4.74 30.17 -46.87
N LEU J 49 4.22 28.95 -46.80
CA LEU J 49 3.65 28.42 -45.56
C LEU J 49 4.39 27.19 -45.08
N TYR J 50 4.06 26.73 -43.89
CA TYR J 50 4.73 25.58 -43.29
C TYR J 50 4.27 24.27 -43.92
N ASP J 51 5.23 23.45 -44.33
CA ASP J 51 4.97 22.12 -44.88
C ASP J 51 4.05 22.18 -46.10
N GLU J 52 4.18 23.23 -46.89
CA GLU J 52 3.34 23.41 -48.08
C GLU J 52 3.87 22.57 -49.23
N GLU J 53 5.18 22.47 -49.34
CA GLU J 53 5.81 21.74 -50.44
C GLU J 53 5.70 20.23 -50.26
N ASN J 54 5.34 19.80 -49.06
CA ASN J 54 5.18 18.39 -48.76
C ASN J 54 3.74 17.92 -48.92
N ASN J 55 2.80 18.77 -48.54
CA ASN J 55 1.37 18.43 -48.61
C ASN J 55 0.70 19.08 -49.81
N LYS J 56 -0.04 18.28 -50.56
CA LYS J 56 -0.67 18.76 -51.80
C LYS J 56 -2.15 19.12 -51.60
N HIS J 57 -2.66 18.90 -50.39
CA HIS J 57 -4.06 19.17 -50.11
C HIS J 57 -4.30 20.61 -49.67
N ILE J 58 -3.21 21.31 -49.36
CA ILE J 58 -3.29 22.70 -48.94
C ILE J 58 -3.14 23.63 -50.16
N HIS J 59 -4.00 24.64 -50.23
CA HIS J 59 -3.99 25.57 -51.36
C HIS J 59 -3.74 27.00 -50.90
N ARG J 60 -2.53 27.49 -51.09
CA ARG J 60 -2.19 28.86 -50.73
C ARG J 60 -2.81 29.82 -51.74
N ILE J 61 -3.63 30.75 -51.24
CA ILE J 61 -4.35 31.68 -52.09
C ILE J 61 -4.01 33.13 -51.76
N LYS J 62 -3.70 33.92 -52.78
CA LYS J 62 -3.29 35.31 -52.60
C LYS J 62 -4.43 36.18 -52.07
N GLN J 63 -4.12 36.96 -51.03
CA GLN J 63 -5.08 37.87 -50.44
C GLN J 63 -4.39 38.90 -49.56
N LYS J 64 -4.40 40.16 -49.99
CA LYS J 64 -3.75 41.23 -49.26
C LYS J 64 -4.58 41.69 -48.07
N ASN J 65 -3.98 42.52 -47.22
CA ASN J 65 -4.68 43.07 -46.06
C ASN J 65 -5.65 44.17 -46.46
N LEU J 66 -6.93 43.94 -46.19
CA LEU J 66 -7.95 44.95 -46.41
C LEU J 66 -8.09 45.83 -45.17
N GLY J 67 -7.36 45.45 -44.12
CA GLY J 67 -7.42 46.16 -42.86
C GLY J 67 -8.71 45.87 -42.11
N TRP J 68 -8.87 46.51 -40.96
CA TRP J 68 -10.08 46.34 -40.16
C TRP J 68 -11.08 47.43 -40.51
N PRO J 69 -12.38 47.07 -40.57
CA PRO J 69 -12.95 45.74 -40.33
C PRO J 69 -13.19 44.92 -41.59
N ASP J 70 -12.61 45.34 -42.71
CA ASP J 70 -12.84 44.66 -43.98
C ASP J 70 -12.23 43.25 -44.01
N ASN J 71 -11.37 42.94 -43.05
CA ASN J 71 -10.78 41.61 -42.97
C ASN J 71 -11.73 40.61 -42.33
N THR J 72 -12.73 41.11 -41.61
CA THR J 72 -13.70 40.26 -40.93
C THR J 72 -15.10 40.47 -41.49
N LEU J 73 -15.39 41.70 -41.92
CA LEU J 73 -16.68 42.02 -42.51
C LEU J 73 -16.84 41.38 -43.88
N LYS J 74 -15.86 41.62 -44.75
CA LYS J 74 -15.88 41.06 -46.09
C LYS J 74 -15.14 39.72 -46.14
N ARG J 75 -15.27 38.95 -45.05
CA ARG J 75 -14.67 37.64 -44.96
C ARG J 75 -15.25 36.68 -46.00
N PHE J 76 -16.56 36.72 -46.17
CA PHE J 76 -17.25 35.80 -47.06
C PHE J 76 -17.11 36.23 -48.52
N HIS J 77 -16.71 37.48 -48.73
CA HIS J 77 -16.39 37.97 -50.07
C HIS J 77 -15.18 37.22 -50.61
N ILE J 78 -14.26 36.89 -49.71
CA ILE J 78 -13.05 36.17 -50.06
C ILE J 78 -13.37 34.71 -50.36
N PHE J 79 -14.47 34.23 -49.80
CA PHE J 79 -14.88 32.84 -49.97
C PHE J 79 -15.62 32.61 -51.28
N LEU J 80 -16.22 33.67 -51.81
CA LEU J 80 -17.08 33.55 -52.99
C LEU J 80 -16.36 33.85 -54.30
N ARG J 81 -15.09 34.24 -54.23
CA ARG J 81 -14.34 34.51 -55.45
C ARG J 81 -13.68 33.23 -55.97
N ILE J 82 -13.82 32.15 -55.21
CA ILE J 82 -13.32 30.84 -55.63
C ILE J 82 -14.34 29.75 -55.32
N LYS J 83 -15.59 30.15 -55.16
CA LYS J 83 -16.65 29.23 -54.73
C LYS J 83 -16.90 28.10 -55.72
N GLU J 84 -16.55 28.32 -56.98
CA GLU J 84 -16.82 27.35 -58.04
C GLU J 84 -15.86 26.15 -57.98
N GLN J 85 -14.80 26.29 -57.20
CA GLN J 85 -13.80 25.23 -57.07
C GLN J 85 -14.16 24.28 -55.92
N LEU J 86 -15.17 24.65 -55.15
CA LEU J 86 -15.46 23.95 -53.90
C LEU J 86 -16.52 22.85 -54.03
N GLU J 87 -17.30 22.88 -55.11
CA GLU J 87 -18.35 21.89 -55.30
C GLU J 87 -17.81 20.54 -55.73
N ARG J 88 -16.66 20.54 -56.40
CA ARG J 88 -16.09 19.31 -56.93
C ARG J 88 -14.93 18.79 -56.09
N GLU J 89 -14.47 19.60 -55.13
CA GLU J 89 -13.35 19.21 -54.29
C GLU J 89 -13.78 18.95 -52.86
N THR J 90 -14.95 19.47 -52.48
CA THR J 90 -15.43 19.32 -51.11
C THR J 90 -16.88 18.84 -51.05
N ASP J 91 -17.21 18.16 -49.96
CA ASP J 91 -18.59 17.76 -49.68
C ASP J 91 -19.10 18.51 -48.46
N TYR J 92 -18.17 18.90 -47.60
CA TYR J 92 -18.47 19.71 -46.43
C TYR J 92 -17.50 20.89 -46.33
N LEU J 93 -17.96 21.98 -45.73
CA LEU J 93 -17.12 23.15 -45.51
C LEU J 93 -17.00 23.45 -44.02
N PHE J 94 -15.85 23.98 -43.62
CA PHE J 94 -15.62 24.37 -42.23
C PHE J 94 -14.67 25.55 -42.14
N PHE J 95 -15.16 26.65 -41.55
CA PHE J 95 -14.33 27.84 -41.36
C PHE J 95 -13.74 27.89 -39.95
N PHE J 96 -12.44 28.15 -39.87
CA PHE J 96 -11.74 28.22 -38.60
C PHE J 96 -10.99 29.54 -38.46
N ASN J 97 -11.00 30.10 -37.25
CA ASN J 97 -10.23 31.30 -36.97
C ASN J 97 -8.75 30.96 -36.99
N ALA J 98 -7.91 31.97 -36.82
CA ALA J 98 -6.46 31.77 -36.82
C ALA J 98 -5.95 31.22 -35.49
N ASN J 99 -6.39 31.84 -34.40
CA ASN J 99 -5.80 31.57 -33.09
C ASN J 99 -6.38 30.36 -32.35
N LEU J 100 -7.16 29.54 -33.03
CA LEU J 100 -7.70 28.33 -32.43
C LEU J 100 -6.92 27.09 -32.88
N LEU J 101 -6.95 26.04 -32.07
CA LEU J 101 -6.27 24.79 -32.41
C LEU J 101 -6.97 23.58 -31.82
N PHE J 102 -6.63 22.40 -32.33
CA PHE J 102 -7.21 21.15 -31.85
C PHE J 102 -6.35 20.54 -30.74
N THR J 103 -7.00 19.84 -29.81
CA THR J 103 -6.29 19.15 -28.74
C THR J 103 -6.97 17.82 -28.44
N SER J 104 -8.16 17.63 -28.97
CA SER J 104 -8.90 16.38 -28.79
C SER J 104 -9.46 15.90 -30.12
N PRO J 105 -9.47 14.57 -30.34
CA PRO J 105 -9.96 13.96 -31.58
C PRO J 105 -11.43 14.30 -31.86
N ILE J 106 -11.70 14.78 -33.06
CA ILE J 106 -13.06 15.09 -33.48
C ILE J 106 -13.47 14.22 -34.66
N GLY J 107 -14.50 13.41 -34.46
CA GLY J 107 -14.94 12.47 -35.48
C GLY J 107 -16.11 12.95 -36.33
N LYS J 108 -16.99 12.02 -36.66
CA LYS J 108 -18.12 12.31 -37.55
C LYS J 108 -19.34 12.84 -36.80
N GLU J 109 -19.17 13.13 -35.51
CA GLU J 109 -20.28 13.61 -34.70
C GLU J 109 -20.64 15.05 -35.05
N ILE J 110 -19.70 15.76 -35.69
CA ILE J 110 -19.93 17.15 -36.09
C ILE J 110 -20.38 17.23 -37.54
N LEU J 111 -20.66 16.09 -38.14
CA LEU J 111 -21.16 16.04 -39.52
C LEU J 111 -22.68 16.17 -39.56
N PRO J 112 -23.17 17.27 -40.17
CA PRO J 112 -24.60 17.51 -40.32
C PRO J 112 -25.28 16.43 -41.17
N PRO J 113 -26.43 15.93 -40.73
CA PRO J 113 -27.21 14.93 -41.47
C PRO J 113 -27.56 15.40 -42.88
N SER J 114 -27.52 14.47 -43.84
CA SER J 114 -27.76 14.81 -45.24
C SER J 114 -29.23 15.19 -45.49
N ASP J 115 -30.12 14.71 -44.63
CA ASP J 115 -31.54 15.01 -44.76
C ASP J 115 -31.93 16.24 -43.95
N SER J 116 -30.94 16.99 -43.49
CA SER J 116 -31.18 18.22 -42.75
C SER J 116 -30.76 19.44 -43.57
N ASN J 117 -30.91 20.62 -42.99
CA ASN J 117 -30.58 21.86 -43.70
C ASN J 117 -29.10 21.96 -44.05
N GLY J 118 -28.28 21.21 -43.33
CA GLY J 118 -26.85 21.14 -43.61
C GLY J 118 -26.07 22.36 -43.18
N LEU J 119 -26.35 22.84 -41.96
CA LEU J 119 -25.63 23.98 -41.41
C LEU J 119 -25.05 23.66 -40.03
N LEU J 120 -23.99 24.35 -39.68
CA LEU J 120 -23.31 24.13 -38.40
C LEU J 120 -22.97 25.44 -37.71
N GLY J 121 -23.31 25.54 -36.44
CA GLY J 121 -23.03 26.73 -35.65
C GLY J 121 -22.48 26.37 -34.28
N THR J 122 -21.68 27.27 -33.71
CA THR J 122 -21.09 27.05 -32.40
C THR J 122 -21.44 28.20 -31.45
N MET J 123 -21.89 27.83 -30.24
CA MET J 123 -22.24 28.82 -29.23
C MET J 123 -21.03 29.64 -28.82
N HIS J 124 -21.25 30.93 -28.55
CA HIS J 124 -20.18 31.79 -28.06
C HIS J 124 -19.91 31.47 -26.59
N PRO J 125 -18.62 31.36 -26.22
CA PRO J 125 -18.22 31.02 -24.85
C PRO J 125 -18.62 32.07 -23.81
N GLY J 126 -18.98 33.27 -24.27
CA GLY J 126 -19.36 34.34 -23.38
C GLY J 126 -20.87 34.49 -23.26
N PHE J 127 -21.61 33.69 -24.01
CA PHE J 127 -23.07 33.77 -24.01
C PHE J 127 -23.72 32.39 -23.91
N TYR J 128 -23.35 31.64 -22.88
CA TYR J 128 -23.92 30.31 -22.65
C TYR J 128 -24.99 30.37 -21.56
N ASN J 129 -24.63 30.94 -20.42
CA ASN J 129 -25.53 31.02 -19.28
C ASN J 129 -26.32 32.32 -19.26
N LYS J 130 -26.30 33.03 -20.38
CA LYS J 130 -26.98 34.33 -20.47
C LYS J 130 -28.30 34.22 -21.22
N PRO J 131 -29.34 34.91 -20.72
CA PRO J 131 -30.67 34.90 -21.33
C PRO J 131 -30.74 35.71 -22.63
N ASN J 132 -31.94 35.86 -23.17
CA ASN J 132 -32.14 36.57 -24.43
C ASN J 132 -31.87 38.08 -24.28
N SER J 133 -32.00 38.57 -23.05
CA SER J 133 -31.83 39.99 -22.78
C SER J 133 -30.36 40.38 -22.69
N GLU J 134 -29.48 39.40 -22.83
CA GLU J 134 -28.04 39.64 -22.76
C GLU J 134 -27.38 39.52 -24.12
N PHE J 135 -28.13 39.05 -25.11
CA PHE J 135 -27.60 38.90 -26.47
C PHE J 135 -27.39 40.25 -27.14
N THR J 136 -26.23 40.40 -27.77
CA THR J 136 -25.90 41.66 -28.44
C THR J 136 -26.13 41.58 -29.94
N TYR J 137 -27.38 41.31 -30.32
CA TYR J 137 -27.77 41.30 -31.72
C TYR J 137 -27.87 42.73 -32.24
N GLU J 138 -27.93 42.89 -33.56
CA GLU J 138 -28.07 44.21 -34.16
C GLU J 138 -29.48 44.74 -33.96
N ARG J 139 -29.59 45.83 -33.21
CA ARG J 139 -30.89 46.39 -32.86
C ARG J 139 -31.15 47.70 -33.60
N ARG J 140 -31.40 47.60 -34.90
CA ARG J 140 -31.74 48.77 -35.70
C ARG J 140 -32.52 48.35 -36.95
N ASP J 141 -33.53 49.15 -37.30
CA ASP J 141 -34.41 48.83 -38.42
C ASP J 141 -33.71 49.07 -39.76
N ALA J 142 -32.65 49.86 -39.74
CA ALA J 142 -31.94 50.22 -40.97
C ALA J 142 -31.12 49.04 -41.50
N SER J 143 -30.48 48.30 -40.61
CA SER J 143 -29.66 47.16 -41.01
C SER J 143 -30.50 45.96 -41.39
N THR J 144 -29.96 45.13 -42.28
CA THR J 144 -30.63 43.91 -42.70
C THR J 144 -30.48 42.80 -41.67
N ALA J 145 -29.47 42.92 -40.83
CA ALA J 145 -29.20 41.94 -39.78
C ALA J 145 -29.95 42.26 -38.50
N TYR J 146 -31.16 42.79 -38.65
CA TYR J 146 -31.96 43.18 -37.50
C TYR J 146 -32.71 42.02 -36.88
N ILE J 147 -32.50 41.82 -35.58
CA ILE J 147 -33.25 40.82 -34.83
C ILE J 147 -33.96 41.48 -33.65
N PRO J 148 -35.30 41.39 -33.63
CA PRO J 148 -36.09 41.97 -32.54
C PRO J 148 -35.88 41.21 -31.23
N GLU J 149 -35.91 41.93 -30.11
CA GLU J 149 -35.71 41.31 -28.80
C GLU J 149 -36.89 40.40 -28.45
N GLY J 150 -36.60 39.35 -27.69
CA GLY J 150 -37.62 38.39 -27.32
C GLY J 150 -37.52 37.11 -28.14
N GLU J 151 -36.95 37.23 -29.33
CA GLU J 151 -36.79 36.08 -30.22
C GLU J 151 -35.38 35.50 -30.14
N GLY J 152 -35.27 34.20 -30.35
CA GLY J 152 -33.97 33.54 -30.41
C GLY J 152 -33.37 33.69 -31.80
N ARG J 153 -32.48 32.77 -32.17
CA ARG J 153 -31.99 31.72 -31.29
C ARG J 153 -30.83 32.28 -30.46
N TYR J 154 -30.25 31.47 -29.60
CA TYR J 154 -29.17 31.94 -28.74
C TYR J 154 -27.92 32.28 -29.54
N TYR J 155 -27.05 33.08 -28.92
CA TYR J 155 -25.90 33.69 -29.59
C TYR J 155 -24.94 32.67 -30.19
N TYR J 156 -24.87 32.63 -31.52
CA TYR J 156 -23.88 31.80 -32.19
C TYR J 156 -22.62 32.63 -32.44
N ALA J 157 -21.47 31.96 -32.42
CA ALA J 157 -20.20 32.64 -32.63
C ALA J 157 -19.75 32.53 -34.09
N GLY J 158 -19.03 33.54 -34.56
CA GLY J 158 -18.55 33.57 -35.92
C GLY J 158 -17.17 32.96 -36.08
N GLY J 159 -16.62 32.47 -34.97
CA GLY J 159 -15.30 31.87 -34.98
C GLY J 159 -15.31 30.47 -35.57
N LEU J 160 -16.48 29.86 -35.64
CA LEU J 160 -16.62 28.51 -36.17
C LEU J 160 -17.98 28.28 -36.80
N SER J 161 -17.98 27.97 -38.09
CA SER J 161 -19.21 27.71 -38.82
C SER J 161 -18.94 26.81 -40.03
N GLY J 162 -19.93 25.99 -40.38
CA GLY J 162 -19.77 25.07 -41.49
C GLY J 162 -21.06 24.39 -41.94
N GLY J 163 -20.91 23.20 -42.52
CA GLY J 163 -22.04 22.45 -43.03
C GLY J 163 -21.75 21.86 -44.40
N CYS J 164 -22.81 21.48 -45.11
CA CYS J 164 -22.66 20.93 -46.46
C CYS J 164 -22.19 22.01 -47.43
N THR J 165 -21.53 21.58 -48.51
CA THR J 165 -21.04 22.50 -49.53
C THR J 165 -22.20 23.24 -50.20
N LYS J 166 -23.26 22.51 -50.50
CA LYS J 166 -24.43 23.09 -51.15
C LYS J 166 -25.12 24.12 -50.27
N ALA J 167 -25.10 23.88 -48.95
CA ALA J 167 -25.82 24.72 -48.01
C ALA J 167 -24.99 25.90 -47.50
N TYR J 168 -23.68 25.69 -47.36
CA TYR J 168 -22.81 26.72 -46.82
C TYR J 168 -22.44 27.77 -47.87
N LEU J 169 -22.52 27.39 -49.13
CA LEU J 169 -22.27 28.32 -50.22
C LEU J 169 -23.43 29.30 -50.36
N LYS J 170 -24.62 28.83 -50.02
CA LYS J 170 -25.80 29.68 -49.97
C LYS J 170 -25.70 30.63 -48.79
N LEU J 171 -25.07 30.14 -47.71
CA LEU J 171 -24.84 30.95 -46.52
C LEU J 171 -24.00 32.18 -46.84
N CYS J 172 -22.87 31.95 -47.49
CA CYS J 172 -21.96 33.04 -47.85
C CYS J 172 -22.58 33.98 -48.87
N THR J 173 -23.37 33.43 -49.78
CA THR J 173 -23.97 34.22 -50.86
C THR J 173 -24.97 35.24 -50.32
N THR J 174 -25.78 34.81 -49.36
CA THR J 174 -26.81 35.67 -48.79
C THR J 174 -26.24 36.83 -48.00
N ILE J 175 -25.31 36.54 -47.10
CA ILE J 175 -24.73 37.57 -46.24
C ILE J 175 -23.82 38.52 -47.00
N CYS J 176 -23.28 38.06 -48.13
CA CYS J 176 -22.45 38.91 -48.97
C CYS J 176 -23.29 39.99 -49.65
N SER J 177 -24.56 39.67 -49.89
CA SER J 177 -25.49 40.66 -50.41
C SER J 177 -25.98 41.55 -49.27
N TRP J 178 -26.02 40.98 -48.07
CA TRP J 178 -26.55 41.69 -46.90
C TRP J 178 -25.60 42.77 -46.39
N VAL J 179 -24.30 42.54 -46.52
CA VAL J 179 -23.32 43.55 -46.13
C VAL J 179 -23.31 44.69 -47.15
N ASP J 180 -23.46 44.34 -48.42
CA ASP J 180 -23.46 45.33 -49.50
C ASP J 180 -24.68 46.23 -49.43
N ARG J 181 -25.81 45.67 -48.99
CA ARG J 181 -27.03 46.44 -48.84
C ARG J 181 -26.87 47.51 -47.76
N ASP J 182 -26.29 47.12 -46.64
CA ASP J 182 -26.02 48.07 -45.55
C ASP J 182 -24.96 49.07 -45.96
N ALA J 183 -24.00 48.62 -46.77
CA ALA J 183 -22.95 49.49 -47.27
C ALA J 183 -23.52 50.58 -48.16
N THR J 184 -24.57 50.26 -48.90
CA THR J 184 -25.25 51.23 -49.75
C THR J 184 -26.09 52.19 -48.91
N ASN J 185 -26.54 51.71 -47.76
CA ASN J 185 -27.31 52.53 -46.82
C ASN J 185 -26.38 53.26 -45.87
N HIS J 186 -25.09 53.24 -46.17
CA HIS J 186 -24.07 53.96 -45.41
C HIS J 186 -24.01 53.54 -43.94
N ILE J 187 -24.27 52.26 -43.69
CA ILE J 187 -24.18 51.72 -42.34
C ILE J 187 -23.42 50.41 -42.32
N ILE J 188 -22.75 50.13 -41.20
CA ILE J 188 -22.06 48.86 -41.02
C ILE J 188 -22.56 48.17 -39.76
N PRO J 189 -23.04 46.93 -39.90
CA PRO J 189 -23.59 46.16 -38.77
C PRO J 189 -22.53 45.89 -37.72
N ILE J 190 -22.95 45.87 -36.45
CA ILE J 190 -22.03 45.65 -35.35
C ILE J 190 -22.67 44.72 -34.31
N TRP J 191 -21.97 43.65 -33.92
CA TRP J 191 -20.65 43.34 -34.45
C TRP J 191 -20.74 42.54 -35.76
N HIS J 192 -20.22 43.14 -36.83
CA HIS J 192 -20.29 42.59 -38.18
C HIS J 192 -19.91 41.11 -38.27
N ASP J 193 -18.84 40.73 -37.56
CA ASP J 193 -18.36 39.36 -37.59
C ASP J 193 -19.36 38.40 -36.95
N GLN J 194 -20.11 38.89 -35.97
CA GLN J 194 -21.04 38.04 -35.21
C GLN J 194 -22.53 38.36 -35.35
N SER J 195 -22.87 39.54 -35.85
CA SER J 195 -24.27 39.95 -35.95
C SER J 195 -24.92 39.40 -37.22
N LEU J 196 -24.17 39.35 -38.31
CA LEU J 196 -24.68 38.89 -39.59
C LEU J 196 -24.96 37.38 -39.57
N ILE J 197 -24.12 36.63 -38.87
CA ILE J 197 -24.23 35.18 -38.84
C ILE J 197 -25.33 34.71 -37.88
N ASN J 198 -25.69 35.57 -36.93
CA ASN J 198 -26.71 35.23 -35.95
C ASN J 198 -28.13 35.26 -36.53
N LYS J 199 -28.38 36.23 -37.40
CA LYS J 199 -29.70 36.36 -38.01
C LYS J 199 -29.93 35.28 -39.06
N TYR J 200 -28.88 34.93 -39.79
CA TYR J 200 -28.98 33.91 -40.82
C TYR J 200 -29.22 32.53 -40.19
N PHE J 201 -28.86 32.39 -38.91
CA PHE J 201 -29.10 31.15 -38.20
C PHE J 201 -30.45 31.19 -37.49
N LEU J 202 -31.20 32.26 -37.72
CA LEU J 202 -32.53 32.41 -37.13
C LEU J 202 -33.61 31.96 -38.10
N ASP J 203 -33.61 32.57 -39.30
CA ASP J 203 -34.59 32.23 -40.32
C ASP J 203 -34.39 30.79 -40.80
N ASN J 204 -33.14 30.35 -40.83
CA ASN J 204 -32.83 28.96 -41.15
C ASN J 204 -31.87 28.36 -40.12
N PRO J 205 -32.43 27.82 -39.03
CA PRO J 205 -31.67 27.23 -37.92
C PRO J 205 -30.70 26.13 -38.38
N PRO J 206 -29.55 26.01 -37.69
CA PRO J 206 -28.53 25.01 -38.02
C PRO J 206 -29.03 23.58 -37.84
N ALA J 207 -28.46 22.65 -38.60
CA ALA J 207 -28.77 21.23 -38.45
C ALA J 207 -28.31 20.73 -37.09
N ILE J 208 -27.09 21.11 -36.72
CA ILE J 208 -26.52 20.77 -35.42
C ILE J 208 -25.90 21.99 -34.76
N THR J 209 -26.13 22.15 -33.47
CA THR J 209 -25.58 23.26 -32.71
C THR J 209 -24.45 22.77 -31.82
N LEU J 210 -23.24 23.31 -32.03
CA LEU J 210 -22.07 22.87 -31.30
C LEU J 210 -21.89 23.61 -29.98
N SER J 211 -21.46 22.87 -28.96
CA SER J 211 -21.16 23.43 -27.65
C SER J 211 -20.00 24.42 -27.74
N PRO J 212 -19.98 25.43 -26.85
CA PRO J 212 -18.87 26.39 -26.81
C PRO J 212 -17.54 25.76 -26.38
N ALA J 213 -17.54 24.46 -26.12
CA ALA J 213 -16.30 23.74 -25.82
C ALA J 213 -15.44 23.63 -27.07
N TYR J 214 -16.07 23.76 -28.24
CA TYR J 214 -15.36 23.76 -29.51
C TYR J 214 -14.85 25.15 -29.84
N LEU J 215 -15.07 26.08 -28.92
CA LEU J 215 -14.54 27.43 -29.01
C LEU J 215 -14.12 27.92 -27.63
N TYR J 216 -13.28 27.13 -26.97
CA TYR J 216 -12.83 27.40 -25.61
C TYR J 216 -11.70 28.42 -25.58
N PRO J 217 -11.94 29.60 -24.99
CA PRO J 217 -10.90 30.62 -24.88
C PRO J 217 -9.80 30.22 -23.90
N GLU J 218 -8.55 30.45 -24.26
CA GLU J 218 -7.42 30.12 -23.39
C GLU J 218 -7.41 31.03 -22.17
N GLY J 219 -7.24 30.44 -21.00
CA GLY J 219 -7.21 31.18 -19.75
C GLY J 219 -8.51 31.07 -18.99
N TRP J 220 -9.59 30.81 -19.71
CA TRP J 220 -10.92 30.69 -19.10
C TRP J 220 -11.06 29.36 -18.37
N LEU J 221 -11.94 29.34 -17.36
CA LEU J 221 -12.25 28.11 -16.65
C LEU J 221 -13.75 27.81 -16.75
N LEU J 222 -14.18 27.37 -17.93
CA LEU J 222 -15.57 27.05 -18.19
C LEU J 222 -15.90 25.62 -17.80
N PRO J 223 -17.20 25.35 -17.52
CA PRO J 223 -17.66 23.99 -17.19
C PRO J 223 -17.60 23.02 -18.38
N PHE J 224 -16.51 23.07 -19.15
CA PHE J 224 -16.34 22.19 -20.29
C PHE J 224 -14.88 21.77 -20.44
N GLU J 225 -14.67 20.59 -21.00
CA GLU J 225 -13.32 20.15 -21.37
C GLU J 225 -12.97 20.73 -22.73
N PRO J 226 -11.93 21.58 -22.77
CA PRO J 226 -11.53 22.29 -24.00
C PRO J 226 -11.16 21.34 -25.14
N ILE J 227 -11.92 21.40 -26.22
CA ILE J 227 -11.64 20.59 -27.41
C ILE J 227 -10.90 21.43 -28.45
N ILE J 228 -11.32 22.68 -28.60
CA ILE J 228 -10.64 23.63 -29.46
C ILE J 228 -10.35 24.91 -28.69
N LEU J 229 -9.09 25.29 -28.62
CA LEU J 229 -8.67 26.41 -27.78
C LEU J 229 -8.22 27.63 -28.58
N ILE J 230 -8.87 28.76 -28.33
CA ILE J 230 -8.47 30.03 -28.94
C ILE J 230 -7.32 30.66 -28.16
N ARG J 231 -6.19 30.86 -28.83
CA ARG J 231 -5.03 31.46 -28.20
C ARG J 231 -5.14 32.98 -28.17
N ASP J 232 -4.65 33.59 -27.11
CA ASP J 232 -4.65 35.04 -26.99
C ASP J 232 -3.70 35.66 -28.00
N LYS J 233 -4.20 36.69 -28.69
CA LYS J 233 -3.42 37.38 -29.72
C LYS J 233 -2.32 38.25 -29.13
N ASN J 234 -2.42 38.53 -27.84
CA ASN J 234 -1.45 39.39 -27.18
C ASN J 234 -0.39 38.60 -26.42
N LYS J 235 0.01 37.47 -26.97
CA LYS J 235 1.11 36.69 -26.41
C LYS J 235 2.43 37.14 -27.02
N PRO J 236 3.53 37.04 -26.24
CA PRO J 236 4.84 37.52 -26.68
C PRO J 236 5.37 36.85 -27.94
N GLN J 237 4.90 35.64 -28.23
CA GLN J 237 5.38 34.89 -29.39
C GLN J 237 4.65 35.30 -30.66
N TYR J 238 3.50 35.93 -30.51
CA TYR J 238 2.72 36.39 -31.66
C TYR J 238 2.88 37.91 -31.84
N HIS K 2 11.38 -4.66 46.17
CA HIS K 2 12.35 -3.63 45.84
C HIS K 2 11.99 -2.93 44.52
N MET K 3 12.33 -3.58 43.41
CA MET K 3 12.02 -3.05 42.09
C MET K 3 10.63 -3.49 41.64
N ARG K 4 9.82 -2.52 41.24
CA ARG K 4 8.44 -2.79 40.83
C ARG K 4 8.32 -2.92 39.31
N ILE K 5 7.81 -4.07 38.86
CA ILE K 5 7.61 -4.31 37.44
C ILE K 5 6.12 -4.44 37.12
N GLY K 6 5.62 -3.56 36.26
CA GLY K 6 4.22 -3.55 35.90
C GLY K 6 3.93 -4.20 34.56
N ILE K 7 2.99 -5.14 34.54
CA ILE K 7 2.59 -5.81 33.32
C ILE K 7 1.27 -5.28 32.79
N LEU K 8 1.32 -4.64 31.63
CA LEU K 8 0.11 -4.15 30.98
C LEU K 8 -0.53 -5.27 30.17
N TYR K 9 -1.71 -5.72 30.61
CA TYR K 9 -2.38 -6.85 29.99
C TYR K 9 -3.84 -6.50 29.68
N ILE K 10 -4.25 -6.74 28.43
CA ILE K 10 -5.62 -6.48 28.01
C ILE K 10 -6.29 -7.77 27.55
N CYS K 11 -7.51 -8.00 28.00
CA CYS K 11 -8.26 -9.19 27.59
C CYS K 11 -9.77 -8.92 27.59
N THR K 12 -10.20 -8.04 26.71
CA THR K 12 -11.61 -7.69 26.60
C THR K 12 -12.35 -8.67 25.69
N GLY K 13 -13.53 -9.10 26.14
CA GLY K 13 -14.36 -10.01 25.36
C GLY K 13 -14.05 -11.48 25.61
N LYS K 14 -13.71 -12.19 24.55
CA LYS K 14 -13.44 -13.62 24.64
C LYS K 14 -11.96 -13.90 24.90
N TYR K 15 -11.19 -12.84 25.14
CA TYR K 15 -9.75 -12.96 25.35
C TYR K 15 -9.41 -13.17 26.83
N ASP K 16 -10.44 -13.27 27.66
CA ASP K 16 -10.25 -13.44 29.10
C ASP K 16 -9.67 -14.81 29.46
N ILE K 17 -9.83 -15.76 28.55
CA ILE K 17 -9.33 -17.12 28.76
C ILE K 17 -7.80 -17.15 28.69
N PHE K 18 -7.22 -16.16 28.00
CA PHE K 18 -5.78 -16.10 27.82
C PHE K 18 -5.04 -15.64 29.06
N TRP K 19 -5.79 -15.12 30.03
CA TRP K 19 -5.20 -14.58 31.26
C TRP K 19 -4.75 -15.67 32.23
N LYS K 20 -5.48 -16.78 32.26
CA LYS K 20 -5.23 -17.85 33.23
C LYS K 20 -3.83 -18.44 33.10
N ASP K 21 -3.55 -19.06 31.95
CA ASP K 21 -2.26 -19.70 31.73
C ASP K 21 -1.12 -18.68 31.69
N PHE K 22 -1.42 -17.47 31.29
CA PHE K 22 -0.43 -16.40 31.23
C PHE K 22 0.00 -15.95 32.63
N TYR K 23 -0.94 -15.98 33.56
CA TYR K 23 -0.68 -15.55 34.93
C TYR K 23 0.23 -16.53 35.66
N LEU K 24 -0.05 -17.82 35.51
CA LEU K 24 0.73 -18.86 36.18
C LEU K 24 2.17 -18.89 35.67
N SER K 25 2.33 -18.74 34.35
CA SER K 25 3.65 -18.76 33.73
C SER K 25 4.46 -17.53 34.12
N ALA K 26 3.77 -16.41 34.31
CA ALA K 26 4.43 -15.18 34.72
C ALA K 26 4.80 -15.23 36.20
N GLU K 27 4.14 -16.10 36.94
CA GLU K 27 4.40 -16.25 38.37
C GLU K 27 5.45 -17.32 38.66
N ARG K 28 5.98 -17.93 37.60
CA ARG K 28 7.00 -18.96 37.77
C ARG K 28 8.28 -18.61 37.01
N TYR K 29 8.14 -17.89 35.91
CA TYR K 29 9.28 -17.58 35.06
C TYR K 29 9.64 -16.10 35.08
N PHE K 30 8.63 -15.24 34.89
CA PHE K 30 8.87 -13.80 34.75
C PHE K 30 9.18 -13.13 36.09
N MET K 31 10.42 -12.65 36.23
CA MET K 31 10.85 -11.87 37.39
C MET K 31 10.51 -12.53 38.72
N GLN K 32 11.14 -13.67 39.01
CA GLN K 32 10.86 -14.38 40.25
C GLN K 32 12.00 -14.24 41.26
N ASP K 33 12.80 -13.20 41.09
CA ASP K 33 13.82 -12.87 42.08
C ASP K 33 13.16 -12.14 43.24
N GLN K 34 13.76 -12.24 44.43
CA GLN K 34 13.18 -11.64 45.63
C GLN K 34 13.38 -10.12 45.67
N SER K 35 13.84 -9.55 44.56
CA SER K 35 14.04 -8.12 44.47
C SER K 35 13.06 -7.50 43.48
N PHE K 36 12.07 -8.27 43.08
CA PHE K 36 11.09 -7.82 42.09
C PHE K 36 9.66 -7.97 42.58
N ILE K 37 8.88 -6.90 42.42
CA ILE K 37 7.46 -6.92 42.78
C ILE K 37 6.61 -6.71 41.53
N ILE K 38 5.83 -7.73 41.17
CA ILE K 38 5.05 -7.69 39.94
C ILE K 38 3.64 -7.16 40.18
N GLU K 39 3.27 -6.14 39.41
CA GLU K 39 1.92 -5.57 39.46
C GLU K 39 1.20 -5.85 38.16
N TYR K 40 0.06 -6.53 38.24
CA TYR K 40 -0.72 -6.87 37.06
C TYR K 40 -1.83 -5.85 36.80
N TYR K 41 -1.73 -5.17 35.66
CA TYR K 41 -2.75 -4.20 35.27
C TYR K 41 -3.62 -4.75 34.15
N VAL K 42 -4.69 -5.47 34.53
CA VAL K 42 -5.55 -6.12 33.56
C VAL K 42 -6.69 -5.21 33.10
N PHE K 43 -6.74 -4.96 31.80
CA PHE K 43 -7.82 -4.17 31.21
C PHE K 43 -8.81 -5.08 30.49
N THR K 44 -9.96 -5.30 31.13
CA THR K 44 -10.96 -6.23 30.58
C THR K 44 -12.37 -5.83 30.94
N ASP K 45 -13.34 -6.51 30.33
CA ASP K 45 -14.74 -6.30 30.64
C ASP K 45 -15.27 -7.43 31.52
N SER K 46 -14.45 -8.46 31.69
CA SER K 46 -14.80 -9.61 32.53
C SER K 46 -14.97 -9.18 33.98
N PRO K 47 -16.09 -9.59 34.60
CA PRO K 47 -16.43 -9.20 35.97
C PRO K 47 -15.43 -9.72 37.01
N LYS K 48 -14.96 -10.95 36.82
CA LYS K 48 -14.00 -11.55 37.75
C LYS K 48 -12.86 -12.23 37.01
N LEU K 49 -11.65 -12.10 37.55
CA LEU K 49 -10.47 -12.73 36.97
C LEU K 49 -10.04 -13.95 37.77
N TYR K 50 -9.04 -14.66 37.26
CA TYR K 50 -8.49 -15.82 37.94
C TYR K 50 -7.54 -15.39 39.05
N ASP K 51 -7.70 -15.99 40.22
CA ASP K 51 -6.86 -15.70 41.38
C ASP K 51 -6.92 -14.23 41.77
N GLU K 52 -8.05 -13.59 41.48
CA GLU K 52 -8.21 -12.16 41.72
C GLU K 52 -8.49 -11.86 43.19
N GLU K 53 -9.37 -12.66 43.80
CA GLU K 53 -9.75 -12.46 45.18
C GLU K 53 -8.63 -12.90 46.12
N ASN K 54 -7.74 -13.75 45.62
CA ASN K 54 -6.63 -14.28 46.42
C ASN K 54 -5.38 -13.40 46.36
N ASN K 55 -5.09 -12.88 45.17
CA ASN K 55 -3.91 -12.04 44.97
C ASN K 55 -4.29 -10.57 44.89
N LYS K 56 -3.52 -9.72 45.58
CA LYS K 56 -3.81 -8.29 45.63
C LYS K 56 -3.01 -7.50 44.60
N HIS K 57 -2.05 -8.15 43.97
CA HIS K 57 -1.22 -7.51 42.95
C HIS K 57 -1.96 -7.46 41.61
N ILE K 58 -3.08 -8.17 41.53
CA ILE K 58 -3.91 -8.16 40.33
C ILE K 58 -4.87 -6.98 40.37
N HIS K 59 -4.60 -5.97 39.56
CA HIS K 59 -5.42 -4.77 39.52
C HIS K 59 -6.38 -4.77 38.34
N ARG K 60 -7.60 -5.24 38.58
CA ARG K 60 -8.61 -5.28 37.53
C ARG K 60 -9.11 -3.90 37.15
N ILE K 61 -8.88 -3.52 35.89
CA ILE K 61 -9.33 -2.23 35.39
C ILE K 61 -10.48 -2.40 34.40
N LYS K 62 -11.58 -1.69 34.67
CA LYS K 62 -12.77 -1.78 33.82
C LYS K 62 -12.50 -1.24 32.42
N GLN K 63 -12.69 -2.07 31.41
CA GLN K 63 -12.50 -1.66 30.02
C GLN K 63 -13.48 -2.39 29.10
N LYS K 64 -14.41 -1.63 28.52
CA LYS K 64 -15.40 -2.21 27.62
C LYS K 64 -14.78 -2.69 26.31
N ASN K 65 -15.54 -3.46 25.55
CA ASN K 65 -15.09 -3.96 24.26
C ASN K 65 -15.35 -2.93 23.16
N LEU K 66 -14.27 -2.41 22.57
CA LEU K 66 -14.39 -1.41 21.52
C LEU K 66 -14.51 -2.06 20.14
N GLY K 67 -14.29 -3.37 20.08
CA GLY K 67 -14.32 -4.08 18.83
C GLY K 67 -13.15 -3.70 17.94
N TRP K 68 -13.25 -4.00 16.66
CA TRP K 68 -12.18 -3.69 15.71
C TRP K 68 -12.39 -2.30 15.11
N PRO K 69 -11.29 -1.53 14.94
CA PRO K 69 -9.92 -1.88 15.31
C PRO K 69 -9.47 -1.24 16.62
N ASP K 70 -10.36 -0.51 17.28
CA ASP K 70 -10.00 0.30 18.44
C ASP K 70 -9.55 -0.53 19.64
N ASN K 71 -9.72 -1.85 19.56
CA ASN K 71 -9.30 -2.73 20.64
C ASN K 71 -7.78 -2.90 20.63
N THR K 72 -7.17 -2.63 19.48
CA THR K 72 -5.73 -2.71 19.34
C THR K 72 -5.13 -1.37 18.92
N LEU K 73 -5.95 -0.55 18.27
CA LEU K 73 -5.51 0.77 17.82
C LEU K 73 -5.51 1.77 18.97
N LYS K 74 -6.58 1.78 19.74
CA LYS K 74 -6.68 2.65 20.91
C LYS K 74 -6.09 1.99 22.15
N ARG K 75 -5.08 1.15 21.93
CA ARG K 75 -4.42 0.42 23.02
C ARG K 75 -3.75 1.38 24.00
N PHE K 76 -3.05 2.36 23.47
CA PHE K 76 -2.32 3.32 24.30
C PHE K 76 -3.27 4.31 24.97
N HIS K 77 -4.46 4.49 24.39
CA HIS K 77 -5.46 5.37 24.96
C HIS K 77 -6.02 4.78 26.25
N ILE K 78 -6.02 3.45 26.33
CA ILE K 78 -6.49 2.75 27.52
C ILE K 78 -5.46 2.82 28.63
N PHE K 79 -4.18 2.80 28.26
CA PHE K 79 -3.08 2.81 29.22
C PHE K 79 -2.93 4.16 29.92
N LEU K 80 -3.34 5.23 29.24
CA LEU K 80 -3.17 6.58 29.79
C LEU K 80 -4.33 6.98 30.70
N ARG K 81 -5.23 6.05 30.97
CA ARG K 81 -6.35 6.32 31.87
C ARG K 81 -5.94 6.14 33.32
N ILE K 82 -4.84 5.43 33.53
CA ILE K 82 -4.29 5.22 34.87
C ILE K 82 -2.78 5.45 34.90
N LYS K 83 -2.31 6.37 34.06
CA LYS K 83 -0.88 6.62 33.93
C LYS K 83 -0.27 7.15 35.22
N GLU K 84 -1.08 7.82 36.04
CA GLU K 84 -0.60 8.37 37.30
C GLU K 84 -0.49 7.28 38.35
N GLN K 85 -1.33 6.25 38.23
CA GLN K 85 -1.27 5.10 39.12
C GLN K 85 -0.05 4.25 38.79
N LEU K 86 0.41 4.33 37.55
CA LEU K 86 1.59 3.59 37.11
C LEU K 86 2.88 4.26 37.58
N GLU K 87 2.80 5.56 37.86
CA GLU K 87 3.97 6.30 38.30
C GLU K 87 4.24 6.14 39.79
N ARG K 88 3.24 5.61 40.51
CA ARG K 88 3.35 5.47 41.96
C ARG K 88 3.54 4.01 42.39
N GLU K 89 3.21 3.08 41.50
CA GLU K 89 3.21 1.67 41.86
C GLU K 89 4.18 0.84 41.01
N THR K 90 4.76 1.45 39.99
CA THR K 90 5.67 0.73 39.10
C THR K 90 6.93 1.52 38.77
N ASP K 91 7.99 0.79 38.43
CA ASP K 91 9.25 1.40 38.02
C ASP K 91 9.51 1.10 36.54
N TYR K 92 9.03 -0.06 36.10
CA TYR K 92 9.12 -0.46 34.71
C TYR K 92 7.80 -0.99 34.20
N LEU K 93 7.48 -0.69 32.95
CA LEU K 93 6.24 -1.17 32.33
C LEU K 93 6.54 -2.11 31.18
N PHE K 94 5.70 -3.13 31.01
CA PHE K 94 5.85 -4.07 29.90
C PHE K 94 4.49 -4.57 29.42
N PHE K 95 4.24 -4.42 28.12
CA PHE K 95 2.99 -4.90 27.54
C PHE K 95 3.16 -6.27 26.88
N PHE K 96 2.30 -7.21 27.26
CA PHE K 96 2.31 -8.53 26.68
C PHE K 96 0.99 -8.81 25.97
N ASN K 97 1.07 -9.42 24.79
CA ASN K 97 -0.12 -9.82 24.06
C ASN K 97 -0.93 -10.81 24.87
N ALA K 98 -2.19 -11.00 24.51
CA ALA K 98 -3.06 -11.92 25.24
C ALA K 98 -2.62 -13.38 25.11
N ASN K 99 -2.43 -13.83 23.88
CA ASN K 99 -2.10 -15.23 23.62
C ASN K 99 -0.63 -15.57 23.82
N LEU K 100 0.03 -14.87 24.74
CA LEU K 100 1.44 -15.13 25.04
C LEU K 100 1.58 -16.08 26.22
N LEU K 101 2.76 -16.69 26.35
CA LEU K 101 3.02 -17.65 27.41
C LEU K 101 4.51 -17.76 27.73
N PHE K 102 4.84 -17.76 29.02
CA PHE K 102 6.22 -17.91 29.45
C PHE K 102 6.61 -19.38 29.52
N THR K 103 7.81 -19.69 29.06
CA THR K 103 8.30 -21.07 29.07
C THR K 103 9.69 -21.18 29.66
N SER K 104 10.36 -20.04 29.80
CA SER K 104 11.72 -20.00 30.34
C SER K 104 11.90 -18.81 31.27
N PRO K 105 12.66 -19.00 32.36
CA PRO K 105 12.92 -17.94 33.35
C PRO K 105 13.51 -16.68 32.74
N ILE K 106 12.92 -15.53 33.06
CA ILE K 106 13.38 -14.25 32.55
C ILE K 106 13.84 -13.35 33.70
N GLY K 107 15.06 -12.84 33.61
CA GLY K 107 15.64 -12.03 34.66
C GLY K 107 15.84 -10.57 34.31
N LYS K 108 16.95 -10.01 34.78
CA LYS K 108 17.24 -8.59 34.64
C LYS K 108 17.80 -8.26 33.25
N GLU K 109 18.01 -9.27 32.43
CA GLU K 109 18.62 -9.09 31.11
C GLU K 109 17.72 -8.30 30.16
N ILE K 110 16.43 -8.21 30.47
CA ILE K 110 15.49 -7.51 29.62
C ILE K 110 15.18 -6.11 30.15
N LEU K 111 15.79 -5.75 31.27
CA LEU K 111 15.57 -4.43 31.86
C LEU K 111 16.51 -3.39 31.26
N PRO K 112 15.93 -2.35 30.65
CA PRO K 112 16.68 -1.24 30.04
C PRO K 112 17.52 -0.49 31.07
N PRO K 113 18.75 -0.12 30.70
CA PRO K 113 19.64 0.65 31.57
C PRO K 113 19.02 1.97 32.00
N SER K 114 19.37 2.44 33.19
CA SER K 114 18.80 3.67 33.72
C SER K 114 19.30 4.90 32.95
N ASP K 115 20.50 4.80 32.41
CA ASP K 115 21.09 5.89 31.64
C ASP K 115 20.94 5.65 30.14
N SER K 116 19.70 5.51 29.68
CA SER K 116 19.41 5.30 28.27
C SER K 116 18.06 5.87 27.90
N ASN K 117 17.58 5.52 26.70
CA ASN K 117 16.27 5.97 26.25
C ASN K 117 15.14 5.27 27.00
N GLY K 118 15.47 4.16 27.65
CA GLY K 118 14.52 3.43 28.46
C GLY K 118 13.40 2.80 27.66
N LEU K 119 13.74 2.28 26.49
CA LEU K 119 12.74 1.65 25.62
C LEU K 119 13.09 0.20 25.32
N LEU K 120 12.08 -0.59 24.99
CA LEU K 120 12.27 -1.99 24.62
C LEU K 120 11.39 -2.35 23.42
N GLY K 121 12.01 -2.93 22.40
CA GLY K 121 11.30 -3.40 21.23
C GLY K 121 11.61 -4.85 20.94
N THR K 122 10.70 -5.54 20.27
CA THR K 122 10.90 -6.94 19.94
C THR K 122 10.77 -7.17 18.44
N MET K 123 11.78 -7.83 17.86
CA MET K 123 11.78 -8.12 16.43
C MET K 123 10.66 -9.07 16.05
N HIS K 124 10.02 -8.80 14.91
CA HIS K 124 8.93 -9.63 14.43
C HIS K 124 9.46 -10.99 13.99
N PRO K 125 8.80 -12.08 14.44
CA PRO K 125 9.20 -13.46 14.15
C PRO K 125 9.21 -13.79 12.66
N GLY K 126 8.46 -13.02 11.87
CA GLY K 126 8.39 -13.25 10.44
C GLY K 126 9.37 -12.38 9.66
N PHE K 127 9.95 -11.40 10.34
CA PHE K 127 10.88 -10.47 9.69
C PHE K 127 12.21 -10.40 10.42
N TYR K 128 12.84 -11.55 10.63
CA TYR K 128 14.12 -11.60 11.32
C TYR K 128 15.26 -11.91 10.37
N ASN K 129 14.91 -12.14 9.10
CA ASN K 129 15.91 -12.48 8.09
C ASN K 129 15.55 -11.90 6.72
N LYS K 130 14.50 -11.11 6.67
CA LYS K 130 14.06 -10.48 5.43
C LYS K 130 14.48 -9.02 5.37
N PRO K 131 14.94 -8.56 4.20
CA PRO K 131 15.52 -7.22 4.03
C PRO K 131 14.55 -6.07 4.29
N ASN K 132 15.07 -4.85 4.25
CA ASN K 132 14.29 -3.65 4.51
C ASN K 132 13.23 -3.42 3.43
N SER K 133 13.49 -3.96 2.24
CA SER K 133 12.60 -3.76 1.10
C SER K 133 11.31 -4.58 1.22
N GLU K 134 11.23 -5.43 2.25
CA GLU K 134 10.06 -6.28 2.44
C GLU K 134 9.32 -5.94 3.73
N PHE K 135 9.72 -4.85 4.37
CA PHE K 135 9.04 -4.40 5.58
C PHE K 135 7.77 -3.64 5.24
N THR K 136 6.78 -3.70 6.13
CA THR K 136 5.48 -3.06 5.89
C THR K 136 5.31 -1.83 6.76
N TYR K 137 5.95 -0.73 6.37
CA TYR K 137 5.86 0.52 7.11
C TYR K 137 4.81 1.45 6.51
N GLU K 138 3.77 0.85 5.94
CA GLU K 138 2.65 1.58 5.33
C GLU K 138 3.06 2.48 4.16
N ARG K 139 3.99 3.39 4.41
CA ARG K 139 4.51 4.30 3.38
C ARG K 139 3.43 5.21 2.79
N ARG K 140 2.63 5.81 3.66
CA ARG K 140 1.62 6.76 3.23
C ARG K 140 1.92 8.15 3.80
N ASP K 141 2.17 9.11 2.91
CA ASP K 141 2.60 10.45 3.31
C ASP K 141 1.57 11.18 4.17
N ALA K 142 0.30 10.81 4.01
CA ALA K 142 -0.76 11.45 4.78
C ALA K 142 -0.75 10.99 6.24
N SER K 143 -0.28 9.76 6.46
CA SER K 143 -0.24 9.19 7.80
C SER K 143 0.99 9.64 8.58
N THR K 144 0.91 9.53 9.90
CA THR K 144 2.02 9.89 10.77
C THR K 144 2.99 8.73 10.90
N ALA K 145 2.55 7.53 10.53
CA ALA K 145 3.37 6.34 10.57
C ALA K 145 4.08 6.14 9.24
N TYR K 146 4.39 7.24 8.56
CA TYR K 146 5.05 7.20 7.26
C TYR K 146 6.55 6.98 7.39
N ILE K 147 7.04 5.90 6.79
CA ILE K 147 8.46 5.60 6.78
C ILE K 147 8.95 5.27 5.38
N PRO K 148 9.77 6.17 4.79
CA PRO K 148 10.34 5.97 3.46
C PRO K 148 11.21 4.72 3.38
N GLU K 149 11.32 4.14 2.18
CA GLU K 149 12.13 2.95 1.99
C GLU K 149 13.62 3.24 2.21
N GLY K 150 14.36 2.22 2.61
CA GLY K 150 15.77 2.38 2.92
C GLY K 150 15.99 2.72 4.38
N GLU K 151 14.95 3.22 5.03
CA GLU K 151 15.04 3.57 6.45
C GLU K 151 14.53 2.43 7.33
N GLY K 152 14.87 2.49 8.62
CA GLY K 152 14.48 1.45 9.54
C GLY K 152 15.54 0.39 9.69
N ARG K 153 15.76 -0.06 10.93
CA ARG K 153 16.76 -1.09 11.20
C ARG K 153 16.10 -2.46 11.30
N TYR K 154 15.29 -2.65 12.33
CA TYR K 154 14.55 -3.90 12.52
C TYR K 154 13.06 -3.67 12.36
N TYR K 155 12.33 -4.72 12.02
CA TYR K 155 10.87 -4.65 11.93
C TYR K 155 10.26 -5.11 13.26
N TYR K 156 9.96 -4.15 14.12
CA TYR K 156 9.44 -4.45 15.45
C TYR K 156 7.99 -4.90 15.41
N ALA K 157 7.61 -5.71 16.40
CA ALA K 157 6.24 -6.16 16.53
C ALA K 157 5.57 -5.49 17.73
N GLY K 158 4.24 -5.41 17.70
CA GLY K 158 3.49 -4.79 18.77
C GLY K 158 3.12 -5.76 19.87
N GLY K 159 3.51 -7.02 19.69
CA GLY K 159 3.17 -8.06 20.65
C GLY K 159 3.92 -7.93 21.96
N LEU K 160 5.07 -7.24 21.93
CA LEU K 160 5.88 -7.06 23.12
C LEU K 160 6.63 -5.74 23.09
N SER K 161 6.36 -4.89 24.08
CA SER K 161 7.01 -3.60 24.20
C SER K 161 7.03 -3.13 25.64
N GLY K 162 8.06 -2.37 26.01
CA GLY K 162 8.18 -1.89 27.37
C GLY K 162 9.31 -0.91 27.60
N GLY K 163 9.78 -0.85 28.84
CA GLY K 163 10.86 0.07 29.21
C GLY K 163 10.57 0.75 30.54
N CYS K 164 11.26 1.86 30.78
CA CYS K 164 11.06 2.63 32.00
C CYS K 164 9.66 3.26 32.01
N THR K 165 9.16 3.56 33.20
CA THR K 165 7.83 4.15 33.36
C THR K 165 7.71 5.48 32.63
N LYS K 166 8.65 6.38 32.91
CA LYS K 166 8.63 7.71 32.30
C LYS K 166 8.80 7.64 30.78
N ALA K 167 9.66 6.74 30.32
CA ALA K 167 9.96 6.61 28.90
C ALA K 167 8.82 5.95 28.13
N TYR K 168 8.21 4.94 28.73
CA TYR K 168 7.15 4.20 28.06
C TYR K 168 5.85 4.99 28.01
N LEU K 169 5.61 5.82 29.01
CA LEU K 169 4.42 6.66 29.04
C LEU K 169 4.53 7.78 28.01
N LYS K 170 5.75 8.20 27.72
CA LYS K 170 5.99 9.18 26.66
C LYS K 170 5.73 8.52 25.31
N LEU K 171 6.05 7.24 25.21
CA LEU K 171 5.79 6.46 24.02
C LEU K 171 4.28 6.37 23.79
N CYS K 172 3.54 6.11 24.85
CA CYS K 172 2.08 6.02 24.77
C CYS K 172 1.46 7.37 24.44
N THR K 173 2.01 8.43 25.02
CA THR K 173 1.48 9.78 24.84
C THR K 173 1.61 10.25 23.40
N THR K 174 2.79 10.04 22.81
CA THR K 174 3.06 10.47 21.45
C THR K 174 2.22 9.70 20.42
N ILE K 175 2.10 8.39 20.63
CA ILE K 175 1.33 7.55 19.72
C ILE K 175 -0.16 7.86 19.82
N CYS K 176 -0.61 8.17 21.04
CA CYS K 176 -2.00 8.57 21.25
C CYS K 176 -2.37 9.79 20.41
N SER K 177 -1.45 10.73 20.30
CA SER K 177 -1.64 11.88 19.43
C SER K 177 -1.58 11.45 17.97
N TRP K 178 -0.68 10.51 17.69
CA TRP K 178 -0.49 9.99 16.33
C TRP K 178 -1.73 9.29 15.81
N VAL K 179 -2.45 8.61 16.70
CA VAL K 179 -3.70 7.95 16.33
C VAL K 179 -4.80 8.98 16.09
N ASP K 180 -4.89 9.95 16.99
CA ASP K 180 -5.92 10.98 16.91
C ASP K 180 -5.73 11.91 15.72
N ARG K 181 -4.47 12.18 15.37
CA ARG K 181 -4.16 13.04 14.23
C ARG K 181 -4.61 12.39 12.92
N ASP K 182 -4.43 11.08 12.83
CA ASP K 182 -4.82 10.33 11.65
C ASP K 182 -6.34 10.17 11.58
N ALA K 183 -6.97 10.10 12.74
CA ALA K 183 -8.42 9.97 12.81
C ALA K 183 -9.11 11.23 12.30
N THR K 184 -8.54 12.38 12.63
CA THR K 184 -9.08 13.66 12.17
C THR K 184 -8.81 13.87 10.68
N ASN K 185 -7.68 13.32 10.22
CA ASN K 185 -7.31 13.42 8.80
C ASN K 185 -7.81 12.21 8.01
N HIS K 186 -8.72 11.46 8.61
CA HIS K 186 -9.34 10.30 7.98
C HIS K 186 -8.32 9.26 7.53
N ILE K 187 -7.42 8.89 8.44
CA ILE K 187 -6.36 7.93 8.14
C ILE K 187 -6.33 6.79 9.16
N ILE K 188 -6.24 5.55 8.67
CA ILE K 188 -6.05 4.40 9.54
C ILE K 188 -4.76 3.68 9.16
N PRO K 189 -3.75 3.75 10.05
CA PRO K 189 -2.43 3.17 9.80
C PRO K 189 -2.46 1.65 9.70
N ILE K 190 -1.67 1.09 8.79
CA ILE K 190 -1.60 -0.35 8.60
C ILE K 190 -0.16 -0.83 8.53
N TRP K 191 0.18 -1.82 9.36
CA TRP K 191 -0.77 -2.39 10.31
C TRP K 191 -0.68 -1.66 11.64
N HIS K 192 -1.82 -1.11 12.07
CA HIS K 192 -1.92 -0.27 13.26
C HIS K 192 -1.20 -0.81 14.50
N ASP K 193 -1.19 -2.13 14.66
CA ASP K 193 -0.53 -2.73 15.82
C ASP K 193 0.98 -2.89 15.57
N GLN K 194 1.37 -2.89 14.29
CA GLN K 194 2.78 -3.03 13.91
C GLN K 194 3.41 -1.82 13.21
N SER K 195 2.60 -0.93 12.66
CA SER K 195 3.09 0.24 11.93
C SER K 195 3.46 1.41 12.84
N LEU K 196 2.57 1.73 13.77
CA LEU K 196 2.74 2.91 14.61
C LEU K 196 3.94 2.84 15.55
N ILE K 197 4.20 1.65 16.09
CA ILE K 197 5.27 1.48 17.07
C ILE K 197 6.64 1.45 16.39
N ASN K 198 6.67 1.13 15.11
CA ASN K 198 7.91 1.13 14.35
C ASN K 198 8.41 2.54 14.06
N LYS K 199 7.46 3.46 13.92
CA LYS K 199 7.79 4.86 13.64
C LYS K 199 8.46 5.52 14.84
N TYR K 200 7.99 5.19 16.03
CA TYR K 200 8.54 5.76 17.25
C TYR K 200 9.90 5.14 17.56
N PHE K 201 10.09 3.88 17.15
CA PHE K 201 11.35 3.20 17.37
C PHE K 201 12.39 3.63 16.34
N LEU K 202 11.94 4.37 15.33
CA LEU K 202 12.85 4.96 14.35
C LEU K 202 13.41 6.26 14.91
N ASP K 203 12.51 7.09 15.45
CA ASP K 203 12.90 8.34 16.08
C ASP K 203 13.58 8.06 17.42
N ASN K 204 13.10 7.02 18.10
CA ASN K 204 13.67 6.64 19.39
C ASN K 204 14.00 5.15 19.44
N PRO K 205 15.18 4.78 18.94
CA PRO K 205 15.66 3.39 18.96
C PRO K 205 15.74 2.85 20.39
N PRO K 206 15.12 1.70 20.65
CA PRO K 206 15.09 1.10 21.99
C PRO K 206 16.49 0.74 22.50
N ALA K 207 16.71 0.92 23.79
CA ALA K 207 18.00 0.60 24.40
C ALA K 207 18.28 -0.89 24.31
N ILE K 208 17.22 -1.69 24.41
CA ILE K 208 17.34 -3.14 24.28
C ILE K 208 16.37 -3.68 23.22
N THR K 209 16.93 -4.22 22.14
CA THR K 209 16.12 -4.82 21.09
C THR K 209 16.00 -6.32 21.31
N LEU K 210 14.82 -6.76 21.72
CA LEU K 210 14.58 -8.17 22.03
C LEU K 210 14.45 -9.03 20.77
N SER K 211 15.09 -10.19 20.79
CA SER K 211 15.01 -11.16 19.70
C SER K 211 13.60 -11.72 19.59
N PRO K 212 13.24 -12.26 18.41
CA PRO K 212 11.92 -12.87 18.24
C PRO K 212 11.72 -14.14 19.08
N ALA K 213 12.70 -14.48 19.90
CA ALA K 213 12.59 -15.61 20.82
C ALA K 213 11.59 -15.30 21.93
N TYR K 214 11.39 -14.01 22.19
CA TYR K 214 10.44 -13.56 23.20
C TYR K 214 9.07 -13.31 22.59
N LEU K 215 8.90 -13.72 21.34
CA LEU K 215 7.62 -13.69 20.66
C LEU K 215 7.49 -14.91 19.76
N TYR K 216 8.01 -16.04 20.22
CA TYR K 216 8.05 -17.27 19.44
C TYR K 216 6.65 -17.81 19.17
N PRO K 217 6.27 -17.86 17.87
CA PRO K 217 4.97 -18.41 17.48
C PRO K 217 4.89 -19.92 17.70
N GLU K 218 3.77 -20.40 18.22
CA GLU K 218 3.59 -21.83 18.47
C GLU K 218 3.49 -22.61 17.17
N GLY K 219 4.33 -23.63 17.04
CA GLY K 219 4.33 -24.48 15.86
C GLY K 219 5.49 -24.20 14.91
N TRP K 220 6.16 -23.07 15.12
CA TRP K 220 7.27 -22.68 14.27
C TRP K 220 8.57 -23.36 14.69
N LEU K 221 9.52 -23.43 13.76
CA LEU K 221 10.85 -23.96 14.05
C LEU K 221 11.92 -22.95 13.67
N LEU K 222 12.10 -21.95 14.52
CA LEU K 222 13.05 -20.88 14.28
C LEU K 222 14.40 -21.15 14.94
N PRO K 223 15.46 -20.48 14.48
CA PRO K 223 16.77 -20.60 15.15
C PRO K 223 16.84 -19.80 16.46
N PHE K 224 15.78 -19.86 17.25
CA PHE K 224 15.73 -19.17 18.54
C PHE K 224 15.08 -20.05 19.59
N GLU K 225 15.56 -19.94 20.83
CA GLU K 225 14.98 -20.69 21.94
C GLU K 225 13.63 -20.10 22.33
N PRO K 226 12.59 -20.94 22.32
CA PRO K 226 11.23 -20.49 22.66
C PRO K 226 11.10 -20.07 24.13
N ILE K 227 11.42 -18.81 24.41
CA ILE K 227 11.32 -18.28 25.77
C ILE K 227 9.88 -17.85 26.06
N ILE K 228 9.31 -17.05 25.16
CA ILE K 228 7.91 -16.65 25.27
C ILE K 228 7.13 -17.14 24.05
N LEU K 229 6.12 -17.97 24.30
CA LEU K 229 5.40 -18.64 23.22
C LEU K 229 4.08 -17.92 22.88
N ILE K 230 3.88 -17.66 21.59
CA ILE K 230 2.63 -17.12 21.11
C ILE K 230 1.64 -18.25 20.82
N ARG K 231 0.70 -18.45 21.73
CA ARG K 231 -0.26 -19.54 21.61
C ARG K 231 -1.14 -19.38 20.39
N ASP K 232 -1.47 -20.50 19.74
CA ASP K 232 -2.32 -20.49 18.56
C ASP K 232 -3.76 -20.16 18.96
N LYS K 233 -4.27 -19.05 18.42
CA LYS K 233 -5.61 -18.59 18.77
C LYS K 233 -6.69 -19.45 18.13
N ASN K 234 -6.33 -20.22 17.13
CA ASN K 234 -7.29 -21.07 16.43
C ASN K 234 -7.23 -22.51 16.90
N LYS K 235 -6.92 -22.71 18.17
CA LYS K 235 -6.90 -24.04 18.77
C LYS K 235 -8.31 -24.44 19.21
N PRO K 236 -8.63 -25.73 19.15
CA PRO K 236 -9.96 -26.24 19.48
C PRO K 236 -10.39 -25.93 20.92
N GLN K 237 -9.43 -25.72 21.80
CA GLN K 237 -9.72 -25.39 23.19
C GLN K 237 -10.13 -23.92 23.33
N TYR K 238 -9.69 -23.10 22.38
CA TYR K 238 -10.01 -21.67 22.40
C TYR K 238 -11.13 -21.35 21.41
N MET L 3 -41.80 99.94 -18.94
CA MET L 3 -41.79 100.20 -20.38
C MET L 3 -43.12 99.82 -21.02
N ARG L 4 -43.83 100.82 -21.54
CA ARG L 4 -45.15 100.61 -22.12
C ARG L 4 -45.09 100.39 -23.63
N ILE L 5 -45.69 99.29 -24.08
CA ILE L 5 -45.72 98.96 -25.51
C ILE L 5 -47.15 98.87 -26.01
N GLY L 6 -47.45 99.59 -27.08
CA GLY L 6 -48.79 99.59 -27.66
C GLY L 6 -48.85 98.87 -28.99
N ILE L 7 -49.89 98.08 -29.18
CA ILE L 7 -50.08 97.35 -30.42
C ILE L 7 -51.30 97.85 -31.19
N LEU L 8 -51.07 98.36 -32.39
CA LEU L 8 -52.14 98.84 -33.24
C LEU L 8 -52.67 97.71 -34.10
N TYR L 9 -53.97 97.46 -34.03
CA TYR L 9 -54.56 96.31 -34.71
C TYR L 9 -55.91 96.66 -35.34
N ILE L 10 -56.03 96.47 -36.64
CA ILE L 10 -57.27 96.72 -37.35
C ILE L 10 -57.88 95.42 -37.88
N CYS L 11 -59.14 95.18 -37.53
CA CYS L 11 -59.84 93.98 -37.97
C CYS L 11 -61.32 94.25 -38.19
N THR L 12 -61.62 95.21 -39.05
CA THR L 12 -63.00 95.54 -39.37
C THR L 12 -63.58 94.59 -40.43
N GLY L 13 -64.77 94.08 -40.17
CA GLY L 13 -65.43 93.17 -41.09
C GLY L 13 -65.20 91.71 -40.77
N LYS L 14 -64.66 90.98 -41.74
CA LYS L 14 -64.40 89.55 -41.58
C LYS L 14 -63.04 89.30 -40.94
N TYR L 15 -62.22 90.35 -40.89
CA TYR L 15 -60.85 90.22 -40.39
C TYR L 15 -60.78 90.09 -38.87
N ASP L 16 -61.94 90.10 -38.22
CA ASP L 16 -62.00 89.97 -36.77
C ASP L 16 -61.64 88.55 -36.31
N ILE L 17 -61.73 87.59 -37.22
CA ILE L 17 -61.39 86.20 -36.91
C ILE L 17 -59.88 86.05 -36.73
N PHE L 18 -59.12 86.97 -37.34
CA PHE L 18 -57.67 86.92 -37.27
C PHE L 18 -57.15 87.37 -35.91
N TRP L 19 -58.02 88.02 -35.13
CA TRP L 19 -57.64 88.56 -33.84
C TRP L 19 -57.42 87.46 -32.78
N LYS L 20 -58.18 86.38 -32.90
CA LYS L 20 -58.17 85.31 -31.91
C LYS L 20 -56.78 84.69 -31.73
N ASP L 21 -56.22 84.18 -32.83
CA ASP L 21 -54.91 83.53 -32.77
C ASP L 21 -53.78 84.54 -32.61
N PHE L 22 -54.02 85.76 -33.08
CA PHE L 22 -53.03 86.83 -32.97
C PHE L 22 -52.85 87.25 -31.51
N TYR L 23 -53.94 87.32 -30.76
CA TYR L 23 -53.89 87.71 -29.37
C TYR L 23 -53.19 86.67 -28.50
N LEU L 24 -53.46 85.40 -28.78
CA LEU L 24 -52.84 84.30 -28.04
C LEU L 24 -51.34 84.23 -28.30
N SER L 25 -50.94 84.54 -29.52
CA SER L 25 -49.53 84.49 -29.90
C SER L 25 -48.78 85.73 -29.41
N ALA L 26 -49.50 86.83 -29.26
CA ALA L 26 -48.90 88.08 -28.82
C ALA L 26 -48.65 88.07 -27.31
N GLU L 27 -49.47 87.33 -26.58
CA GLU L 27 -49.34 87.24 -25.12
C GLU L 27 -48.26 86.26 -24.72
N ARG L 28 -47.82 85.43 -25.66
CA ARG L 28 -46.86 84.37 -25.35
C ARG L 28 -45.44 84.75 -25.77
N TYR L 29 -45.25 84.97 -27.07
CA TYR L 29 -43.91 85.24 -27.60
C TYR L 29 -43.52 86.71 -27.56
N PHE L 30 -44.46 87.59 -27.90
CA PHE L 30 -44.18 89.01 -27.97
C PHE L 30 -44.21 89.66 -26.58
N MET L 31 -43.06 90.18 -26.15
CA MET L 31 -42.91 90.84 -24.87
C MET L 31 -43.33 89.95 -23.70
N GLN L 32 -42.39 89.15 -23.21
CA GLN L 32 -42.67 88.22 -22.12
C GLN L 32 -42.08 88.70 -20.80
N ASP L 33 -41.38 89.84 -20.85
CA ASP L 33 -40.74 90.39 -19.66
C ASP L 33 -41.78 90.98 -18.70
N GLN L 34 -41.48 90.90 -17.41
CA GLN L 34 -42.38 91.40 -16.38
C GLN L 34 -42.36 92.93 -16.31
N SER L 35 -41.36 93.53 -16.94
CA SER L 35 -41.26 94.99 -16.99
C SER L 35 -42.03 95.54 -18.19
N PHE L 36 -42.08 94.76 -19.26
CA PHE L 36 -42.81 95.14 -20.47
C PHE L 36 -44.30 94.93 -20.30
N ILE L 37 -45.06 96.02 -20.34
CA ILE L 37 -46.52 95.93 -20.26
C ILE L 37 -47.12 96.11 -21.65
N ILE L 38 -47.87 95.10 -22.10
CA ILE L 38 -48.41 95.08 -23.45
C ILE L 38 -49.84 95.61 -23.49
N GLU L 39 -50.09 96.52 -24.45
CA GLU L 39 -51.39 97.13 -24.59
C GLU L 39 -51.98 96.88 -25.98
N TYR L 40 -53.25 96.51 -26.03
CA TYR L 40 -53.93 96.24 -27.29
C TYR L 40 -54.89 97.35 -27.67
N TYR L 41 -54.66 97.96 -28.83
CA TYR L 41 -55.55 98.99 -29.35
C TYR L 41 -56.21 98.52 -30.64
N VAL L 42 -57.35 97.86 -30.51
CA VAL L 42 -58.00 97.22 -31.64
C VAL L 42 -59.09 98.11 -32.26
N PHE L 43 -59.03 98.27 -33.58
CA PHE L 43 -60.03 99.03 -34.30
C PHE L 43 -60.91 98.09 -35.13
N THR L 44 -62.18 98.00 -34.78
CA THR L 44 -63.09 97.08 -35.47
C THR L 44 -64.55 97.47 -35.29
N ASP L 45 -65.43 96.80 -36.02
CA ASP L 45 -66.87 96.99 -35.91
C ASP L 45 -67.52 95.76 -35.29
N SER L 46 -66.71 94.72 -35.09
CA SER L 46 -67.18 93.46 -34.52
C SER L 46 -67.69 93.66 -33.10
N PRO L 47 -68.80 93.00 -32.75
CA PRO L 47 -69.43 93.15 -31.43
C PRO L 47 -68.57 92.64 -30.29
N LYS L 48 -67.78 91.59 -30.51
CA LYS L 48 -66.98 91.01 -29.44
C LYS L 48 -65.55 90.66 -29.87
N LEU L 49 -64.61 90.92 -28.98
CA LEU L 49 -63.22 90.50 -29.17
C LEU L 49 -62.92 89.35 -28.22
N TYR L 50 -61.94 88.52 -28.58
CA TYR L 50 -61.60 87.36 -27.76
C TYR L 50 -60.84 87.77 -26.49
N ASP L 51 -61.30 87.24 -25.35
CA ASP L 51 -60.65 87.44 -24.07
C ASP L 51 -60.53 88.91 -23.70
N GLU L 52 -61.53 89.70 -24.08
CA GLU L 52 -61.54 91.12 -23.74
C GLU L 52 -62.24 91.36 -22.40
N GLU L 53 -63.04 90.40 -21.98
CA GLU L 53 -63.74 90.50 -20.69
C GLU L 53 -62.86 89.99 -19.56
N ASN L 54 -61.73 89.38 -19.92
CA ASN L 54 -60.78 88.88 -18.94
C ASN L 54 -59.63 89.86 -18.73
N ASN L 55 -59.18 90.48 -19.81
CA ASN L 55 -58.11 91.47 -19.74
C ASN L 55 -58.65 92.89 -19.87
N LYS L 56 -58.23 93.76 -18.96
CA LYS L 56 -58.73 95.12 -18.92
C LYS L 56 -57.82 96.10 -19.65
N HIS L 57 -56.64 95.64 -20.03
CA HIS L 57 -55.70 96.49 -20.77
C HIS L 57 -56.04 96.53 -22.25
N ILE L 58 -56.93 95.65 -22.67
CA ILE L 58 -57.37 95.62 -24.07
C ILE L 58 -58.34 96.77 -24.35
N HIS L 59 -57.89 97.74 -25.14
CA HIS L 59 -58.71 98.90 -25.46
C HIS L 59 -59.41 98.74 -26.81
N ARG L 60 -60.66 98.30 -26.77
CA ARG L 60 -61.45 98.14 -27.99
C ARG L 60 -61.95 99.49 -28.49
N ILE L 61 -61.60 99.83 -29.72
CA ILE L 61 -62.02 101.09 -30.33
C ILE L 61 -62.92 100.84 -31.53
N LYS L 62 -64.11 101.42 -31.52
CA LYS L 62 -65.09 101.21 -32.59
C LYS L 62 -64.67 101.90 -33.88
N GLN L 63 -64.74 101.15 -34.97
CA GLN L 63 -64.41 101.67 -36.29
C GLN L 63 -65.26 100.99 -37.37
N LYS L 64 -65.98 101.80 -38.14
CA LYS L 64 -66.85 101.29 -39.18
C LYS L 64 -66.05 100.64 -40.30
N ASN L 65 -66.75 99.89 -41.16
CA ASN L 65 -66.13 99.31 -42.35
C ASN L 65 -66.16 100.30 -43.51
N LEU L 66 -64.98 100.80 -43.87
CA LEU L 66 -64.87 101.78 -44.95
C LEU L 66 -64.74 101.11 -46.30
N GLY L 67 -64.68 99.78 -46.30
CA GLY L 67 -64.55 99.02 -47.53
C GLY L 67 -63.16 99.10 -48.13
N TRP L 68 -63.05 99.83 -49.23
CA TRP L 68 -61.77 99.98 -49.93
C TRP L 68 -61.78 101.25 -50.77
N PRO L 69 -60.64 101.97 -50.82
CA PRO L 69 -59.37 101.66 -50.16
C PRO L 69 -59.19 102.34 -48.81
N ASP L 70 -60.26 102.94 -48.28
CA ASP L 70 -60.15 103.72 -47.05
C ASP L 70 -59.77 102.87 -45.84
N ASN L 71 -59.88 101.55 -45.98
CA ASN L 71 -59.44 100.64 -44.92
C ASN L 71 -57.92 100.56 -44.85
N THR L 72 -57.27 100.89 -45.96
CA THR L 72 -55.81 100.84 -46.05
C THR L 72 -55.22 102.21 -46.33
N LEU L 73 -55.96 103.03 -47.06
CA LEU L 73 -55.51 104.38 -47.38
C LEU L 73 -55.62 105.30 -46.16
N LYS L 74 -56.77 105.27 -45.50
CA LYS L 74 -56.98 106.07 -44.30
C LYS L 74 -56.66 105.26 -43.05
N ARG L 75 -55.68 104.37 -43.17
CA ARG L 75 -55.25 103.53 -42.06
C ARG L 75 -54.72 104.36 -40.89
N PHE L 76 -53.93 105.37 -41.23
CA PHE L 76 -53.32 106.24 -40.22
C PHE L 76 -54.31 107.27 -39.71
N HIS L 77 -55.35 107.52 -40.51
CA HIS L 77 -56.43 108.42 -40.10
C HIS L 77 -57.20 107.82 -38.93
N ILE L 78 -57.36 106.50 -38.97
CA ILE L 78 -57.98 105.77 -37.87
C ILE L 78 -57.09 105.85 -36.63
N PHE L 79 -55.78 105.87 -36.85
CA PHE L 79 -54.83 105.96 -35.76
C PHE L 79 -54.71 107.38 -35.24
N LEU L 80 -55.15 108.34 -36.04
CA LEU L 80 -54.93 109.76 -35.74
C LEU L 80 -56.06 110.39 -34.95
N ARG L 81 -57.25 109.79 -35.00
CA ARG L 81 -58.41 110.35 -34.30
C ARG L 81 -58.54 109.78 -32.88
N ILE L 82 -57.52 109.03 -32.47
CA ILE L 82 -57.43 108.56 -31.08
C ILE L 82 -56.02 108.83 -30.58
N LYS L 83 -55.37 109.82 -31.20
CA LYS L 83 -53.95 110.11 -30.97
C LYS L 83 -53.60 110.43 -29.52
N GLU L 84 -54.54 111.03 -28.79
CA GLU L 84 -54.26 111.52 -27.44
C GLU L 84 -54.18 110.39 -26.42
N GLN L 85 -54.68 109.21 -26.77
CA GLN L 85 -54.67 108.07 -25.85
C GLN L 85 -53.43 107.22 -26.00
N LEU L 86 -52.32 107.84 -26.39
CA LEU L 86 -51.06 107.11 -26.57
C LEU L 86 -49.90 107.73 -25.79
N GLU L 87 -49.93 109.05 -25.63
CA GLU L 87 -48.85 109.76 -24.96
C GLU L 87 -48.81 109.45 -23.46
N ARG L 88 -49.93 109.02 -22.91
CA ARG L 88 -50.03 108.75 -21.48
C ARG L 88 -50.10 107.26 -21.17
N GLU L 89 -50.23 106.44 -22.21
CA GLU L 89 -50.43 105.01 -22.03
C GLU L 89 -49.35 104.17 -22.71
N THR L 90 -48.62 104.76 -23.63
CA THR L 90 -47.62 104.03 -24.40
C THR L 90 -46.27 104.72 -24.49
N ASP L 91 -45.22 103.93 -24.69
CA ASP L 91 -43.89 104.46 -24.93
C ASP L 91 -43.44 104.09 -26.34
N TYR L 92 -44.00 103.01 -26.86
CA TYR L 92 -43.71 102.57 -28.22
C TYR L 92 -44.98 102.05 -28.91
N LEU L 93 -45.08 102.31 -30.21
CA LEU L 93 -46.23 101.87 -31.00
C LEU L 93 -45.80 100.95 -32.13
N PHE L 94 -46.47 99.82 -32.28
CA PHE L 94 -46.18 98.86 -33.34
C PHE L 94 -47.46 98.43 -34.03
N PHE L 95 -47.47 98.51 -35.36
CA PHE L 95 -48.63 98.06 -36.14
C PHE L 95 -48.39 96.70 -36.77
N PHE L 96 -49.42 95.85 -36.69
CA PHE L 96 -49.36 94.52 -37.27
C PHE L 96 -50.59 94.26 -38.12
N ASN L 97 -50.42 93.50 -39.20
CA ASN L 97 -51.54 93.10 -40.04
C ASN L 97 -52.43 92.11 -39.30
N ALA L 98 -53.65 91.95 -39.78
CA ALA L 98 -54.61 91.05 -39.14
C ALA L 98 -54.13 89.60 -39.18
N ASN L 99 -53.76 89.14 -40.37
CA ASN L 99 -53.37 87.75 -40.57
C ASN L 99 -51.93 87.44 -40.12
N LEU L 100 -51.39 88.28 -39.26
CA LEU L 100 -50.06 88.02 -38.70
C LEU L 100 -50.14 87.09 -37.50
N LEU L 101 -49.02 86.45 -37.17
CA LEU L 101 -48.97 85.50 -36.06
C LEU L 101 -47.55 85.30 -35.58
N PHE L 102 -47.39 85.17 -34.26
CA PHE L 102 -46.07 84.97 -33.66
C PHE L 102 -45.75 83.48 -33.49
N THR L 103 -44.55 83.10 -33.87
CA THR L 103 -44.11 81.71 -33.75
C THR L 103 -42.84 81.59 -32.92
N SER L 104 -42.11 82.70 -32.80
CA SER L 104 -40.86 82.71 -32.07
C SER L 104 -40.82 83.86 -31.06
N PRO L 105 -40.19 83.61 -29.89
CA PRO L 105 -40.07 84.63 -28.83
C PRO L 105 -39.40 85.90 -29.31
N ILE L 106 -40.04 87.04 -29.07
CA ILE L 106 -39.50 88.33 -29.47
C ILE L 106 -39.19 89.20 -28.26
N GLY L 107 -37.95 89.66 -28.17
CA GLY L 107 -37.51 90.45 -27.04
C GLY L 107 -37.37 91.93 -27.33
N LYS L 108 -36.29 92.53 -26.82
CA LYS L 108 -36.08 93.97 -26.94
C LYS L 108 -35.16 94.33 -28.10
N GLU L 109 -34.87 93.35 -28.95
CA GLU L 109 -33.96 93.56 -30.07
C GLU L 109 -34.60 94.38 -31.18
N ILE L 110 -35.93 94.45 -31.17
CA ILE L 110 -36.66 95.20 -32.20
C ILE L 110 -36.99 96.61 -31.75
N LEU L 111 -36.56 96.97 -30.53
CA LEU L 111 -36.80 98.31 -30.01
C LEU L 111 -35.72 99.28 -30.46
N PRO L 112 -36.14 100.37 -31.14
CA PRO L 112 -35.22 101.41 -31.61
C PRO L 112 -34.57 102.17 -30.45
N PRO L 113 -33.23 102.25 -30.45
CA PRO L 113 -32.46 102.93 -29.40
C PRO L 113 -32.83 104.41 -29.25
N SER L 114 -32.42 105.01 -28.14
CA SER L 114 -32.78 106.40 -27.84
C SER L 114 -31.92 107.40 -28.61
N ASP L 115 -30.74 106.95 -29.05
CA ASP L 115 -29.83 107.83 -29.79
C ASP L 115 -30.14 107.84 -31.28
N SER L 116 -31.26 107.23 -31.66
CA SER L 116 -31.66 107.17 -33.06
C SER L 116 -32.93 107.97 -33.30
N ASN L 117 -33.40 107.97 -34.54
CA ASN L 117 -34.63 108.69 -34.90
C ASN L 117 -35.86 108.01 -34.33
N GLY L 118 -35.73 106.74 -33.95
CA GLY L 118 -36.81 106.00 -33.34
C GLY L 118 -37.86 105.52 -34.32
N LEU L 119 -37.40 105.05 -35.48
CA LEU L 119 -38.30 104.52 -36.50
C LEU L 119 -38.07 103.03 -36.73
N LEU L 120 -39.03 102.37 -37.35
CA LEU L 120 -38.94 100.94 -37.60
C LEU L 120 -39.55 100.56 -38.94
N GLY L 121 -38.80 99.84 -39.75
CA GLY L 121 -39.28 99.40 -41.05
C GLY L 121 -39.02 97.93 -41.29
N THR L 122 -39.87 97.30 -42.10
CA THR L 122 -39.72 95.89 -42.40
C THR L 122 -39.66 95.65 -43.91
N MET L 123 -38.64 94.94 -44.36
CA MET L 123 -38.46 94.64 -45.78
C MET L 123 -39.58 93.76 -46.30
N HIS L 124 -40.05 94.07 -47.51
CA HIS L 124 -41.10 93.28 -48.15
C HIS L 124 -40.54 91.93 -48.60
N PRO L 125 -41.27 90.85 -48.31
CA PRO L 125 -40.83 89.48 -48.63
C PRO L 125 -40.74 89.21 -50.13
N GLY L 126 -41.37 90.06 -50.94
CA GLY L 126 -41.37 89.89 -52.38
C GLY L 126 -40.38 90.78 -53.09
N PHE L 127 -39.70 91.63 -52.32
CA PHE L 127 -38.72 92.56 -52.89
C PHE L 127 -37.44 92.60 -52.07
N TYR L 128 -36.81 91.44 -51.91
CA TYR L 128 -35.57 91.35 -51.14
C TYR L 128 -34.38 91.05 -52.05
N ASN L 129 -34.61 90.23 -53.07
CA ASN L 129 -33.57 89.87 -54.02
C ASN L 129 -33.63 90.73 -55.28
N LYS L 130 -34.44 91.77 -55.23
CA LYS L 130 -34.66 92.62 -56.39
C LYS L 130 -33.94 93.96 -56.26
N PRO L 131 -33.37 94.45 -57.37
CA PRO L 131 -32.68 95.74 -57.40
C PRO L 131 -33.64 96.92 -57.35
N ASN L 132 -33.11 98.14 -57.47
CA ASN L 132 -33.94 99.33 -57.44
C ASN L 132 -34.81 99.46 -58.68
N SER L 133 -34.38 98.80 -59.76
CA SER L 133 -35.10 98.86 -61.04
C SER L 133 -36.40 98.06 -61.00
N GLU L 134 -36.55 97.20 -60.00
CA GLU L 134 -37.75 96.38 -59.88
C GLU L 134 -38.60 96.79 -58.68
N PHE L 135 -38.18 97.86 -58.00
CA PHE L 135 -38.97 98.43 -56.92
C PHE L 135 -40.20 99.13 -57.48
N THR L 136 -41.35 98.93 -56.83
CA THR L 136 -42.60 99.51 -57.31
C THR L 136 -42.94 100.79 -56.53
N TYR L 137 -42.08 101.79 -56.63
CA TYR L 137 -42.31 103.07 -55.99
C TYR L 137 -43.26 103.94 -56.81
N GLU L 138 -43.75 105.00 -56.20
CA GLU L 138 -44.65 105.94 -56.88
C GLU L 138 -43.84 106.80 -57.85
N ARG L 139 -43.84 106.44 -59.13
CA ARG L 139 -43.02 107.11 -60.13
C ARG L 139 -43.77 108.27 -60.78
N ARG L 140 -44.70 108.86 -60.04
CA ARG L 140 -45.49 109.98 -60.53
C ARG L 140 -45.18 111.25 -59.75
N ASP L 141 -44.79 112.30 -60.47
CA ASP L 141 -44.39 113.56 -59.87
C ASP L 141 -45.55 114.25 -59.14
N ALA L 142 -46.77 113.99 -59.61
CA ALA L 142 -47.95 114.64 -59.04
C ALA L 142 -48.20 114.22 -57.58
N SER L 143 -47.80 113.01 -57.25
CA SER L 143 -47.99 112.49 -55.90
C SER L 143 -46.90 112.95 -54.95
N THR L 144 -47.23 113.03 -53.66
CA THR L 144 -46.28 113.43 -52.64
C THR L 144 -45.38 112.27 -52.23
N ALA L 145 -45.76 111.07 -52.64
CA ALA L 145 -44.98 109.87 -52.34
C ALA L 145 -44.05 109.53 -53.51
N TYR L 146 -43.72 110.54 -54.30
CA TYR L 146 -42.89 110.33 -55.49
C TYR L 146 -41.45 109.96 -55.14
N ILE L 147 -40.97 108.88 -55.76
CA ILE L 147 -39.59 108.45 -55.58
C ILE L 147 -38.92 108.26 -56.94
N PRO L 148 -37.89 109.06 -57.23
CA PRO L 148 -37.16 108.97 -58.50
C PRO L 148 -36.39 107.66 -58.63
N GLU L 149 -36.15 107.24 -59.86
CA GLU L 149 -35.43 106.00 -60.13
C GLU L 149 -33.97 106.11 -59.69
N GLY L 150 -33.47 105.05 -59.06
CA GLY L 150 -32.10 105.03 -58.59
C GLY L 150 -32.00 105.26 -57.10
N GLU L 151 -32.94 106.01 -56.55
CA GLU L 151 -32.95 106.31 -55.12
C GLU L 151 -33.77 105.29 -54.34
N GLY L 152 -33.48 105.18 -53.04
CA GLY L 152 -34.17 104.23 -52.20
C GLY L 152 -33.26 103.08 -51.79
N ARG L 153 -33.37 102.65 -50.54
CA ARG L 153 -32.56 101.56 -50.02
C ARG L 153 -33.30 100.24 -50.06
N TYR L 154 -34.26 100.08 -49.14
CA TYR L 154 -35.08 98.89 -49.09
C TYR L 154 -36.51 99.18 -49.50
N TYR L 155 -37.22 98.15 -49.94
CA TYR L 155 -38.64 98.27 -50.25
C TYR L 155 -39.47 97.82 -49.05
N TYR L 156 -39.93 98.78 -48.26
CA TYR L 156 -40.63 98.47 -47.02
C TYR L 156 -42.11 98.19 -47.25
N ALA L 157 -42.66 97.29 -46.44
CA ALA L 157 -44.07 96.92 -46.53
C ALA L 157 -44.88 97.58 -45.43
N GLY L 158 -46.20 97.62 -45.61
CA GLY L 158 -47.08 98.19 -44.61
C GLY L 158 -47.61 97.15 -43.66
N GLY L 159 -47.17 95.90 -43.85
CA GLY L 159 -47.59 94.80 -43.00
C GLY L 159 -47.10 94.94 -41.57
N LEU L 160 -45.94 95.57 -41.41
CA LEU L 160 -45.37 95.79 -40.09
C LEU L 160 -44.58 97.09 -40.06
N SER L 161 -44.99 98.01 -39.18
CA SER L 161 -44.32 99.29 -39.04
C SER L 161 -44.50 99.84 -37.62
N GLY L 162 -43.47 100.49 -37.10
CA GLY L 162 -43.53 101.04 -35.77
C GLY L 162 -42.38 101.97 -35.42
N GLY L 163 -42.00 101.98 -34.15
CA GLY L 163 -40.93 102.85 -33.68
C GLY L 163 -41.34 103.60 -32.42
N CYS L 164 -40.63 104.69 -32.14
CA CYS L 164 -40.94 105.52 -30.97
C CYS L 164 -42.28 106.22 -31.17
N THR L 165 -42.97 106.48 -30.06
CA THR L 165 -44.29 107.11 -30.09
C THR L 165 -44.26 108.47 -30.78
N LYS L 166 -43.32 109.32 -30.36
CA LYS L 166 -43.18 110.65 -30.94
C LYS L 166 -42.85 110.58 -32.42
N ALA L 167 -42.01 109.61 -32.80
CA ALA L 167 -41.57 109.47 -34.18
C ALA L 167 -42.65 108.82 -35.04
N TYR L 168 -43.42 107.93 -34.45
CA TYR L 168 -44.47 107.23 -35.19
C TYR L 168 -45.67 108.14 -35.45
N LEU L 169 -45.99 108.96 -34.45
CA LEU L 169 -47.11 109.90 -34.57
C LEU L 169 -46.76 111.06 -35.49
N LYS L 170 -45.48 111.44 -35.48
CA LYS L 170 -44.98 112.45 -36.40
C LYS L 170 -45.00 111.91 -37.82
N LEU L 171 -44.90 110.59 -37.93
CA LEU L 171 -44.97 109.90 -39.21
C LEU L 171 -46.41 109.81 -39.70
N CYS L 172 -47.34 109.59 -38.77
CA CYS L 172 -48.75 109.46 -39.10
C CYS L 172 -49.33 110.77 -39.63
N THR L 173 -49.03 111.87 -38.95
CA THR L 173 -49.56 113.17 -39.33
C THR L 173 -48.96 113.67 -40.65
N THR L 174 -47.76 113.16 -40.97
CA THR L 174 -47.08 113.56 -42.20
C THR L 174 -47.72 112.91 -43.42
N ILE L 175 -47.98 111.61 -43.31
CA ILE L 175 -48.60 110.86 -44.41
C ILE L 175 -50.06 111.28 -44.58
N CYS L 176 -50.75 111.53 -43.48
CA CYS L 176 -52.13 112.01 -43.52
C CYS L 176 -52.23 113.31 -44.30
N SER L 177 -51.20 114.14 -44.20
CA SER L 177 -51.13 115.38 -44.98
C SER L 177 -50.77 115.06 -46.43
N TRP L 178 -49.95 114.02 -46.61
CA TRP L 178 -49.54 113.60 -47.95
C TRP L 178 -50.70 113.00 -48.73
N VAL L 179 -51.65 112.40 -48.02
CA VAL L 179 -52.83 111.84 -48.65
C VAL L 179 -53.79 112.94 -49.10
N ASP L 180 -54.03 113.89 -48.21
CA ASP L 180 -54.93 115.01 -48.49
C ASP L 180 -54.43 115.88 -49.64
N ARG L 181 -53.12 116.08 -49.69
CA ARG L 181 -52.51 116.88 -50.75
C ARG L 181 -52.61 116.15 -52.09
N ASP L 182 -52.60 114.82 -52.04
CA ASP L 182 -52.79 114.01 -53.23
C ASP L 182 -54.26 113.92 -53.62
N ALA L 183 -55.13 114.01 -52.61
CA ALA L 183 -56.56 113.94 -52.84
C ALA L 183 -57.07 115.22 -53.51
N THR L 184 -56.31 116.30 -53.37
CA THR L 184 -56.70 117.58 -53.92
C THR L 184 -56.57 117.60 -55.45
N ASN L 185 -55.43 117.16 -55.95
CA ASN L 185 -55.17 117.15 -57.39
C ASN L 185 -55.58 115.86 -58.06
N HIS L 186 -56.55 115.17 -57.46
CA HIS L 186 -57.14 113.96 -58.04
C HIS L 186 -56.13 112.86 -58.34
N ILE L 187 -55.37 112.46 -57.33
CA ILE L 187 -54.41 111.37 -57.51
C ILE L 187 -54.31 110.51 -56.25
N ILE L 188 -54.20 109.20 -56.45
CA ILE L 188 -54.03 108.28 -55.33
C ILE L 188 -52.70 107.54 -55.48
N PRO L 189 -51.99 107.35 -54.36
CA PRO L 189 -50.71 106.64 -54.34
C PRO L 189 -50.90 105.15 -54.57
N ILE L 190 -49.99 104.55 -55.34
CA ILE L 190 -50.03 103.12 -55.59
C ILE L 190 -48.65 102.50 -55.38
N TRP L 191 -48.56 101.52 -54.48
CA TRP L 191 -49.72 101.09 -53.70
C TRP L 191 -49.73 101.76 -52.31
N HIS L 192 -50.79 102.50 -52.05
CA HIS L 192 -50.93 103.32 -50.84
C HIS L 192 -50.57 102.60 -49.54
N ASP L 193 -50.75 101.28 -49.52
CA ASP L 193 -50.42 100.49 -48.35
C ASP L 193 -48.92 100.48 -48.08
N GLN L 194 -48.13 100.56 -49.15
CA GLN L 194 -46.67 100.60 -49.05
C GLN L 194 -46.00 101.82 -49.71
N SER L 195 -46.67 102.42 -50.68
CA SER L 195 -46.09 103.52 -51.45
C SER L 195 -45.81 104.74 -50.58
N LEU L 196 -46.74 105.02 -49.68
CA LEU L 196 -46.63 106.19 -48.80
C LEU L 196 -45.59 105.98 -47.71
N ILE L 197 -45.42 104.74 -47.27
CA ILE L 197 -44.52 104.44 -46.17
C ILE L 197 -43.07 104.36 -46.64
N ASN L 198 -42.87 104.16 -47.94
CA ASN L 198 -41.53 104.09 -48.51
C ASN L 198 -40.94 105.48 -48.74
N LYS L 199 -41.80 106.43 -49.05
CA LYS L 199 -41.38 107.81 -49.27
C LYS L 199 -40.91 108.44 -47.97
N TYR L 200 -41.61 108.14 -46.89
CA TYR L 200 -41.26 108.67 -45.58
C TYR L 200 -39.99 108.02 -45.06
N PHE L 201 -39.81 106.74 -45.37
CA PHE L 201 -38.62 106.02 -44.96
C PHE L 201 -37.43 106.37 -45.85
N LEU L 202 -37.69 107.14 -46.90
CA LEU L 202 -36.62 107.67 -47.73
C LEU L 202 -36.10 108.97 -47.13
N ASP L 203 -37.04 109.84 -46.74
CA ASP L 203 -36.69 111.08 -46.07
C ASP L 203 -36.24 110.81 -44.64
N ASN L 204 -36.88 109.83 -44.01
CA ASN L 204 -36.54 109.44 -42.65
C ASN L 204 -36.29 107.94 -42.53
N PRO L 205 -35.06 107.50 -42.84
CA PRO L 205 -34.67 106.09 -42.76
C PRO L 205 -34.87 105.51 -41.37
N PRO L 206 -35.47 104.30 -41.29
CA PRO L 206 -35.74 103.65 -40.01
C PRO L 206 -34.45 103.25 -39.27
N ALA L 207 -34.50 103.32 -37.95
CA ALA L 207 -33.34 102.97 -37.13
C ALA L 207 -33.02 101.48 -37.24
N ILE L 208 -34.06 100.66 -37.16
CA ILE L 208 -33.89 99.21 -37.27
C ILE L 208 -34.72 98.64 -38.41
N THR L 209 -34.05 98.00 -39.35
CA THR L 209 -34.72 97.38 -40.49
C THR L 209 -34.91 95.89 -40.28
N LEU L 210 -36.17 95.47 -40.16
CA LEU L 210 -36.50 94.07 -39.95
C LEU L 210 -36.44 93.29 -41.25
N SER L 211 -35.84 92.11 -41.19
CA SER L 211 -35.80 91.21 -42.34
C SER L 211 -37.20 90.73 -42.68
N PRO L 212 -37.41 90.28 -43.94
CA PRO L 212 -38.72 89.74 -44.33
C PRO L 212 -39.11 88.47 -43.57
N ALA L 213 -38.22 88.00 -42.70
CA ALA L 213 -38.51 86.89 -41.80
C ALA L 213 -39.59 87.30 -40.80
N TYR L 214 -39.69 88.60 -40.56
CA TYR L 214 -40.69 89.14 -39.63
C TYR L 214 -42.01 89.40 -40.36
N LEU L 215 -42.03 89.07 -41.65
CA LEU L 215 -43.24 89.13 -42.45
C LEU L 215 -43.26 87.94 -43.42
N TYR L 216 -43.07 86.75 -42.88
CA TYR L 216 -42.99 85.53 -43.68
C TYR L 216 -44.38 85.02 -44.05
N PRO L 217 -44.69 85.01 -45.36
CA PRO L 217 -45.97 84.49 -45.86
C PRO L 217 -46.08 82.97 -45.70
N GLU L 218 -47.22 82.49 -45.21
CA GLU L 218 -47.42 81.07 -45.01
C GLU L 218 -47.47 80.32 -46.34
N GLY L 219 -46.67 79.26 -46.46
CA GLY L 219 -46.63 78.47 -47.67
C GLY L 219 -45.38 78.74 -48.49
N TRP L 220 -44.83 79.94 -48.34
CA TRP L 220 -43.64 80.34 -49.09
C TRP L 220 -42.39 79.67 -48.53
N LEU L 221 -41.37 79.52 -49.36
CA LEU L 221 -40.09 78.97 -48.92
C LEU L 221 -38.96 79.94 -49.20
N LEU L 222 -38.79 80.90 -48.29
CA LEU L 222 -37.80 81.96 -48.45
C LEU L 222 -36.50 81.64 -47.70
N PRO L 223 -35.39 82.29 -48.10
CA PRO L 223 -34.14 82.11 -47.36
C PRO L 223 -34.12 82.87 -46.04
N PHE L 224 -35.20 82.75 -45.26
CA PHE L 224 -35.30 83.42 -43.97
C PHE L 224 -36.01 82.52 -42.96
N GLU L 225 -35.81 82.80 -41.68
CA GLU L 225 -36.42 82.00 -40.62
C GLU L 225 -37.80 82.53 -40.24
N PRO L 226 -38.82 81.68 -40.40
CA PRO L 226 -40.21 82.09 -40.11
C PRO L 226 -40.47 82.32 -38.63
N ILE L 227 -40.26 83.55 -38.16
CA ILE L 227 -40.51 83.87 -36.76
C ILE L 227 -41.82 84.65 -36.60
N ILE L 228 -42.26 85.26 -37.70
CA ILE L 228 -43.58 85.90 -37.76
C ILE L 228 -44.26 85.52 -39.05
N LEU L 229 -45.33 84.74 -38.93
CA LEU L 229 -45.97 84.15 -40.11
C LEU L 229 -47.18 84.96 -40.59
N ILE L 230 -47.23 85.21 -41.89
CA ILE L 230 -48.39 85.80 -42.52
C ILE L 230 -49.35 84.69 -42.93
N ARG L 231 -50.37 84.46 -42.13
CA ARG L 231 -51.33 83.39 -42.37
C ARG L 231 -52.06 83.56 -43.70
N ASP L 232 -52.29 82.44 -44.38
CA ASP L 232 -53.01 82.46 -45.65
C ASP L 232 -54.46 82.86 -45.42
N LYS L 233 -54.84 84.01 -45.97
CA LYS L 233 -56.15 84.59 -45.74
C LYS L 233 -57.26 83.85 -46.46
N ASN L 234 -56.88 83.00 -47.41
CA ASN L 234 -57.86 82.24 -48.20
C ASN L 234 -57.94 80.78 -47.78
N LYS L 235 -57.78 80.52 -46.48
CA LYS L 235 -57.86 79.16 -45.95
C LYS L 235 -59.29 78.86 -45.50
N PRO L 236 -59.71 77.58 -45.60
CA PRO L 236 -61.05 77.14 -45.24
C PRO L 236 -61.41 77.43 -43.77
N GLN L 237 -60.41 77.61 -42.93
CA GLN L 237 -60.64 77.97 -41.54
C GLN L 237 -61.21 79.38 -41.44
N TYR L 238 -60.85 80.22 -42.39
CA TYR L 238 -61.26 81.62 -42.40
C TYR L 238 -62.34 81.86 -43.46
N MET M 3 -22.10 -40.34 21.48
CA MET M 3 -20.92 -41.03 20.95
C MET M 3 -20.05 -41.56 22.09
N ARG M 4 -19.83 -42.86 22.10
CA ARG M 4 -19.06 -43.50 23.17
C ARG M 4 -17.61 -43.73 22.78
N ILE M 5 -16.70 -43.28 23.63
CA ILE M 5 -15.27 -43.41 23.38
C ILE M 5 -14.61 -44.34 24.40
N GLY M 6 -13.84 -45.30 23.90
CA GLY M 6 -13.16 -46.26 24.76
C GLY M 6 -11.66 -46.03 24.82
N ILE M 7 -11.12 -45.99 26.04
CA ILE M 7 -9.69 -45.78 26.23
C ILE M 7 -8.97 -47.07 26.60
N LEU M 8 -8.00 -47.45 25.78
CA LEU M 8 -7.18 -48.63 26.06
C LEU M 8 -6.02 -48.24 26.98
N TYR M 9 -5.97 -48.87 28.15
CA TYR M 9 -4.97 -48.54 29.15
C TYR M 9 -4.38 -49.78 29.80
N ILE M 10 -3.06 -49.86 29.82
CA ILE M 10 -2.37 -50.98 30.44
C ILE M 10 -1.45 -50.49 31.56
N CYS M 11 -1.45 -51.21 32.69
CA CYS M 11 -0.58 -50.86 33.80
C CYS M 11 -0.30 -52.09 34.67
N THR M 12 0.24 -53.13 34.04
CA THR M 12 0.57 -54.37 34.73
C THR M 12 1.80 -54.22 35.61
N GLY M 13 1.75 -54.81 36.80
CA GLY M 13 2.88 -54.80 37.71
C GLY M 13 2.97 -53.55 38.56
N LYS M 14 4.06 -52.81 38.40
CA LYS M 14 4.31 -51.63 39.23
C LYS M 14 3.94 -50.34 38.50
N TYR M 15 3.29 -50.47 37.35
CA TYR M 15 2.88 -49.31 36.56
C TYR M 15 1.47 -48.85 36.93
N ASP M 16 0.90 -49.48 37.96
CA ASP M 16 -0.45 -49.16 38.40
C ASP M 16 -0.52 -47.82 39.12
N ILE M 17 0.64 -47.33 39.55
CA ILE M 17 0.72 -46.06 40.27
C ILE M 17 0.38 -44.89 39.34
N PHE M 18 0.59 -45.10 38.05
CA PHE M 18 0.34 -44.06 37.05
C PHE M 18 -1.15 -43.89 36.76
N TRP M 19 -1.96 -44.85 37.21
CA TRP M 19 -3.38 -44.86 36.91
C TRP M 19 -4.17 -43.78 37.65
N LYS M 20 -3.76 -43.48 38.88
CA LYS M 20 -4.50 -42.54 39.72
C LYS M 20 -4.56 -41.15 39.12
N ASP M 21 -3.40 -40.59 38.79
CA ASP M 21 -3.32 -39.24 38.24
C ASP M 21 -3.81 -39.19 36.80
N PHE M 22 -3.70 -40.31 36.10
CA PHE M 22 -4.16 -40.41 34.72
C PHE M 22 -5.69 -40.42 34.65
N TYR M 23 -6.31 -41.14 35.57
CA TYR M 23 -7.76 -41.28 35.61
C TYR M 23 -8.44 -39.97 36.00
N LEU M 24 -7.82 -39.23 36.92
CA LEU M 24 -8.37 -37.96 37.38
C LEU M 24 -8.24 -36.88 36.30
N SER M 25 -7.17 -36.95 35.51
CA SER M 25 -6.92 -35.97 34.46
C SER M 25 -7.81 -36.22 33.26
N ALA M 26 -8.08 -37.49 32.98
CA ALA M 26 -8.92 -37.87 31.85
C ALA M 26 -10.37 -37.46 32.06
N GLU M 27 -10.78 -37.39 33.33
CA GLU M 27 -12.14 -37.01 33.68
C GLU M 27 -12.30 -35.49 33.77
N ARG M 28 -11.20 -34.78 33.57
CA ARG M 28 -11.21 -33.32 33.68
C ARG M 28 -11.05 -32.65 32.32
N TYR M 29 -10.25 -33.26 31.45
CA TYR M 29 -9.93 -32.66 30.16
C TYR M 29 -10.43 -33.49 28.98
N PHE M 30 -10.22 -34.80 29.03
CA PHE M 30 -10.50 -35.66 27.89
C PHE M 30 -11.99 -35.93 27.69
N MET M 31 -12.54 -35.38 26.61
CA MET M 31 -13.91 -35.64 26.18
C MET M 31 -14.94 -35.36 27.26
N GLN M 32 -14.92 -34.15 27.81
CA GLN M 32 -15.92 -33.76 28.80
C GLN M 32 -17.06 -32.99 28.15
N ASP M 33 -17.12 -33.05 26.83
CA ASP M 33 -18.21 -32.47 26.07
C ASP M 33 -19.44 -33.38 26.16
N GLN M 34 -20.61 -32.81 25.92
CA GLN M 34 -21.85 -33.60 25.91
C GLN M 34 -21.84 -34.59 24.76
N SER M 35 -22.71 -35.60 24.84
CA SER M 35 -22.81 -36.68 23.86
C SER M 35 -21.50 -37.44 23.71
N PHE M 36 -20.68 -37.41 24.76
CA PHE M 36 -19.42 -38.14 24.78
C PHE M 36 -19.31 -39.01 26.02
N ILE M 37 -19.21 -40.32 25.81
CA ILE M 37 -19.09 -41.27 26.92
C ILE M 37 -17.73 -41.92 26.94
N ILE M 38 -17.01 -41.75 28.04
CA ILE M 38 -15.66 -42.29 28.18
C ILE M 38 -15.67 -43.65 28.86
N GLU M 39 -15.05 -44.64 28.23
CA GLU M 39 -14.95 -45.98 28.80
C GLU M 39 -13.49 -46.37 29.00
N TYR M 40 -13.14 -46.73 30.23
CA TYR M 40 -11.77 -47.09 30.57
C TYR M 40 -11.58 -48.59 30.62
N TYR M 41 -10.71 -49.10 29.74
CA TYR M 41 -10.37 -50.52 29.72
C TYR M 41 -8.96 -50.73 30.26
N VAL M 42 -8.87 -51.10 31.53
CA VAL M 42 -7.58 -51.21 32.20
C VAL M 42 -7.10 -52.65 32.31
N PHE M 43 -5.88 -52.90 31.85
CA PHE M 43 -5.25 -54.22 31.96
C PHE M 43 -4.12 -54.17 32.98
N THR M 44 -4.32 -54.83 34.12
CA THR M 44 -3.35 -54.77 35.21
C THR M 44 -3.32 -56.05 36.05
N ASP M 45 -2.34 -56.11 36.96
CA ASP M 45 -2.23 -57.21 37.90
C ASP M 45 -2.96 -56.89 39.20
N SER M 46 -3.13 -55.60 39.46
CA SER M 46 -3.73 -55.13 40.71
C SER M 46 -5.19 -55.59 40.87
N PRO M 47 -5.51 -56.15 42.04
CA PRO M 47 -6.87 -56.59 42.37
C PRO M 47 -7.85 -55.42 42.52
N LYS M 48 -7.32 -54.22 42.69
CA LYS M 48 -8.16 -53.04 42.88
C LYS M 48 -7.58 -51.81 42.17
N LEU M 49 -8.45 -51.03 41.54
CA LEU M 49 -8.05 -49.79 40.89
C LEU M 49 -8.59 -48.59 41.65
N TYR M 50 -8.11 -47.40 41.28
CA TYR M 50 -8.56 -46.17 41.92
C TYR M 50 -9.96 -45.81 41.49
N ASP M 51 -10.83 -45.52 42.46
CA ASP M 51 -12.21 -45.10 42.21
C ASP M 51 -12.96 -46.15 41.39
N GLU M 52 -12.58 -47.41 41.55
CA GLU M 52 -13.18 -48.50 40.78
C GLU M 52 -14.51 -48.94 41.38
N GLU M 53 -14.60 -48.90 42.71
CA GLU M 53 -15.79 -49.34 43.41
C GLU M 53 -16.89 -48.26 43.34
N ASN M 54 -16.51 -47.07 42.91
CA ASN M 54 -17.46 -45.96 42.80
C ASN M 54 -17.89 -45.72 41.36
N ASN M 55 -16.96 -45.92 40.43
CA ASN M 55 -17.24 -45.70 39.01
C ASN M 55 -17.45 -47.02 38.28
N LYS M 56 -18.35 -47.01 37.29
CA LYS M 56 -18.69 -48.23 36.56
C LYS M 56 -18.06 -48.27 35.17
N HIS M 57 -17.53 -47.14 34.72
CA HIS M 57 -16.90 -47.07 33.40
C HIS M 57 -15.52 -47.70 33.43
N ILE M 58 -14.99 -47.88 34.63
CA ILE M 58 -13.68 -48.51 34.80
C ILE M 58 -13.77 -50.01 34.61
N HIS M 59 -13.26 -50.49 33.49
CA HIS M 59 -13.31 -51.91 33.17
C HIS M 59 -11.94 -52.57 33.36
N ARG M 60 -11.79 -53.31 34.46
CA ARG M 60 -10.53 -53.98 34.75
C ARG M 60 -10.52 -55.39 34.19
N ILE M 61 -9.62 -55.63 33.24
CA ILE M 61 -9.48 -56.94 32.63
C ILE M 61 -8.27 -57.67 33.21
N LYS M 62 -8.48 -58.91 33.64
CA LYS M 62 -7.40 -59.70 34.23
C LYS M 62 -6.33 -60.02 33.20
N GLN M 63 -5.15 -59.45 33.41
CA GLN M 63 -4.02 -59.67 32.51
C GLN M 63 -2.72 -59.82 33.31
N LYS M 64 -2.08 -60.98 33.19
CA LYS M 64 -0.87 -61.25 33.95
C LYS M 64 0.32 -60.46 33.44
N ASN M 65 1.37 -60.41 34.25
CA ASN M 65 2.60 -59.72 33.86
C ASN M 65 3.39 -60.56 32.86
N LEU M 66 3.49 -60.06 31.63
CA LEU M 66 4.22 -60.77 30.58
C LEU M 66 5.71 -60.44 30.61
N GLY M 67 6.08 -59.45 31.41
CA GLY M 67 7.47 -59.01 31.49
C GLY M 67 7.88 -58.24 30.25
N TRP M 68 9.12 -57.76 30.25
CA TRP M 68 9.65 -57.01 29.11
C TRP M 68 10.34 -57.95 28.12
N PRO M 69 10.16 -57.71 26.82
CA PRO M 69 9.34 -56.65 26.23
C PRO M 69 7.94 -57.09 25.86
N ASP M 70 7.51 -58.25 26.36
CA ASP M 70 6.19 -58.78 26.02
C ASP M 70 5.05 -57.96 26.61
N ASN M 71 5.36 -57.13 27.60
CA ASN M 71 4.36 -56.27 28.22
C ASN M 71 3.90 -55.15 27.28
N THR M 72 4.70 -54.88 26.25
CA THR M 72 4.39 -53.80 25.33
C THR M 72 4.39 -54.26 23.87
N LEU M 73 5.14 -55.31 23.56
CA LEU M 73 5.26 -55.75 22.17
C LEU M 73 4.08 -56.63 21.78
N LYS M 74 3.56 -57.38 22.74
CA LYS M 74 2.35 -58.18 22.54
C LYS M 74 1.13 -57.40 23.05
N ARG M 75 1.21 -56.08 22.94
CA ARG M 75 0.15 -55.19 23.40
C ARG M 75 -1.16 -55.43 22.64
N PHE M 76 -1.07 -55.56 21.33
CA PHE M 76 -2.26 -55.71 20.49
C PHE M 76 -2.89 -57.09 20.65
N HIS M 77 -2.12 -58.05 21.15
CA HIS M 77 -2.64 -59.38 21.42
C HIS M 77 -3.60 -59.35 22.61
N ILE M 78 -3.33 -58.44 23.54
CA ILE M 78 -4.15 -58.31 24.74
C ILE M 78 -5.50 -57.67 24.41
N PHE M 79 -5.48 -56.77 23.43
CA PHE M 79 -6.68 -56.03 23.04
C PHE M 79 -7.71 -56.93 22.36
N LEU M 80 -7.24 -57.97 21.69
CA LEU M 80 -8.12 -58.88 20.96
C LEU M 80 -8.79 -59.89 21.89
N ARG M 81 -8.35 -59.93 23.14
CA ARG M 81 -8.94 -60.81 24.13
C ARG M 81 -10.34 -60.32 24.51
N ILE M 82 -10.59 -59.04 24.28
CA ILE M 82 -11.92 -58.46 24.51
C ILE M 82 -12.38 -57.69 23.27
N LYS M 83 -11.98 -58.18 22.11
CA LYS M 83 -12.32 -57.55 20.84
C LYS M 83 -13.83 -57.51 20.62
N GLU M 84 -14.52 -58.53 21.09
CA GLU M 84 -15.97 -58.60 20.96
C GLU M 84 -16.66 -57.63 21.92
N GLN M 85 -15.94 -57.27 22.98
CA GLN M 85 -16.47 -56.33 23.97
C GLN M 85 -16.28 -54.89 23.51
N LEU M 86 -15.26 -54.67 22.68
CA LEU M 86 -14.95 -53.33 22.20
C LEU M 86 -15.75 -52.96 20.96
N GLU M 87 -16.17 -53.97 20.20
CA GLU M 87 -16.89 -53.74 18.96
C GLU M 87 -18.36 -53.42 19.20
N ARG M 88 -18.82 -53.62 20.43
CA ARG M 88 -20.21 -53.38 20.77
C ARG M 88 -20.37 -52.30 21.84
N GLU M 89 -19.26 -51.84 22.39
CA GLU M 89 -19.30 -50.84 23.45
C GLU M 89 -18.54 -49.56 23.09
N THR M 90 -17.77 -49.61 22.00
CA THR M 90 -16.98 -48.46 21.59
C THR M 90 -17.14 -48.13 20.11
N ASP M 91 -17.02 -46.85 19.78
CA ASP M 91 -17.02 -46.42 18.38
C ASP M 91 -15.62 -45.94 17.99
N TYR M 92 -14.91 -45.38 18.97
CA TYR M 92 -13.52 -44.95 18.76
C TYR M 92 -12.63 -45.51 19.87
N LEU M 93 -11.42 -45.92 19.49
CA LEU M 93 -10.47 -46.46 20.45
C LEU M 93 -9.22 -45.59 20.52
N PHE M 94 -8.65 -45.48 21.72
CA PHE M 94 -7.45 -44.69 21.94
C PHE M 94 -6.57 -45.31 23.01
N PHE M 95 -5.29 -45.48 22.71
CA PHE M 95 -4.34 -46.00 23.68
C PHE M 95 -3.42 -44.90 24.19
N PHE M 96 -3.33 -44.80 25.52
CA PHE M 96 -2.44 -43.85 26.16
C PHE M 96 -1.46 -44.60 27.07
N ASN M 97 -0.21 -44.14 27.08
CA ASN M 97 0.78 -44.71 27.98
C ASN M 97 0.42 -44.41 29.43
N ALA M 98 0.98 -45.20 30.34
CA ALA M 98 0.68 -45.03 31.76
C ALA M 98 1.16 -43.67 32.27
N ASN M 99 2.37 -43.28 31.85
CA ASN M 99 2.99 -42.04 32.31
C ASN M 99 2.43 -40.79 31.63
N LEU M 100 1.34 -40.94 30.89
CA LEU M 100 0.72 -39.80 30.22
C LEU M 100 -0.19 -39.04 31.18
N LEU M 101 -0.32 -37.74 30.94
CA LEU M 101 -1.12 -36.88 31.82
C LEU M 101 -1.78 -35.75 31.03
N PHE M 102 -3.08 -35.56 31.24
CA PHE M 102 -3.83 -34.52 30.55
C PHE M 102 -3.67 -33.16 31.25
N THR M 103 -3.41 -32.13 30.47
CA THR M 103 -3.23 -30.78 31.01
C THR M 103 -4.12 -29.77 30.30
N SER M 104 -4.65 -30.15 29.14
CA SER M 104 -5.48 -29.26 28.35
C SER M 104 -6.71 -30.00 27.81
N PRO M 105 -7.86 -29.32 27.75
CA PRO M 105 -9.11 -29.91 27.27
C PRO M 105 -9.01 -30.46 25.86
N ILE M 106 -9.61 -31.62 25.63
CA ILE M 106 -9.58 -32.25 24.31
C ILE M 106 -10.99 -32.50 23.79
N GLY M 107 -11.31 -31.94 22.63
CA GLY M 107 -12.60 -32.11 22.02
C GLY M 107 -12.61 -33.19 20.96
N LYS M 108 -13.44 -32.99 19.93
CA LYS M 108 -13.60 -33.99 18.87
C LYS M 108 -12.62 -33.77 17.72
N GLU M 109 -11.61 -32.94 17.96
CA GLU M 109 -10.60 -32.67 16.94
C GLU M 109 -9.70 -33.87 16.70
N ILE M 110 -9.70 -34.81 17.65
CA ILE M 110 -8.89 -36.01 17.52
C ILE M 110 -9.72 -37.18 16.98
N LEU M 111 -10.97 -36.89 16.62
CA LEU M 111 -11.85 -37.91 16.06
C LEU M 111 -11.77 -37.93 14.54
N PRO M 112 -11.26 -39.04 13.97
CA PRO M 112 -11.15 -39.21 12.52
C PRO M 112 -12.50 -39.16 11.83
N PRO M 113 -12.60 -38.40 10.73
CA PRO M 113 -13.83 -38.27 9.93
C PRO M 113 -14.33 -39.61 9.43
N SER M 114 -15.64 -39.70 9.19
CA SER M 114 -16.25 -40.97 8.76
C SER M 114 -15.92 -41.30 7.31
N ASP M 115 -15.49 -40.30 6.56
CA ASP M 115 -15.13 -40.50 5.15
C ASP M 115 -13.64 -40.78 4.98
N SER M 116 -12.96 -41.07 6.08
CA SER M 116 -11.55 -41.39 6.04
C SER M 116 -11.31 -42.83 6.48
N ASN M 117 -10.04 -43.23 6.58
CA ASN M 117 -9.69 -44.58 6.98
C ASN M 117 -9.93 -44.83 8.47
N GLY M 118 -10.09 -43.74 9.22
CA GLY M 118 -10.38 -43.83 10.64
C GLY M 118 -9.18 -44.23 11.48
N LEU M 119 -8.05 -43.58 11.24
CA LEU M 119 -6.84 -43.87 12.00
C LEU M 119 -6.22 -42.59 12.57
N LEU M 120 -5.45 -42.73 13.63
CA LEU M 120 -4.79 -41.59 14.26
C LEU M 120 -3.41 -41.96 14.80
N GLY M 121 -2.44 -41.09 14.55
CA GLY M 121 -1.09 -41.29 15.05
C GLY M 121 -0.53 -40.01 15.63
N THR M 122 0.44 -40.15 16.53
CA THR M 122 1.07 -38.99 17.16
C THR M 122 2.57 -38.98 16.89
N MET M 123 3.07 -37.85 16.43
CA MET M 123 4.50 -37.69 16.12
C MET M 123 5.36 -37.86 17.35
N HIS M 124 6.50 -38.53 17.20
CA HIS M 124 7.46 -38.69 18.28
C HIS M 124 8.14 -37.35 18.55
N PRO M 125 8.14 -36.92 19.82
CA PRO M 125 8.67 -35.62 20.26
C PRO M 125 10.15 -35.42 19.91
N GLY M 126 10.90 -36.51 19.78
CA GLY M 126 12.32 -36.42 19.54
C GLY M 126 12.70 -36.39 18.08
N PHE M 127 11.71 -36.52 17.20
CA PHE M 127 11.96 -36.58 15.77
C PHE M 127 10.97 -35.73 14.97
N TYR M 128 10.61 -34.58 15.51
CA TYR M 128 9.66 -33.69 14.85
C TYR M 128 10.42 -32.61 14.07
N ASN M 129 11.74 -32.56 14.27
CA ASN M 129 12.59 -31.58 13.61
C ASN M 129 13.81 -32.25 12.97
N LYS M 130 13.79 -33.57 12.90
CA LYS M 130 14.88 -34.34 12.32
C LYS M 130 14.46 -34.99 11.01
N PRO M 131 15.38 -35.07 10.03
CA PRO M 131 15.08 -35.61 8.70
C PRO M 131 14.82 -37.12 8.71
N ASN M 132 14.57 -37.67 7.53
CA ASN M 132 14.32 -39.10 7.38
C ASN M 132 15.56 -39.91 7.70
N SER M 133 16.73 -39.29 7.56
CA SER M 133 18.00 -39.94 7.84
C SER M 133 18.21 -40.18 9.32
N GLU M 134 17.36 -39.60 10.15
CA GLU M 134 17.49 -39.73 11.59
C GLU M 134 16.38 -40.60 12.19
N PHE M 135 15.39 -40.91 11.37
CA PHE M 135 14.29 -41.77 11.80
C PHE M 135 14.78 -43.16 12.18
N THR M 136 14.38 -43.63 13.36
CA THR M 136 14.82 -44.93 13.84
C THR M 136 13.79 -46.02 13.55
N TYR M 137 13.60 -46.32 12.27
CA TYR M 137 12.73 -47.40 11.85
C TYR M 137 13.42 -48.75 12.04
N GLU M 138 12.87 -49.78 11.40
CA GLU M 138 13.50 -51.10 11.42
C GLU M 138 14.22 -51.34 10.09
N ARG M 139 15.54 -51.53 10.17
CA ARG M 139 16.37 -51.61 8.97
C ARG M 139 16.77 -53.04 8.62
N ARG M 140 16.01 -54.01 9.12
CA ARG M 140 16.24 -55.41 8.77
C ARG M 140 15.09 -55.96 7.94
N ASP M 141 15.41 -56.37 6.71
CA ASP M 141 14.40 -56.89 5.79
C ASP M 141 13.79 -58.20 6.29
N ALA M 142 14.49 -58.87 7.20
CA ALA M 142 14.01 -60.13 7.76
C ALA M 142 12.80 -59.91 8.66
N SER M 143 12.71 -58.72 9.24
CA SER M 143 11.58 -58.36 10.09
C SER M 143 10.42 -57.84 9.26
N THR M 144 9.21 -57.95 9.80
CA THR M 144 8.01 -57.52 9.10
C THR M 144 7.77 -56.02 9.18
N ALA M 145 8.48 -55.38 10.12
CA ALA M 145 8.35 -53.93 10.29
C ALA M 145 9.45 -53.19 9.55
N TYR M 146 9.99 -53.83 8.51
CA TYR M 146 11.11 -53.28 7.76
C TYR M 146 10.74 -52.06 6.92
N ILE M 147 11.50 -50.99 7.07
CA ILE M 147 11.32 -49.78 6.27
C ILE M 147 12.66 -49.29 5.74
N PRO M 148 12.86 -49.36 4.41
CA PRO M 148 14.09 -48.91 3.76
C PRO M 148 14.30 -47.41 3.90
N GLU M 149 15.54 -46.97 3.74
CA GLU M 149 15.85 -45.54 3.80
C GLU M 149 15.27 -44.81 2.60
N GLY M 150 14.94 -43.54 2.80
CA GLY M 150 14.30 -42.75 1.76
C GLY M 150 12.79 -42.78 1.90
N GLU M 151 12.27 -43.85 2.49
CA GLU M 151 10.84 -43.97 2.71
C GLU M 151 10.46 -43.47 4.09
N GLY M 152 9.19 -43.08 4.25
CA GLY M 152 8.70 -42.59 5.52
C GLY M 152 8.35 -41.12 5.48
N ARG M 153 7.23 -40.78 6.13
CA ARG M 153 6.79 -39.40 6.21
C ARG M 153 7.11 -38.81 7.58
N TYR M 154 6.33 -39.22 8.58
CA TYR M 154 6.58 -38.82 9.96
C TYR M 154 7.00 -40.04 10.77
N TYR M 155 7.62 -39.79 11.92
CA TYR M 155 7.96 -40.86 12.85
C TYR M 155 6.98 -40.85 14.02
N TYR M 156 6.04 -41.78 13.99
CA TYR M 156 5.00 -41.86 15.01
C TYR M 156 5.49 -42.60 16.26
N ALA M 157 4.98 -42.17 17.42
CA ALA M 157 5.32 -42.82 18.67
C ALA M 157 4.21 -43.78 19.10
N GLY M 158 4.58 -44.78 19.89
CA GLY M 158 3.62 -45.77 20.35
C GLY M 158 2.89 -45.34 21.60
N GLY M 159 3.21 -44.15 22.09
CA GLY M 159 2.60 -43.62 23.30
C GLY M 159 1.14 -43.26 23.10
N LEU M 160 0.82 -42.76 21.92
CA LEU M 160 -0.54 -42.35 21.60
C LEU M 160 -0.93 -42.77 20.19
N SER M 161 -1.98 -43.58 20.09
CA SER M 161 -2.49 -44.04 18.81
C SER M 161 -3.96 -44.44 18.93
N GLY M 162 -4.72 -44.25 17.86
CA GLY M 162 -6.13 -44.56 17.89
C GLY M 162 -6.86 -44.49 16.56
N GLY M 163 -8.13 -44.10 16.63
CA GLY M 163 -9.00 -44.08 15.47
C GLY M 163 -10.32 -44.74 15.82
N CYS M 164 -11.17 -44.96 14.83
CA CYS M 164 -12.45 -45.63 15.08
C CYS M 164 -12.21 -47.10 15.42
N THR M 165 -13.14 -47.67 16.19
CA THR M 165 -12.99 -49.03 16.69
C THR M 165 -12.76 -50.06 15.58
N LYS M 166 -13.54 -49.96 14.52
CA LYS M 166 -13.50 -50.94 13.44
C LYS M 166 -12.16 -50.93 12.69
N ALA M 167 -11.54 -49.76 12.59
CA ALA M 167 -10.26 -49.64 11.88
C ALA M 167 -9.09 -49.91 12.81
N TYR M 168 -9.27 -49.64 14.10
CA TYR M 168 -8.20 -49.86 15.08
C TYR M 168 -8.10 -51.33 15.44
N LEU M 169 -9.25 -52.01 15.46
CA LEU M 169 -9.26 -53.45 15.70
C LEU M 169 -8.64 -54.19 14.52
N LYS M 170 -8.84 -53.66 13.32
CA LYS M 170 -8.21 -54.22 12.13
C LYS M 170 -6.72 -53.92 12.15
N LEU M 171 -6.36 -52.78 12.74
CA LEU M 171 -4.97 -52.41 12.92
C LEU M 171 -4.29 -53.40 13.86
N CYS M 172 -4.93 -53.66 14.99
CA CYS M 172 -4.41 -54.60 15.98
C CYS M 172 -4.33 -56.02 15.41
N THR M 173 -5.36 -56.41 14.67
CA THR M 173 -5.43 -57.74 14.07
C THR M 173 -4.29 -57.95 13.07
N THR M 174 -3.97 -56.91 12.31
CA THR M 174 -2.93 -56.98 11.30
C THR M 174 -1.54 -57.04 11.94
N ILE M 175 -1.32 -56.18 12.92
CA ILE M 175 -0.02 -56.08 13.58
C ILE M 175 0.31 -57.37 14.34
N CYS M 176 -0.70 -57.94 15.00
CA CYS M 176 -0.54 -59.19 15.78
C CYS M 176 0.15 -60.30 14.99
N SER M 177 -0.12 -60.36 13.69
CA SER M 177 0.50 -61.36 12.82
C SER M 177 1.95 -61.00 12.53
N TRP M 178 2.24 -59.71 12.50
CA TRP M 178 3.58 -59.22 12.16
C TRP M 178 4.60 -59.55 13.24
N VAL M 179 4.17 -59.58 14.50
CA VAL M 179 5.04 -59.94 15.60
C VAL M 179 5.19 -61.47 15.68
N ASP M 180 4.10 -62.17 15.36
CA ASP M 180 4.10 -63.63 15.39
C ASP M 180 5.00 -64.21 14.30
N ARG M 181 4.99 -63.56 13.13
CA ARG M 181 5.83 -64.00 12.03
C ARG M 181 7.31 -63.71 12.33
N ASP M 182 7.56 -62.67 13.12
CA ASP M 182 8.91 -62.35 13.55
C ASP M 182 9.31 -63.25 14.72
N ALA M 183 8.32 -63.72 15.46
CA ALA M 183 8.54 -64.65 16.56
C ALA M 183 8.96 -66.02 16.02
N THR M 184 8.37 -66.41 14.90
CA THR M 184 8.71 -67.67 14.24
C THR M 184 10.08 -67.56 13.59
N ASN M 185 10.43 -66.35 13.16
CA ASN M 185 11.73 -66.10 12.56
C ASN M 185 12.78 -65.75 13.61
N HIS M 186 12.37 -65.84 14.88
CA HIS M 186 13.23 -65.55 16.03
C HIS M 186 13.83 -64.16 15.96
N ILE M 187 12.98 -63.16 15.74
CA ILE M 187 13.43 -61.77 15.63
C ILE M 187 12.61 -60.85 16.53
N ILE M 188 13.30 -60.00 17.29
CA ILE M 188 12.64 -59.00 18.11
C ILE M 188 13.09 -57.60 17.68
N PRO M 189 12.14 -56.81 17.15
CA PRO M 189 12.43 -55.47 16.63
C PRO M 189 12.58 -54.41 17.73
N ILE M 190 13.34 -53.37 17.45
CA ILE M 190 13.52 -52.26 18.37
C ILE M 190 13.48 -50.94 17.61
N TRP M 191 12.56 -50.04 17.98
CA TRP M 191 11.62 -50.25 19.08
C TRP M 191 10.44 -51.12 18.66
N HIS M 192 10.02 -51.99 19.59
CA HIS M 192 9.04 -53.03 19.31
C HIS M 192 7.72 -52.50 18.73
N ASP M 193 7.19 -51.44 19.33
CA ASP M 193 5.89 -50.92 18.92
C ASP M 193 6.03 -49.79 17.90
N GLN M 194 6.99 -48.90 18.15
CA GLN M 194 7.19 -47.74 17.30
C GLN M 194 7.56 -48.14 15.87
N SER M 195 8.44 -49.12 15.75
CA SER M 195 8.87 -49.57 14.43
C SER M 195 7.77 -50.39 13.76
N LEU M 196 6.93 -51.01 14.58
CA LEU M 196 5.83 -51.83 14.09
C LEU M 196 4.68 -50.97 13.57
N ILE M 197 4.31 -49.96 14.36
CA ILE M 197 3.16 -49.12 14.04
C ILE M 197 3.49 -48.11 12.93
N ASN M 198 4.78 -47.81 12.77
CA ASN M 198 5.20 -46.91 11.70
C ASN M 198 5.16 -47.62 10.35
N LYS M 199 5.32 -48.95 10.39
CA LYS M 199 5.20 -49.75 9.19
C LYS M 199 3.75 -49.81 8.74
N TYR M 200 2.84 -49.86 9.72
CA TYR M 200 1.41 -49.86 9.44
C TYR M 200 0.96 -48.48 8.99
N PHE M 201 1.56 -47.45 9.58
CA PHE M 201 1.26 -46.07 9.19
C PHE M 201 1.96 -45.70 7.89
N LEU M 202 2.84 -46.57 7.43
CA LEU M 202 3.49 -46.41 6.14
C LEU M 202 2.58 -46.92 5.03
N ASP M 203 1.99 -48.09 5.25
CA ASP M 203 1.04 -48.67 4.32
C ASP M 203 -0.27 -47.90 4.36
N ASN M 204 -0.69 -47.51 5.57
CA ASN M 204 -1.92 -46.76 5.75
C ASN M 204 -1.70 -45.54 6.64
N PRO M 205 -1.32 -44.41 6.01
CA PRO M 205 -1.15 -43.14 6.72
C PRO M 205 -2.41 -42.72 7.44
N PRO M 206 -2.31 -42.41 8.74
CA PRO M 206 -3.47 -42.06 9.59
C PRO M 206 -4.16 -40.79 9.11
N ALA M 207 -5.48 -40.73 9.30
CA ALA M 207 -6.27 -39.58 8.89
C ALA M 207 -5.87 -38.34 9.69
N ILE M 208 -5.54 -38.54 10.96
CA ILE M 208 -5.14 -37.44 11.82
C ILE M 208 -3.74 -37.67 12.41
N THR M 209 -2.82 -36.77 12.09
CA THR M 209 -1.47 -36.83 12.65
C THR M 209 -1.32 -35.78 13.73
N LEU M 210 -1.28 -36.23 14.98
CA LEU M 210 -1.18 -35.32 16.12
C LEU M 210 0.23 -34.75 16.27
N SER M 211 0.29 -33.45 16.54
CA SER M 211 1.55 -32.76 16.77
C SER M 211 2.23 -33.28 18.05
N PRO M 212 3.56 -33.06 18.17
CA PRO M 212 4.28 -33.47 19.39
C PRO M 212 3.81 -32.75 20.65
N ALA M 213 2.87 -31.80 20.50
CA ALA M 213 2.26 -31.15 21.64
C ALA M 213 1.37 -32.11 22.41
N TYR M 214 0.96 -33.19 21.73
CA TYR M 214 0.11 -34.21 22.35
C TYR M 214 0.94 -35.29 23.03
N LEU M 215 2.25 -35.07 23.08
CA LEU M 215 3.16 -35.97 23.79
C LEU M 215 4.33 -35.19 24.37
N TYR M 216 4.04 -34.02 24.93
CA TYR M 216 5.05 -33.14 25.50
C TYR M 216 5.75 -33.79 26.69
N PRO M 217 7.06 -34.05 26.56
CA PRO M 217 7.84 -34.66 27.64
C PRO M 217 8.09 -33.69 28.79
N GLU M 218 7.98 -34.19 30.01
CA GLU M 218 8.21 -33.37 31.20
C GLU M 218 9.67 -32.97 31.32
N GLY M 219 9.93 -31.67 31.31
CA GLY M 219 11.28 -31.16 31.44
C GLY M 219 11.83 -30.59 30.15
N TRP M 220 11.21 -30.96 29.03
CA TRP M 220 11.65 -30.48 27.73
C TRP M 220 11.15 -29.08 27.45
N LEU M 221 11.75 -28.43 26.45
CA LEU M 221 11.33 -27.10 26.05
C LEU M 221 11.01 -27.08 24.55
N LEU M 222 9.74 -27.36 24.23
CA LEU M 222 9.31 -27.44 22.84
C LEU M 222 8.45 -26.24 22.45
N PRO M 223 8.52 -25.84 21.18
CA PRO M 223 7.70 -24.74 20.63
C PRO M 223 6.21 -25.04 20.57
N PHE M 224 5.67 -25.65 21.62
CA PHE M 224 4.26 -26.01 21.66
C PHE M 224 3.69 -25.82 23.06
N GLU M 225 2.38 -25.66 23.14
CA GLU M 225 1.70 -25.63 24.43
C GLU M 225 1.30 -27.04 24.81
N PRO M 226 1.83 -27.53 25.95
CA PRO M 226 1.61 -28.91 26.42
C PRO M 226 0.13 -29.22 26.62
N ILE M 227 -0.46 -29.98 25.70
CA ILE M 227 -1.85 -30.38 25.79
C ILE M 227 -1.99 -31.60 26.69
N ILE M 228 -1.27 -32.66 26.36
CA ILE M 228 -1.18 -33.83 27.22
C ILE M 228 0.29 -34.18 27.43
N LEU M 229 0.70 -34.25 28.69
CA LEU M 229 2.11 -34.37 29.04
C LEU M 229 2.49 -35.78 29.45
N ILE M 230 3.53 -36.31 28.82
CA ILE M 230 4.10 -37.59 29.25
C ILE M 230 5.08 -37.34 30.39
N ARG M 231 4.73 -37.86 31.57
CA ARG M 231 5.50 -37.62 32.78
C ARG M 231 6.86 -38.30 32.74
N ASP M 232 7.86 -37.65 33.32
CA ASP M 232 9.22 -38.17 33.34
C ASP M 232 9.33 -39.39 34.25
N LYS M 233 9.82 -40.49 33.70
CA LYS M 233 9.98 -41.73 34.45
C LYS M 233 11.01 -41.60 35.57
N ASN M 234 12.23 -41.19 35.24
CA ASN M 234 13.30 -41.30 36.21
C ASN M 234 13.21 -40.19 37.23
N LYS M 235 12.27 -40.38 38.15
CA LYS M 235 11.99 -39.44 39.23
C LYS M 235 12.00 -40.17 40.58
N PRO M 236 12.27 -39.42 41.67
CA PRO M 236 12.31 -39.99 43.03
C PRO M 236 11.08 -40.83 43.41
N GLN M 237 9.92 -40.45 42.88
CA GLN M 237 8.70 -41.20 43.14
C GLN M 237 8.79 -42.61 42.56
N TYR M 238 8.64 -42.70 41.24
CA TYR M 238 8.79 -43.97 40.54
C TYR M 238 10.17 -44.08 39.93
N GLY M 239 11.04 -44.87 40.55
CA GLY M 239 12.43 -44.97 40.15
C GLY M 239 12.69 -45.83 38.93
N GLY M 240 11.82 -45.72 37.93
CA GLY M 240 11.97 -46.49 36.70
C GLY M 240 13.28 -46.19 35.97
N HIS M 241 13.58 -46.99 34.96
CA HIS M 241 12.70 -48.06 34.50
C HIS M 241 13.02 -49.39 35.18
N GLU M 242 14.29 -49.60 35.51
CA GLU M 242 14.75 -50.89 36.04
C GLU M 242 14.05 -51.27 37.35
N LEU M 243 13.66 -50.27 38.13
CA LEU M 243 12.99 -50.51 39.39
C LEU M 243 11.50 -50.77 39.18
N LEU M 244 10.92 -50.12 38.18
CA LEU M 244 9.51 -50.29 37.86
C LEU M 244 9.26 -51.58 37.07
N ARG M 245 10.30 -52.08 36.42
CA ARG M 245 10.18 -53.25 35.56
C ARG M 245 10.75 -54.50 36.22
N ARG M 246 10.11 -54.93 37.30
CA ARG M 246 10.53 -56.14 38.01
C ARG M 246 9.58 -57.30 37.74
N LYS M 247 9.67 -58.33 38.58
CA LYS M 247 8.83 -59.52 38.41
C LYS M 247 7.38 -59.24 38.76
N MET N 3 -73.02 62.63 -42.38
CA MET N 3 -71.81 61.88 -42.70
C MET N 3 -71.11 61.42 -41.44
N ARG N 4 -70.96 60.10 -41.30
CA ARG N 4 -70.27 59.51 -40.16
C ARG N 4 -68.80 59.25 -40.47
N ILE N 5 -67.92 59.69 -39.58
CA ILE N 5 -66.48 59.58 -39.81
C ILE N 5 -65.82 58.65 -38.78
N GLY N 6 -65.10 57.65 -39.27
CA GLY N 6 -64.40 56.72 -38.41
C GLY N 6 -62.92 57.02 -38.33
N ILE N 7 -62.36 56.95 -37.14
CA ILE N 7 -60.94 57.22 -36.93
C ILE N 7 -60.17 55.96 -36.57
N LEU N 8 -59.13 55.66 -37.34
CA LEU N 8 -58.28 54.50 -37.08
C LEU N 8 -57.17 54.87 -36.11
N TYR N 9 -57.07 54.15 -35.00
CA TYR N 9 -56.13 54.50 -33.95
C TYR N 9 -55.64 53.24 -33.22
N ILE N 10 -54.34 53.17 -32.95
CA ILE N 10 -53.76 52.02 -32.30
C ILE N 10 -53.03 52.41 -31.01
N CYS N 11 -53.20 51.61 -29.96
CA CYS N 11 -52.56 51.89 -28.67
C CYS N 11 -51.91 50.65 -28.09
N THR N 12 -50.89 50.13 -28.77
CA THR N 12 -50.19 48.94 -28.31
C THR N 12 -49.10 49.30 -27.28
N GLY N 13 -49.09 48.56 -26.18
CA GLY N 13 -48.06 48.73 -25.15
C GLY N 13 -48.19 50.02 -24.38
N LYS N 14 -47.14 50.83 -24.42
CA LYS N 14 -47.13 52.11 -23.68
C LYS N 14 -47.53 53.27 -24.57
N TYR N 15 -48.07 52.96 -25.74
CA TYR N 15 -48.58 53.98 -26.65
C TYR N 15 -50.02 54.34 -26.31
N ASP N 16 -50.48 53.88 -25.15
CA ASP N 16 -51.85 54.11 -24.71
C ASP N 16 -52.04 55.48 -24.06
N ILE N 17 -50.95 56.01 -23.50
CA ILE N 17 -50.98 57.33 -22.85
C ILE N 17 -51.22 58.43 -23.89
N PHE N 18 -50.88 58.12 -25.14
CA PHE N 18 -51.06 59.05 -26.24
C PHE N 18 -52.53 59.25 -26.57
N TRP N 19 -53.36 58.27 -26.21
CA TRP N 19 -54.79 58.30 -26.48
C TRP N 19 -55.52 59.34 -25.63
N LYS N 20 -54.99 59.61 -24.45
CA LYS N 20 -55.62 60.53 -23.51
C LYS N 20 -55.76 61.94 -24.07
N ASP N 21 -54.64 62.54 -24.46
CA ASP N 21 -54.64 63.91 -24.98
C ASP N 21 -55.16 63.96 -26.42
N PHE N 22 -55.08 62.84 -27.12
CA PHE N 22 -55.54 62.76 -28.50
C PHE N 22 -57.06 62.84 -28.59
N TYR N 23 -57.73 62.11 -27.70
CA TYR N 23 -59.19 62.06 -27.67
C TYR N 23 -59.79 63.41 -27.29
N LEU N 24 -59.13 64.11 -26.37
CA LEU N 24 -59.61 65.40 -25.89
C LEU N 24 -59.42 66.50 -26.92
N SER N 25 -58.31 66.43 -27.65
CA SER N 25 -57.99 67.45 -28.64
C SER N 25 -58.88 67.34 -29.87
N ALA N 26 -59.32 66.13 -30.17
CA ALA N 26 -60.14 65.90 -31.36
C ALA N 26 -61.60 66.27 -31.11
N GLU N 27 -61.96 66.50 -29.85
CA GLU N 27 -63.34 66.81 -29.50
C GLU N 27 -63.63 68.31 -29.47
N ARG N 28 -62.59 69.12 -29.72
CA ARG N 28 -62.77 70.56 -29.75
C ARG N 28 -62.47 71.13 -31.13
N TYR N 29 -61.54 70.49 -31.84
CA TYR N 29 -61.09 71.01 -33.13
C TYR N 29 -61.57 70.15 -34.30
N PHE N 30 -61.51 68.83 -34.15
CA PHE N 30 -61.79 67.91 -35.25
C PHE N 30 -63.28 67.62 -35.40
N MET N 31 -63.87 68.13 -36.48
CA MET N 31 -65.26 67.84 -36.84
C MET N 31 -66.25 68.15 -35.72
N GLN N 32 -66.63 69.41 -35.60
CA GLN N 32 -67.60 69.82 -34.57
C GLN N 32 -68.91 70.28 -35.20
N ASP N 33 -69.19 69.80 -36.40
CA ASP N 33 -70.45 70.14 -37.09
C ASP N 33 -71.49 69.06 -36.83
N GLN N 34 -72.76 69.44 -36.93
CA GLN N 34 -73.86 68.50 -36.71
C GLN N 34 -73.86 67.40 -37.77
N SER N 35 -73.43 67.75 -38.97
CA SER N 35 -73.39 66.78 -40.07
C SER N 35 -72.18 65.85 -39.97
N PHE N 36 -71.39 66.01 -38.91
CA PHE N 36 -70.21 65.18 -38.71
C PHE N 36 -70.30 64.39 -37.40
N ILE N 37 -70.28 63.07 -37.52
CA ILE N 37 -70.30 62.19 -36.35
C ILE N 37 -69.01 61.38 -36.28
N ILE N 38 -68.21 61.62 -35.25
CA ILE N 38 -66.92 60.95 -35.11
C ILE N 38 -67.00 59.68 -34.28
N GLU N 39 -66.41 58.61 -34.81
CA GLU N 39 -66.34 57.34 -34.10
C GLU N 39 -64.89 56.86 -34.03
N TYR N 40 -64.46 56.49 -32.82
CA TYR N 40 -63.07 56.11 -32.59
C TYR N 40 -62.89 54.60 -32.58
N TYR N 41 -61.97 54.12 -33.42
CA TYR N 41 -61.66 52.69 -33.49
C TYR N 41 -60.26 52.44 -32.95
N VAL N 42 -60.18 52.10 -31.67
CA VAL N 42 -58.89 51.94 -31.00
C VAL N 42 -58.48 50.48 -30.85
N PHE N 43 -57.25 50.18 -31.26
CA PHE N 43 -56.67 48.85 -31.12
C PHE N 43 -55.62 48.87 -30.00
N THR N 44 -55.92 48.20 -28.89
CA THR N 44 -55.04 48.26 -27.72
C THR N 44 -55.02 46.97 -26.91
N ASP N 45 -54.12 46.94 -25.94
CA ASP N 45 -54.02 45.82 -25.00
C ASP N 45 -54.64 46.21 -23.67
N SER N 46 -54.84 47.50 -23.47
CA SER N 46 -55.36 48.04 -22.22
C SER N 46 -56.79 47.56 -21.96
N PRO N 47 -57.10 47.23 -20.70
CA PRO N 47 -58.43 46.77 -20.31
C PRO N 47 -59.50 47.84 -20.50
N LYS N 48 -59.14 49.09 -20.25
CA LYS N 48 -60.07 50.21 -20.44
C LYS N 48 -59.35 51.42 -21.03
N LEU N 49 -60.10 52.23 -21.77
CA LEU N 49 -59.56 53.45 -22.35
C LEU N 49 -60.07 54.67 -21.60
N TYR N 50 -59.50 55.84 -21.90
CA TYR N 50 -59.89 57.07 -21.23
C TYR N 50 -61.24 57.56 -21.72
N ASP N 51 -62.10 57.94 -20.76
CA ASP N 51 -63.45 58.41 -21.05
C ASP N 51 -64.24 57.38 -21.85
N GLU N 52 -63.90 56.11 -21.67
CA GLU N 52 -64.53 55.03 -22.41
C GLU N 52 -65.76 54.53 -21.68
N GLU N 53 -65.73 54.60 -20.35
CA GLU N 53 -66.86 54.22 -19.52
C GLU N 53 -67.97 55.27 -19.64
N ASN N 54 -67.63 56.43 -20.19
CA ASN N 54 -68.58 57.52 -20.36
C ASN N 54 -69.05 57.67 -21.80
N ASN N 55 -68.17 57.38 -22.75
CA ASN N 55 -68.48 57.54 -24.16
C ASN N 55 -68.52 56.19 -24.88
N LYS N 56 -69.53 56.01 -25.73
CA LYS N 56 -69.72 54.74 -26.43
C LYS N 56 -69.27 54.79 -27.88
N HIS N 57 -68.81 55.95 -28.33
CA HIS N 57 -68.28 56.09 -29.67
C HIS N 57 -66.86 55.52 -29.73
N ILE N 58 -66.30 55.25 -28.56
CA ILE N 58 -64.98 54.63 -28.46
C ILE N 58 -65.09 53.11 -28.62
N HIS N 59 -64.57 52.60 -29.72
CA HIS N 59 -64.68 51.17 -30.03
C HIS N 59 -63.38 50.44 -29.73
N ARG N 60 -63.31 49.84 -28.54
CA ARG N 60 -62.11 49.11 -28.13
C ARG N 60 -62.01 47.75 -28.81
N ILE N 61 -60.86 47.49 -29.42
CA ILE N 61 -60.62 46.22 -30.09
C ILE N 61 -59.35 45.57 -29.55
N LYS N 62 -59.49 44.42 -28.90
CA LYS N 62 -58.38 43.75 -28.25
C LYS N 62 -57.39 43.18 -29.25
N GLN N 63 -56.17 43.72 -29.23
CA GLN N 63 -55.10 43.24 -30.09
C GLN N 63 -53.76 43.35 -29.38
N LYS N 64 -53.12 42.22 -29.11
CA LYS N 64 -51.88 42.19 -28.36
C LYS N 64 -50.70 42.73 -29.18
N ASN N 65 -49.57 42.91 -28.52
CA ASN N 65 -48.37 43.41 -29.18
C ASN N 65 -47.56 42.30 -29.84
N LEU N 66 -47.31 42.46 -31.13
CA LEU N 66 -46.45 41.52 -31.85
C LEU N 66 -45.07 42.14 -32.04
N GLY N 67 -44.87 43.30 -31.44
CA GLY N 67 -43.58 43.96 -31.41
C GLY N 67 -43.21 44.74 -32.66
N TRP N 68 -42.13 45.50 -32.56
CA TRP N 68 -41.60 46.24 -33.71
C TRP N 68 -40.70 45.33 -34.53
N PRO N 69 -40.75 45.46 -35.87
CA PRO N 69 -41.57 46.40 -36.62
C PRO N 69 -42.94 45.84 -37.02
N ASP N 70 -43.21 44.58 -36.65
CA ASP N 70 -44.42 43.89 -37.10
C ASP N 70 -45.71 44.59 -36.64
N ASN N 71 -45.61 45.46 -35.65
CA ASN N 71 -46.76 46.25 -35.21
C ASN N 71 -47.19 47.27 -36.26
N THR N 72 -46.31 47.54 -37.22
CA THR N 72 -46.57 48.53 -38.25
C THR N 72 -46.87 47.88 -39.60
N LEU N 73 -46.13 46.82 -39.93
CA LEU N 73 -46.36 46.10 -41.19
C LEU N 73 -47.77 45.53 -41.26
N LYS N 74 -48.24 44.97 -40.15
CA LYS N 74 -49.56 44.35 -40.12
C LYS N 74 -50.62 45.29 -39.56
N ARG N 75 -50.46 46.59 -39.79
CA ARG N 75 -51.44 47.56 -39.33
C ARG N 75 -52.71 47.48 -40.16
N PHE N 76 -52.56 47.08 -41.42
CA PHE N 76 -53.70 46.96 -42.32
C PHE N 76 -54.37 45.60 -42.12
N HIS N 77 -53.65 44.67 -41.50
CA HIS N 77 -54.20 43.36 -41.20
C HIS N 77 -55.23 43.44 -40.09
N ILE N 78 -54.98 44.33 -39.13
CA ILE N 78 -55.90 44.51 -38.00
C ILE N 78 -57.06 45.42 -38.39
N PHE N 79 -56.91 46.13 -39.50
CA PHE N 79 -57.98 46.99 -40.01
C PHE N 79 -59.02 46.14 -40.73
N LEU N 80 -58.60 44.99 -41.24
CA LEU N 80 -59.50 44.09 -41.96
C LEU N 80 -60.15 43.08 -41.03
N ARG N 81 -59.83 43.17 -39.75
CA ARG N 81 -60.45 42.32 -38.75
C ARG N 81 -61.84 42.84 -38.41
N ILE N 82 -62.11 44.08 -38.79
CA ILE N 82 -63.42 44.69 -38.62
C ILE N 82 -63.91 45.28 -39.93
N LYS N 83 -63.49 44.67 -41.04
CA LYS N 83 -63.84 45.15 -42.37
C LYS N 83 -65.35 45.19 -42.58
N GLU N 84 -66.05 44.22 -42.01
CA GLU N 84 -67.50 44.16 -42.09
C GLU N 84 -68.12 45.22 -41.18
N GLN N 85 -67.38 45.60 -40.14
CA GLN N 85 -67.85 46.59 -39.18
C GLN N 85 -67.56 48.00 -39.67
N LEU N 86 -66.52 48.15 -40.50
CA LEU N 86 -66.16 49.45 -41.06
C LEU N 86 -66.97 49.78 -42.30
N GLU N 87 -67.46 48.74 -42.97
CA GLU N 87 -68.22 48.92 -44.21
C GLU N 87 -69.60 49.48 -43.94
N ARG N 88 -70.07 49.33 -42.70
CA ARG N 88 -71.44 49.70 -42.35
C ARG N 88 -71.51 50.87 -41.37
N GLU N 89 -70.43 51.13 -40.66
CA GLU N 89 -70.42 52.16 -39.62
C GLU N 89 -69.64 53.41 -40.02
N THR N 90 -69.01 53.38 -41.19
CA THR N 90 -68.20 54.51 -41.63
C THR N 90 -68.49 54.92 -43.06
N ASP N 91 -68.38 56.22 -43.31
CA ASP N 91 -68.49 56.76 -44.66
C ASP N 91 -67.12 57.24 -45.12
N TYR N 92 -66.35 57.77 -44.17
CA TYR N 92 -64.98 58.22 -44.42
C TYR N 92 -64.04 57.72 -43.32
N LEU N 93 -62.83 57.35 -43.72
CA LEU N 93 -61.84 56.84 -42.77
C LEU N 93 -60.63 57.74 -42.67
N PHE N 94 -60.07 57.85 -41.47
CA PHE N 94 -58.88 58.67 -41.23
C PHE N 94 -57.97 58.00 -40.21
N PHE N 95 -56.67 57.94 -40.52
CA PHE N 95 -55.70 57.39 -39.59
C PHE N 95 -54.82 58.48 -39.01
N PHE N 96 -54.62 58.43 -37.70
CA PHE N 96 -53.75 59.37 -37.01
C PHE N 96 -52.78 58.63 -36.10
N ASN N 97 -51.52 59.06 -36.12
CA ASN N 97 -50.52 58.48 -35.24
C ASN N 97 -50.84 58.77 -33.77
N ALA N 98 -50.29 57.95 -32.88
CA ALA N 98 -50.56 58.10 -31.46
C ALA N 98 -50.06 59.43 -30.94
N ASN N 99 -48.86 59.82 -31.37
CA ASN N 99 -48.24 61.07 -30.92
C ASN N 99 -48.75 62.30 -31.66
N LEU N 100 -49.90 62.18 -32.31
CA LEU N 100 -50.51 63.33 -32.99
C LEU N 100 -51.40 64.11 -32.02
N LEU N 101 -51.59 65.39 -32.33
CA LEU N 101 -52.35 66.27 -31.44
C LEU N 101 -52.98 67.42 -32.22
N PHE N 102 -54.28 67.62 -32.04
CA PHE N 102 -55.00 68.68 -32.73
C PHE N 102 -54.87 70.01 -31.99
N THR N 103 -54.62 71.09 -32.74
CA THR N 103 -54.45 72.41 -32.15
C THR N 103 -55.31 73.46 -32.85
N SER N 104 -55.79 73.14 -34.03
CA SER N 104 -56.64 74.06 -34.79
C SER N 104 -57.83 73.34 -35.41
N PRO N 105 -58.98 74.04 -35.50
CA PRO N 105 -60.23 73.46 -36.02
C PRO N 105 -60.11 72.88 -37.42
N ILE N 106 -60.70 71.72 -37.63
CA ILE N 106 -60.69 71.06 -38.94
C ILE N 106 -62.10 70.87 -39.45
N GLY N 107 -62.36 71.37 -40.66
CA GLY N 107 -63.68 71.27 -41.25
C GLY N 107 -63.78 70.25 -42.36
N LYS N 108 -64.63 70.54 -43.34
CA LYS N 108 -64.89 69.61 -44.45
C LYS N 108 -63.89 69.76 -45.59
N GLU N 109 -62.84 70.55 -45.35
CA GLU N 109 -61.84 70.79 -46.37
C GLU N 109 -60.95 69.57 -46.63
N ILE N 110 -60.95 68.64 -45.69
CA ILE N 110 -60.14 67.43 -45.82
C ILE N 110 -60.94 66.28 -46.40
N LEU N 111 -62.18 66.56 -46.79
CA LEU N 111 -63.04 65.53 -47.37
C LEU N 111 -63.03 65.57 -48.89
N PRO N 112 -62.56 64.48 -49.52
CA PRO N 112 -62.53 64.36 -50.97
C PRO N 112 -63.93 64.18 -51.58
N PRO N 113 -64.21 64.90 -52.67
CA PRO N 113 -65.50 64.83 -53.37
C PRO N 113 -65.81 63.42 -53.86
N SER N 114 -67.09 63.14 -54.09
CA SER N 114 -67.53 61.81 -54.50
C SER N 114 -67.17 61.51 -55.96
N ASP N 115 -66.91 62.56 -56.72
CA ASP N 115 -66.57 62.41 -58.13
C ASP N 115 -65.10 62.09 -58.33
N SER N 116 -64.39 61.88 -57.23
CA SER N 116 -62.98 61.51 -57.29
C SER N 116 -62.76 60.09 -56.78
N ASN N 117 -61.51 59.66 -56.75
CA ASN N 117 -61.18 58.33 -56.27
C ASN N 117 -61.34 58.21 -54.76
N GLY N 118 -61.33 59.36 -54.09
CA GLY N 118 -61.52 59.39 -52.65
C GLY N 118 -60.31 58.90 -51.88
N LEU N 119 -59.18 59.56 -52.11
CA LEU N 119 -57.94 59.19 -51.43
C LEU N 119 -57.29 60.43 -50.82
N LEU N 120 -56.55 60.23 -49.73
CA LEU N 120 -55.94 61.35 -49.03
C LEU N 120 -54.55 61.01 -48.51
N GLY N 121 -53.62 61.94 -48.71
CA GLY N 121 -52.25 61.77 -48.24
C GLY N 121 -51.69 63.06 -47.68
N THR N 122 -50.67 62.94 -46.83
CA THR N 122 -50.06 64.10 -46.20
C THR N 122 -48.56 64.15 -46.48
N MET N 123 -48.09 65.32 -46.88
CA MET N 123 -46.67 65.53 -47.16
C MET N 123 -45.83 65.40 -45.90
N HIS N 124 -44.72 64.66 -45.99
CA HIS N 124 -43.81 64.51 -44.86
C HIS N 124 -43.11 65.83 -44.56
N PRO N 125 -43.10 66.24 -43.28
CA PRO N 125 -42.53 67.53 -42.87
C PRO N 125 -41.02 67.62 -43.06
N GLY N 126 -40.37 66.48 -43.28
CA GLY N 126 -38.94 66.45 -43.45
C GLY N 126 -38.49 66.42 -44.90
N PHE N 127 -39.45 66.23 -45.80
CA PHE N 127 -39.14 66.13 -47.23
C PHE N 127 -40.12 66.93 -48.07
N TYR N 128 -40.43 68.15 -47.62
CA TYR N 128 -41.33 69.03 -48.34
C TYR N 128 -40.54 70.10 -49.09
N ASN N 129 -39.25 70.17 -48.79
CA ASN N 129 -38.37 71.15 -49.41
C ASN N 129 -37.14 70.49 -50.06
N LYS N 130 -37.15 69.16 -50.11
CA LYS N 130 -36.04 68.41 -50.71
C LYS N 130 -36.44 67.84 -52.07
N PRO N 131 -35.49 67.80 -53.02
CA PRO N 131 -35.73 67.25 -54.35
C PRO N 131 -36.01 65.75 -54.34
N ASN N 132 -36.27 65.19 -55.52
CA ASN N 132 -36.59 63.77 -55.63
C ASN N 132 -35.41 62.87 -55.27
N SER N 133 -34.20 63.41 -55.40
CA SER N 133 -32.98 62.65 -55.12
C SER N 133 -32.78 62.44 -53.62
N GLU N 134 -33.58 63.13 -52.81
CA GLU N 134 -33.45 63.03 -51.36
C GLU N 134 -34.60 62.24 -50.74
N PHE N 135 -35.56 61.84 -51.57
CA PHE N 135 -36.66 61.01 -51.10
C PHE N 135 -36.14 59.65 -50.65
N THR N 136 -36.53 59.25 -49.44
CA THR N 136 -35.99 58.05 -48.82
C THR N 136 -36.91 56.85 -48.93
N TYR N 137 -36.92 56.22 -50.12
CA TYR N 137 -37.63 54.97 -50.30
C TYR N 137 -36.71 53.81 -49.92
N GLU N 138 -36.99 52.62 -50.45
CA GLU N 138 -36.11 51.49 -50.26
C GLU N 138 -35.39 51.17 -51.57
N ARG N 139 -36.06 51.51 -52.68
CA ARG N 139 -35.47 51.42 -54.02
C ARG N 139 -34.88 50.05 -54.34
N ARG N 140 -35.61 49.00 -53.96
CA ARG N 140 -35.18 47.64 -54.27
C ARG N 140 -36.15 46.99 -55.26
N ASP N 141 -35.60 46.46 -56.34
CA ASP N 141 -36.42 45.85 -57.39
C ASP N 141 -37.06 44.55 -56.93
N ALA N 142 -36.48 43.95 -55.89
CA ALA N 142 -36.98 42.68 -55.36
C ALA N 142 -38.27 42.87 -54.59
N SER N 143 -38.44 44.03 -53.98
CA SER N 143 -39.62 44.32 -53.18
C SER N 143 -40.81 44.71 -54.06
N THR N 144 -42.02 44.54 -53.53
CA THR N 144 -43.24 44.87 -54.25
C THR N 144 -43.48 46.38 -54.28
N ALA N 145 -42.79 47.10 -53.40
CA ALA N 145 -42.95 48.55 -53.32
C ALA N 145 -41.82 49.27 -54.03
N TYR N 146 -41.35 48.71 -55.14
CA TYR N 146 -40.21 49.25 -55.87
C TYR N 146 -40.56 50.55 -56.60
N ILE N 147 -39.82 51.61 -56.28
CA ILE N 147 -39.91 52.87 -57.01
C ILE N 147 -38.51 53.31 -57.43
N PRO N 148 -38.34 53.61 -58.73
CA PRO N 148 -37.06 54.11 -59.24
C PRO N 148 -36.75 55.54 -58.78
N GLU N 149 -36.07 56.29 -59.62
CA GLU N 149 -35.72 57.67 -59.28
C GLU N 149 -36.01 58.62 -60.44
N GLY N 150 -36.44 59.83 -60.11
CA GLY N 150 -36.81 60.81 -61.11
C GLY N 150 -38.31 61.04 -61.13
N GLU N 151 -39.07 60.00 -60.78
CA GLU N 151 -40.52 60.10 -60.73
C GLU N 151 -40.99 60.39 -59.31
N GLY N 152 -42.28 60.71 -59.18
CA GLY N 152 -42.86 60.99 -57.87
C GLY N 152 -43.19 62.46 -57.69
N ARG N 153 -44.33 62.74 -57.05
CA ARG N 153 -44.75 64.10 -56.81
C ARG N 153 -44.31 64.58 -55.43
N TYR N 154 -44.92 64.03 -54.38
CA TYR N 154 -44.56 64.36 -53.02
C TYR N 154 -44.11 63.11 -52.27
N TYR N 155 -43.39 63.33 -51.16
CA TYR N 155 -43.02 62.23 -50.29
C TYR N 155 -44.00 62.13 -49.13
N TYR N 156 -44.94 61.19 -49.23
CA TYR N 156 -46.02 61.07 -48.26
C TYR N 156 -45.60 60.30 -47.01
N ALA N 157 -46.17 60.70 -45.88
CA ALA N 157 -45.90 60.04 -44.61
C ALA N 157 -47.02 59.08 -44.25
N GLY N 158 -46.71 58.06 -43.46
CA GLY N 158 -47.70 57.08 -43.06
C GLY N 158 -48.44 57.49 -41.80
N GLY N 159 -48.08 58.66 -41.27
CA GLY N 159 -48.69 59.15 -40.05
C GLY N 159 -50.11 59.63 -40.24
N LEU N 160 -50.44 60.04 -41.47
CA LEU N 160 -51.77 60.55 -41.77
C LEU N 160 -52.20 60.14 -43.18
N SER N 161 -53.28 59.36 -43.25
CA SER N 161 -53.83 58.90 -44.52
C SER N 161 -55.30 58.54 -44.37
N GLY N 162 -56.08 58.82 -45.41
CA GLY N 162 -57.51 58.53 -45.37
C GLY N 162 -58.19 58.57 -46.72
N GLY N 163 -59.48 58.88 -46.71
CA GLY N 163 -60.28 58.93 -47.92
C GLY N 163 -61.59 58.19 -47.75
N CYS N 164 -62.24 57.87 -48.87
CA CYS N 164 -63.49 57.13 -48.84
C CYS N 164 -63.28 55.72 -48.29
N THR N 165 -64.31 55.17 -47.65
CA THR N 165 -64.24 53.83 -47.07
C THR N 165 -63.99 52.78 -48.14
N LYS N 166 -64.63 52.94 -49.29
CA LYS N 166 -64.48 52.00 -50.40
C LYS N 166 -63.05 52.01 -50.93
N ALA N 167 -62.45 53.19 -51.00
CA ALA N 167 -61.10 53.33 -51.54
C ALA N 167 -60.03 52.99 -50.51
N TYR N 168 -60.31 53.25 -49.24
CA TYR N 168 -59.34 53.04 -48.18
C TYR N 168 -59.24 51.57 -47.79
N LEU N 169 -60.37 50.87 -47.85
CA LEU N 169 -60.38 49.44 -47.56
C LEU N 169 -59.74 48.65 -48.69
N LYS N 170 -59.83 49.18 -49.91
CA LYS N 170 -59.15 48.59 -51.05
C LYS N 170 -57.65 48.80 -50.89
N LEU N 171 -57.28 49.95 -50.34
CA LEU N 171 -55.89 50.26 -50.05
C LEU N 171 -55.30 49.26 -49.08
N CYS N 172 -56.05 48.96 -48.02
CA CYS N 172 -55.61 48.00 -47.01
C CYS N 172 -55.49 46.60 -47.60
N THR N 173 -56.52 46.16 -48.31
CA THR N 173 -56.57 44.82 -48.88
C THR N 173 -55.43 44.56 -49.86
N THR N 174 -55.14 45.55 -50.70
CA THR N 174 -54.08 45.42 -51.70
C THR N 174 -52.69 45.40 -51.07
N ILE N 175 -52.48 46.28 -50.08
CA ILE N 175 -51.21 46.36 -49.40
C ILE N 175 -50.96 45.10 -48.56
N CYS N 176 -52.04 44.55 -48.01
CA CYS N 176 -51.96 43.32 -47.21
C CYS N 176 -51.34 42.17 -47.99
N SER N 177 -51.49 42.20 -49.31
CA SER N 177 -50.89 41.18 -50.17
C SER N 177 -49.43 41.54 -50.51
N TRP N 178 -49.13 42.83 -50.47
CA TRP N 178 -47.79 43.30 -50.79
C TRP N 178 -46.79 43.05 -49.67
N VAL N 179 -47.27 43.14 -48.43
CA VAL N 179 -46.40 42.94 -47.27
C VAL N 179 -46.09 41.46 -47.06
N ASP N 180 -47.09 40.61 -47.24
CA ASP N 180 -46.92 39.17 -47.06
C ASP N 180 -46.11 38.55 -48.17
N ARG N 181 -46.19 39.11 -49.37
CA ARG N 181 -45.44 38.60 -50.50
C ARG N 181 -43.94 38.85 -50.30
N ASP N 182 -43.61 39.99 -49.70
CA ASP N 182 -42.23 40.30 -49.35
C ASP N 182 -41.79 39.46 -48.15
N ALA N 183 -42.77 39.06 -47.34
CA ALA N 183 -42.50 38.21 -46.19
C ALA N 183 -42.19 36.79 -46.66
N THR N 184 -42.86 36.35 -47.71
CA THR N 184 -42.60 35.04 -48.31
C THR N 184 -41.26 35.05 -49.03
N ASN N 185 -40.89 36.23 -49.54
CA ASN N 185 -39.60 36.39 -50.19
C ASN N 185 -38.52 36.79 -49.19
N HIS N 186 -38.88 36.78 -47.92
CA HIS N 186 -37.98 37.12 -46.82
C HIS N 186 -37.39 38.51 -46.97
N ILE N 187 -38.24 39.48 -47.26
CA ILE N 187 -37.80 40.87 -47.41
C ILE N 187 -38.59 41.80 -46.51
N ILE N 188 -37.87 42.62 -45.74
CA ILE N 188 -38.51 43.60 -44.86
C ILE N 188 -38.12 45.02 -45.29
N PRO N 189 -39.13 45.81 -45.73
CA PRO N 189 -38.90 47.15 -46.24
C PRO N 189 -38.71 48.20 -45.15
N ILE N 190 -38.03 49.29 -45.50
CA ILE N 190 -37.83 50.42 -44.58
C ILE N 190 -37.92 51.73 -45.37
N TRP N 191 -38.82 52.63 -44.97
CA TRP N 191 -39.69 52.43 -43.81
C TRP N 191 -40.89 51.54 -44.15
N HIS N 192 -41.21 50.65 -43.20
CA HIS N 192 -42.18 49.58 -43.40
C HIS N 192 -43.53 50.03 -43.95
N ASP N 193 -44.07 51.10 -43.38
CA ASP N 193 -45.40 51.57 -43.78
C ASP N 193 -45.31 52.66 -44.84
N GLN N 194 -44.24 53.42 -44.82
CA GLN N 194 -44.11 54.57 -45.72
C GLN N 194 -43.64 54.16 -47.12
N SER N 195 -42.85 53.10 -47.21
CA SER N 195 -42.37 52.63 -48.51
C SER N 195 -43.51 52.03 -49.33
N LEU N 196 -44.47 51.43 -48.64
CA LEU N 196 -45.62 50.81 -49.31
C LEU N 196 -46.67 51.84 -49.69
N ILE N 197 -46.83 52.86 -48.85
CA ILE N 197 -47.86 53.87 -49.06
C ILE N 197 -47.43 54.92 -50.09
N ASN N 198 -46.13 55.00 -50.34
CA ASN N 198 -45.61 55.98 -51.29
C ASN N 198 -45.80 55.53 -52.74
N LYS N 199 -45.56 54.25 -53.00
CA LYS N 199 -45.76 53.70 -54.33
C LYS N 199 -47.24 53.63 -54.66
N TYR N 200 -48.05 53.34 -53.65
CA TYR N 200 -49.49 53.21 -53.84
C TYR N 200 -50.12 54.54 -54.22
N PHE N 201 -49.56 55.62 -53.69
CA PHE N 201 -50.03 56.96 -54.00
C PHE N 201 -49.40 57.47 -55.30
N LEU N 202 -48.39 56.74 -55.80
CA LEU N 202 -47.82 57.02 -57.10
C LEU N 202 -48.71 56.42 -58.19
N ASP N 203 -49.17 55.20 -57.94
CA ASP N 203 -50.11 54.54 -58.84
C ASP N 203 -51.49 55.17 -58.72
N ASN N 204 -51.82 55.61 -57.50
CA ASN N 204 -53.10 56.25 -57.24
C ASN N 204 -52.92 57.61 -56.58
N PRO N 205 -52.71 58.66 -57.37
CA PRO N 205 -52.55 60.03 -56.86
C PRO N 205 -53.76 60.47 -56.03
N PRO N 206 -53.50 61.03 -54.84
CA PRO N 206 -54.55 61.44 -53.91
C PRO N 206 -55.42 62.57 -54.46
N ALA N 207 -56.68 62.60 -54.04
CA ALA N 207 -57.60 63.66 -54.46
C ALA N 207 -57.15 65.00 -53.91
N ILE N 208 -56.72 65.01 -52.65
CA ILE N 208 -56.22 66.23 -52.02
C ILE N 208 -54.89 65.97 -51.33
N THR N 209 -53.89 66.77 -51.66
CA THR N 209 -52.57 66.65 -51.05
C THR N 209 -52.45 67.60 -49.86
N LEU N 210 -52.36 67.04 -48.67
CA LEU N 210 -52.30 67.84 -47.45
C LEU N 210 -50.91 68.42 -47.22
N SER N 211 -50.88 69.69 -46.84
CA SER N 211 -49.63 70.38 -46.52
C SER N 211 -48.97 69.75 -45.29
N PRO N 212 -47.64 69.93 -45.15
CA PRO N 212 -46.93 69.40 -43.98
C PRO N 212 -47.33 70.09 -42.67
N ALA N 213 -48.25 71.05 -42.75
CA ALA N 213 -48.77 71.72 -41.57
C ALA N 213 -49.64 70.77 -40.74
N TYR N 214 -50.08 69.69 -41.37
CA TYR N 214 -50.96 68.74 -40.71
C TYR N 214 -50.13 67.64 -40.05
N LEU N 215 -48.81 67.79 -40.14
CA LEU N 215 -47.87 66.89 -39.47
C LEU N 215 -46.69 67.70 -38.95
N TYR N 216 -47.00 68.73 -38.17
CA TYR N 216 -46.00 69.68 -37.68
C TYR N 216 -45.29 69.14 -36.44
N PRO N 217 -43.99 68.82 -36.57
CA PRO N 217 -43.22 68.34 -35.42
C PRO N 217 -42.95 69.47 -34.42
N GLU N 218 -43.21 69.23 -33.15
CA GLU N 218 -42.97 70.25 -32.13
C GLU N 218 -41.48 70.48 -31.95
N GLY N 219 -41.10 71.74 -31.76
CA GLY N 219 -39.70 72.11 -31.65
C GLY N 219 -39.18 72.68 -32.96
N TRP N 220 -39.75 72.22 -34.07
CA TRP N 220 -39.36 72.70 -35.39
C TRP N 220 -39.91 74.09 -35.66
N LEU N 221 -39.49 74.69 -36.76
CA LEU N 221 -40.01 76.00 -37.16
C LEU N 221 -40.27 76.02 -38.66
N LEU N 222 -41.41 75.48 -39.06
CA LEU N 222 -41.80 75.42 -40.46
C LEU N 222 -42.66 76.62 -40.86
N PRO N 223 -42.58 77.04 -42.14
CA PRO N 223 -43.36 78.18 -42.63
C PRO N 223 -44.85 77.86 -42.80
N PHE N 224 -45.45 77.24 -41.79
CA PHE N 224 -46.86 76.90 -41.82
C PHE N 224 -47.50 77.08 -40.45
N GLU N 225 -48.81 77.29 -40.43
CA GLU N 225 -49.55 77.37 -39.18
C GLU N 225 -49.94 75.98 -38.72
N PRO N 226 -49.33 75.50 -37.62
CA PRO N 226 -49.53 74.13 -37.15
C PRO N 226 -50.94 73.87 -36.65
N ILE N 227 -51.61 72.89 -37.24
CA ILE N 227 -52.95 72.51 -36.81
C ILE N 227 -52.93 71.12 -36.19
N ILE N 228 -51.93 70.33 -36.55
CA ILE N 228 -51.75 68.99 -35.98
C ILE N 228 -50.28 68.77 -35.64
N LEU N 229 -50.00 68.62 -34.36
CA LEU N 229 -48.62 68.51 -33.89
C LEU N 229 -48.18 67.06 -33.67
N ILE N 230 -47.04 66.71 -34.25
CA ILE N 230 -46.40 65.43 -33.98
C ILE N 230 -45.59 65.56 -32.69
N ARG N 231 -46.17 65.12 -31.58
CA ARG N 231 -45.53 65.23 -30.28
C ARG N 231 -44.18 64.51 -30.26
N ASP N 232 -43.16 65.21 -29.79
CA ASP N 232 -41.82 64.64 -29.70
C ASP N 232 -41.83 63.42 -28.79
N LYS N 233 -41.51 62.26 -29.35
CA LYS N 233 -41.57 61.01 -28.61
C LYS N 233 -40.41 60.84 -27.65
N ASN N 234 -39.45 61.77 -27.69
CA ASN N 234 -38.30 61.72 -26.80
C ASN N 234 -38.46 62.68 -25.62
N LYS N 235 -39.68 62.76 -25.09
CA LYS N 235 -39.98 63.64 -23.96
C LYS N 235 -39.82 62.90 -22.63
N PRO N 236 -39.51 63.63 -21.55
CA PRO N 236 -39.28 63.07 -20.21
C PRO N 236 -40.35 62.09 -19.73
N GLN N 237 -41.60 62.29 -20.11
CA GLN N 237 -42.67 61.37 -19.72
C GLN N 237 -42.45 60.00 -20.32
N TYR N 238 -42.51 59.93 -21.65
CA TYR N 238 -42.35 58.68 -22.38
C TYR N 238 -41.09 58.71 -23.25
N GLY N 239 -39.94 58.44 -22.64
CA GLY N 239 -38.67 58.47 -23.34
C GLY N 239 -38.59 57.48 -24.48
N GLY N 240 -38.78 57.97 -25.70
CA GLY N 240 -38.76 57.13 -26.87
C GLY N 240 -37.36 56.80 -27.35
N HIS N 241 -37.23 55.67 -28.05
CA HIS N 241 -38.37 54.80 -28.32
C HIS N 241 -38.28 53.48 -27.55
N GLU N 242 -37.10 53.21 -26.99
CA GLU N 242 -36.83 51.91 -26.38
C GLU N 242 -37.67 51.65 -25.13
N LEU N 243 -38.03 52.70 -24.42
CA LEU N 243 -38.79 52.56 -23.18
C LEU N 243 -40.24 52.17 -23.45
N LEU N 244 -40.73 52.54 -24.64
CA LEU N 244 -42.13 52.30 -25.00
C LEU N 244 -42.36 50.85 -25.40
N ARG N 245 -41.39 50.25 -26.07
CA ARG N 245 -41.53 48.88 -26.55
C ARG N 245 -40.81 47.89 -25.63
N MET O 3 20.66 40.50 -20.99
CA MET O 3 21.49 40.09 -19.86
C MET O 3 21.82 38.61 -19.94
N ARG O 4 22.71 38.16 -19.06
CA ARG O 4 23.07 36.75 -19.01
C ARG O 4 22.21 36.00 -17.99
N ILE O 5 21.66 34.87 -18.42
CA ILE O 5 20.72 34.10 -17.59
C ILE O 5 21.27 32.73 -17.23
N GLY O 6 21.17 32.37 -15.96
CA GLY O 6 21.63 31.08 -15.48
C GLY O 6 20.49 30.17 -15.08
N ILE O 7 20.65 28.88 -15.35
CA ILE O 7 19.63 27.89 -15.04
C ILE O 7 20.10 26.93 -13.95
N LEU O 8 19.32 26.83 -12.87
CA LEU O 8 19.62 25.91 -11.78
C LEU O 8 19.00 24.55 -12.07
N TYR O 9 19.81 23.51 -12.04
CA TYR O 9 19.36 22.17 -12.38
C TYR O 9 20.02 21.12 -11.48
N ILE O 10 19.20 20.32 -10.82
CA ILE O 10 19.67 19.24 -9.95
C ILE O 10 19.16 17.89 -10.44
N CYS O 11 20.08 16.95 -10.63
CA CYS O 11 19.72 15.59 -11.05
C CYS O 11 20.82 14.62 -10.64
N THR O 12 20.64 13.97 -9.50
CA THR O 12 21.68 13.14 -8.91
C THR O 12 21.50 11.65 -9.20
N GLY O 13 22.30 11.14 -10.13
CA GLY O 13 22.38 9.71 -10.37
C GLY O 13 21.28 9.11 -11.23
N LYS O 14 20.06 9.11 -10.70
CA LYS O 14 18.95 8.42 -11.37
C LYS O 14 18.06 9.38 -12.18
N TYR O 15 17.98 10.63 -11.75
CA TYR O 15 17.17 11.63 -12.44
C TYR O 15 17.96 12.33 -13.54
N ASP O 16 19.11 11.78 -13.89
CA ASP O 16 19.99 12.38 -14.89
C ASP O 16 19.50 12.10 -16.31
N ILE O 17 18.63 11.10 -16.45
CA ILE O 17 18.10 10.71 -17.74
C ILE O 17 17.24 11.83 -18.34
N PHE O 18 16.67 12.65 -17.46
CA PHE O 18 15.79 13.74 -17.88
C PHE O 18 16.56 14.91 -18.49
N TRP O 19 17.87 14.91 -18.32
CA TRP O 19 18.69 16.04 -18.77
C TRP O 19 18.84 16.08 -20.29
N LYS O 20 18.91 14.90 -20.90
CA LYS O 20 19.15 14.79 -22.34
C LYS O 20 18.10 15.52 -23.17
N ASP O 21 16.83 15.19 -22.94
CA ASP O 21 15.74 15.81 -23.68
C ASP O 21 15.50 17.25 -23.23
N PHE O 22 16.06 17.61 -22.08
CA PHE O 22 15.88 18.94 -21.53
C PHE O 22 16.68 20.00 -22.30
N TYR O 23 17.99 19.79 -22.38
CA TYR O 23 18.91 20.77 -22.96
C TYR O 23 18.58 21.10 -24.41
N LEU O 24 18.28 20.08 -25.20
CA LEU O 24 17.95 20.28 -26.61
C LEU O 24 16.63 21.04 -26.74
N SER O 25 15.76 20.86 -25.76
CA SER O 25 14.50 21.60 -25.72
C SER O 25 14.71 22.97 -25.10
N ALA O 26 15.70 23.07 -24.22
CA ALA O 26 16.03 24.34 -23.58
C ALA O 26 16.74 25.28 -24.56
N GLU O 27 17.26 24.71 -25.64
CA GLU O 27 17.94 25.50 -26.67
C GLU O 27 16.93 26.25 -27.53
N ARG O 28 16.24 25.52 -28.40
CA ARG O 28 15.37 26.11 -29.42
C ARG O 28 14.19 26.88 -28.84
N TYR O 29 13.86 26.62 -27.57
CA TYR O 29 12.68 27.23 -26.96
C TYR O 29 13.03 28.32 -25.95
N PHE O 30 13.84 27.98 -24.96
CA PHE O 30 14.15 28.91 -23.87
C PHE O 30 15.17 29.95 -24.26
N MET O 31 14.73 31.21 -24.35
CA MET O 31 15.59 32.35 -24.62
C MET O 31 16.39 32.20 -25.91
N GLN O 32 15.73 32.45 -27.04
CA GLN O 32 16.41 32.45 -28.33
C GLN O 32 16.46 33.86 -28.92
N ASP O 33 16.29 34.85 -28.06
CA ASP O 33 16.33 36.25 -28.48
C ASP O 33 17.78 36.72 -28.59
N GLN O 34 17.96 37.95 -29.09
CA GLN O 34 19.28 38.44 -29.41
C GLN O 34 19.95 39.16 -28.24
N SER O 35 19.20 39.35 -27.16
CA SER O 35 19.71 40.11 -26.02
C SER O 35 19.91 39.24 -24.77
N PHE O 36 19.99 37.93 -24.95
CA PHE O 36 20.10 37.01 -23.82
C PHE O 36 21.24 36.00 -23.98
N ILE O 37 22.02 35.86 -22.93
CA ILE O 37 23.09 34.86 -22.87
C ILE O 37 22.70 33.75 -21.90
N ILE O 38 22.59 32.53 -22.39
CA ILE O 38 22.11 31.42 -21.57
C ILE O 38 23.25 30.64 -20.92
N GLU O 39 23.08 30.35 -19.64
CA GLU O 39 24.07 29.57 -18.90
C GLU O 39 23.39 28.40 -18.19
N TYR O 40 24.14 27.33 -17.96
CA TYR O 40 23.60 26.14 -17.32
C TYR O 40 24.44 25.70 -16.12
N TYR O 41 23.75 25.44 -15.01
CA TYR O 41 24.41 25.01 -13.79
C TYR O 41 23.85 23.67 -13.34
N VAL O 42 24.55 22.59 -13.69
CA VAL O 42 24.07 21.25 -13.41
C VAL O 42 24.81 20.63 -12.24
N PHE O 43 24.10 19.85 -11.43
CA PHE O 43 24.71 19.20 -10.26
C PHE O 43 24.53 17.69 -10.35
N THR O 44 25.56 17.01 -10.86
CA THR O 44 25.51 15.56 -11.02
C THR O 44 26.72 14.87 -10.41
N ASP O 45 26.74 13.54 -10.49
CA ASP O 45 27.90 12.76 -10.08
C ASP O 45 28.48 12.02 -11.28
N SER O 46 27.73 12.04 -12.39
CA SER O 46 28.16 11.36 -13.61
C SER O 46 29.35 12.06 -14.24
N PRO O 47 30.34 11.27 -14.71
CA PRO O 47 31.54 11.80 -15.36
C PRO O 47 31.24 12.48 -16.69
N LYS O 48 30.71 11.73 -17.64
CA LYS O 48 30.41 12.26 -18.96
C LYS O 48 28.95 12.71 -19.07
N LEU O 49 28.76 13.97 -19.45
CA LEU O 49 27.43 14.53 -19.64
C LEU O 49 27.20 14.86 -21.11
N TYR O 50 25.95 15.08 -21.48
CA TYR O 50 25.60 15.33 -22.88
C TYR O 50 25.94 16.76 -23.29
N ASP O 51 26.57 16.90 -24.46
CA ASP O 51 26.97 18.19 -25.02
C ASP O 51 27.85 18.96 -24.04
N GLU O 52 28.64 18.23 -23.26
CA GLU O 52 29.55 18.85 -22.30
C GLU O 52 30.86 19.24 -22.97
N GLU O 53 31.36 18.38 -23.85
CA GLU O 53 32.63 18.60 -24.53
C GLU O 53 32.47 19.57 -25.70
N ASN O 54 31.23 19.85 -26.07
CA ASN O 54 30.95 20.74 -27.19
C ASN O 54 30.66 22.17 -26.73
N ASN O 55 29.92 22.30 -25.64
CA ASN O 55 29.56 23.61 -25.12
C ASN O 55 30.26 23.92 -23.80
N LYS O 56 30.55 25.19 -23.55
CA LYS O 56 31.30 25.60 -22.37
C LYS O 56 30.38 26.18 -21.30
N HIS O 57 29.15 26.51 -21.68
CA HIS O 57 28.20 27.11 -20.75
C HIS O 57 27.72 26.09 -19.70
N ILE O 58 28.02 24.81 -19.94
CA ILE O 58 27.66 23.75 -19.00
C ILE O 58 28.60 23.73 -17.80
N HIS O 59 28.07 24.09 -16.64
CA HIS O 59 28.86 24.10 -15.42
C HIS O 59 28.45 22.96 -14.49
N ARG O 60 29.08 21.80 -14.65
CA ARG O 60 28.74 20.64 -13.84
C ARG O 60 29.61 20.56 -12.58
N ILE O 61 28.98 20.24 -11.46
CA ILE O 61 29.69 20.10 -10.20
C ILE O 61 29.41 18.72 -9.60
N LYS O 62 30.47 18.05 -9.16
CA LYS O 62 30.36 16.71 -8.59
C LYS O 62 29.54 16.69 -7.31
N GLN O 63 28.43 15.97 -7.33
CA GLN O 63 27.55 15.88 -6.16
C GLN O 63 26.99 14.48 -5.99
N LYS O 64 27.18 13.91 -4.81
CA LYS O 64 26.72 12.55 -4.52
C LYS O 64 25.21 12.50 -4.30
N ASN O 65 24.70 11.29 -4.14
CA ASN O 65 23.28 11.08 -3.90
C ASN O 65 22.95 11.10 -2.41
N LEU O 66 21.84 11.72 -2.06
CA LEU O 66 21.43 11.84 -0.66
C LEU O 66 20.00 11.35 -0.45
N GLY O 67 19.25 11.23 -1.54
CA GLY O 67 17.87 10.79 -1.47
C GLY O 67 16.96 11.86 -0.87
N TRP O 68 15.75 11.49 -0.48
CA TRP O 68 14.84 12.44 0.12
C TRP O 68 14.96 12.42 1.62
N PRO O 69 14.73 13.56 2.28
CA PRO O 69 14.37 14.82 1.61
C PRO O 69 15.57 15.70 1.30
N ASP O 70 16.78 15.18 1.53
CA ASP O 70 18.00 15.97 1.41
C ASP O 70 18.23 16.53 0.00
N ASN O 71 17.65 15.89 -1.00
CA ASN O 71 17.85 16.31 -2.38
C ASN O 71 16.98 17.49 -2.79
N THR O 72 15.89 17.71 -2.06
CA THR O 72 14.96 18.78 -2.39
C THR O 72 14.79 19.78 -1.25
N LEU O 73 15.06 19.34 -0.02
CA LEU O 73 15.00 20.23 1.13
C LEU O 73 16.25 21.08 1.21
N LYS O 74 17.39 20.46 0.89
CA LYS O 74 18.66 21.16 0.87
C LYS O 74 18.99 21.61 -0.55
N ARG O 75 17.95 21.95 -1.31
CA ARG O 75 18.10 22.40 -2.68
C ARG O 75 18.86 23.72 -2.76
N PHE O 76 18.58 24.62 -1.84
CA PHE O 76 19.22 25.93 -1.83
C PHE O 76 20.54 25.89 -1.06
N HIS O 77 20.80 24.76 -0.41
CA HIS O 77 22.08 24.54 0.27
C HIS O 77 23.16 24.22 -0.74
N ILE O 78 22.76 23.55 -1.82
CA ILE O 78 23.68 23.20 -2.89
C ILE O 78 23.88 24.39 -3.83
N PHE O 79 23.05 25.41 -3.65
CA PHE O 79 23.15 26.62 -4.45
C PHE O 79 23.96 27.71 -3.75
N LEU O 80 23.88 27.71 -2.42
CA LEU O 80 24.56 28.73 -1.61
C LEU O 80 25.98 28.33 -1.22
N ARG O 81 26.68 27.70 -2.16
CA ARG O 81 28.10 27.37 -1.96
C ARG O 81 28.88 27.87 -3.18
N ILE O 82 28.15 28.20 -4.23
CA ILE O 82 28.74 28.82 -5.41
C ILE O 82 28.07 30.17 -5.67
N LYS O 83 27.37 30.67 -4.65
CA LYS O 83 26.65 31.94 -4.74
C LYS O 83 27.56 33.11 -5.09
N GLU O 84 28.85 32.95 -4.85
CA GLU O 84 29.83 33.98 -5.17
C GLU O 84 30.21 33.93 -6.65
N GLN O 85 29.53 33.09 -7.41
CA GLN O 85 29.76 32.97 -8.84
C GLN O 85 28.51 33.38 -9.62
N LEU O 86 27.35 33.30 -8.97
CA LEU O 86 26.10 33.70 -9.60
C LEU O 86 26.03 35.22 -9.76
N GLU O 87 26.66 35.94 -8.85
CA GLU O 87 26.67 37.40 -8.90
C GLU O 87 27.63 37.92 -9.96
N ARG O 88 28.49 37.03 -10.45
CA ARG O 88 29.53 37.43 -11.41
C ARG O 88 29.25 36.88 -12.81
N GLU O 89 28.46 35.82 -12.89
CA GLU O 89 28.22 35.15 -14.17
C GLU O 89 26.75 35.14 -14.56
N THR O 90 25.88 35.63 -13.68
CA THR O 90 24.44 35.69 -13.97
C THR O 90 23.81 36.99 -13.49
N ASP O 91 22.74 37.38 -14.15
CA ASP O 91 21.94 38.54 -13.73
C ASP O 91 20.53 38.09 -13.35
N TYR O 92 20.13 36.93 -13.84
CA TYR O 92 18.85 36.34 -13.50
C TYR O 92 18.97 34.83 -13.34
N LEU O 93 18.29 34.29 -12.33
CA LEU O 93 18.30 32.85 -12.08
C LEU O 93 16.91 32.25 -12.25
N PHE O 94 16.87 31.00 -12.71
CA PHE O 94 15.61 30.27 -12.85
C PHE O 94 15.83 28.79 -12.59
N PHE O 95 15.02 28.23 -11.70
CA PHE O 95 15.12 26.81 -11.38
C PHE O 95 14.12 25.99 -12.18
N PHE O 96 14.55 24.79 -12.57
CA PHE O 96 13.70 23.86 -13.31
C PHE O 96 13.87 22.44 -12.77
N ASN O 97 12.75 21.74 -12.62
CA ASN O 97 12.76 20.32 -12.29
C ASN O 97 13.30 19.52 -13.48
N ALA O 98 14.02 18.44 -13.18
CA ALA O 98 14.64 17.63 -14.22
C ALA O 98 13.62 17.00 -15.17
N ASN O 99 12.52 16.50 -14.61
CA ASN O 99 11.50 15.83 -15.41
C ASN O 99 10.84 16.73 -16.45
N LEU O 100 10.56 17.97 -16.06
CA LEU O 100 9.89 18.92 -16.95
C LEU O 100 10.78 19.36 -18.11
N LEU O 101 10.15 19.81 -19.20
CA LEU O 101 10.87 20.26 -20.38
C LEU O 101 10.09 21.36 -21.10
N PHE O 102 10.76 22.02 -22.05
CA PHE O 102 10.14 23.13 -22.78
C PHE O 102 9.41 22.63 -24.03
N THR O 103 8.38 23.37 -24.44
CA THR O 103 7.59 23.00 -25.61
C THR O 103 7.31 24.23 -26.48
N SER O 104 7.27 25.39 -25.84
CA SER O 104 7.00 26.65 -26.55
C SER O 104 8.05 27.71 -26.22
N PRO O 105 8.43 28.51 -27.22
CA PRO O 105 9.43 29.58 -27.07
C PRO O 105 9.09 30.57 -25.94
N ILE O 106 10.11 30.96 -25.18
CA ILE O 106 9.93 31.91 -24.09
C ILE O 106 10.82 33.13 -24.26
N GLY O 107 10.22 34.32 -24.17
CA GLY O 107 10.96 35.56 -24.36
C GLY O 107 11.31 36.28 -23.07
N LYS O 108 11.31 37.60 -23.14
CA LYS O 108 11.71 38.44 -22.00
C LYS O 108 10.55 38.83 -21.11
N GLU O 109 9.38 38.23 -21.35
CA GLU O 109 8.18 38.56 -20.60
C GLU O 109 8.20 37.97 -19.19
N ILE O 110 9.11 37.02 -18.96
CA ILE O 110 9.19 36.36 -17.66
C ILE O 110 10.23 37.01 -16.75
N LEU O 111 10.78 38.13 -17.20
CA LEU O 111 11.77 38.86 -16.42
C LEU O 111 11.12 39.93 -15.55
N PRO O 112 11.21 39.78 -14.22
CA PRO O 112 10.66 40.75 -13.28
C PRO O 112 11.30 42.14 -13.44
N PRO O 113 10.49 43.19 -13.42
CA PRO O 113 10.94 44.59 -13.61
C PRO O 113 12.04 44.99 -12.64
N SER O 114 12.86 45.95 -13.03
CA SER O 114 13.98 46.42 -12.21
C SER O 114 13.47 47.25 -11.03
N ASP O 115 12.27 47.79 -11.16
CA ASP O 115 11.70 48.63 -10.11
C ASP O 115 10.87 47.79 -9.12
N SER O 116 10.70 46.52 -9.43
CA SER O 116 9.95 45.60 -8.57
C SER O 116 10.87 44.85 -7.63
N ASN O 117 10.30 43.95 -6.84
CA ASN O 117 11.07 43.15 -5.90
C ASN O 117 11.96 42.13 -6.59
N GLY O 118 11.57 41.73 -7.80
CA GLY O 118 12.36 40.80 -8.58
C GLY O 118 12.14 39.35 -8.20
N LEU O 119 10.88 38.96 -8.05
CA LEU O 119 10.54 37.58 -7.71
C LEU O 119 9.58 36.98 -8.72
N LEU O 120 9.57 35.65 -8.80
CA LEU O 120 8.70 34.95 -9.73
C LEU O 120 8.21 33.63 -9.14
N GLY O 121 6.92 33.37 -9.29
CA GLY O 121 6.32 32.13 -8.82
C GLY O 121 5.41 31.53 -9.87
N THR O 122 5.21 30.22 -9.80
CA THR O 122 4.36 29.52 -10.76
C THR O 122 3.24 28.76 -10.04
N MET O 123 2.02 28.91 -10.56
CA MET O 123 0.86 28.27 -9.96
C MET O 123 0.88 26.76 -10.12
N HIS O 124 0.53 26.04 -9.05
CA HIS O 124 0.43 24.59 -9.08
C HIS O 124 -0.79 24.18 -9.90
N PRO O 125 -0.57 23.40 -10.97
CA PRO O 125 -1.64 22.90 -11.84
C PRO O 125 -2.69 22.08 -11.08
N GLY O 126 -2.36 21.62 -9.89
CA GLY O 126 -3.30 20.87 -9.08
C GLY O 126 -4.10 21.76 -8.16
N PHE O 127 -3.71 23.03 -8.06
CA PHE O 127 -4.37 23.97 -7.18
C PHE O 127 -4.56 25.34 -7.84
N TYR O 128 -4.91 25.34 -9.12
CA TYR O 128 -5.10 26.58 -9.86
C TYR O 128 -6.60 26.88 -10.02
N ASN O 129 -7.42 25.92 -9.58
CA ASN O 129 -8.87 26.07 -9.63
C ASN O 129 -9.50 25.72 -8.29
N LYS O 130 -8.67 25.65 -7.26
CA LYS O 130 -9.13 25.25 -5.93
C LYS O 130 -9.18 26.45 -4.98
N PRO O 131 -10.15 26.44 -4.05
CA PRO O 131 -10.23 27.48 -3.02
C PRO O 131 -9.11 27.37 -1.99
N ASN O 132 -9.06 28.29 -1.05
CA ASN O 132 -8.02 28.29 -0.03
C ASN O 132 -8.17 27.13 0.95
N SER O 133 -9.37 26.57 1.00
CA SER O 133 -9.66 25.45 1.90
C SER O 133 -9.08 24.13 1.39
N GLU O 134 -8.57 24.14 0.17
CA GLU O 134 -8.03 22.93 -0.44
C GLU O 134 -6.50 22.99 -0.56
N PHE O 135 -5.92 24.12 -0.16
CA PHE O 135 -4.47 24.27 -0.19
C PHE O 135 -3.82 23.37 0.85
N THR O 136 -2.71 22.74 0.47
CA THR O 136 -2.06 21.77 1.35
C THR O 136 -0.88 22.37 2.11
N TYR O 137 -1.15 23.45 2.85
CA TYR O 137 -0.18 24.01 3.78
C TYR O 137 -0.17 23.19 5.06
N GLU O 138 1.00 23.00 5.67
CA GLU O 138 1.06 22.31 6.95
C GLU O 138 0.47 23.22 8.02
N ARG O 139 -0.50 22.71 8.76
CA ARG O 139 -1.24 23.53 9.70
C ARG O 139 -0.66 23.43 11.11
N ARG O 140 0.65 23.27 11.18
CA ARG O 140 1.34 23.21 12.47
C ARG O 140 1.96 24.55 12.81
N ASP O 141 1.68 25.03 14.01
CA ASP O 141 2.14 26.34 14.45
C ASP O 141 3.62 26.31 14.85
N ALA O 142 4.17 25.11 15.01
CA ALA O 142 5.56 24.94 15.42
C ALA O 142 6.53 25.23 14.28
N SER O 143 6.12 24.94 13.06
CA SER O 143 6.97 25.13 11.89
C SER O 143 7.10 26.61 11.53
N THR O 144 8.14 26.94 10.77
CA THR O 144 8.42 28.32 10.39
C THR O 144 7.61 28.73 9.16
N ALA O 145 7.22 27.73 8.36
CA ALA O 145 6.48 27.98 7.14
C ALA O 145 4.97 27.82 7.35
N TYR O 146 4.52 28.07 8.58
CA TYR O 146 3.10 27.94 8.91
C TYR O 146 2.25 29.01 8.26
N ILE O 147 1.15 28.58 7.63
CA ILE O 147 0.19 29.50 7.03
C ILE O 147 -1.22 29.23 7.53
N PRO O 148 -1.81 30.20 8.24
CA PRO O 148 -3.15 30.08 8.82
C PRO O 148 -4.23 29.84 7.78
N GLU O 149 -5.39 29.34 8.22
CA GLU O 149 -6.49 29.06 7.31
C GLU O 149 -7.25 30.34 6.96
N GLY O 150 -7.97 30.31 5.85
CA GLY O 150 -8.75 31.45 5.41
C GLY O 150 -7.99 32.41 4.53
N GLU O 151 -6.72 32.63 4.85
CA GLU O 151 -5.88 33.55 4.09
C GLU O 151 -4.86 32.82 3.23
N GLY O 152 -4.61 33.35 2.03
CA GLY O 152 -3.61 32.78 1.14
C GLY O 152 -3.76 33.33 -0.27
N ARG O 153 -2.62 33.57 -0.93
CA ARG O 153 -2.63 34.07 -2.29
C ARG O 153 -2.83 32.94 -3.28
N TYR O 154 -1.75 32.22 -3.58
CA TYR O 154 -1.81 31.03 -4.42
C TYR O 154 -0.94 29.94 -3.83
N TYR O 155 -1.19 28.69 -4.22
CA TYR O 155 -0.32 27.59 -3.84
C TYR O 155 0.77 27.45 -4.88
N TYR O 156 1.85 28.19 -4.70
CA TYR O 156 2.95 28.20 -5.66
C TYR O 156 3.73 26.88 -5.63
N ALA O 157 4.17 26.45 -6.81
CA ALA O 157 4.93 25.21 -6.94
C ALA O 157 6.42 25.51 -7.00
N GLY O 158 7.22 24.54 -6.56
CA GLY O 158 8.67 24.69 -6.56
C GLY O 158 9.31 24.23 -7.85
N GLY O 159 8.49 23.73 -8.77
CA GLY O 159 8.99 23.25 -10.04
C GLY O 159 9.56 24.35 -10.92
N LEU O 160 9.08 25.57 -10.69
CA LEU O 160 9.55 26.73 -11.45
C LEU O 160 9.57 27.97 -10.57
N SER O 161 10.76 28.53 -10.39
CA SER O 161 10.92 29.73 -9.58
C SER O 161 12.16 30.51 -10.01
N GLY O 162 12.09 31.84 -9.94
CA GLY O 162 13.20 32.67 -10.34
C GLY O 162 13.07 34.13 -9.97
N GLY O 163 13.75 34.99 -10.72
CA GLY O 163 13.74 36.42 -10.46
C GLY O 163 15.15 37.00 -10.55
N CYS O 164 15.33 38.18 -9.96
CA CYS O 164 16.63 38.84 -9.95
C CYS O 164 17.61 38.06 -9.07
N THR O 165 18.88 38.08 -9.44
CA THR O 165 19.92 37.35 -8.71
C THR O 165 19.98 37.74 -7.24
N LYS O 166 20.06 39.05 -6.99
CA LYS O 166 20.11 39.56 -5.62
C LYS O 166 18.85 39.20 -4.85
N ALA O 167 17.73 39.19 -5.54
CA ALA O 167 16.45 38.88 -4.91
C ALA O 167 16.25 37.38 -4.73
N TYR O 168 16.73 36.61 -5.70
CA TYR O 168 16.57 35.16 -5.65
C TYR O 168 17.54 34.54 -4.63
N LEU O 169 18.75 35.07 -4.57
CA LEU O 169 19.73 34.60 -3.59
C LEU O 169 19.32 35.04 -2.19
N LYS O 170 18.58 36.13 -2.12
CA LYS O 170 18.01 36.59 -0.85
C LYS O 170 16.95 35.59 -0.38
N LEU O 171 16.30 34.95 -1.35
CA LEU O 171 15.31 33.92 -1.07
C LEU O 171 15.99 32.62 -0.66
N CYS O 172 17.16 32.37 -1.25
CA CYS O 172 17.93 31.16 -0.96
C CYS O 172 18.43 31.17 0.49
N THR O 173 18.94 32.31 0.92
CA THR O 173 19.49 32.45 2.27
C THR O 173 18.40 32.37 3.32
N THR O 174 17.21 32.87 2.98
CA THR O 174 16.10 32.88 3.93
C THR O 174 15.53 31.49 4.14
N ILE O 175 15.41 30.73 3.07
CA ILE O 175 14.90 29.36 3.13
C ILE O 175 15.88 28.45 3.87
N CYS O 176 17.17 28.62 3.59
CA CYS O 176 18.21 27.85 4.25
C CYS O 176 18.26 28.11 5.74
N SER O 177 17.75 29.26 6.16
CA SER O 177 17.69 29.62 7.57
C SER O 177 16.44 29.04 8.22
N TRP O 178 15.38 28.90 7.42
CA TRP O 178 14.10 28.39 7.92
C TRP O 178 14.16 26.89 8.20
N VAL O 179 14.87 26.16 7.36
CA VAL O 179 14.98 24.71 7.53
C VAL O 179 15.87 24.37 8.73
N ASP O 180 16.93 25.16 8.92
CA ASP O 180 17.84 24.96 10.04
C ASP O 180 17.15 25.17 11.38
N ARG O 181 16.17 26.07 11.41
CA ARG O 181 15.38 26.30 12.61
C ARG O 181 14.44 25.12 12.86
N ASP O 182 14.03 24.47 11.77
CA ASP O 182 13.22 23.26 11.85
C ASP O 182 14.11 22.05 12.11
N ALA O 183 15.37 22.14 11.71
CA ALA O 183 16.33 21.07 11.92
C ALA O 183 16.66 20.93 13.41
N THR O 184 16.64 22.05 14.12
CA THR O 184 16.90 22.05 15.55
C THR O 184 15.70 21.48 16.31
N ASN O 185 14.53 21.57 15.71
CA ASN O 185 13.30 21.06 16.32
C ASN O 185 13.06 19.59 15.96
N HIS O 186 14.03 19.00 15.28
CA HIS O 186 13.99 17.58 14.89
C HIS O 186 12.73 17.27 14.08
N ILE O 187 12.41 18.16 13.13
CA ILE O 187 11.23 17.96 12.29
C ILE O 187 11.52 18.28 10.83
N ILE O 188 10.90 17.51 9.93
CA ILE O 188 10.96 17.78 8.51
C ILE O 188 9.55 18.08 7.99
N PRO O 189 9.31 19.33 7.58
CA PRO O 189 7.99 19.81 7.18
C PRO O 189 7.39 19.05 5.99
N ILE O 190 6.07 19.10 5.85
CA ILE O 190 5.38 18.46 4.74
C ILE O 190 4.27 19.35 4.20
N TRP O 191 4.39 19.74 2.93
CA TRP O 191 5.52 19.34 2.09
C TRP O 191 6.68 20.32 2.25
N HIS O 192 7.85 19.79 2.59
CA HIS O 192 9.03 20.58 2.92
C HIS O 192 9.39 21.65 1.88
N ASP O 193 9.51 21.23 0.63
CA ASP O 193 10.06 22.10 -0.41
C ASP O 193 9.09 23.20 -0.83
N GLN O 194 7.79 22.92 -0.76
CA GLN O 194 6.78 23.88 -1.18
C GLN O 194 6.25 24.73 -0.04
N SER O 195 6.65 24.40 1.19
CA SER O 195 6.21 25.16 2.36
C SER O 195 6.96 26.48 2.50
N LEU O 196 8.28 26.43 2.30
CA LEU O 196 9.11 27.62 2.44
C LEU O 196 8.83 28.65 1.35
N ILE O 197 8.62 28.17 0.13
CA ILE O 197 8.40 29.05 -1.02
C ILE O 197 7.06 29.77 -0.92
N ASN O 198 6.04 29.06 -0.46
CA ASN O 198 4.71 29.66 -0.30
C ASN O 198 4.68 30.66 0.85
N LYS O 199 5.41 30.38 1.92
CA LYS O 199 5.46 31.28 3.07
C LYS O 199 6.19 32.56 2.70
N TYR O 200 7.21 32.43 1.85
CA TYR O 200 7.97 33.57 1.38
C TYR O 200 7.08 34.44 0.49
N PHE O 201 6.33 33.81 -0.39
CA PHE O 201 5.42 34.52 -1.28
C PHE O 201 4.21 35.07 -0.53
N LEU O 202 4.02 34.60 0.70
CA LEU O 202 3.00 35.16 1.59
C LEU O 202 3.50 36.48 2.15
N ASP O 203 4.80 36.53 2.44
CA ASP O 203 5.42 37.75 2.96
C ASP O 203 5.85 38.65 1.80
N ASN O 204 6.34 38.03 0.74
CA ASN O 204 6.79 38.77 -0.44
C ASN O 204 6.25 38.18 -1.74
N PRO O 205 5.05 38.63 -2.15
CA PRO O 205 4.42 38.18 -3.39
C PRO O 205 5.29 38.46 -4.62
N PRO O 206 5.35 37.51 -5.56
CA PRO O 206 6.19 37.65 -6.76
C PRO O 206 5.69 38.75 -7.69
N ALA O 207 6.59 39.28 -8.51
CA ALA O 207 6.24 40.33 -9.46
C ALA O 207 5.26 39.81 -10.52
N ILE O 208 5.53 38.60 -11.01
CA ILE O 208 4.66 37.97 -11.99
C ILE O 208 4.42 36.50 -11.65
N THR O 209 3.16 36.12 -11.56
CA THR O 209 2.79 34.74 -11.28
C THR O 209 2.44 34.02 -12.59
N LEU O 210 3.17 32.95 -12.89
CA LEU O 210 2.98 32.24 -14.15
C LEU O 210 1.85 31.23 -14.07
N SER O 211 1.09 31.13 -15.16
CA SER O 211 0.01 30.16 -15.28
C SER O 211 0.56 28.74 -15.26
N PRO O 212 -0.30 27.74 -14.97
CA PRO O 212 0.16 26.34 -14.98
C PRO O 212 0.57 25.85 -16.37
N ALA O 213 0.52 26.72 -17.37
CA ALA O 213 1.00 26.39 -18.71
C ALA O 213 2.51 26.20 -18.70
N TYR O 214 3.17 26.86 -17.74
CA TYR O 214 4.61 26.73 -17.58
C TYR O 214 4.96 25.55 -16.69
N LEU O 215 3.95 24.81 -16.28
CA LEU O 215 4.12 23.57 -15.52
C LEU O 215 3.08 22.55 -15.95
N TYR O 216 2.87 22.45 -17.26
CA TYR O 216 1.85 21.58 -17.84
C TYR O 216 2.23 20.11 -17.70
N PRO O 217 1.39 19.33 -17.00
CA PRO O 217 1.58 17.88 -16.93
C PRO O 217 0.95 17.18 -18.13
N GLU O 218 1.73 16.35 -18.83
CA GLU O 218 1.23 15.65 -20.01
C GLU O 218 0.21 14.60 -19.62
N GLY O 219 -0.90 14.55 -20.36
CA GLY O 219 -1.98 13.63 -20.07
C GLY O 219 -3.23 14.37 -19.62
N TRP O 220 -3.02 15.53 -19.00
CA TRP O 220 -4.13 16.36 -18.55
C TRP O 220 -4.69 17.21 -19.69
N LEU O 221 -5.91 17.68 -19.53
CA LEU O 221 -6.52 18.58 -20.50
C LEU O 221 -6.80 19.94 -19.85
N LEU O 222 -5.75 20.76 -19.77
CA LEU O 222 -5.86 22.08 -19.16
C LEU O 222 -6.15 23.16 -20.21
N PRO O 223 -6.86 24.23 -19.79
CA PRO O 223 -7.22 25.33 -20.68
C PRO O 223 -6.04 26.19 -21.11
N PHE O 224 -4.89 25.58 -21.36
CA PHE O 224 -3.70 26.29 -21.82
C PHE O 224 -2.92 25.44 -22.81
N GLU O 225 -2.21 26.10 -23.72
CA GLU O 225 -1.28 25.40 -24.59
C GLU O 225 0.04 25.23 -23.85
N PRO O 226 0.53 23.98 -23.75
CA PRO O 226 1.72 23.63 -22.97
C PRO O 226 2.97 24.37 -23.42
N ILE O 227 3.41 25.34 -22.62
CA ILE O 227 4.65 26.07 -22.88
C ILE O 227 5.82 25.30 -22.30
N ILE O 228 5.65 24.81 -21.08
CA ILE O 228 6.63 23.96 -20.41
C ILE O 228 5.95 22.69 -19.91
N LEU O 229 6.37 21.55 -20.48
CA LEU O 229 5.69 20.28 -20.20
C LEU O 229 6.35 19.51 -19.07
N ILE O 230 5.51 19.01 -18.16
CA ILE O 230 5.99 18.15 -17.07
C ILE O 230 5.71 16.68 -17.37
N ARG O 231 6.76 15.90 -17.52
CA ARG O 231 6.61 14.47 -17.78
C ARG O 231 6.06 13.74 -16.57
N ASP O 232 5.21 12.75 -16.81
CA ASP O 232 4.52 12.05 -15.74
C ASP O 232 5.52 11.33 -14.86
N LYS O 233 5.21 11.25 -13.57
CA LYS O 233 6.10 10.64 -12.62
C LYS O 233 6.29 9.19 -13.05
N ASN O 234 5.21 8.58 -13.51
CA ASN O 234 5.28 7.22 -14.02
C ASN O 234 5.13 7.14 -15.54
N LYS O 235 6.15 6.59 -16.17
CA LYS O 235 6.15 6.19 -17.57
C LYS O 235 6.68 4.77 -17.71
N PRO O 236 6.17 4.02 -18.70
CA PRO O 236 6.63 2.64 -18.90
C PRO O 236 8.11 2.57 -19.29
N GLN O 237 8.64 3.66 -19.81
CA GLN O 237 10.04 3.72 -20.21
C GLN O 237 10.93 4.05 -19.01
N TYR O 238 10.37 4.73 -18.02
CA TYR O 238 11.11 5.15 -16.84
C TYR O 238 10.82 4.24 -15.65
N GLY O 239 9.71 3.51 -15.72
CA GLY O 239 9.31 2.64 -14.62
C GLY O 239 7.86 2.79 -14.21
N GLY O 240 7.54 3.87 -13.51
CA GLY O 240 8.50 4.92 -13.21
C GLY O 240 8.79 5.10 -11.74
N HIS O 241 8.75 4.00 -11.00
CA HIS O 241 9.05 4.04 -9.57
C HIS O 241 10.52 3.72 -9.34
N GLU O 242 11.29 4.73 -8.96
CA GLU O 242 12.72 4.59 -8.73
C GLU O 242 13.44 4.02 -9.95
N MET P 3 73.95 -65.87 43.77
CA MET P 3 73.36 -66.32 45.03
C MET P 3 73.52 -67.83 45.19
N ARG P 4 73.98 -68.23 46.38
CA ARG P 4 74.26 -69.63 46.67
C ARG P 4 73.13 -70.30 47.45
N ILE P 5 72.57 -71.35 46.88
CA ILE P 5 71.47 -72.07 47.51
C ILE P 5 71.83 -73.54 47.75
N GLY P 6 71.70 -73.99 48.99
CA GLY P 6 72.03 -75.36 49.34
C GLY P 6 70.80 -76.22 49.55
N ILE P 7 70.78 -77.40 48.93
CA ILE P 7 69.66 -78.32 49.06
C ILE P 7 69.96 -79.42 50.06
N LEU P 8 69.11 -79.54 51.08
CA LEU P 8 69.25 -80.57 52.09
C LEU P 8 68.46 -81.81 51.69
N TYR P 9 69.16 -82.93 51.51
CA TYR P 9 68.52 -84.15 51.02
C TYR P 9 68.96 -85.37 51.83
N ILE P 10 67.98 -86.12 52.34
CA ILE P 10 68.27 -87.33 53.11
C ILE P 10 67.68 -88.55 52.44
N CYS P 11 68.54 -89.51 52.10
CA CYS P 11 68.09 -90.75 51.47
C CYS P 11 68.92 -91.94 51.97
N THR P 12 69.06 -92.06 53.28
CA THR P 12 69.82 -93.15 53.87
C THR P 12 69.04 -94.46 53.82
N GLY P 13 69.76 -95.55 53.60
CA GLY P 13 69.14 -96.86 53.52
C GLY P 13 68.76 -97.27 52.11
N LYS P 14 67.47 -97.47 51.89
CA LYS P 14 66.97 -97.89 50.58
C LYS P 14 66.30 -96.74 49.83
N TYR P 15 66.39 -95.54 50.39
CA TYR P 15 65.79 -94.37 49.79
C TYR P 15 66.73 -93.71 48.78
N ASP P 16 67.89 -94.34 48.57
CA ASP P 16 68.91 -93.80 47.67
C ASP P 16 68.47 -93.85 46.21
N ILE P 17 67.49 -94.70 45.91
CA ILE P 17 66.96 -94.82 44.55
C ILE P 17 66.16 -93.57 44.19
N PHE P 18 65.67 -92.87 45.20
CA PHE P 18 64.87 -91.67 45.00
C PHE P 18 65.71 -90.48 44.54
N TRP P 19 67.02 -90.58 44.74
CA TRP P 19 67.93 -89.49 44.38
C TRP P 19 68.13 -89.39 42.87
N LYS P 20 68.03 -90.52 42.18
CA LYS P 20 68.30 -90.58 40.75
C LYS P 20 67.40 -89.67 39.94
N ASP P 21 66.09 -89.89 40.06
CA ASP P 21 65.11 -89.09 39.31
C ASP P 21 64.99 -87.68 39.88
N PHE P 22 65.33 -87.52 41.16
CA PHE P 22 65.25 -86.23 41.82
C PHE P 22 66.32 -85.26 41.29
N TYR P 23 67.52 -85.78 41.08
CA TYR P 23 68.65 -84.98 40.62
C TYR P 23 68.42 -84.45 39.22
N LEU P 24 67.94 -85.31 38.33
CA LEU P 24 67.70 -84.92 36.94
C LEU P 24 66.58 -83.90 36.84
N SER P 25 65.59 -84.02 37.73
CA SER P 25 64.46 -83.09 37.74
C SER P 25 64.86 -81.74 38.32
N ALA P 26 65.83 -81.76 39.23
CA ALA P 26 66.30 -80.53 39.87
C ALA P 26 67.26 -79.77 38.96
N GLU P 27 67.85 -80.47 38.00
CA GLU P 27 68.80 -79.87 37.07
C GLU P 27 68.12 -79.25 35.85
N ARG P 28 66.79 -79.38 35.77
CA ARG P 28 66.06 -78.84 34.64
C ARG P 28 65.04 -77.79 35.06
N TYR P 29 64.49 -77.94 36.26
CA TYR P 29 63.42 -77.08 36.72
C TYR P 29 63.84 -76.14 37.84
N PHE P 30 64.52 -76.68 38.85
CA PHE P 30 64.82 -75.93 40.07
C PHE P 30 66.02 -75.01 39.90
N MET P 31 65.76 -73.69 39.94
CA MET P 31 66.81 -72.67 39.95
C MET P 31 67.85 -72.84 38.85
N GLN P 32 67.43 -72.66 37.61
CA GLN P 32 68.35 -72.77 36.48
C GLN P 32 68.75 -71.39 35.94
N ASP P 33 68.64 -70.38 36.78
CA ASP P 33 69.08 -69.03 36.43
C ASP P 33 70.58 -68.92 36.73
N GLN P 34 71.25 -68.04 35.99
CA GLN P 34 72.70 -67.88 36.12
C GLN P 34 73.08 -67.06 37.35
N SER P 35 72.09 -66.68 38.14
CA SER P 35 72.33 -65.94 39.37
C SER P 35 72.24 -66.89 40.57
N PHE P 36 72.06 -68.17 40.28
CA PHE P 36 71.91 -69.17 41.33
C PHE P 36 72.89 -70.33 41.17
N ILE P 37 73.62 -70.63 42.24
CA ILE P 37 74.52 -71.77 42.27
C ILE P 37 74.03 -72.79 43.30
N ILE P 38 73.62 -73.96 42.81
CA ILE P 38 73.02 -74.96 43.68
C ILE P 38 74.03 -75.94 44.24
N GLU P 39 74.03 -76.11 45.55
CA GLU P 39 74.90 -77.09 46.20
C GLU P 39 74.06 -78.21 46.81
N TYR P 40 74.38 -79.45 46.46
CA TYR P 40 73.64 -80.61 46.94
C TYR P 40 74.29 -81.25 48.16
N TYR P 41 73.57 -81.27 49.27
CA TYR P 41 74.06 -81.87 50.49
C TYR P 41 73.27 -83.14 50.82
N VAL P 42 73.73 -84.27 50.28
CA VAL P 42 73.02 -85.53 50.42
C VAL P 42 73.57 -86.35 51.59
N PHE P 43 72.67 -86.84 52.43
CA PHE P 43 73.04 -87.67 53.58
C PHE P 43 72.52 -89.09 53.39
N THR P 44 73.42 -90.04 53.17
CA THR P 44 73.03 -91.42 52.88
C THR P 44 74.08 -92.44 53.32
N ASP P 45 73.79 -93.70 53.04
CA ASP P 45 74.69 -94.79 53.39
C ASP P 45 75.60 -95.16 52.23
N SER P 46 75.11 -94.97 51.02
CA SER P 46 75.83 -95.36 49.81
C SER P 46 77.16 -94.63 49.65
N PRO P 47 78.21 -95.37 49.27
CA PRO P 47 79.54 -94.81 49.06
C PRO P 47 79.65 -93.99 47.78
N LYS P 48 78.75 -94.24 46.83
CA LYS P 48 78.76 -93.53 45.56
C LYS P 48 77.36 -93.08 45.18
N LEU P 49 77.25 -91.86 44.66
CA LEU P 49 75.96 -91.30 44.24
C LEU P 49 75.88 -91.18 42.73
N TYR P 50 74.68 -90.89 42.23
CA TYR P 50 74.47 -90.73 40.80
C TYR P 50 75.05 -89.41 40.31
N ASP P 51 75.86 -89.49 39.26
CA ASP P 51 76.49 -88.32 38.65
C ASP P 51 77.33 -87.53 39.67
N GLU P 52 77.82 -88.23 40.68
CA GLU P 52 78.66 -87.62 41.72
C GLU P 52 80.07 -87.40 41.20
N GLU P 53 80.52 -88.31 40.34
CA GLU P 53 81.86 -88.24 39.77
C GLU P 53 81.93 -87.23 38.63
N ASN P 54 80.77 -86.82 38.14
CA ASN P 54 80.70 -85.85 37.05
C ASN P 54 80.40 -84.44 37.55
N ASN P 55 79.56 -84.37 38.59
CA ASN P 55 79.18 -83.08 39.17
C ASN P 55 79.93 -82.82 40.48
N LYS P 56 80.45 -81.60 40.63
CA LYS P 56 81.25 -81.27 41.80
C LYS P 56 80.45 -80.54 42.88
N HIS P 57 79.19 -80.24 42.59
CA HIS P 57 78.32 -79.58 43.56
C HIS P 57 77.63 -80.60 44.46
N ILE P 58 77.77 -81.88 44.12
CA ILE P 58 77.21 -82.96 44.92
C ILE P 58 78.12 -83.30 46.09
N HIS P 59 77.66 -83.04 47.31
CA HIS P 59 78.46 -83.29 48.50
C HIS P 59 77.89 -84.43 49.33
N ARG P 60 78.52 -85.60 49.21
CA ARG P 60 78.09 -86.77 49.98
C ARG P 60 78.57 -86.68 51.41
N ILE P 61 77.63 -86.71 52.36
CA ILE P 61 77.98 -86.63 53.76
C ILE P 61 77.73 -87.96 54.47
N LYS P 62 78.65 -88.34 55.34
CA LYS P 62 78.53 -89.60 56.07
C LYS P 62 77.37 -89.54 57.07
N GLN P 63 76.54 -90.58 57.04
CA GLN P 63 75.38 -90.66 57.93
C GLN P 63 74.80 -92.07 57.95
N LYS P 64 74.94 -92.74 59.08
CA LYS P 64 74.37 -94.08 59.27
C LYS P 64 72.86 -94.01 59.40
N ASN P 65 72.17 -95.09 59.03
CA ASN P 65 70.72 -95.15 59.13
C ASN P 65 70.26 -95.46 60.55
N LEU P 66 69.50 -94.53 61.12
CA LEU P 66 69.00 -94.69 62.48
C LEU P 66 67.65 -95.42 62.49
N GLY P 67 67.21 -95.84 61.30
CA GLY P 67 65.96 -96.57 61.17
C GLY P 67 64.74 -95.71 61.45
N TRP P 68 63.57 -96.33 61.45
CA TRP P 68 62.32 -95.64 61.72
C TRP P 68 62.02 -95.66 63.22
N PRO P 69 61.54 -94.53 63.76
CA PRO P 69 61.31 -93.27 63.05
C PRO P 69 62.47 -92.28 63.18
N ASP P 70 63.58 -92.73 63.74
CA ASP P 70 64.71 -91.83 64.02
C ASP P 70 65.34 -91.23 62.77
N ASN P 71 65.05 -91.81 61.61
CA ASN P 71 65.56 -91.27 60.36
C ASN P 71 64.82 -90.00 59.96
N THR P 72 63.71 -89.72 60.63
CA THR P 72 62.90 -88.55 60.31
C THR P 72 62.99 -87.50 61.43
N LEU P 73 63.02 -87.95 62.68
CA LEU P 73 63.11 -87.04 63.81
C LEU P 73 64.48 -86.38 63.91
N LYS P 74 65.53 -87.14 63.59
CA LYS P 74 66.89 -86.65 63.69
C LYS P 74 67.35 -85.93 62.42
N ARG P 75 66.40 -85.41 61.66
CA ARG P 75 66.74 -84.72 60.41
C ARG P 75 67.48 -83.42 60.66
N PHE P 76 67.17 -82.77 61.79
CA PHE P 76 67.80 -81.50 62.13
C PHE P 76 69.14 -81.69 62.82
N HIS P 77 69.36 -82.89 63.34
CA HIS P 77 70.63 -83.21 63.99
C HIS P 77 71.73 -83.40 62.95
N ILE P 78 71.35 -83.93 61.80
CA ILE P 78 72.30 -84.16 60.71
C ILE P 78 72.69 -82.83 60.06
N PHE P 79 71.76 -81.89 60.03
CA PHE P 79 72.00 -80.58 59.43
C PHE P 79 72.96 -79.74 60.26
N LEU P 80 72.90 -79.92 61.58
CA LEU P 80 73.73 -79.12 62.49
C LEU P 80 75.12 -79.74 62.70
N ARG P 81 75.38 -80.85 62.03
CA ARG P 81 76.69 -81.49 62.13
C ARG P 81 77.69 -80.77 61.23
N ILE P 82 77.15 -80.03 60.26
CA ILE P 82 77.96 -79.25 59.33
C ILE P 82 77.42 -77.82 59.19
N LYS P 83 76.93 -77.26 60.29
CA LYS P 83 76.31 -75.94 60.27
C LYS P 83 77.33 -74.85 59.93
N GLU P 84 78.60 -75.10 60.26
CA GLU P 84 79.66 -74.15 59.95
C GLU P 84 79.96 -74.17 58.45
N GLN P 85 79.65 -75.29 57.81
CA GLN P 85 79.84 -75.44 56.38
C GLN P 85 78.68 -74.81 55.61
N LEU P 86 77.49 -74.85 56.20
CA LEU P 86 76.30 -74.29 55.57
C LEU P 86 76.24 -72.78 55.76
N GLU P 87 76.79 -72.30 56.87
CA GLU P 87 76.85 -70.86 57.14
C GLU P 87 77.89 -70.21 56.22
N ARG P 88 78.73 -71.04 55.61
CA ARG P 88 79.84 -70.56 54.81
C ARG P 88 79.57 -70.68 53.30
N GLU P 89 78.76 -71.66 52.92
CA GLU P 89 78.62 -72.01 51.51
C GLU P 89 77.28 -71.63 50.88
N THR P 90 76.28 -71.32 51.69
CA THR P 90 74.97 -70.97 51.14
C THR P 90 74.28 -69.84 51.90
N ASP P 91 73.39 -69.14 51.20
CA ASP P 91 72.60 -68.06 51.80
C ASP P 91 71.17 -68.51 52.06
N TYR P 92 70.71 -69.45 51.26
CA TYR P 92 69.36 -69.99 51.40
C TYR P 92 69.39 -71.53 51.45
N LEU P 93 68.55 -72.09 52.31
CA LEU P 93 68.46 -73.54 52.45
C LEU P 93 67.06 -74.05 52.14
N PHE P 94 66.99 -75.25 51.57
CA PHE P 94 65.71 -75.87 51.24
C PHE P 94 65.79 -77.38 51.40
N PHE P 95 64.82 -77.95 52.12
CA PHE P 95 64.74 -79.39 52.31
C PHE P 95 63.63 -79.99 51.47
N PHE P 96 63.96 -81.00 50.67
CA PHE P 96 62.97 -81.72 49.87
C PHE P 96 62.96 -83.18 50.26
N ASN P 97 61.76 -83.75 50.37
CA ASN P 97 61.61 -85.15 50.70
C ASN P 97 62.30 -86.04 49.68
N ALA P 98 62.51 -87.30 50.03
CA ALA P 98 63.19 -88.22 49.13
C ALA P 98 62.38 -88.55 47.89
N ASN P 99 61.13 -88.97 48.08
CA ASN P 99 60.28 -89.39 46.97
C ASN P 99 59.63 -88.23 46.22
N LEU P 100 60.21 -87.04 46.33
CA LEU P 100 59.69 -85.87 45.63
C LEU P 100 60.25 -85.79 44.20
N LEU P 101 59.55 -85.06 43.34
CA LEU P 101 59.94 -84.94 41.94
C LEU P 101 59.49 -83.61 41.35
N PHE P 102 60.36 -82.99 40.56
CA PHE P 102 60.04 -81.71 39.92
C PHE P 102 59.37 -81.91 38.57
N THR P 103 58.36 -81.08 38.29
CA THR P 103 57.64 -81.16 37.03
C THR P 103 57.48 -79.79 36.37
N SER P 104 57.66 -78.74 37.16
CA SER P 104 57.51 -77.37 36.66
C SER P 104 58.66 -76.48 37.14
N PRO P 105 59.12 -75.57 36.26
CA PRO P 105 60.23 -74.65 36.58
C PRO P 105 59.94 -73.80 37.81
N ILE P 106 60.97 -73.60 38.64
CA ILE P 106 60.83 -72.80 39.85
C ILE P 106 61.81 -71.62 39.85
N GLY P 107 61.27 -70.42 40.00
CA GLY P 107 62.09 -69.22 39.99
C GLY P 107 62.36 -68.68 41.39
N LYS P 108 62.43 -67.35 41.49
CA LYS P 108 62.76 -66.69 42.75
C LYS P 108 61.54 -66.46 43.63
N GLU P 109 60.41 -67.03 43.24
CA GLU P 109 59.16 -66.83 43.97
C GLU P 109 59.14 -67.56 45.30
N ILE P 110 60.06 -68.51 45.48
CA ILE P 110 60.12 -69.28 46.72
C ILE P 110 61.20 -68.75 47.66
N LEU P 111 61.79 -67.61 47.30
CA LEU P 111 62.83 -67.01 48.13
C LEU P 111 62.27 -65.94 49.06
N PRO P 112 62.42 -66.15 50.38
CA PRO P 112 61.96 -65.22 51.40
C PRO P 112 62.65 -63.86 51.30
N PRO P 113 61.87 -62.77 51.37
CA PRO P 113 62.38 -61.39 51.30
C PRO P 113 63.38 -61.10 52.43
N SER P 114 64.24 -60.11 52.22
CA SER P 114 65.25 -59.76 53.19
C SER P 114 64.66 -59.10 54.44
N ASP P 115 63.50 -58.46 54.27
CA ASP P 115 62.84 -57.78 55.38
C ASP P 115 61.84 -58.69 56.07
N SER P 116 62.25 -59.93 56.31
CA SER P 116 61.37 -60.91 56.94
C SER P 116 62.13 -61.84 57.87
N ASN P 117 61.39 -62.79 58.46
CA ASN P 117 61.99 -63.77 59.35
C ASN P 117 62.78 -64.83 58.57
N GLY P 118 62.46 -64.97 57.29
CA GLY P 118 63.20 -65.86 56.42
C GLY P 118 62.84 -67.33 56.59
N LEU P 119 61.54 -67.62 56.64
CA LEU P 119 61.06 -68.98 56.77
C LEU P 119 60.10 -69.34 55.64
N LEU P 120 60.04 -70.63 55.31
CA LEU P 120 59.15 -71.11 54.26
C LEU P 120 58.48 -72.40 54.67
N GLY P 121 57.18 -72.50 54.37
CA GLY P 121 56.42 -73.70 54.67
C GLY P 121 55.53 -74.09 53.50
N THR P 122 55.10 -75.34 53.47
CA THR P 122 54.22 -75.82 52.41
C THR P 122 53.00 -76.53 53.01
N MET P 123 51.82 -76.13 52.54
CA MET P 123 50.58 -76.71 53.03
C MET P 123 50.48 -78.20 52.69
N HIS P 124 50.03 -78.99 53.65
CA HIS P 124 49.85 -80.41 53.44
C HIS P 124 48.68 -80.66 52.49
N PRO P 125 48.91 -81.48 51.45
CA PRO P 125 47.91 -81.73 50.41
C PRO P 125 46.64 -82.42 50.93
N GLY P 126 46.74 -83.02 52.11
CA GLY P 126 45.61 -83.70 52.71
C GLY P 126 44.81 -82.82 53.64
N PHE P 127 45.35 -81.66 53.98
CA PHE P 127 44.69 -80.75 54.92
C PHE P 127 44.71 -79.31 54.41
N TYR P 128 44.21 -79.10 53.21
CA TYR P 128 44.14 -77.76 52.62
C TYR P 128 42.69 -77.35 52.44
N ASN P 129 41.80 -78.34 52.44
CA ASN P 129 40.37 -78.10 52.32
C ASN P 129 39.62 -78.56 53.56
N LYS P 130 40.35 -78.76 54.66
CA LYS P 130 39.75 -79.22 55.91
C LYS P 130 39.90 -78.16 57.00
N PRO P 131 38.88 -78.04 57.88
CA PRO P 131 38.90 -77.06 58.97
C PRO P 131 39.97 -77.35 60.03
N ASN P 132 40.09 -76.47 61.01
CA ASN P 132 41.09 -76.62 62.06
C ASN P 132 40.86 -77.88 62.90
N SER P 133 39.60 -78.30 63.00
CA SER P 133 39.24 -79.44 63.83
C SER P 133 39.65 -80.77 63.21
N GLU P 134 40.15 -80.71 61.98
CA GLU P 134 40.51 -81.93 61.24
C GLU P 134 42.02 -82.12 61.16
N PHE P 135 42.78 -81.12 61.60
CA PHE P 135 44.24 -81.19 61.55
C PHE P 135 44.78 -82.23 62.52
N THR P 136 45.81 -82.96 62.10
CA THR P 136 46.41 -83.99 62.92
C THR P 136 47.64 -83.48 63.66
N TYR P 137 47.41 -82.63 64.65
CA TYR P 137 48.50 -82.11 65.48
C TYR P 137 48.90 -83.03 66.63
N GLU P 138 49.61 -82.47 67.59
CA GLU P 138 49.97 -83.20 68.80
C GLU P 138 49.23 -82.74 70.05
N ARG P 139 48.28 -83.55 70.51
CA ARG P 139 47.39 -83.17 71.61
C ARG P 139 47.84 -83.70 72.95
N ARG P 140 49.14 -83.86 73.12
CA ARG P 140 49.70 -84.38 74.37
C ARG P 140 50.52 -83.30 75.08
N ASP P 141 50.04 -82.89 76.25
CA ASP P 141 50.61 -81.77 76.99
C ASP P 141 52.03 -82.03 77.48
N ALA P 142 52.38 -83.30 77.62
CA ALA P 142 53.70 -83.68 78.12
C ALA P 142 54.79 -83.39 77.08
N SER P 143 54.42 -83.41 75.81
CA SER P 143 55.38 -83.19 74.72
C SER P 143 55.58 -81.70 74.45
N THR P 144 56.74 -81.36 73.88
CA THR P 144 57.02 -79.98 73.52
C THR P 144 56.32 -79.60 72.21
N ALA P 145 55.81 -80.60 71.51
CA ALA P 145 55.09 -80.38 70.26
C ALA P 145 53.60 -80.21 70.52
N TYR P 146 53.26 -79.92 71.77
CA TYR P 146 51.86 -79.75 72.16
C TYR P 146 51.26 -78.47 71.61
N ILE P 147 50.09 -78.60 71.00
CA ILE P 147 49.31 -77.46 70.53
C ILE P 147 47.84 -77.67 70.88
N PRO P 148 47.26 -76.74 71.64
CA PRO P 148 45.87 -76.84 72.09
C PRO P 148 44.88 -76.71 70.93
N GLU P 149 43.71 -77.33 71.07
CA GLU P 149 42.71 -77.27 70.02
C GLU P 149 42.04 -75.90 69.97
N GLY P 150 41.65 -75.49 68.78
CA GLY P 150 41.02 -74.20 68.58
C GLY P 150 41.94 -73.22 67.87
N GLU P 151 43.20 -73.20 68.26
CA GLU P 151 44.17 -72.27 67.66
C GLU P 151 45.00 -72.96 66.59
N GLY P 152 45.76 -72.17 65.84
CA GLY P 152 46.49 -72.66 64.69
C GLY P 152 45.82 -72.19 63.42
N ARG P 153 46.56 -72.16 62.32
CA ARG P 153 46.01 -71.69 61.05
C ARG P 153 46.09 -72.77 59.97
N TYR P 154 47.30 -73.03 59.49
CA TYR P 154 47.52 -74.02 58.45
C TYR P 154 48.27 -75.24 59.00
N TYR P 155 48.05 -76.39 58.37
CA TYR P 155 48.77 -77.60 58.75
C TYR P 155 49.93 -77.82 57.80
N TYR P 156 51.13 -77.41 58.22
CA TYR P 156 52.32 -77.51 57.38
C TYR P 156 52.87 -78.92 57.34
N ALA P 157 53.39 -79.30 56.18
CA ALA P 157 54.00 -80.62 56.00
C ALA P 157 55.52 -80.52 56.12
N GLY P 158 56.17 -81.64 56.46
CA GLY P 158 57.60 -81.67 56.61
C GLY P 158 58.32 -82.04 55.35
N GLY P 159 57.56 -82.38 54.31
CA GLY P 159 58.12 -82.80 53.04
C GLY P 159 58.86 -81.68 52.33
N LEU P 160 58.47 -80.44 52.60
CA LEU P 160 59.12 -79.29 51.99
C LEU P 160 59.21 -78.14 52.99
N SER P 161 60.44 -77.73 53.29
CA SER P 161 60.68 -76.62 54.22
C SER P 161 62.02 -75.96 53.91
N GLY P 162 62.11 -74.66 54.17
CA GLY P 162 63.33 -73.92 53.89
C GLY P 162 63.36 -72.53 54.47
N GLY P 163 64.05 -71.62 53.77
CA GLY P 163 64.19 -70.26 54.21
C GLY P 163 65.66 -69.83 54.23
N CYS P 164 65.93 -68.72 54.90
CA CYS P 164 67.31 -68.23 55.01
C CYS P 164 68.15 -69.19 55.84
N THR P 165 69.43 -69.29 55.50
CA THR P 165 70.35 -70.22 56.17
C THR P 165 70.40 -69.98 57.68
N LYS P 166 70.61 -68.74 58.08
CA LYS P 166 70.65 -68.38 59.49
C LYS P 166 69.31 -68.63 60.16
N ALA P 167 68.23 -68.38 59.43
CA ALA P 167 66.88 -68.59 59.93
C ALA P 167 66.53 -70.07 60.00
N TYR P 168 67.01 -70.83 59.01
CA TYR P 168 66.74 -72.26 58.96
C TYR P 168 67.60 -73.00 59.99
N LEU P 169 68.79 -72.48 60.25
CA LEU P 169 69.65 -73.03 61.29
C LEU P 169 69.07 -72.71 62.66
N LYS P 170 68.46 -71.55 62.78
CA LYS P 170 67.75 -71.17 63.99
C LYS P 170 66.54 -72.08 64.17
N LEU P 171 65.97 -72.51 63.05
CA LEU P 171 64.87 -73.46 63.05
C LEU P 171 65.36 -74.84 63.48
N CYS P 172 66.56 -75.20 63.04
CA CYS P 172 67.17 -76.49 63.38
C CYS P 172 67.54 -76.55 64.85
N THR P 173 68.28 -75.55 65.32
CA THR P 173 68.78 -75.51 66.69
C THR P 173 67.66 -75.53 67.74
N THR P 174 66.58 -74.80 67.45
CA THR P 174 65.46 -74.70 68.38
C THR P 174 64.70 -76.03 68.48
N ILE P 175 64.53 -76.69 67.33
CA ILE P 175 63.82 -77.96 67.29
C ILE P 175 64.66 -79.08 67.94
N CYS P 176 65.96 -79.06 67.70
CA CYS P 176 66.87 -80.06 68.27
C CYS P 176 66.80 -80.12 69.78
N SER P 177 66.40 -79.02 70.41
CA SER P 177 66.22 -78.98 71.85
C SER P 177 64.86 -79.55 72.23
N TRP P 178 63.89 -79.41 71.34
CA TRP P 178 62.54 -79.87 71.59
C TRP P 178 62.42 -81.39 71.52
N VAL P 179 63.27 -82.00 70.70
CA VAL P 179 63.24 -83.46 70.55
C VAL P 179 64.09 -84.13 71.61
N ASP P 180 65.04 -83.39 72.19
CA ASP P 180 65.91 -83.93 73.23
C ASP P 180 65.22 -83.92 74.58
N ARG P 181 64.34 -82.95 74.80
CA ARG P 181 63.59 -82.86 76.05
C ARG P 181 62.44 -83.86 76.08
N ASP P 182 62.07 -84.38 74.91
CA ASP P 182 61.04 -85.40 74.82
C ASP P 182 61.64 -86.79 74.97
N ALA P 183 62.95 -86.89 74.75
CA ALA P 183 63.65 -88.16 74.81
C ALA P 183 63.67 -88.72 76.23
N THR P 184 63.83 -87.84 77.21
CA THR P 184 63.89 -88.24 78.61
C THR P 184 62.51 -88.61 79.15
N ASN P 185 61.47 -88.12 78.49
CA ASN P 185 60.10 -88.41 78.91
C ASN P 185 59.53 -89.61 78.15
N HIS P 186 60.38 -90.24 77.34
CA HIS P 186 60.00 -91.42 76.56
C HIS P 186 58.77 -91.17 75.68
N ILE P 187 58.76 -90.04 75.00
CA ILE P 187 57.65 -89.67 74.14
C ILE P 187 58.11 -89.30 72.73
N ILE P 188 57.51 -89.95 71.73
CA ILE P 188 57.76 -89.64 70.34
C ILE P 188 56.52 -89.03 69.69
N PRO P 189 56.65 -87.79 69.18
CA PRO P 189 55.52 -87.06 68.61
C PRO P 189 54.98 -87.67 67.32
N ILE P 190 53.73 -87.34 66.99
CA ILE P 190 53.08 -87.81 65.78
C ILE P 190 52.41 -86.66 65.04
N TRP P 191 52.78 -86.43 63.78
CA TRP P 191 53.71 -87.28 63.06
C TRP P 191 55.15 -86.76 63.11
N HIS P 192 55.84 -87.06 64.21
CA HIS P 192 57.27 -86.78 64.34
C HIS P 192 57.60 -85.31 64.14
N ASP P 193 58.44 -85.03 63.13
CA ASP P 193 58.90 -83.68 62.85
C ASP P 193 57.77 -82.81 62.28
N GLN P 194 56.87 -83.43 61.53
CA GLN P 194 55.79 -82.72 60.87
C GLN P 194 54.80 -82.13 61.88
N SER P 195 54.75 -82.73 63.06
CA SER P 195 53.85 -82.26 64.10
C SER P 195 54.47 -81.12 64.92
N LEU P 196 55.77 -81.20 65.14
CA LEU P 196 56.47 -80.19 65.94
C LEU P 196 56.92 -79.00 65.09
N ILE P 197 56.96 -79.18 63.77
CA ILE P 197 57.29 -78.08 62.88
C ILE P 197 56.10 -77.14 62.80
N ASN P 198 54.92 -77.65 63.14
CA ASN P 198 53.73 -76.82 63.26
C ASN P 198 53.76 -76.03 64.55
N LYS P 199 54.39 -76.62 65.57
CA LYS P 199 54.58 -75.95 66.85
C LYS P 199 55.53 -74.77 66.70
N TYR P 200 56.52 -74.93 65.83
CA TYR P 200 57.45 -73.86 65.53
C TYR P 200 56.78 -72.81 64.64
N PHE P 201 56.00 -73.28 63.67
CA PHE P 201 55.30 -72.39 62.75
C PHE P 201 54.10 -71.72 63.43
N LEU P 202 53.76 -72.19 64.62
CA LEU P 202 52.72 -71.55 65.42
C LEU P 202 53.31 -70.36 66.16
N ASP P 203 54.48 -70.56 66.75
CA ASP P 203 55.19 -69.49 67.44
C ASP P 203 55.86 -68.57 66.43
N ASN P 204 56.33 -69.15 65.33
CA ASN P 204 56.98 -68.38 64.27
C ASN P 204 56.42 -68.70 62.89
N PRO P 205 55.30 -68.05 62.54
CA PRO P 205 54.67 -68.23 61.22
C PRO P 205 55.62 -67.90 60.08
N PRO P 206 55.72 -68.79 59.08
CA PRO P 206 56.65 -68.62 57.96
C PRO P 206 56.29 -67.43 57.09
N ALA P 207 57.30 -66.87 56.42
CA ALA P 207 57.11 -65.72 55.55
C ALA P 207 56.23 -66.09 54.35
N ILE P 208 56.55 -67.22 53.74
CA ILE P 208 55.83 -67.68 52.55
C ILE P 208 55.32 -69.10 52.74
N THR P 209 54.01 -69.26 52.62
CA THR P 209 53.38 -70.58 52.71
C THR P 209 53.02 -71.08 51.32
N LEU P 210 53.68 -72.16 50.89
CA LEU P 210 53.46 -72.70 49.56
C LEU P 210 52.19 -73.55 49.49
N SER P 211 51.46 -73.40 48.39
CA SER P 211 50.27 -74.19 48.13
C SER P 211 50.63 -75.66 47.95
N PRO P 212 49.65 -76.56 48.14
CA PRO P 212 49.90 -78.00 47.96
C PRO P 212 50.28 -78.39 46.53
N ALA P 213 50.35 -77.41 45.63
CA ALA P 213 50.81 -77.64 44.27
C ALA P 213 52.29 -78.00 44.27
N TYR P 214 53.00 -77.55 45.30
CA TYR P 214 54.42 -77.86 45.45
C TYR P 214 54.62 -79.15 46.24
N LEU P 215 53.50 -79.83 46.52
CA LEU P 215 53.52 -81.14 47.16
C LEU P 215 52.39 -81.99 46.60
N TYR P 216 52.21 -81.92 45.28
CA TYR P 216 51.14 -82.65 44.59
C TYR P 216 51.38 -84.15 44.62
N PRO P 217 50.49 -84.89 45.29
CA PRO P 217 50.60 -86.35 45.37
C PRO P 217 50.27 -87.02 44.04
N GLU P 218 51.09 -88.00 43.64
CA GLU P 218 50.87 -88.71 42.38
C GLU P 218 49.62 -89.58 42.45
N GLY P 219 48.69 -89.34 41.53
CA GLY P 219 47.46 -90.09 41.47
C GLY P 219 46.25 -89.29 41.90
N TRP P 220 46.49 -88.26 42.71
CA TRP P 220 45.41 -87.41 43.20
C TRP P 220 44.91 -86.47 42.11
N LEU P 221 43.77 -85.84 42.35
CA LEU P 221 43.22 -84.86 41.44
C LEU P 221 42.90 -83.56 42.18
N LEU P 222 43.92 -82.73 42.35
CA LEU P 222 43.78 -81.47 43.08
C LEU P 222 43.64 -80.29 42.11
N PRO P 223 42.91 -79.25 42.53
CA PRO P 223 42.71 -78.03 41.74
C PRO P 223 43.99 -77.20 41.56
N PHE P 224 45.09 -77.85 41.23
CA PHE P 224 46.36 -77.16 41.06
C PHE P 224 47.19 -77.77 39.93
N GLU P 225 48.05 -76.97 39.32
CA GLU P 225 48.98 -77.46 38.32
C GLU P 225 50.22 -78.03 39.03
N PRO P 226 50.47 -79.32 38.83
CA PRO P 226 51.56 -80.03 39.52
C PRO P 226 52.94 -79.43 39.25
N ILE P 227 53.52 -78.81 40.28
CA ILE P 227 54.85 -78.22 40.17
C ILE P 227 55.89 -79.18 40.74
N ILE P 228 55.62 -79.69 41.94
CA ILE P 228 56.47 -80.70 42.55
C ILE P 228 55.64 -81.94 42.91
N LEU P 229 56.02 -83.08 42.35
CA LEU P 229 55.22 -84.30 42.50
C LEU P 229 55.74 -85.20 43.62
N ILE P 230 54.82 -85.71 44.43
CA ILE P 230 55.15 -86.70 45.45
C ILE P 230 54.90 -88.10 44.90
N ARG P 231 55.98 -88.80 44.54
CA ARG P 231 55.89 -90.14 43.97
C ARG P 231 55.26 -91.12 44.94
N ASP P 232 54.33 -91.93 44.43
CA ASP P 232 53.65 -92.93 45.25
C ASP P 232 54.64 -94.03 45.58
N LYS P 233 54.94 -94.20 46.85
CA LYS P 233 55.87 -95.23 47.29
C LYS P 233 55.35 -96.62 46.96
N ASN P 234 54.03 -96.78 47.12
CA ASN P 234 53.37 -98.07 47.18
C ASN P 234 53.18 -98.58 45.75
N LYS P 235 54.01 -98.09 44.84
CA LYS P 235 54.02 -98.58 43.47
C LYS P 235 54.96 -99.77 43.34
N PRO P 236 54.64 -100.73 42.45
CA PRO P 236 55.45 -101.94 42.24
C PRO P 236 56.90 -101.63 41.91
N GLN P 237 57.17 -100.47 41.33
CA GLN P 237 58.53 -100.04 41.03
C GLN P 237 59.33 -99.86 42.31
N TYR P 238 58.66 -99.42 43.36
CA TYR P 238 59.29 -99.25 44.66
C TYR P 238 58.83 -100.34 45.63
N GLY P 239 59.21 -100.21 46.90
CA GLY P 239 58.88 -101.22 47.89
C GLY P 239 58.37 -100.67 49.20
N GLY P 240 58.06 -99.38 49.22
CA GLY P 240 57.56 -98.73 50.42
C GLY P 240 56.27 -99.35 50.93
N HIS P 241 56.11 -99.39 52.24
CA HIS P 241 57.10 -98.86 53.16
C HIS P 241 57.97 -99.94 53.79
N GLU P 242 57.40 -101.14 53.95
CA GLU P 242 58.05 -102.21 54.70
C GLU P 242 59.43 -102.58 54.17
N LEU P 243 59.59 -102.60 52.86
CA LEU P 243 60.86 -102.95 52.25
C LEU P 243 61.87 -101.81 52.35
N LEU P 244 61.37 -100.58 52.30
CA LEU P 244 62.23 -99.40 52.35
C LEU P 244 62.68 -99.09 53.78
N ARG P 245 61.81 -99.38 54.75
CA ARG P 245 62.12 -99.13 56.15
C ARG P 245 62.63 -100.39 56.84
C1 GOL Q . 48.64 -51.93 18.18
O1 GOL Q . 48.36 -51.62 19.53
C2 GOL Q . 48.23 -50.76 17.30
O2 GOL Q . 48.16 -49.59 18.07
C3 GOL Q . 49.26 -50.57 16.19
O3 GOL Q . 50.51 -50.27 16.78
N1 UDP R . 37.16 -41.78 12.77
C2 UDP R . 38.35 -41.93 12.04
N3 UDP R . 38.54 -43.03 11.29
C4 UDP R . 37.61 -43.98 11.21
C5 UDP R . 36.43 -43.85 11.92
C6 UDP R . 36.21 -42.73 12.70
O2 UDP R . 39.24 -41.05 12.10
O4 UDP R . 37.81 -44.99 10.51
C1' UDP R . 36.93 -40.59 13.59
C2' UDP R . 36.47 -39.44 12.73
O2' UDP R . 37.45 -38.40 12.72
C3' UDP R . 35.20 -38.92 13.35
C4' UDP R . 34.81 -39.94 14.40
O4' UDP R . 35.89 -40.88 14.53
O3' UDP R . 35.43 -37.66 13.96
C5' UDP R . 33.55 -40.68 14.01
O5' UDP R . 32.82 -41.12 15.15
PA UDP R . 31.72 -42.28 14.97
O1A UDP R . 31.86 -42.85 13.58
O2A UDP R . 31.79 -43.19 16.16
O3A UDP R . 30.35 -41.44 15.06
PB UDP R . 29.41 -41.30 13.77
O1B UDP R . 30.32 -40.70 12.72
O2B UDP R . 28.97 -42.71 13.47
O3B UDP R . 28.30 -40.37 14.21
O5 A2G S . 25.34 -40.31 21.12
C1 A2G S . 25.88 -39.57 20.04
O1 A2G S . 25.22 -38.30 20.00
C2 A2G S . 25.64 -40.35 18.75
N2 A2G S . 26.27 -39.75 17.58
C3 A2G S . 24.14 -40.51 18.53
O3 A2G S . 23.91 -41.34 17.39
C4 A2G S . 23.51 -41.15 19.76
O4 A2G S . 23.92 -42.52 19.84
C5 A2G S . 23.91 -40.42 21.04
C6 A2G S . 23.38 -41.15 22.26
O6 A2G S . 22.00 -41.43 22.09
C7 A2G S . 26.53 -38.45 17.43
O7 A2G S . 27.57 -37.94 17.83
C8 A2G S . 25.46 -37.63 16.76
C1 GOL T . 56.31 -17.76 9.10
O1 GOL T . 57.67 -17.45 8.94
C2 GOL T . 56.03 -18.20 10.52
O2 GOL T . 54.83 -17.61 10.98
C3 GOL T . 55.91 -19.72 10.58
O3 GOL T . 55.63 -20.12 11.90
OH2 1PE U . 48.25 -46.59 21.04
C12 1PE U . 47.21 -46.06 20.21
C22 1PE U . 47.83 -45.46 18.96
OH3 1PE U . 48.59 -46.44 18.24
C13 1PE U . 49.86 -46.91 16.21
C23 1PE U . 49.09 -45.86 17.02
OH4 1PE U . 50.24 -46.34 14.95
C14 1PE U . 51.45 -46.70 12.88
C24 1PE U . 51.15 -47.22 14.28
OH5 1PE U . 52.88 -46.69 12.71
C15 1PE U . 54.78 -46.57 11.26
C25 1PE U . 53.27 -46.69 11.34
OH6 1PE U . 55.21 -46.96 9.96
C16 1PE U . 57.03 -47.49 8.49
C26 1PE U . 56.60 -46.73 9.74
OH7 1PE U . 56.23 -47.08 7.37
N1 UDP V . -14.27 60.61 -51.01
C2 UDP V . -13.15 60.34 -51.83
N3 UDP V . -13.10 59.22 -52.55
C4 UDP V . -14.11 58.33 -52.52
C5 UDP V . -15.22 58.58 -51.73
C6 UDP V . -15.29 59.75 -50.97
O2 UDP V . -12.20 61.15 -51.87
O4 UDP V . -14.05 57.29 -53.20
C1' UDP V . -14.31 61.84 -50.22
C2' UDP V . -14.91 62.96 -51.04
O2' UDP V . -13.88 63.85 -51.48
C3' UDP V . -15.86 63.69 -50.12
C4' UDP V . -15.91 62.87 -48.84
O4' UDP V . -15.16 61.68 -49.07
O3' UDP V . -15.35 65.00 -49.84
C5' UDP V . -17.35 62.52 -48.45
O5' UDP V . -17.91 61.66 -49.44
PA UDP V . -19.27 60.86 -49.14
O1A UDP V . -19.06 60.01 -47.91
O2A UDP V . -20.42 61.84 -49.17
O3A UDP V . -19.40 59.90 -50.43
PB UDP V . -19.98 58.40 -50.31
O1B UDP V . -18.99 57.70 -49.42
O2B UDP V . -21.35 58.60 -49.71
O3B UDP V . -19.97 57.90 -51.74
O5 A2G W . -27.89 63.05 -42.86
C1 A2G W . -27.01 63.37 -43.93
O1 A2G W . -27.55 62.80 -45.13
C2 A2G W . -25.64 62.78 -43.61
N2 A2G W . -24.61 63.16 -44.56
C3 A2G W . -25.75 61.26 -43.51
O3 A2G W . -24.49 60.71 -43.10
C4 A2G W . -26.82 60.91 -42.47
O4 A2G W . -26.35 61.24 -41.17
C5 A2G W . -28.12 61.64 -42.76
C6 A2G W . -29.15 61.37 -41.66
O6 A2G W . -28.62 61.82 -40.41
C7 A2G W . -24.82 63.45 -45.85
O7 A2G W . -25.11 64.57 -46.22
C8 A2G W . -24.65 62.31 -46.81
S SO4 X . 4.98 83.01 -52.62
O1 SO4 X . 4.83 84.45 -52.77
O2 SO4 X . 5.00 82.67 -51.20
O3 SO4 X . 3.86 82.33 -53.26
O4 SO4 X . 6.23 82.58 -53.24
N1 UDP Y . 27.96 -94.15 69.06
C2 UDP Y . 26.94 -94.28 70.03
N3 UDP Y . 27.24 -94.14 71.32
C4 UDP Y . 28.49 -93.87 71.72
C5 UDP Y . 29.50 -93.74 70.78
C6 UDP Y . 29.22 -93.89 69.43
O2 UDP Y . 25.77 -94.53 69.67
O4 UDP Y . 28.74 -93.74 72.94
C1' UDP Y . 27.64 -94.31 67.64
C2' UDP Y . 27.29 -92.95 67.03
O2' UDP Y . 26.02 -93.02 66.38
C3' UDP Y . 28.39 -92.64 66.03
C4' UDP Y . 29.33 -93.84 66.04
O4' UDP Y . 28.78 -94.82 66.94
O3' UDP Y . 27.81 -92.49 64.73
C5' UDP Y . 30.72 -93.44 66.52
O5' UDP Y . 31.04 -92.14 66.03
PA UDP Y . 32.58 -91.70 65.82
O1A UDP Y . 33.29 -92.83 65.10
O2A UDP Y . 32.60 -90.31 65.24
O3A UDP Y . 33.13 -91.64 67.33
PB UDP Y . 33.87 -92.91 67.98
O1B UDP Y . 33.60 -92.78 69.45
O2B UDP Y . 33.22 -94.10 67.32
O3B UDP Y . 35.32 -92.71 67.60
O5 A2G Z . 40.15 -91.19 58.99
C1 A2G Z . 38.87 -90.95 59.57
O1 A2G Z . 39.07 -90.52 60.93
C2 A2G Z . 38.08 -92.27 59.53
N2 A2G Z . 36.70 -92.13 59.96
C3 A2G Z . 38.82 -93.33 60.35
O3 A2G Z . 38.14 -94.58 60.21
C4 A2G Z . 40.25 -93.46 59.83
O4 A2G Z . 40.23 -94.06 58.54
C5 A2G Z . 40.94 -92.10 59.76
C6 A2G Z . 42.33 -92.22 59.15
O6 A2G Z . 42.22 -92.69 57.80
C7 A2G Z . 36.27 -91.23 60.84
O7 A2G Z . 35.91 -90.11 60.49
C8 A2G Z . 36.23 -91.66 62.27
N1 UDP AA . -21.55 10.61 7.78
C2 UDP AA . -22.54 10.22 8.70
N3 UDP AA . -22.31 10.33 10.02
C4 UDP AA . -21.15 10.81 10.47
C5 UDP AA . -20.15 11.19 9.57
C6 UDP AA . -20.39 11.08 8.21
O2 UDP AA . -23.64 9.78 8.30
O4 UDP AA . -20.95 10.89 11.70
C1' UDP AA . -21.81 10.49 6.34
C2' UDP AA . -22.41 11.78 5.81
O2' UDP AA . -23.69 11.54 5.23
C3' UDP AA . -21.44 12.29 4.76
C4' UDP AA . -20.29 11.30 4.71
O4' UDP AA . -20.59 10.25 5.64
O3' UDP AA . -22.09 12.34 3.49
C5' UDP AA . -18.98 11.97 5.10
O5' UDP AA . -17.91 11.35 4.42
PA UDP AA . -16.48 12.08 4.28
O1A UDP AA . -15.69 11.40 3.19
O2A UDP AA . -16.73 13.57 4.23
O3A UDP AA . -15.78 11.74 5.69
PB UDP AA . -16.66 11.60 7.02
O1B UDP AA . -15.65 11.41 8.12
O2B UDP AA . -17.41 12.91 7.11
O3B UDP AA . -17.53 10.40 6.76
O5 A2G BA . -8.94 11.79 -2.38
C1 A2G BA . -9.64 13.02 -2.25
O1 A2G BA . -8.72 14.05 -1.87
C2 A2G BA . -10.73 12.90 -1.20
N2 A2G BA . -11.41 14.17 -1.04
C3 A2G BA . -10.14 12.45 0.13
O3 A2G BA . -11.20 12.16 1.05
C4 A2G BA . -9.28 11.21 -0.06
O4 A2G BA . -10.11 10.09 -0.39
C5 A2G BA . -8.25 11.44 -1.17
C6 A2G BA . -7.42 10.19 -1.41
O6 A2G BA . -8.27 9.14 -1.90
C7 A2G BA . -12.73 14.24 -0.87
O7 A2G BA . -13.30 13.61 0.02
C8 A2G BA . -13.47 15.11 -1.83
C1 GOL CA . -41.79 7.87 18.72
O1 GOL CA . -42.61 8.40 19.74
C2 GOL CA . -40.52 8.70 18.59
O2 GOL CA . -40.34 9.45 19.77
C3 GOL CA . -39.32 7.78 18.39
O3 GOL CA . -39.50 7.03 17.20
C1' UD2 DA . 9.84 -17.42 -7.50
C2' UD2 DA . 9.75 -18.87 -7.96
C3' UD2 DA . 9.19 -18.91 -9.38
C4' UD2 DA . 7.89 -18.13 -9.47
C5' UD2 DA . 8.08 -16.72 -8.91
C6' UD2 DA . 6.75 -15.96 -8.92
C7' UD2 DA . 11.75 -19.63 -6.80
C8' UD2 DA . 11.03 -20.25 -5.63
N2' UD2 DA . 11.05 -19.49 -7.92
O1' UD2 DA . 10.74 -16.77 -8.39
O3' UD2 DA . 8.97 -20.26 -9.79
O4' UD2 DA . 6.86 -18.80 -8.74
O5' UD2 DA . 8.56 -16.81 -7.57
O6' UD2 DA . 5.81 -16.65 -8.09
O7' UD2 DA . 12.91 -19.26 -6.72
N1 UD2 DA . 11.75 -15.12 -16.31
C2 UD2 DA . 11.92 -14.75 -17.66
N3 UD2 DA . 11.61 -13.50 -18.05
C4 UD2 DA . 11.14 -12.60 -17.18
C5 UD2 DA . 10.98 -12.95 -15.84
C6 UD2 DA . 11.30 -14.23 -15.42
O2 UD2 DA . 12.34 -15.57 -18.49
O4 UD2 DA . 10.86 -11.45 -17.56
C1B UD2 DA . 12.09 -16.47 -15.87
C2B UD2 DA . 13.59 -16.62 -15.71
O2' UD2 DA . 14.15 -17.32 -16.82
C3B UD2 DA . 13.77 -17.42 -14.44
C4B UD2 DA . 12.50 -17.18 -13.66
O4B UD2 DA . 11.52 -16.71 -14.58
O3B UD2 DA . 13.91 -18.81 -14.75
C5B UD2 DA . 12.74 -16.11 -12.61
O5B UD2 DA . 11.66 -16.06 -11.69
PA UD2 DA . 11.43 -14.72 -10.83
O1A UD2 DA . 12.19 -13.59 -11.48
O2A UD2 DA . 9.94 -14.59 -10.59
O3A UD2 DA . 12.18 -15.11 -9.46
PB UD2 DA . 11.39 -15.34 -8.07
O1B UD2 DA . 12.41 -15.51 -6.96
O2B UD2 DA . 10.28 -14.32 -7.93
C1' UD2 EA . -41.54 85.61 -70.17
C2' UD2 EA . -41.67 84.18 -70.66
C3' UD2 EA . -42.33 84.15 -72.03
C4' UD2 EA . -43.63 84.95 -72.03
C5' UD2 EA . -43.42 86.33 -71.42
C6' UD2 EA . -44.74 87.09 -71.32
C7' UD2 EA . -39.57 83.42 -69.68
C8' UD2 EA . -40.15 82.61 -68.56
N2' UD2 EA . -40.35 83.57 -70.74
O1' UD2 EA . -40.74 86.32 -71.10
O3' UD2 EA . -42.61 82.80 -72.41
O4' UD2 EA . -44.63 84.25 -71.28
O5' UD2 EA . -42.84 86.20 -70.13
O6' UD2 EA . -45.63 86.35 -70.47
O7' UD2 EA . -38.45 83.91 -69.61
N1 UD2 EA . -39.80 88.43 -79.48
C2 UD2 EA . -39.27 88.67 -80.76
N3 UD2 EA . -39.23 89.91 -81.27
C4 UD2 EA . -39.69 90.94 -80.56
C5 UD2 EA . -40.23 90.73 -79.29
C6 UD2 EA . -40.26 89.46 -78.76
O2 UD2 EA . -38.83 87.71 -81.44
O4 UD2 EA . -39.65 92.10 -81.03
C1B UD2 EA . -39.84 87.07 -78.93
C2B UD2 EA . -38.52 86.74 -78.26
O2' UD2 EA . -37.87 85.68 -78.95
C3B UD2 EA . -38.88 86.29 -76.85
C4B UD2 EA . -40.35 86.63 -76.66
O4B UD2 EA . -40.87 87.04 -77.92
O3B UD2 EA . -38.67 84.89 -76.70
C5B UD2 EA . -40.51 87.78 -75.68
O5B UD2 EA . -40.09 87.38 -74.37
PA UD2 EA . -39.28 88.39 -73.43
O1A UD2 EA . -37.99 87.72 -73.05
O2A UD2 EA . -39.25 89.75 -74.09
O3A UD2 EA . -40.27 88.48 -72.16
PB UD2 EA . -40.05 87.72 -70.75
O1B UD2 EA . -38.58 87.48 -70.50
O2B UD2 EA . -40.88 88.44 -69.71
C1' UD2 FA . 26.77 -56.47 51.66
C2' UD2 FA . 27.47 -56.66 52.99
C3' UD2 FA . 27.36 -55.36 53.77
C4' UD2 FA . 27.95 -54.21 52.97
C5' UD2 FA . 27.34 -54.16 51.57
C6' UD2 FA . 28.06 -53.12 50.71
C7' UD2 FA . 27.30 -58.98 53.68
C8' UD2 FA . 26.48 -59.94 52.87
N2' UD2 FA . 26.85 -57.74 53.73
O1' UD2 FA . 25.44 -56.06 51.96
O3' UD2 FA . 28.04 -55.48 55.02
O4' UD2 FA . 29.37 -54.38 52.86
O5' UD2 FA . 27.44 -55.43 50.94
O6' UD2 FA . 29.45 -53.45 50.63
O7' UD2 FA . 28.32 -59.34 54.25
N1 UD2 FA . 20.87 -49.68 55.21
C2 UD2 FA . 19.78 -48.92 55.68
N3 UD2 FA . 19.07 -48.18 54.82
C4 UD2 FA . 19.37 -48.15 53.52
C5 UD2 FA . 20.44 -48.89 53.04
C6 UD2 FA . 21.18 -49.66 53.91
O2 UD2 FA . 19.48 -48.94 56.89
O4 UD2 FA . 18.70 -47.44 52.75
C1B UD2 FA . 21.66 -50.51 56.14
C2B UD2 FA . 21.02 -51.87 56.26
O2' UD2 FA . 20.62 -52.10 57.61
C3B UD2 FA . 22.09 -52.88 55.86
C4B UD2 FA . 23.30 -52.05 55.44
O4B UD2 FA . 22.98 -50.68 55.61
O3B UD2 FA . 22.42 -53.72 56.97
C5B UD2 FA . 23.67 -52.28 53.98
O5B UD2 FA . 23.01 -53.44 53.46
PA UD2 FA . 22.98 -53.68 51.87
O1A UD2 FA . 21.60 -53.32 51.37
O2A UD2 FA . 24.19 -53.00 51.29
O3A UD2 FA . 23.14 -55.28 51.79
PB UD2 FA . 24.25 -56.01 50.87
O1B UD2 FA . 23.80 -57.43 50.60
O2B UD2 FA . 24.69 -55.11 49.75
C1 GOL GA . 47.01 -39.28 52.09
O1 GOL GA . 45.89 -39.68 51.34
C2 GOL GA . 46.96 -37.77 52.33
O2 GOL GA . 47.87 -37.13 51.47
C3 GOL GA . 45.55 -37.25 52.05
O3 GOL GA . 45.22 -37.52 50.70
C1 GOL HA . 9.59 -39.03 67.42
O1 GOL HA . 10.27 -39.81 66.47
C2 GOL HA . 10.52 -37.92 67.90
O2 GOL HA . 11.51 -37.68 66.94
C3 GOL HA . 9.71 -36.64 68.12
O3 GOL HA . 9.19 -36.20 66.88
C1' UD2 IA . -22.48 47.60 -11.20
C2' UD2 IA . -21.82 47.64 -9.84
C3' UD2 IA . -21.76 49.09 -9.37
C4' UD2 IA . -21.07 49.96 -10.42
C5' UD2 IA . -21.67 49.73 -11.81
C6' UD2 IA . -20.87 50.47 -12.87
C7' UD2 IA . -22.63 45.50 -9.00
C8' UD2 IA . -21.31 44.81 -9.15
N2' UD2 IA . -22.58 46.83 -8.89
O1' UD2 IA . -23.74 48.25 -11.09
O3' UD2 IA . -21.05 49.17 -8.14
O4' UD2 IA . -19.67 49.65 -10.45
O5' UD2 IA . -21.69 48.33 -12.12
O6' UD2 IA . -21.54 50.36 -14.13
O7' UD2 IA . -23.68 44.89 -8.97
N1 UD2 IA . -28.29 54.31 -7.74
C2 UD2 IA . -29.30 55.05 -7.11
N3 UD2 IA . -30.14 55.81 -7.84
C4 UD2 IA . -30.03 55.86 -9.17
C5 UD2 IA . -29.04 55.14 -9.81
C6 UD2 IA . -28.17 54.35 -9.07
O2 UD2 IA . -29.42 55.01 -5.87
O4 UD2 IA . -30.81 56.57 -9.83
C1B UD2 IA . -27.37 53.47 -6.97
C2B UD2 IA . -28.01 52.13 -6.66
O2' UD2 IA . -28.19 51.96 -5.26
C3B UD2 IA . -27.04 51.08 -7.19
C4B UD2 IA . -25.97 51.85 -7.95
O4B UD2 IA . -26.20 53.24 -7.73
O3B UD2 IA . -26.45 50.36 -6.09
C5B UD2 IA . -26.07 51.57 -9.44
O5B UD2 IA . -26.00 50.17 -9.70
PA UD2 IA . -27.00 49.51 -10.77
O1A UD2 IA . -27.74 48.39 -10.10
O2A UD2 IA . -27.77 50.63 -11.42
O3A UD2 IA . -25.98 48.92 -11.87
PB UD2 IA . -25.10 47.59 -11.65
O1B UD2 IA . -25.69 46.74 -10.55
O2B UD2 IA . -24.83 46.98 -13.01
N1 UDP JA . 43.91 -63.45 24.30
C2 UDP JA . 45.07 -63.27 23.52
N3 UDP JA . 45.83 -62.18 23.68
C4 UDP JA . 45.51 -61.25 24.58
C5 UDP JA . 44.38 -61.40 25.37
C6 UDP JA . 43.57 -62.53 25.21
O2 UDP JA . 45.38 -64.13 22.68
O4 UDP JA . 46.23 -60.23 24.72
C1' UDP JA . 43.08 -64.64 24.13
C2' UDP JA . 43.59 -65.77 25.01
O2' UDP JA . 44.28 -66.73 24.22
C3' UDP JA . 42.36 -66.38 25.64
C4' UDP JA . 41.22 -65.44 25.34
O4' UDP JA . 41.74 -64.36 24.55
O3' UDP JA . 42.10 -67.66 25.05
C5' UDP JA . 40.61 -64.86 26.62
O5' UDP JA . 41.59 -63.99 27.21
PA UDP JA . 41.21 -63.08 28.48
O1A UDP JA . 39.96 -62.30 28.13
O2A UDP JA . 41.25 -63.94 29.72
O3A UDP JA . 42.46 -62.06 28.53
PB UDP JA . 42.54 -60.85 29.59
O1B UDP JA . 41.11 -60.41 29.75
O2B UDP JA . 43.14 -61.49 30.82
O3B UDP JA . 43.42 -59.83 28.91
O5 A2G KA . 35.00 -63.12 36.30
C1 A2G KA . 36.31 -63.26 35.76
O1 A2G KA . 36.91 -61.97 35.62
C2 A2G KA . 36.24 -63.94 34.39
N2 A2G KA . 37.58 -64.03 33.83
C3 A2G KA . 35.30 -63.17 33.46
O3 A2G KA . 35.06 -63.93 32.27
C4 A2G KA . 33.97 -62.89 34.14
O4 A2G KA . 33.24 -64.11 34.27
C5 A2G KA . 34.17 -62.27 35.51
C6 A2G KA . 32.84 -62.04 36.22
O6 A2G KA . 31.96 -61.31 35.36
C7 A2G KA . 37.85 -64.76 32.75
O7 A2G KA . 38.01 -64.25 31.66
C8 A2G KA . 37.94 -66.25 32.97
N1 UDP LA . -7.78 38.45 -39.56
C2 UDP LA . -6.70 38.61 -40.45
N3 UDP LA . -6.04 39.78 -40.51
C4 UDP LA . -6.39 40.80 -39.73
C5 UDP LA . -7.46 40.67 -38.84
C6 UDP LA . -8.15 39.47 -38.77
O2 UDP LA . -6.35 37.67 -41.19
O4 UDP LA . -5.78 41.89 -39.80
C1' UDP LA . -8.49 37.17 -39.49
C2' UDP LA . -7.79 36.23 -38.53
O2' UDP LA . -7.07 35.23 -39.25
C3' UDP LA . -8.90 35.58 -37.72
C4' UDP LA . -10.16 36.37 -38.04
O4' UDP LA . -9.81 37.39 -38.98
O3' UDP LA . -9.07 34.22 -38.13
C5' UDP LA . -10.74 37.01 -36.78
O5' UDP LA . -9.75 37.84 -36.17
PA UDP LA . -10.20 38.99 -35.13
O1A UDP LA . -11.07 39.95 -35.90
O2A UDP LA . -10.74 38.31 -33.90
O3A UDP LA . -8.79 39.68 -34.74
PB UDP LA . -8.63 41.24 -34.34
O1B UDP LA . -7.75 41.79 -35.44
O2B UDP LA . -10.02 41.81 -34.34
O3B UDP LA . -7.97 41.19 -32.99
O5 A2G MA . -16.34 40.33 -26.07
C1 A2G MA . -15.30 39.92 -26.96
O1 A2G MA . -14.43 41.04 -27.21
C2 A2G MA . -15.91 39.45 -28.28
N2 A2G MA . -14.86 39.11 -29.22
C3 A2G MA . -16.81 40.53 -28.88
O3 A2G MA . -17.53 39.99 -29.99
C4 A2G MA . -17.79 41.07 -27.85
O4 A2G MA . -18.78 40.07 -27.57
C5 A2G MA . -17.07 41.45 -26.55
C6 A2G MA . -18.06 41.91 -25.49
O6 A2G MA . -18.91 42.92 -26.04
C7 A2G MA . -14.02 38.11 -29.00
O7 A2G MA . -12.81 38.28 -28.93
C8 A2G MA . -14.64 36.75 -28.82
N1 UDP NA . -7.54 -7.81 22.26
C2 UDP NA . -8.60 -7.92 23.18
N3 UDP NA . -9.82 -8.24 22.76
C4 UDP NA . -10.05 -8.48 21.46
C5 UDP NA . -9.02 -8.38 20.53
C6 UDP NA . -7.75 -8.03 20.96
O2 UDP NA . -8.40 -7.70 24.40
O4 UDP NA . -11.21 -8.79 21.08
C1' UDP NA . -6.20 -7.45 22.73
C2' UDP NA . -5.43 -8.70 23.11
O2' UDP NA . -5.02 -8.64 24.48
C3' UDP NA . -4.22 -8.74 22.21
C4' UDP NA . -4.29 -7.49 21.34
O4' UDP NA . -5.46 -6.78 21.69
O3' UDP NA . -3.02 -8.73 23.00
C5' UDP NA . -4.31 -7.84 19.87
O5' UDP NA . -5.08 -9.03 19.67
PA UDP NA . -5.07 -9.78 18.25
O1A UDP NA . -5.73 -11.13 18.42
O2A UDP NA . -5.56 -8.83 17.19
O3A UDP NA . -3.50 -10.03 18.00
PB UDP NA . -2.94 -10.37 16.52
O1B UDP NA . -3.57 -9.29 15.66
O2B UDP NA . -1.44 -10.26 16.66
O3B UDP NA . -3.45 -11.76 16.25
O5 A2G OA . 1.38 -8.85 9.92
C1 A2G OA . 1.15 -9.57 11.13
O1 A2G OA . 2.40 -9.83 11.79
C2 A2G OA . 0.44 -10.88 10.80
N2 A2G OA . 0.98 -11.95 11.61
C3 A2G OA . 0.56 -11.22 9.32
O3 A2G OA . -0.39 -10.45 8.58
C4 A2G OA . 1.96 -10.93 8.80
O4 A2G OA . 2.02 -11.18 7.40
C5 A2G OA . 2.36 -9.47 9.08
C6 A2G OA . 2.47 -8.69 7.78
O6 A2G OA . 3.39 -9.35 6.90
C7 A2G OA . 0.58 -12.14 12.88
O7 A2G OA . 1.37 -12.30 13.79
C8 A2G OA . -0.90 -12.13 13.10
N1 UDP PA . -58.32 95.34 -43.44
C2 UDP PA . -59.44 95.34 -42.59
N3 UDP PA . -60.67 95.17 -43.10
C4 UDP PA . -60.85 94.98 -44.41
C5 UDP PA . -59.75 94.99 -45.27
C6 UDP PA . -58.47 95.16 -44.76
O2 UDP PA . -59.29 95.50 -41.36
O4 UDP PA . -61.99 94.83 -44.86
C1' UDP PA . -56.98 95.53 -42.87
C2' UDP PA . -56.43 94.21 -42.38
O2' UDP PA . -56.54 94.13 -40.95
C3' UDP PA . -54.97 94.19 -42.79
C4' UDP PA . -54.77 95.41 -43.68
O4' UDP PA . -56.06 96.01 -43.87
O3' UDP PA . -54.13 94.27 -41.64
C5' UDP PA . -54.13 95.06 -45.01
O5' UDP PA . -55.13 94.68 -45.96
PA UDP PA . -54.73 93.77 -47.23
O1A UDP PA . -53.36 94.21 -47.69
O2A UDP PA . -54.95 92.32 -46.86
O3A UDP PA . -55.79 94.23 -48.36
PB UDP PA . -57.31 93.71 -48.39
O1B UDP PA . -57.53 93.01 -47.08
O2B UDP PA . -58.11 94.98 -48.54
O3B UDP PA . -57.37 92.81 -49.60
O5 A2G QA . -46.67 94.36 -53.98
C1 A2G QA . -46.87 93.72 -52.72
O1 A2G QA . -46.24 92.43 -52.74
C2 A2G QA . -48.36 93.56 -52.46
N2 A2G QA . -48.57 92.88 -51.20
C3 A2G QA . -49.03 92.79 -53.59
O3 A2G QA . -50.45 92.83 -53.43
C4 A2G QA . -48.66 93.41 -54.94
O4 A2G QA . -49.28 94.69 -55.07
C5 A2G QA . -47.15 93.57 -55.07
C6 A2G QA . -46.79 94.24 -56.39
O6 A2G QA . -47.29 95.57 -56.41
C7 A2G QA . -49.73 92.32 -50.87
O7 A2G QA . -50.52 92.86 -50.12
C8 A2G QA . -50.01 90.99 -51.50
N1 UDP RA . 3.73 -51.65 30.41
C2 UDP RA . 3.05 -52.43 31.36
N3 UDP RA . 3.73 -53.20 32.22
C4 UDP RA . 5.06 -53.25 32.18
C5 UDP RA . 5.77 -52.50 31.25
C6 UDP RA . 5.07 -51.69 30.36
O2 UDP RA . 1.80 -52.40 31.43
O4 UDP RA . 5.69 -53.98 32.98
C1' UDP RA . 3.03 -50.77 29.46
C2' UDP RA . 2.39 -49.59 30.16
O2' UDP RA . 0.96 -49.66 30.01
C3' UDP RA . 2.90 -48.35 29.47
C4' UDP RA . 4.02 -48.83 28.56
O4' UDP RA . 3.99 -50.25 28.53
O3' UDP RA . 1.86 -47.75 28.69
C5' UDP RA . 5.37 -48.36 29.10
O5' UDP RA . 6.28 -48.12 28.04
PA UDP RA . 7.70 -47.47 28.38
O1A UDP RA . 7.59 -46.88 29.76
O2A UDP RA . 8.79 -48.48 28.10
O3A UDP RA . 7.80 -46.30 27.29
PB UDP RA . 9.02 -45.25 27.29
O1B UDP RA . 9.36 -45.05 28.75
O2B UDP RA . 10.10 -45.94 26.49
O3B UDP RA . 8.43 -44.03 26.63
C1 NGA SA . 8.36 -45.53 22.31
C2 NGA SA . 6.91 -45.20 22.66
C3 NGA SA . 6.45 -45.91 23.93
C4 NGA SA . 6.81 -47.39 23.88
C5 NGA SA . 8.29 -47.55 23.54
C6 NGA SA . 8.66 -49.04 23.45
C7 NGA SA . 6.55 -43.12 23.93
C8 NGA SA . 7.77 -42.61 24.64
N2 NGA SA . 6.77 -43.75 22.78
O3 NGA SA . 5.05 -45.80 24.05
O4 NGA SA . 6.04 -48.04 22.90
O5 NGA SA . 8.57 -46.93 22.30
O6 NGA SA . 7.91 -49.64 22.42
O7 NGA SA . 5.42 -42.94 24.40
N1 UDP TA . -47.38 51.74 -32.53
C2 UDP TA . -47.75 50.56 -31.85
N3 UDP TA . -46.87 49.92 -31.06
C4 UDP TA . -45.63 50.38 -30.93
C5 UDP TA . -45.23 51.53 -31.59
C6 UDP TA . -46.13 52.21 -32.40
O2 UDP TA . -48.92 50.13 -31.96
O4 UDP TA . -44.81 49.77 -30.20
C1' UDP TA . -48.35 52.43 -33.39
C2' UDP TA . -49.12 53.45 -32.56
O2' UDP TA . -50.51 53.15 -32.58
C3' UDP TA . -48.86 54.80 -33.19
C4' UDP TA . -47.92 54.54 -34.36
O4' UDP TA . -47.67 53.15 -34.43
O3' UDP TA . -50.08 55.37 -33.65
C5' UDP TA . -46.62 55.31 -34.21
O5' UDP TA . -45.61 54.69 -35.02
PA UDP TA . -44.17 54.35 -34.39
O1A UDP TA . -44.02 55.10 -33.10
O2A UDP TA . -43.99 52.85 -34.40
O3A UDP TA . -43.16 54.98 -35.46
PB UDP TA . -42.92 56.58 -35.51
O1B UDP TA . -44.03 57.13 -34.64
O2B UDP TA . -41.54 56.75 -34.94
O3B UDP TA . -43.04 56.92 -36.98
C1 NGA UA . -42.87 57.41 -40.74
C2 NGA UA . -44.32 57.77 -40.41
C3 NGA UA . -44.80 57.06 -39.15
C4 NGA UA . -44.43 55.59 -39.18
C5 NGA UA . -42.96 55.41 -39.51
C6 NGA UA . -42.60 53.93 -39.58
C7 NGA UA . -44.67 59.85 -39.17
C8 NGA UA . -43.46 60.37 -38.45
N2 NGA UA . -44.45 59.21 -40.31
O3 NGA UA . -46.20 57.19 -39.03
O4 NGA UA . -45.21 54.94 -40.15
O5 NGA UA . -42.66 56.02 -40.74
O6 NGA UA . -43.34 53.32 -40.61
O7 NGA UA . -45.80 60.05 -38.71
C1' UD2 VA . 7.37 17.93 -6.65
C2' UD2 VA . 7.49 19.38 -7.09
C3' UD2 VA . 8.76 20.03 -6.55
C4' UD2 VA . 8.90 19.77 -5.06
C5' UD2 VA . 8.71 18.29 -4.73
C6' UD2 VA . 8.78 18.03 -3.23
C7' UD2 VA . 6.69 20.34 -9.17
C8' UD2 VA . 5.54 19.77 -9.94
N2' UD2 VA . 7.45 19.46 -8.53
O1' UD2 VA . 8.45 17.18 -7.21
O3' UD2 VA . 8.73 21.44 -6.79
O4' UD2 VA . 7.92 20.54 -4.34
O5' UD2 VA . 7.44 17.85 -5.23
O6' UD2 VA . 8.15 19.12 -2.53
O7' UD2 VA . 6.90 21.54 -9.12
N1 UD2 VA . 15.92 14.73 -7.09
C2 UD2 VA . 17.11 14.84 -6.33
N3 UD2 VA . 17.65 13.76 -5.76
C4 UD2 VA . 17.08 12.55 -5.90
C5 UD2 VA . 15.92 12.42 -6.65
C6 UD2 VA . 15.34 13.54 -7.24
O2 UD2 VA . 17.65 15.97 -6.18
O4 UD2 VA . 17.61 11.56 -5.37
C1B UD2 VA . 15.33 15.92 -7.71
C2B UD2 VA . 15.25 15.73 -9.21
O2' UD2 VA . 16.03 16.73 -9.88
C3B UD2 VA . 13.79 15.86 -9.57
C4B UD2 VA . 13.05 16.12 -8.27
O4B UD2 VA . 14.00 16.11 -7.21
O3B UD2 VA . 13.61 16.98 -10.46
C5B UD2 VA . 11.99 15.05 -8.03
O5B UD2 VA . 11.22 15.40 -6.87
PA UD2 VA . 10.34 14.29 -6.11
O1A UD2 VA . 10.31 13.04 -6.97
O2A UD2 VA . 10.79 14.22 -4.68
O3A UD2 VA . 8.86 14.95 -6.14
PB UD2 VA . 8.29 15.60 -7.49
O1B UD2 VA . 9.21 15.23 -8.63
O2B UD2 VA . 6.82 15.28 -7.59
C1' UD2 WA . 55.72 -87.45 55.38
C2' UD2 WA . 56.50 -86.14 55.25
C3' UD2 WA . 57.82 -86.24 56.00
C4' UD2 WA . 57.61 -86.74 57.42
C5' UD2 WA . 56.77 -88.01 57.43
C6' UD2 WA . 56.49 -88.48 58.85
C7' UD2 WA . 55.77 -85.49 53.02
C8' UD2 WA . 54.83 -84.42 53.50
N2' UD2 WA . 56.75 -85.84 53.85
O1' UD2 WA . 56.51 -88.47 54.78
O3' UD2 WA . 58.47 -84.97 56.03
O4' UD2 WA . 56.95 -85.72 58.19
O5' UD2 WA . 55.54 -87.75 56.75
O6' UD2 WA . 55.81 -87.45 59.56
O7' UD2 WA . 55.63 -86.02 51.93
N1 UD2 WA . 64.39 -91.67 55.32
C2 UD2 WA . 65.64 -92.13 54.87
N3 UD2 WA . 65.97 -93.42 55.01
C4 UD2 WA . 65.13 -94.29 55.59
C5 UD2 WA . 63.89 -93.86 56.05
C6 UD2 WA . 63.53 -92.53 55.90
O2 UD2 WA . 66.43 -91.34 54.33
O4 UD2 WA . 65.47 -95.49 55.71
C1B UD2 WA . 64.00 -90.27 55.17
C2B UD2 WA . 63.53 -89.98 53.75
O2' UD2 WA . 64.44 -89.11 53.09
C3B UD2 WA . 62.17 -89.33 53.88
C4B UD2 WA . 61.76 -89.52 55.34
O4B UD2 WA . 62.90 -90.00 56.05
O3B UD2 WA . 62.27 -87.94 53.58
C5B UD2 WA . 60.66 -90.57 55.44
O5B UD2 WA . 59.45 -90.07 54.88
PA UD2 WA . 58.47 -91.05 54.07
O1A UD2 WA . 58.32 -90.50 52.67
O2A UD2 WA . 58.93 -92.46 54.28
O3A UD2 WA . 57.09 -90.86 54.89
PB UD2 WA . 55.88 -89.90 54.41
O1B UD2 WA . 55.71 -90.00 52.90
O2B UD2 WA . 54.70 -90.18 55.31
#